data_7PXE
#
_entry.id   7PXE
#
_cell.length_a   1.00
_cell.length_b   1.00
_cell.length_c   1.00
_cell.angle_alpha   90.00
_cell.angle_beta   90.00
_cell.angle_gamma   90.00
#
_symmetry.space_group_name_H-M   'P 1'
#
loop_
_entity.id
_entity.type
_entity.pdbx_description
1 polymer 'Isoform J of Calcium-activated potassium channel slowpoke'
2 non-polymer 'CALCIUM ION'
3 non-polymer 'MAGNESIUM ION'
4 non-polymer '(4S,7R)-4-HYDROXY-N,N,N-TRIMETHYL-9-OXO-7-[(PALMITOYLOXY)METHYL]-3,5,8-TRIOXA-4-PHOSPHAHEXACOSAN-1-AMINIUM 4-OXIDE'
5 non-polymer CHOLESTEROL
6 non-polymer 'POTASSIUM ION'
7 water water
#
_entity_poly.entity_id   1
_entity_poly.type   'polypeptide(L)'
_entity_poly.pdbx_seq_one_letter_code
;MASGLIDTNFSSTLANGMSGCDQSTVESLADDPTDSPFDADDCLKVRKYWCFLLSSIFTFLAGLLVVLLWRAFAFVCCRK
EPDLGPNDPKQKEQKASRNKQEFEGTFMTEAKDWAGELISGQTTTGRILVVLVFILSIASLIIYFVDASSEEVERCQKWS
NNITQQIDLAFNIFFMVYFFIRFIAASDKLWFMLEMYSFVDYFTIPPSFVSIYLDRTWIGLRFLRALRLMTVPDILQYLN
VLKTSSSIRLAQLVSIFISVWLTAAGIIHLLENSGDPLDFDNAHRLSYWTCVYFLIVTMSTVGYGDVYCETVLGRTFLVF
FLLVGLAIFASCIPEIIDLIGTRAKYGGTLKNEKGRRHIVVCGHITYESVSHFLKDFLHEDREDVDVEVVFLHRKPPDLE
LEGLFKRHFTTVEFFQGTIMNPIDLQRVKVHEADACLVLANKYCQDPDAEDAANIMRVISIKNYSDDIRVIIQLMQYHNK
AYLLNIPSWDWKQGDDVICLAELKLGFIAQSCLAPGFSTMMANLFAMRSFKTSPDMQSWTNDYLRGTGMEMYTETLSPTF
IGIPFAQATELCFSKLKLLLLAIEIKGAEEGADSKISINPRGAKIQANTQGFFIAQSADEVKRAWFYCKACHEDIKDETL
IKKCKCKNLATFRKGVRAVQMVGRASDITRDREDTNLLNRNVRRPNGTGNGTGGMHHMNNTAAAAAAAAAAGKQVNKVKP
TVNVSRQVEGQVISPSQYNRPTSRSSGTGTQNQNGGVSLPAGIADDQSKDFDFEKTEMKYDSTGMFHWSPAKSLEDCILD
RNQAAMTVLNGHVVVCLFADPDSPLIGLRNLVMPLRASNFHYHELKHVVIVGSVDYIRREWKMLQNLPKISVLNGSPLSR
ADLRAVNVNLCDMCCILSAKVPSNDDPTLADKEAILASLNIKAMTFDDTIGVLSQRGPEFDNLSATAGSPIVLQRRGSVY
GANVPMITELVNDGNVQFLDQDDDDDPDTELYLTQPFACGTAFAVSVLDSLMSTTYFNQNALTLIRSLITGGATPELELI
LAEGAGLRGGYSTVESLSNRDRCRVGQISLYDGPLAQFGECGKYGDLFVAALKSYGMLCIGLYRFRDTSSSCDASSKRYV
ITNPPDDFSLLPTDQVFVLMQFDPGLEYKPPAVRAPAGGRGTNTQGSGVGGGGSNKDDNS
;
_entity_poly.pdbx_strand_id   A,B,C,D
#
# COMPACT_ATOMS: atom_id res chain seq x y z
N LEU A 44 -58.43 -35.95 23.48
CA LEU A 44 -58.00 -35.04 22.42
C LEU A 44 -59.13 -34.74 21.45
N LYS A 45 -60.37 -34.89 21.91
CA LYS A 45 -61.53 -34.60 21.07
C LYS A 45 -61.55 -33.13 20.68
N VAL A 46 -61.27 -32.24 21.64
CA VAL A 46 -61.18 -30.81 21.39
C VAL A 46 -59.82 -30.33 21.89
N ARG A 47 -59.15 -29.52 21.08
CA ARG A 47 -57.80 -29.04 21.38
C ARG A 47 -57.88 -27.66 22.03
N LYS A 48 -57.21 -27.51 23.16
CA LYS A 48 -57.17 -26.25 23.90
C LYS A 48 -55.88 -25.48 23.67
N TYR A 49 -55.19 -25.73 22.55
CA TYR A 49 -53.94 -25.02 22.27
C TYR A 49 -54.18 -23.54 22.05
N TRP A 50 -55.38 -23.16 21.60
CA TRP A 50 -55.68 -21.75 21.39
C TRP A 50 -55.71 -20.97 22.70
N CYS A 51 -56.12 -21.62 23.80
CA CYS A 51 -56.12 -20.95 25.09
C CYS A 51 -54.71 -20.56 25.52
N PHE A 52 -53.74 -21.46 25.31
CA PHE A 52 -52.36 -21.14 25.65
C PHE A 52 -51.84 -19.97 24.82
N LEU A 53 -52.14 -19.97 23.52
CA LEU A 53 -51.68 -18.88 22.66
C LEU A 53 -52.38 -17.58 22.98
N LEU A 54 -53.69 -17.63 23.27
CA LEU A 54 -54.43 -16.42 23.55
C LEU A 54 -53.92 -15.72 24.80
N SER A 55 -53.60 -16.49 25.84
CA SER A 55 -53.12 -15.88 27.08
C SER A 55 -51.77 -15.21 26.87
N SER A 56 -50.87 -15.84 26.12
CA SER A 56 -49.57 -15.23 25.83
C SER A 56 -49.74 -13.94 25.04
N ILE A 57 -50.63 -13.95 24.04
CA ILE A 57 -50.91 -12.74 23.28
C ILE A 57 -51.55 -11.68 24.17
N PHE A 58 -52.50 -12.09 25.01
CA PHE A 58 -53.15 -11.13 25.90
C PHE A 58 -52.16 -10.53 26.90
N THR A 59 -51.28 -11.36 27.46
CA THR A 59 -50.31 -10.87 28.42
C THR A 59 -49.36 -9.86 27.78
N PHE A 60 -48.91 -10.14 26.55
CA PHE A 60 -48.07 -9.18 25.85
C PHE A 60 -48.83 -7.89 25.53
N LEU A 61 -50.10 -8.02 25.12
CA LEU A 61 -50.88 -6.84 24.80
C LEU A 61 -51.25 -6.06 26.06
N ALA A 62 -51.61 -6.77 27.14
CA ALA A 62 -51.97 -6.09 28.39
C ALA A 62 -50.78 -5.32 28.95
N GLY A 63 -49.59 -5.92 28.93
CA GLY A 63 -48.41 -5.21 29.38
C GLY A 63 -48.05 -4.04 28.49
N LEU A 64 -48.26 -4.20 27.17
CA LEU A 64 -47.95 -3.12 26.24
C LEU A 64 -48.84 -1.91 26.48
N LEU A 65 -50.14 -2.13 26.68
CA LEU A 65 -51.05 -1.00 26.91
C LEU A 65 -50.90 -0.42 28.31
N VAL A 66 -50.58 -1.25 29.31
CA VAL A 66 -50.43 -0.76 30.68
C VAL A 66 -49.27 0.23 30.75
N VAL A 67 -48.16 -0.09 30.10
CA VAL A 67 -47.04 0.84 30.04
C VAL A 67 -47.45 2.12 29.33
N LEU A 68 -48.14 1.99 28.20
CA LEU A 68 -48.64 3.17 27.49
C LEU A 68 -49.66 3.92 28.32
N LEU A 69 -50.57 3.20 28.99
CA LEU A 69 -51.56 3.86 29.85
C LEU A 69 -50.89 4.55 31.03
N TRP A 70 -49.88 3.91 31.63
CA TRP A 70 -49.17 4.54 32.74
C TRP A 70 -48.45 5.81 32.30
N ARG A 71 -47.89 5.81 31.09
CA ARG A 71 -47.29 7.03 30.55
C ARG A 71 -48.34 8.13 30.41
N ALA A 72 -49.52 7.78 29.90
CA ALA A 72 -50.62 8.74 29.83
C ALA A 72 -51.11 9.11 31.22
N PHE A 73 -51.18 8.13 32.13
CA PHE A 73 -51.60 8.42 33.50
C PHE A 73 -50.60 9.33 34.19
N ALA A 74 -49.30 9.09 34.01
CA ALA A 74 -48.29 9.98 34.57
C ALA A 74 -48.35 11.36 33.94
N PHE A 75 -48.63 11.44 32.64
CA PHE A 75 -48.73 12.73 31.97
C PHE A 75 -49.88 13.56 32.54
N VAL A 76 -51.03 12.92 32.77
CA VAL A 76 -52.18 13.63 33.32
C VAL A 76 -52.15 13.73 34.84
N CYS A 77 -51.28 12.97 35.50
CA CYS A 77 -51.18 13.02 36.96
C CYS A 77 -49.71 13.07 37.38
N THR A 106 -39.36 9.44 44.17
CA THR A 106 -37.97 9.25 44.57
C THR A 106 -37.65 7.79 44.79
N PHE A 107 -38.67 7.02 45.21
CA PHE A 107 -38.47 5.59 45.42
C PHE A 107 -38.15 4.87 44.11
N MET A 108 -38.82 5.25 43.03
CA MET A 108 -38.57 4.62 41.73
C MET A 108 -37.15 4.89 41.26
N THR A 109 -36.68 6.13 41.43
CA THR A 109 -35.31 6.46 41.03
C THR A 109 -34.28 5.70 41.85
N GLU A 110 -34.50 5.59 43.16
CA GLU A 110 -33.58 4.82 44.00
C GLU A 110 -33.62 3.35 43.64
N ALA A 111 -34.81 2.80 43.39
CA ALA A 111 -34.93 1.39 43.02
C ALA A 111 -34.34 1.11 41.65
N LYS A 112 -34.49 2.05 40.70
CA LYS A 112 -33.97 1.82 39.36
C LYS A 112 -32.45 1.68 39.38
N ASP A 113 -31.76 2.53 40.14
CA ASP A 113 -30.31 2.41 40.26
C ASP A 113 -29.91 1.11 40.94
N TRP A 114 -30.66 0.71 41.98
CA TRP A 114 -30.36 -0.54 42.67
C TRP A 114 -30.62 -1.74 41.77
N ALA A 115 -31.70 -1.71 41.00
CA ALA A 115 -32.03 -2.83 40.12
C ALA A 115 -30.99 -3.00 39.02
N GLY A 116 -30.54 -1.89 38.43
CA GLY A 116 -29.54 -1.99 37.38
C GLY A 116 -28.22 -2.53 37.89
N GLU A 117 -27.86 -2.18 39.13
CA GLU A 117 -26.64 -2.72 39.72
C GLU A 117 -26.77 -4.21 40.00
N LEU A 118 -27.98 -4.69 40.29
CA LEU A 118 -28.17 -6.10 40.61
C LEU A 118 -28.03 -6.99 39.39
N ILE A 119 -28.65 -6.59 38.27
CA ILE A 119 -28.64 -7.42 37.08
C ILE A 119 -27.25 -7.51 36.44
N SER A 120 -26.40 -6.53 36.68
CA SER A 120 -25.05 -6.54 36.15
C SER A 120 -24.04 -7.17 37.10
N GLY A 121 -24.48 -7.60 38.28
CA GLY A 121 -23.60 -8.29 39.22
C GLY A 121 -22.48 -7.45 39.79
N GLN A 122 -22.74 -6.18 40.08
CA GLN A 122 -21.70 -5.34 40.68
C GLN A 122 -21.50 -5.67 42.15
N THR A 123 -22.58 -5.89 42.90
CA THR A 123 -22.48 -6.18 44.32
C THR A 123 -22.42 -7.67 44.58
N THR A 124 -22.23 -8.04 45.85
CA THR A 124 -22.12 -9.44 46.22
C THR A 124 -23.43 -10.19 45.93
N THR A 125 -24.56 -9.59 46.28
CA THR A 125 -25.84 -10.21 45.96
C THR A 125 -26.12 -10.21 44.47
N GLY A 126 -25.57 -9.21 43.75
CA GLY A 126 -25.73 -9.21 42.30
C GLY A 126 -24.98 -10.34 41.63
N ARG A 127 -23.79 -10.67 42.13
CA ARG A 127 -23.03 -11.79 41.57
C ARG A 127 -23.75 -13.10 41.79
N ILE A 128 -24.40 -13.25 42.95
CA ILE A 128 -25.15 -14.47 43.22
C ILE A 128 -26.31 -14.62 42.25
N LEU A 129 -27.05 -13.53 42.02
CA LEU A 129 -28.20 -13.58 41.12
C LEU A 129 -27.77 -13.89 39.69
N VAL A 130 -26.66 -13.28 39.24
CA VAL A 130 -26.18 -13.52 37.89
C VAL A 130 -25.78 -14.98 37.71
N VAL A 131 -25.05 -15.52 38.69
CA VAL A 131 -24.68 -16.93 38.65
C VAL A 131 -25.91 -17.81 38.76
N LEU A 132 -26.85 -17.44 39.62
CA LEU A 132 -28.08 -18.21 39.77
C LEU A 132 -28.90 -18.19 38.48
N VAL A 133 -28.85 -17.09 37.72
CA VAL A 133 -29.53 -17.04 36.44
C VAL A 133 -28.91 -18.04 35.47
N PHE A 134 -27.58 -18.18 35.50
CA PHE A 134 -26.90 -19.14 34.65
C PHE A 134 -27.37 -20.56 34.97
N ILE A 135 -27.44 -20.89 36.26
CA ILE A 135 -27.73 -22.26 36.67
C ILE A 135 -29.11 -22.70 36.19
N LEU A 136 -30.13 -21.86 36.43
CA LEU A 136 -31.48 -22.23 36.06
C LEU A 136 -31.78 -22.02 34.58
N SER A 137 -30.94 -21.26 33.87
CA SER A 137 -31.09 -21.17 32.42
C SER A 137 -30.82 -22.52 31.77
N ILE A 138 -29.76 -23.21 32.21
CA ILE A 138 -29.49 -24.56 31.71
C ILE A 138 -30.52 -25.53 32.24
N ALA A 139 -30.90 -25.41 33.51
CA ALA A 139 -31.85 -26.33 34.11
C ALA A 139 -33.21 -26.25 33.44
N SER A 140 -33.68 -25.04 33.12
CA SER A 140 -34.96 -24.90 32.44
C SER A 140 -34.94 -25.55 31.08
N LEU A 141 -33.83 -25.43 30.35
CA LEU A 141 -33.72 -26.07 29.05
C LEU A 141 -33.65 -27.59 29.18
N ILE A 142 -33.00 -28.08 30.22
CA ILE A 142 -32.83 -29.52 30.40
C ILE A 142 -34.18 -30.18 30.63
N ILE A 143 -35.01 -29.61 31.51
CA ILE A 143 -36.32 -30.19 31.78
C ILE A 143 -37.24 -30.09 30.57
N TYR A 144 -36.94 -29.19 29.63
CA TYR A 144 -37.68 -29.16 28.38
C TYR A 144 -37.34 -30.36 27.50
N PHE A 145 -36.09 -30.82 27.55
CA PHE A 145 -35.70 -32.00 26.78
C PHE A 145 -36.47 -33.23 27.22
N VAL A 146 -36.60 -33.44 28.53
CA VAL A 146 -37.37 -34.57 29.03
C VAL A 146 -38.86 -34.37 28.83
N ASP A 147 -39.30 -33.11 28.71
CA ASP A 147 -40.71 -32.84 28.45
C ASP A 147 -41.09 -33.11 27.00
N ALA A 148 -40.17 -32.87 26.06
CA ALA A 148 -40.44 -33.10 24.65
C ALA A 148 -40.31 -34.56 24.26
N SER A 149 -39.82 -35.42 25.16
CA SER A 149 -39.70 -36.85 24.87
C SER A 149 -41.04 -37.57 24.83
N SER A 150 -42.12 -36.92 25.28
CA SER A 150 -43.43 -37.54 25.24
C SER A 150 -43.90 -37.74 23.81
N GLU A 151 -44.58 -38.86 23.56
CA GLU A 151 -45.06 -39.14 22.22
C GLU A 151 -46.12 -38.13 21.78
N GLU A 152 -47.02 -37.75 22.68
CA GLU A 152 -48.09 -36.81 22.38
C GLU A 152 -47.67 -35.39 22.71
N VAL A 153 -48.38 -34.43 22.12
CA VAL A 153 -48.07 -33.02 22.30
C VAL A 153 -49.07 -32.39 23.27
N GLU A 154 -50.27 -32.95 23.33
CA GLU A 154 -51.32 -32.47 24.22
C GLU A 154 -51.82 -33.63 25.09
N ARG A 155 -51.90 -33.39 26.39
CA ARG A 155 -52.44 -34.38 27.31
C ARG A 155 -52.88 -33.67 28.58
N CYS A 156 -53.87 -34.26 29.26
CA CYS A 156 -54.43 -33.72 30.49
C CYS A 156 -53.96 -34.56 31.67
N GLN A 157 -53.43 -33.90 32.69
CA GLN A 157 -52.94 -34.59 33.89
C GLN A 157 -52.98 -33.63 35.05
N LYS A 158 -53.21 -34.18 36.24
CA LYS A 158 -53.20 -33.39 37.46
C LYS A 158 -51.80 -32.84 37.73
N TRP A 159 -51.72 -31.58 38.11
CA TRP A 159 -50.42 -30.95 38.35
C TRP A 159 -49.70 -31.57 39.54
N SER A 160 -50.45 -32.09 40.52
CA SER A 160 -49.82 -32.70 41.69
C SER A 160 -49.27 -34.09 41.39
N ASN A 161 -49.72 -34.73 40.31
CA ASN A 161 -49.26 -36.08 40.01
C ASN A 161 -47.82 -36.10 39.50
N ASN A 162 -47.49 -35.16 38.61
CA ASN A 162 -46.17 -35.11 38.00
C ASN A 162 -45.29 -34.08 38.71
N ILE A 163 -44.08 -34.49 39.06
CA ILE A 163 -43.15 -33.57 39.71
C ILE A 163 -42.45 -32.66 38.71
N THR A 164 -42.43 -33.03 37.43
CA THR A 164 -41.80 -32.18 36.42
C THR A 164 -42.53 -30.84 36.29
N GLN A 165 -43.85 -30.87 36.35
CA GLN A 165 -44.63 -29.62 36.30
C GLN A 165 -44.34 -28.76 37.52
N GLN A 166 -44.19 -29.39 38.69
CA GLN A 166 -43.88 -28.63 39.90
C GLN A 166 -42.54 -27.92 39.80
N ILE A 167 -41.51 -28.61 39.27
CA ILE A 167 -40.21 -27.99 39.11
C ILE A 167 -40.28 -26.88 38.06
N ASP A 168 -41.07 -27.09 37.01
CA ASP A 168 -41.23 -26.05 35.99
C ASP A 168 -41.85 -24.79 36.58
N LEU A 169 -42.83 -24.95 37.47
CA LEU A 169 -43.43 -23.79 38.13
C LEU A 169 -42.43 -23.08 39.02
N ALA A 170 -41.59 -23.85 39.72
CA ALA A 170 -40.58 -23.24 40.61
C ALA A 170 -39.58 -22.41 39.82
N PHE A 171 -39.19 -22.88 38.64
CA PHE A 171 -38.26 -22.11 37.81
C PHE A 171 -38.94 -20.91 37.18
N ASN A 172 -40.23 -21.04 36.82
CA ASN A 172 -40.91 -19.97 36.11
C ASN A 172 -41.22 -18.78 37.01
N ILE A 173 -41.56 -19.03 38.28
CA ILE A 173 -41.85 -17.94 39.20
C ILE A 173 -40.61 -17.10 39.46
N PHE A 174 -39.43 -17.74 39.47
CA PHE A 174 -38.19 -16.99 39.60
C PHE A 174 -37.96 -16.09 38.38
N PHE A 175 -38.30 -16.57 37.18
CA PHE A 175 -38.04 -15.80 35.98
C PHE A 175 -38.96 -14.58 35.86
N MET A 176 -40.15 -14.62 36.47
CA MET A 176 -41.02 -13.45 36.41
C MET A 176 -40.55 -12.36 37.36
N VAL A 177 -40.05 -12.74 38.55
CA VAL A 177 -39.48 -11.75 39.45
C VAL A 177 -38.15 -11.25 38.91
N TYR A 178 -37.41 -12.09 38.18
CA TYR A 178 -36.24 -11.62 37.46
C TYR A 178 -36.64 -10.71 36.30
N PHE A 179 -37.77 -11.00 35.66
CA PHE A 179 -38.30 -10.10 34.64
C PHE A 179 -38.69 -8.76 35.24
N PHE A 180 -39.31 -8.78 36.42
CA PHE A 180 -39.69 -7.53 37.07
C PHE A 180 -38.47 -6.71 37.48
N ILE A 181 -37.42 -7.37 37.96
CA ILE A 181 -36.19 -6.66 38.31
C ILE A 181 -35.59 -6.02 37.07
N ARG A 182 -35.58 -6.73 35.94
CA ARG A 182 -35.08 -6.16 34.70
C ARG A 182 -35.96 -5.00 34.23
N PHE A 183 -37.28 -5.10 34.46
CA PHE A 183 -38.19 -4.02 34.07
C PHE A 183 -37.88 -2.74 34.84
N ILE A 184 -37.62 -2.85 36.14
CA ILE A 184 -37.28 -1.68 36.94
C ILE A 184 -35.97 -1.06 36.46
N ALA A 185 -34.98 -1.92 36.18
CA ALA A 185 -33.68 -1.43 35.73
C ALA A 185 -33.73 -0.84 34.32
N ALA A 186 -34.79 -1.09 33.57
CA ALA A 186 -34.87 -0.60 32.21
C ALA A 186 -34.97 0.93 32.18
N SER A 187 -34.21 1.54 31.27
CA SER A 187 -34.24 3.00 31.15
C SER A 187 -35.58 3.48 30.61
N ASP A 188 -36.07 2.84 29.55
CA ASP A 188 -37.37 3.15 28.96
C ASP A 188 -38.20 1.88 28.91
N LYS A 189 -39.44 1.96 29.41
CA LYS A 189 -40.27 0.77 29.54
C LYS A 189 -40.85 0.32 28.20
N LEU A 190 -41.10 1.25 27.28
CA LEU A 190 -41.73 0.88 26.01
C LEU A 190 -40.82 -0.02 25.19
N TRP A 191 -39.52 0.30 25.12
CA TRP A 191 -38.60 -0.53 24.35
C TRP A 191 -38.27 -1.82 25.08
N PHE A 192 -38.35 -1.81 26.42
CA PHE A 192 -38.09 -3.04 27.18
C PHE A 192 -39.15 -4.11 26.89
N MET A 193 -40.42 -3.70 26.75
CA MET A 193 -41.48 -4.66 26.51
C MET A 193 -41.32 -5.33 25.15
N LEU A 194 -40.65 -4.67 24.21
CA LEU A 194 -40.42 -5.21 22.87
C LEU A 194 -39.07 -5.90 22.75
N GLU A 195 -38.34 -6.05 23.85
CA GLU A 195 -37.04 -6.70 23.80
C GLU A 195 -37.19 -8.19 23.49
N MET A 196 -36.12 -8.75 22.91
CA MET A 196 -36.15 -10.17 22.54
C MET A 196 -36.23 -11.06 23.78
N TYR A 197 -35.49 -10.71 24.83
CA TYR A 197 -35.53 -11.52 26.06
C TYR A 197 -36.92 -11.50 26.69
N SER A 198 -37.56 -10.33 26.73
CA SER A 198 -38.89 -10.25 27.32
C SER A 198 -39.91 -11.02 26.48
N PHE A 199 -39.69 -11.10 25.16
CA PHE A 199 -40.58 -11.86 24.30
C PHE A 199 -40.52 -13.35 24.65
N VAL A 200 -39.35 -13.81 25.10
CA VAL A 200 -39.23 -15.20 25.57
C VAL A 200 -40.07 -15.42 26.82
N ASP A 201 -40.04 -14.46 27.74
CA ASP A 201 -40.80 -14.59 28.98
C ASP A 201 -42.30 -14.47 28.78
N TYR A 202 -42.73 -13.79 27.71
CA TYR A 202 -44.16 -13.63 27.45
C TYR A 202 -44.81 -14.96 27.09
N PHE A 203 -44.11 -15.82 26.35
CA PHE A 203 -44.65 -17.06 25.83
C PHE A 203 -44.23 -18.27 26.65
N THR A 204 -43.60 -18.07 27.79
CA THR A 204 -43.09 -19.16 28.62
C THR A 204 -43.81 -19.27 29.96
N ILE A 205 -43.86 -18.18 30.73
CA ILE A 205 -44.44 -18.22 32.07
C ILE A 205 -45.97 -18.17 32.03
N PRO A 206 -46.60 -17.28 31.28
CA PRO A 206 -48.07 -17.25 31.25
C PRO A 206 -48.69 -18.58 30.82
N PRO A 207 -48.11 -19.31 29.86
CA PRO A 207 -48.66 -20.65 29.58
C PRO A 207 -48.60 -21.59 30.76
N SER A 208 -47.60 -21.46 31.64
CA SER A 208 -47.52 -22.34 32.79
C SER A 208 -48.70 -22.16 33.73
N PHE A 209 -49.10 -20.91 33.98
CA PHE A 209 -50.25 -20.66 34.84
C PHE A 209 -51.54 -21.15 34.19
N VAL A 210 -51.68 -20.96 32.88
CA VAL A 210 -52.87 -21.42 32.18
C VAL A 210 -52.98 -22.94 32.24
N SER A 211 -51.86 -23.63 32.04
CA SER A 211 -51.84 -25.08 32.16
C SER A 211 -52.18 -25.53 33.58
N ILE A 212 -51.86 -24.69 34.57
CA ILE A 212 -52.16 -25.02 35.95
C ILE A 212 -53.67 -24.98 36.19
N TYR A 213 -54.33 -23.93 35.68
CA TYR A 213 -55.77 -23.79 35.87
C TYR A 213 -56.54 -24.77 35.00
N LEU A 214 -56.06 -25.02 33.78
CA LEU A 214 -56.75 -25.90 32.85
C LEU A 214 -56.53 -27.38 33.15
N ASP A 215 -55.59 -27.71 34.05
CA ASP A 215 -55.30 -29.09 34.43
C ASP A 215 -54.87 -29.93 33.23
N ARG A 216 -54.28 -29.29 32.22
CA ARG A 216 -53.77 -29.99 31.05
C ARG A 216 -52.51 -29.29 30.59
N THR A 217 -51.59 -30.06 30.02
CA THR A 217 -50.30 -29.54 29.59
C THR A 217 -50.16 -29.64 28.07
N TRP A 218 -49.45 -28.67 27.50
CA TRP A 218 -49.16 -28.62 26.08
C TRP A 218 -47.71 -28.25 25.90
N ILE A 219 -47.05 -28.83 24.89
CA ILE A 219 -45.66 -28.50 24.61
C ILE A 219 -45.54 -27.01 24.26
N GLY A 220 -46.47 -26.50 23.45
CA GLY A 220 -46.52 -25.08 23.17
C GLY A 220 -45.25 -24.56 22.56
N LEU A 221 -44.77 -23.44 23.09
CA LEU A 221 -43.57 -22.77 22.61
C LEU A 221 -42.46 -22.82 23.66
N ARG A 222 -42.36 -23.94 24.36
CA ARG A 222 -41.30 -24.14 25.35
C ARG A 222 -39.91 -24.19 24.73
N PHE A 223 -39.80 -24.35 23.41
CA PHE A 223 -38.50 -24.34 22.76
C PHE A 223 -37.83 -22.98 22.83
N LEU A 224 -38.59 -21.92 23.12
CA LEU A 224 -38.02 -20.59 23.25
C LEU A 224 -37.06 -20.46 24.43
N ARG A 225 -37.08 -21.43 25.36
CA ARG A 225 -36.13 -21.40 26.47
C ARG A 225 -34.69 -21.53 26.00
N ALA A 226 -34.47 -22.13 24.83
CA ALA A 226 -33.12 -22.23 24.28
C ALA A 226 -32.56 -20.86 23.89
N LEU A 227 -33.43 -19.88 23.65
CA LEU A 227 -32.96 -18.54 23.30
C LEU A 227 -32.27 -17.85 24.46
N ARG A 228 -32.46 -18.34 25.68
CA ARG A 228 -31.78 -17.78 26.85
C ARG A 228 -30.29 -18.06 26.85
N LEU A 229 -29.81 -18.97 25.99
CA LEU A 229 -28.39 -19.30 25.97
C LEU A 229 -27.54 -18.20 25.37
N MET A 230 -28.13 -17.27 24.62
CA MET A 230 -27.37 -16.19 24.01
C MET A 230 -26.91 -15.14 25.01
N THR A 231 -27.43 -15.16 26.24
CA THR A 231 -26.97 -14.26 27.28
C THR A 231 -25.84 -14.84 28.12
N VAL A 232 -25.39 -16.05 27.81
CA VAL A 232 -24.24 -16.63 28.51
C VAL A 232 -22.99 -15.77 28.35
N PRO A 233 -22.63 -15.31 27.14
CA PRO A 233 -21.45 -14.41 27.05
C PRO A 233 -21.61 -13.14 27.88
N ASP A 234 -22.83 -12.60 27.97
CA ASP A 234 -23.06 -11.44 28.83
C ASP A 234 -22.86 -11.80 30.29
N ILE A 235 -23.34 -12.99 30.71
CA ILE A 235 -23.18 -13.42 32.09
C ILE A 235 -21.70 -13.59 32.43
N LEU A 236 -20.94 -14.21 31.53
CA LEU A 236 -19.51 -14.41 31.77
C LEU A 236 -18.76 -13.08 31.79
N GLN A 237 -19.22 -12.09 31.03
CA GLN A 237 -18.58 -10.78 31.04
C GLN A 237 -18.91 -10.02 32.32
N TYR A 238 -20.09 -10.25 32.90
CA TYR A 238 -20.45 -9.62 34.16
C TYR A 238 -19.54 -10.08 35.29
N LEU A 239 -19.18 -11.37 35.29
CA LEU A 239 -18.31 -11.95 36.30
C LEU A 239 -16.84 -11.83 35.94
N ASN A 240 -16.51 -11.14 34.85
CA ASN A 240 -15.14 -10.92 34.40
C ASN A 240 -14.42 -12.23 34.08
N VAL A 241 -15.18 -13.28 33.74
CA VAL A 241 -14.55 -14.53 33.33
C VAL A 241 -13.89 -14.39 31.96
N LEU A 242 -14.56 -13.71 31.03
CA LEU A 242 -14.02 -13.46 29.70
C LEU A 242 -13.35 -12.10 29.69
N LYS A 243 -12.05 -12.07 29.38
CA LYS A 243 -11.29 -10.83 29.36
C LYS A 243 -10.75 -10.49 27.98
N THR A 244 -10.06 -11.42 27.33
CA THR A 244 -9.50 -11.15 26.02
C THR A 244 -10.62 -11.07 24.96
N SER A 245 -10.32 -10.34 23.88
CA SER A 245 -11.32 -10.15 22.83
C SER A 245 -11.61 -11.45 22.09
N SER A 246 -10.61 -12.31 21.89
CA SER A 246 -10.82 -13.55 21.18
C SER A 246 -11.77 -14.47 21.93
N SER A 247 -11.63 -14.57 23.24
CA SER A 247 -12.51 -15.43 24.02
C SER A 247 -13.95 -14.92 24.00
N ILE A 248 -14.13 -13.61 24.04
CA ILE A 248 -15.48 -13.04 23.98
C ILE A 248 -16.11 -13.35 22.63
N ARG A 249 -15.36 -13.20 21.53
CA ARG A 249 -15.89 -13.51 20.22
C ARG A 249 -16.23 -14.99 20.08
N LEU A 250 -15.38 -15.86 20.62
CA LEU A 250 -15.65 -17.30 20.55
C LEU A 250 -16.90 -17.66 21.34
N ALA A 251 -17.08 -17.07 22.52
CA ALA A 251 -18.25 -17.36 23.33
C ALA A 251 -19.53 -16.90 22.65
N GLN A 252 -19.51 -15.73 22.01
CA GLN A 252 -20.70 -15.23 21.33
C GLN A 252 -21.09 -16.13 20.15
N LEU A 253 -20.10 -16.56 19.36
CA LEU A 253 -20.41 -17.39 18.19
C LEU A 253 -20.96 -18.75 18.61
N VAL A 254 -20.38 -19.37 19.64
CA VAL A 254 -20.84 -20.68 20.07
C VAL A 254 -22.24 -20.58 20.66
N SER A 255 -22.49 -19.58 21.51
CA SER A 255 -23.80 -19.43 22.13
C SER A 255 -24.87 -19.14 21.10
N ILE A 256 -24.56 -18.29 20.11
CA ILE A 256 -25.54 -17.97 19.08
C ILE A 256 -25.86 -19.21 18.25
N PHE A 257 -24.84 -19.96 17.85
CA PHE A 257 -25.07 -21.13 17.00
C PHE A 257 -25.89 -22.20 17.71
N ILE A 258 -25.59 -22.46 18.98
CA ILE A 258 -26.29 -23.51 19.71
C ILE A 258 -27.74 -23.11 19.96
N SER A 259 -27.97 -21.87 20.37
CA SER A 259 -29.33 -21.42 20.68
C SER A 259 -30.22 -21.45 19.45
N VAL A 260 -29.69 -20.98 18.31
CA VAL A 260 -30.47 -21.02 17.07
C VAL A 260 -30.73 -22.46 16.65
N TRP A 261 -29.73 -23.32 16.76
CA TRP A 261 -29.88 -24.72 16.38
C TRP A 261 -30.94 -25.41 17.23
N LEU A 262 -30.91 -25.19 18.54
CA LEU A 262 -31.87 -25.86 19.41
C LEU A 262 -33.27 -25.27 19.26
N THR A 263 -33.37 -23.94 19.10
CA THR A 263 -34.67 -23.31 18.93
C THR A 263 -35.33 -23.74 17.63
N ALA A 264 -34.56 -23.80 16.53
CA ALA A 264 -35.12 -24.20 15.25
C ALA A 264 -35.60 -25.65 15.28
N ALA A 265 -34.85 -26.51 15.98
CA ALA A 265 -35.28 -27.91 16.12
C ALA A 265 -36.59 -28.00 16.89
N GLY A 266 -36.77 -27.14 17.88
CA GLY A 266 -38.03 -27.14 18.62
C GLY A 266 -39.21 -26.70 17.77
N ILE A 267 -39.00 -25.74 16.89
CA ILE A 267 -40.07 -25.29 16.00
C ILE A 267 -40.46 -26.42 15.05
N ILE A 268 -39.47 -27.10 14.47
CA ILE A 268 -39.76 -28.22 13.58
C ILE A 268 -40.45 -29.34 14.33
N HIS A 269 -40.00 -29.62 15.55
CA HIS A 269 -40.60 -30.70 16.34
C HIS A 269 -42.07 -30.40 16.64
N LEU A 270 -42.38 -29.15 16.99
CA LEU A 270 -43.76 -28.80 17.31
C LEU A 270 -44.64 -28.83 16.07
N LEU A 271 -44.18 -28.23 14.98
CA LEU A 271 -45.01 -28.13 13.78
C LEU A 271 -45.27 -29.50 13.15
N GLU A 272 -44.25 -30.36 13.11
CA GLU A 272 -44.41 -31.66 12.47
C GLU A 272 -45.29 -32.58 13.32
N ASN A 273 -45.08 -32.61 14.63
CA ASN A 273 -45.83 -33.52 15.48
C ASN A 273 -47.28 -33.09 15.62
N SER A 274 -47.53 -31.78 15.69
CA SER A 274 -48.91 -31.32 15.86
C SER A 274 -49.73 -31.52 14.60
N GLY A 275 -49.15 -31.28 13.43
CA GLY A 275 -49.86 -31.37 12.18
C GLY A 275 -50.38 -30.01 11.72
N ASP A 276 -51.07 -30.03 10.59
CA ASP A 276 -51.62 -28.81 10.04
C ASP A 276 -52.71 -28.25 10.94
N PRO A 277 -52.82 -26.92 11.05
CA PRO A 277 -53.84 -26.34 11.93
C PRO A 277 -55.25 -26.55 11.39
N LEU A 278 -56.19 -26.67 12.34
CA LEU A 278 -57.62 -26.77 12.10
C LEU A 278 -58.05 -28.13 11.56
N ASP A 279 -57.09 -28.99 11.22
CA ASP A 279 -57.39 -30.38 10.92
C ASP A 279 -56.61 -31.35 11.79
N PHE A 280 -55.30 -31.15 11.92
CA PHE A 280 -54.44 -31.97 12.79
C PHE A 280 -54.60 -33.46 12.50
N ASP A 281 -54.64 -33.80 11.21
CA ASP A 281 -54.75 -35.20 10.80
C ASP A 281 -53.52 -35.70 10.04
N ASN A 282 -52.67 -34.80 9.57
CA ASN A 282 -51.44 -35.17 8.85
C ASN A 282 -50.22 -35.09 9.75
N ALA A 283 -50.36 -35.42 11.03
CA ALA A 283 -49.25 -35.32 11.97
C ALA A 283 -48.14 -36.28 11.59
N HIS A 284 -46.90 -35.80 11.67
CA HIS A 284 -45.71 -36.59 11.38
C HIS A 284 -44.96 -36.82 12.68
N ARG A 285 -44.86 -38.10 13.08
CA ARG A 285 -44.23 -38.45 14.34
C ARG A 285 -42.71 -38.32 14.20
N LEU A 286 -42.14 -37.32 14.86
CA LEU A 286 -40.71 -37.10 14.85
C LEU A 286 -40.24 -36.81 16.27
N SER A 287 -39.17 -37.48 16.69
CA SER A 287 -38.57 -37.17 17.98
C SER A 287 -37.82 -35.85 17.92
N TYR A 288 -37.64 -35.22 19.09
CA TYR A 288 -36.94 -33.95 19.14
C TYR A 288 -35.50 -34.08 18.67
N TRP A 289 -34.83 -35.17 19.07
CA TRP A 289 -33.43 -35.35 18.69
C TRP A 289 -33.30 -35.68 17.21
N THR A 290 -34.32 -36.31 16.62
CA THR A 290 -34.33 -36.48 15.16
C THR A 290 -34.41 -35.13 14.47
N CYS A 291 -35.20 -34.20 15.01
CA CYS A 291 -35.24 -32.85 14.46
C CYS A 291 -33.92 -32.12 14.65
N VAL A 292 -33.23 -32.37 15.76
CA VAL A 292 -31.89 -31.81 15.94
C VAL A 292 -30.94 -32.34 14.88
N TYR A 293 -31.00 -33.66 14.63
CA TYR A 293 -30.19 -34.24 13.58
C TYR A 293 -30.62 -33.74 12.20
N PHE A 294 -31.91 -33.55 11.99
CA PHE A 294 -32.41 -33.04 10.72
C PHE A 294 -31.92 -31.62 10.48
N LEU A 295 -31.87 -30.80 11.54
CA LEU A 295 -31.48 -29.40 11.38
C LEU A 295 -30.01 -29.28 10.96
N ILE A 296 -29.13 -30.05 11.58
CA ILE A 296 -27.70 -29.95 11.25
C ILE A 296 -27.43 -30.44 9.84
N VAL A 297 -28.21 -31.42 9.36
CA VAL A 297 -28.09 -31.85 7.98
C VAL A 297 -28.52 -30.74 7.03
N THR A 298 -29.53 -29.97 7.41
CA THR A 298 -30.00 -28.87 6.58
C THR A 298 -28.98 -27.73 6.53
N MET A 299 -28.48 -27.31 7.68
CA MET A 299 -27.55 -26.19 7.73
C MET A 299 -26.25 -26.51 7.02
N SER A 300 -25.80 -27.75 7.09
CA SER A 300 -24.60 -28.19 6.36
C SER A 300 -24.84 -28.29 4.86
N THR A 301 -26.10 -28.14 4.42
CA THR A 301 -26.48 -28.25 3.01
C THR A 301 -26.16 -29.63 2.45
N VAL A 302 -26.23 -30.65 3.30
CA VAL A 302 -26.06 -32.03 2.84
C VAL A 302 -27.36 -32.61 2.33
N GLY A 303 -28.42 -32.51 3.13
CA GLY A 303 -29.76 -32.91 2.71
C GLY A 303 -29.90 -34.35 2.29
N TYR A 304 -29.76 -35.28 3.24
CA TYR A 304 -29.89 -36.70 2.91
C TYR A 304 -31.28 -37.02 2.39
N GLY A 305 -32.32 -36.47 3.01
CA GLY A 305 -33.68 -36.75 2.62
C GLY A 305 -34.34 -37.91 3.34
N ASP A 306 -33.60 -38.62 4.20
CA ASP A 306 -34.23 -39.66 5.00
C ASP A 306 -35.26 -39.07 5.95
N VAL A 307 -34.96 -37.91 6.52
CA VAL A 307 -35.88 -37.16 7.36
C VAL A 307 -36.20 -35.84 6.66
N TYR A 308 -37.49 -35.55 6.50
CA TYR A 308 -37.90 -34.33 5.83
C TYR A 308 -39.26 -33.90 6.36
N CYS A 309 -39.57 -32.62 6.19
CA CYS A 309 -40.84 -32.07 6.64
C CYS A 309 -41.95 -32.43 5.67
N GLU A 310 -43.11 -32.77 6.21
CA GLU A 310 -44.27 -33.14 5.41
C GLU A 310 -45.45 -32.19 5.56
N THR A 311 -45.60 -31.55 6.72
CA THR A 311 -46.71 -30.65 6.95
C THR A 311 -46.49 -29.33 6.21
N VAL A 312 -47.60 -28.62 5.97
CA VAL A 312 -47.53 -27.33 5.29
C VAL A 312 -46.78 -26.33 6.14
N LEU A 313 -47.09 -26.26 7.44
CA LEU A 313 -46.42 -25.31 8.31
C LEU A 313 -44.93 -25.64 8.47
N GLY A 314 -44.60 -26.93 8.53
CA GLY A 314 -43.20 -27.31 8.65
C GLY A 314 -42.38 -26.89 7.46
N ARG A 315 -42.92 -27.07 6.25
CA ARG A 315 -42.21 -26.63 5.05
C ARG A 315 -42.15 -25.11 4.96
N THR A 316 -43.19 -24.42 5.42
CA THR A 316 -43.19 -22.96 5.38
C THR A 316 -42.08 -22.38 6.25
N PHE A 317 -41.89 -22.92 7.46
CA PHE A 317 -40.81 -22.46 8.31
C PHE A 317 -39.45 -22.82 7.71
N LEU A 318 -39.36 -23.98 7.07
CA LEU A 318 -38.10 -24.40 6.45
C LEU A 318 -37.67 -23.43 5.35
N VAL A 319 -38.64 -22.84 4.65
CA VAL A 319 -38.32 -21.89 3.60
C VAL A 319 -37.63 -20.67 4.18
N PHE A 320 -38.18 -20.10 5.26
CA PHE A 320 -37.56 -18.94 5.90
C PHE A 320 -36.22 -19.31 6.53
N PHE A 321 -36.12 -20.50 7.12
CA PHE A 321 -34.87 -20.90 7.76
C PHE A 321 -33.77 -21.09 6.73
N LEU A 322 -34.10 -21.63 5.55
CA LEU A 322 -33.09 -21.82 4.52
C LEU A 322 -32.49 -20.48 4.06
N LEU A 323 -33.24 -19.39 4.18
CA LEU A 323 -32.73 -18.09 3.79
C LEU A 323 -31.72 -17.55 4.80
N VAL A 324 -31.99 -17.73 6.09
CA VAL A 324 -31.17 -17.14 7.13
C VAL A 324 -30.37 -18.18 7.92
N GLY A 325 -30.90 -19.38 8.13
CA GLY A 325 -30.17 -20.37 8.90
C GLY A 325 -28.90 -20.84 8.24
N LEU A 326 -28.90 -20.94 6.91
CA LEU A 326 -27.71 -21.38 6.19
C LEU A 326 -26.58 -20.36 6.31
N ALA A 327 -26.92 -19.07 6.33
CA ALA A 327 -25.91 -18.03 6.48
C ALA A 327 -25.24 -18.11 7.85
N ILE A 328 -25.99 -18.47 8.88
CA ILE A 328 -25.43 -18.57 10.23
C ILE A 328 -24.38 -19.68 10.27
N PHE A 329 -24.71 -20.83 9.69
CA PHE A 329 -23.76 -21.95 9.69
C PHE A 329 -22.50 -21.61 8.90
N ALA A 330 -22.65 -20.96 7.75
CA ALA A 330 -21.49 -20.65 6.92
C ALA A 330 -20.64 -19.52 7.49
N SER A 331 -21.16 -18.77 8.46
CA SER A 331 -20.42 -17.66 9.05
C SER A 331 -19.88 -17.95 10.43
N CYS A 332 -20.54 -18.83 11.20
CA CYS A 332 -20.13 -19.12 12.56
C CYS A 332 -19.10 -20.25 12.63
N ILE A 333 -19.37 -21.36 11.93
CA ILE A 333 -18.47 -22.51 12.03
C ILE A 333 -17.07 -22.21 11.52
N PRO A 334 -16.87 -21.60 10.34
CA PRO A 334 -15.49 -21.27 9.93
C PRO A 334 -14.80 -20.32 10.88
N GLU A 335 -15.53 -19.37 11.47
CA GLU A 335 -14.93 -18.44 12.41
C GLU A 335 -14.66 -19.08 13.76
N ILE A 336 -15.44 -20.10 14.13
CA ILE A 336 -15.18 -20.81 15.38
C ILE A 336 -13.90 -21.65 15.27
N ILE A 337 -13.69 -22.28 14.11
CA ILE A 337 -12.57 -23.22 13.96
C ILE A 337 -11.25 -22.47 14.07
N ASP A 338 -11.09 -21.37 13.32
CA ASP A 338 -9.81 -20.66 13.33
C ASP A 338 -9.61 -19.86 14.61
N LEU A 339 -10.70 -19.44 15.28
CA LEU A 339 -10.56 -18.80 16.58
C LEU A 339 -9.96 -19.75 17.59
N ILE A 340 -10.42 -21.01 17.60
CA ILE A 340 -9.78 -22.04 18.42
C ILE A 340 -8.36 -22.26 17.95
N GLY A 341 -8.16 -22.36 16.63
CA GLY A 341 -6.85 -22.52 16.05
C GLY A 341 -6.20 -23.83 16.46
N THR A 342 -4.87 -23.77 16.60
CA THR A 342 -4.09 -24.92 17.03
C THR A 342 -3.24 -24.51 18.23
N ARG A 343 -2.92 -25.50 19.06
CA ARG A 343 -2.10 -25.25 20.23
C ARG A 343 -0.71 -24.79 19.82
N ALA A 344 -0.09 -23.97 20.67
CA ALA A 344 1.25 -23.46 20.39
C ALA A 344 2.25 -24.61 20.30
N LYS A 345 2.75 -24.86 19.08
CA LYS A 345 3.67 -25.98 18.89
C LYS A 345 4.97 -25.75 19.64
N TYR A 346 5.47 -24.51 19.64
CA TYR A 346 6.73 -24.17 20.28
C TYR A 346 6.44 -23.26 21.47
N GLY A 347 6.73 -23.75 22.66
CA GLY A 347 6.46 -23.02 23.88
C GLY A 347 6.90 -23.83 25.07
N GLY A 348 6.69 -23.25 26.24
CA GLY A 348 7.07 -23.90 27.48
C GLY A 348 8.56 -23.73 27.78
N THR A 349 8.96 -24.31 28.90
CA THR A 349 10.31 -24.17 29.41
C THR A 349 11.20 -25.30 28.92
N LEU A 350 12.48 -24.98 28.72
CA LEU A 350 13.47 -26.00 28.40
C LEU A 350 13.69 -26.90 29.60
N LYS A 351 13.63 -28.21 29.38
CA LYS A 351 13.77 -29.16 30.48
C LYS A 351 15.19 -29.16 31.01
N ASN A 352 15.32 -29.18 32.34
CA ASN A 352 16.61 -29.14 32.98
C ASN A 352 17.20 -30.54 33.09
N GLU A 353 18.50 -30.65 32.83
CA GLU A 353 19.23 -31.91 32.91
C GLU A 353 20.49 -31.71 33.72
N LYS A 354 20.90 -32.77 34.42
CA LYS A 354 22.10 -32.72 35.25
C LYS A 354 23.34 -32.90 34.39
N GLY A 355 24.31 -32.01 34.58
CA GLY A 355 25.54 -32.08 33.80
C GLY A 355 25.33 -31.87 32.31
N ARG A 356 24.47 -30.92 31.95
CA ARG A 356 24.14 -30.63 30.56
C ARG A 356 24.62 -29.23 30.19
N ARG A 357 25.23 -29.11 29.02
CA ARG A 357 25.72 -27.84 28.50
C ARG A 357 24.90 -27.45 27.28
N HIS A 358 24.50 -26.18 27.23
CA HIS A 358 23.72 -25.67 26.12
C HIS A 358 24.04 -24.20 25.90
N ILE A 359 23.76 -23.73 24.68
CA ILE A 359 23.94 -22.33 24.33
C ILE A 359 22.65 -21.82 23.73
N VAL A 360 22.43 -20.51 23.83
CA VAL A 360 21.25 -19.84 23.31
C VAL A 360 21.65 -19.01 22.10
N VAL A 361 20.95 -19.22 20.99
CA VAL A 361 21.21 -18.49 19.75
C VAL A 361 19.96 -17.70 19.39
N CYS A 362 20.13 -16.39 19.22
CA CYS A 362 19.03 -15.49 18.90
C CYS A 362 19.46 -14.56 17.77
N GLY A 363 18.58 -13.63 17.42
CA GLY A 363 18.86 -12.67 16.37
C GLY A 363 18.19 -13.06 15.06
N HIS A 364 18.99 -13.11 13.99
CA HIS A 364 18.48 -13.44 12.66
C HIS A 364 18.41 -14.96 12.54
N ILE A 365 17.23 -15.52 12.77
CA ILE A 365 17.00 -16.96 12.74
C ILE A 365 16.17 -17.27 11.51
N THR A 366 16.85 -17.71 10.44
CA THR A 366 16.21 -18.13 9.21
C THR A 366 16.72 -19.52 8.84
N TYR A 367 16.13 -20.09 7.80
CA TYR A 367 16.56 -21.42 7.36
C TYR A 367 18.00 -21.41 6.87
N GLU A 368 18.38 -20.39 6.10
CA GLU A 368 19.73 -20.32 5.58
C GLU A 368 20.76 -20.10 6.69
N SER A 369 20.42 -19.23 7.65
CA SER A 369 21.36 -18.94 8.73
C SER A 369 21.50 -20.12 9.69
N VAL A 370 20.39 -20.79 10.00
CA VAL A 370 20.44 -21.91 10.93
C VAL A 370 21.17 -23.11 10.32
N SER A 371 20.86 -23.43 9.05
CA SER A 371 21.50 -24.56 8.41
C SER A 371 23.01 -24.35 8.27
N HIS A 372 23.42 -23.13 7.89
CA HIS A 372 24.84 -22.84 7.78
C HIS A 372 25.52 -22.89 9.15
N PHE A 373 24.86 -22.36 10.19
CA PHE A 373 25.43 -22.39 11.53
C PHE A 373 25.56 -23.82 12.05
N LEU A 374 24.53 -24.64 11.84
CA LEU A 374 24.54 -25.99 12.38
C LEU A 374 25.58 -26.87 11.69
N LYS A 375 25.80 -26.66 10.39
CA LYS A 375 26.81 -27.44 9.68
C LYS A 375 28.20 -27.18 10.25
N ASP A 376 28.51 -25.91 10.53
CA ASP A 376 29.82 -25.58 11.10
C ASP A 376 29.89 -25.97 12.58
N PHE A 377 28.81 -25.75 13.33
CA PHE A 377 28.83 -26.06 14.75
C PHE A 377 28.97 -27.56 15.00
N LEU A 378 28.26 -28.38 14.22
CA LEU A 378 28.31 -29.83 14.35
C LEU A 378 29.06 -30.38 13.14
N HIS A 379 30.39 -30.42 13.27
CA HIS A 379 31.27 -30.95 12.26
C HIS A 379 32.18 -32.00 12.88
N GLU A 380 32.30 -33.15 12.23
CA GLU A 380 33.11 -34.23 12.78
C GLU A 380 34.60 -34.04 12.53
N ASP A 381 35.02 -32.90 11.97
CA ASP A 381 36.42 -32.57 11.93
C ASP A 381 36.92 -31.96 13.25
N ARG A 382 36.02 -31.52 14.11
CA ARG A 382 36.38 -30.86 15.36
C ARG A 382 36.12 -31.78 16.55
N GLU A 383 36.52 -31.30 17.73
CA GLU A 383 36.40 -32.09 18.95
C GLU A 383 34.95 -32.41 19.27
N ASP A 384 34.73 -33.61 19.81
CA ASP A 384 33.38 -34.06 20.16
C ASP A 384 33.01 -33.49 21.51
N VAL A 385 31.99 -32.62 21.54
CA VAL A 385 31.49 -32.00 22.76
C VAL A 385 29.98 -32.13 22.78
N ASP A 386 29.42 -32.42 23.96
CA ASP A 386 27.97 -32.58 24.11
C ASP A 386 27.37 -31.24 24.52
N VAL A 387 27.25 -30.36 23.53
CA VAL A 387 26.60 -29.06 23.69
C VAL A 387 25.45 -28.99 22.71
N GLU A 388 24.25 -28.72 23.22
CA GLU A 388 23.07 -28.61 22.38
C GLU A 388 22.71 -27.14 22.19
N VAL A 389 22.13 -26.84 21.03
CA VAL A 389 21.82 -25.48 20.63
C VAL A 389 20.33 -25.22 20.89
N VAL A 390 20.03 -24.11 21.55
CA VAL A 390 18.67 -23.68 21.81
C VAL A 390 18.43 -22.40 21.02
N PHE A 391 17.42 -22.42 20.16
CA PHE A 391 17.10 -21.29 19.30
C PHE A 391 15.88 -20.56 19.85
N LEU A 392 15.96 -19.24 19.93
CA LEU A 392 14.85 -18.41 20.39
C LEU A 392 14.56 -17.36 19.33
N HIS A 393 13.32 -17.30 18.87
CA HIS A 393 12.92 -16.36 17.83
C HIS A 393 11.46 -16.00 18.01
N ARG A 394 11.08 -14.85 17.46
CA ARG A 394 9.72 -14.35 17.62
C ARG A 394 8.76 -15.01 16.63
N LYS A 395 9.06 -14.92 15.34
CA LYS A 395 8.19 -15.49 14.33
C LYS A 395 8.27 -17.01 14.38
N PRO A 396 7.14 -17.72 14.17
CA PRO A 396 7.20 -19.17 14.10
C PRO A 396 7.97 -19.62 12.87
N PRO A 397 8.69 -20.73 12.96
CA PRO A 397 9.47 -21.20 11.81
C PRO A 397 8.58 -21.71 10.69
N ASP A 398 9.08 -21.62 9.46
CA ASP A 398 8.37 -22.13 8.32
C ASP A 398 8.57 -23.65 8.22
N LEU A 399 8.00 -24.25 7.16
CA LEU A 399 8.06 -25.69 7.01
C LEU A 399 9.48 -26.18 6.80
N GLU A 400 10.29 -25.43 6.05
CA GLU A 400 11.68 -25.82 5.83
C GLU A 400 12.47 -25.84 7.13
N LEU A 401 12.29 -24.81 7.96
CA LEU A 401 13.03 -24.75 9.22
C LEU A 401 12.56 -25.84 10.19
N GLU A 402 11.25 -26.13 10.19
CA GLU A 402 10.74 -27.16 11.08
C GLU A 402 11.33 -28.53 10.74
N GLY A 403 11.47 -28.83 9.45
CA GLY A 403 12.09 -30.08 9.07
C GLY A 403 13.55 -30.17 9.49
N LEU A 404 14.27 -29.05 9.42
CA LEU A 404 15.66 -29.03 9.84
C LEU A 404 15.78 -29.32 11.34
N PHE A 405 14.88 -28.76 12.15
CA PHE A 405 14.89 -29.04 13.58
C PHE A 405 14.55 -30.49 13.86
N LYS A 406 13.69 -31.10 13.05
CA LYS A 406 13.34 -32.51 13.24
C LYS A 406 14.55 -33.41 13.03
N ARG A 407 15.37 -33.09 12.03
CA ARG A 407 16.55 -33.91 11.75
C ARG A 407 17.63 -33.78 12.81
N HIS A 408 17.57 -32.74 13.63
CA HIS A 408 18.49 -32.53 14.74
C HIS A 408 17.74 -32.57 16.07
N PHE A 409 16.83 -33.55 16.20
CA PHE A 409 15.93 -33.58 17.36
C PHE A 409 16.69 -33.77 18.66
N THR A 410 17.74 -34.59 18.65
CA THR A 410 18.46 -34.91 19.88
C THR A 410 19.47 -33.85 20.30
N THR A 411 19.75 -32.86 19.45
CA THR A 411 20.78 -31.88 19.76
C THR A 411 20.38 -30.43 19.51
N VAL A 412 19.20 -30.17 18.94
CA VAL A 412 18.75 -28.81 18.65
C VAL A 412 17.33 -28.64 19.16
N GLU A 413 17.09 -27.55 19.88
CA GLU A 413 15.77 -27.23 20.40
C GLU A 413 15.38 -25.82 19.98
N PHE A 414 14.11 -25.61 19.69
CA PHE A 414 13.59 -24.32 19.28
C PHE A 414 12.47 -23.90 20.23
N PHE A 415 12.46 -22.62 20.58
CA PHE A 415 11.42 -22.03 21.41
C PHE A 415 10.98 -20.70 20.79
N GLN A 416 9.71 -20.39 20.92
CA GLN A 416 9.16 -19.15 20.39
C GLN A 416 9.13 -18.08 21.47
N GLY A 417 9.74 -16.94 21.19
CA GLY A 417 9.80 -15.85 22.15
C GLY A 417 10.87 -14.86 21.76
N THR A 418 10.91 -13.77 22.51
CA THR A 418 11.84 -12.68 22.25
C THR A 418 12.85 -12.59 23.39
N ILE A 419 14.10 -12.28 23.03
CA ILE A 419 15.15 -12.13 24.03
C ILE A 419 14.93 -10.90 24.90
N MET A 420 14.08 -9.97 24.46
CA MET A 420 13.80 -8.78 25.24
C MET A 420 12.79 -9.01 26.36
N ASN A 421 12.17 -10.20 26.40
CA ASN A 421 11.21 -10.53 27.43
C ASN A 421 11.90 -11.31 28.53
N PRO A 422 11.94 -10.81 29.77
CA PRO A 422 12.56 -11.58 30.85
C PRO A 422 11.89 -12.93 31.11
N ILE A 423 10.61 -13.06 30.78
CA ILE A 423 9.94 -14.35 30.93
C ILE A 423 10.54 -15.37 29.96
N ASP A 424 10.78 -14.96 28.71
CA ASP A 424 11.35 -15.87 27.73
C ASP A 424 12.78 -16.24 28.05
N LEU A 425 13.53 -15.34 28.69
CA LEU A 425 14.90 -15.66 29.10
C LEU A 425 14.89 -16.77 30.14
N GLN A 426 13.90 -16.77 31.04
CA GLN A 426 13.76 -17.84 32.01
C GLN A 426 13.42 -19.16 31.34
N ARG A 427 12.60 -19.12 30.29
CA ARG A 427 12.16 -20.35 29.62
C ARG A 427 13.34 -21.08 28.99
N VAL A 428 14.26 -20.34 28.36
CA VAL A 428 15.43 -20.96 27.74
C VAL A 428 16.59 -21.15 28.71
N LYS A 429 16.43 -20.72 29.97
CA LYS A 429 17.45 -20.86 31.01
C LYS A 429 18.77 -20.22 30.57
N VAL A 430 18.70 -18.90 30.37
CA VAL A 430 19.89 -18.15 29.96
C VAL A 430 20.94 -18.18 31.05
N HIS A 431 20.51 -18.09 32.32
CA HIS A 431 21.46 -18.06 33.44
C HIS A 431 22.29 -19.34 33.53
N GLU A 432 21.78 -20.45 33.01
CA GLU A 432 22.50 -21.72 33.02
C GLU A 432 23.20 -22.01 31.70
N ALA A 433 23.06 -21.14 30.70
CA ALA A 433 23.67 -21.37 29.40
C ALA A 433 25.16 -21.07 29.43
N ASP A 434 25.92 -21.84 28.65
CA ASP A 434 27.35 -21.60 28.54
C ASP A 434 27.64 -20.25 27.90
N ALA A 435 26.90 -19.90 26.85
CA ALA A 435 27.09 -18.63 26.16
C ALA A 435 25.82 -18.29 25.40
N CYS A 436 25.69 -17.01 25.05
CA CYS A 436 24.58 -16.53 24.25
C CYS A 436 25.12 -15.95 22.95
N LEU A 437 24.59 -16.42 21.83
CA LEU A 437 25.05 -16.00 20.50
C LEU A 437 23.96 -15.17 19.84
N VAL A 438 24.35 -14.01 19.31
CA VAL A 438 23.42 -13.09 18.68
C VAL A 438 23.78 -13.02 17.20
N LEU A 439 23.00 -13.69 16.37
CA LEU A 439 23.20 -13.63 14.93
C LEU A 439 22.71 -12.30 14.39
N ALA A 440 23.30 -11.87 13.28
CA ALA A 440 22.97 -10.59 12.67
C ALA A 440 22.56 -10.78 11.21
N ASN A 441 21.69 -9.89 10.74
CA ASN A 441 21.26 -9.90 9.35
C ASN A 441 22.25 -9.06 8.55
N LYS A 442 23.18 -9.74 7.88
CA LYS A 442 24.20 -9.03 7.12
C LYS A 442 23.62 -8.32 5.90
N TYR A 443 22.56 -8.88 5.31
CA TYR A 443 21.91 -8.27 4.16
C TYR A 443 20.68 -7.48 4.63
N CYS A 444 20.95 -6.36 5.30
CA CYS A 444 19.92 -5.49 5.83
C CYS A 444 19.98 -4.13 5.17
N GLN A 445 18.82 -3.51 5.01
CA GLN A 445 18.75 -2.21 4.36
C GLN A 445 19.48 -1.13 5.17
N ASP A 446 19.30 -1.13 6.49
CA ASP A 446 19.92 -0.15 7.37
C ASP A 446 20.84 -0.83 8.36
N PRO A 447 22.17 -0.77 8.16
CA PRO A 447 23.08 -1.36 9.15
C PRO A 447 22.97 -0.73 10.52
N ASP A 448 22.70 0.57 10.61
CA ASP A 448 22.55 1.22 11.91
C ASP A 448 21.35 0.66 12.68
N ALA A 449 20.22 0.47 11.98
CA ALA A 449 19.04 -0.08 12.63
C ALA A 449 19.27 -1.51 13.10
N GLU A 450 19.96 -2.31 12.29
CA GLU A 450 20.25 -3.69 12.67
C GLU A 450 21.17 -3.74 13.89
N ASP A 451 22.19 -2.87 13.92
CA ASP A 451 23.11 -2.87 15.04
C ASP A 451 22.43 -2.43 16.33
N ALA A 452 21.53 -1.44 16.24
CA ALA A 452 20.82 -0.97 17.42
C ALA A 452 19.96 -2.06 18.04
N ALA A 453 19.27 -2.84 17.20
CA ALA A 453 18.43 -3.92 17.71
C ALA A 453 19.27 -4.99 18.39
N ASN A 454 20.42 -5.33 17.80
CA ASN A 454 21.28 -6.37 18.39
C ASN A 454 21.93 -5.88 19.68
N ILE A 455 22.28 -4.59 19.76
CA ILE A 455 22.85 -4.05 20.98
C ILE A 455 21.84 -4.12 22.12
N MET A 456 20.57 -3.81 21.83
CA MET A 456 19.54 -3.91 22.86
C MET A 456 19.35 -5.34 23.34
N ARG A 457 19.58 -6.31 22.46
CA ARG A 457 19.51 -7.71 22.87
C ARG A 457 20.58 -8.05 23.89
N VAL A 458 21.80 -7.53 23.69
CA VAL A 458 22.87 -7.74 24.66
C VAL A 458 22.53 -7.08 25.99
N ILE A 459 21.94 -5.89 25.94
CA ILE A 459 21.52 -5.21 27.17
C ILE A 459 20.49 -6.04 27.91
N SER A 460 19.52 -6.59 27.18
CA SER A 460 18.50 -7.42 27.80
C SER A 460 19.10 -8.67 28.45
N ILE A 461 20.04 -9.32 27.76
CA ILE A 461 20.68 -10.50 28.32
C ILE A 461 21.50 -10.13 29.55
N LYS A 462 22.27 -9.05 29.46
CA LYS A 462 23.09 -8.62 30.60
C LYS A 462 22.22 -8.14 31.76
N ASN A 463 21.06 -7.57 31.46
CA ASN A 463 20.14 -7.16 32.52
C ASN A 463 19.63 -8.36 33.30
N TYR A 464 19.31 -9.45 32.60
CA TYR A 464 18.85 -10.65 33.27
C TYR A 464 19.94 -11.25 34.16
N SER A 465 21.17 -11.29 33.67
CA SER A 465 22.30 -11.78 34.44
C SER A 465 23.57 -11.18 33.87
N ASP A 466 24.51 -10.85 34.75
CA ASP A 466 25.74 -10.19 34.32
C ASP A 466 26.85 -11.17 33.95
N ASP A 467 26.90 -12.34 34.59
CA ASP A 467 27.96 -13.31 34.34
C ASP A 467 27.55 -14.33 33.27
N ILE A 468 27.12 -13.85 32.11
CA ILE A 468 26.77 -14.71 30.99
C ILE A 468 27.61 -14.30 29.80
N ARG A 469 28.29 -15.26 29.19
CA ARG A 469 29.12 -14.98 28.02
C ARG A 469 28.25 -14.65 26.83
N VAL A 470 28.56 -13.55 26.15
CA VAL A 470 27.78 -13.08 25.01
C VAL A 470 28.71 -12.89 23.82
N ILE A 471 28.35 -13.48 22.69
CA ILE A 471 29.06 -13.28 21.43
C ILE A 471 28.05 -12.72 20.43
N ILE A 472 28.35 -11.54 19.89
CA ILE A 472 27.41 -10.82 19.05
C ILE A 472 28.10 -10.43 17.75
N GLN A 473 27.40 -10.61 16.63
CA GLN A 473 27.87 -10.14 15.34
C GLN A 473 27.47 -8.68 15.15
N LEU A 474 28.44 -7.82 14.88
CA LEU A 474 28.21 -6.40 14.71
C LEU A 474 28.47 -5.99 13.26
N MET A 475 27.67 -5.04 12.79
CA MET A 475 27.74 -4.61 11.39
C MET A 475 28.77 -3.51 11.18
N GLN A 476 28.82 -2.51 12.06
CA GLN A 476 29.70 -1.36 11.90
C GLN A 476 30.54 -1.18 13.14
N TYR A 477 31.75 -0.64 12.94
CA TYR A 477 32.70 -0.51 14.05
C TYR A 477 32.32 0.61 15.02
N HIS A 478 31.71 1.69 14.52
CA HIS A 478 31.38 2.80 15.41
C HIS A 478 30.30 2.43 16.41
N ASN A 479 29.57 1.34 16.18
CA ASN A 479 28.60 0.84 17.16
C ASN A 479 29.25 -0.03 18.24
N LYS A 480 30.53 -0.39 18.07
CA LYS A 480 31.22 -1.19 19.07
C LYS A 480 31.47 -0.42 20.35
N ALA A 481 31.53 0.91 20.29
CA ALA A 481 31.79 1.70 21.49
C ALA A 481 30.64 1.57 22.49
N TYR A 482 29.41 1.44 22.00
CA TYR A 482 28.26 1.33 22.90
C TYR A 482 28.35 0.07 23.75
N LEU A 483 28.73 -1.06 23.13
CA LEU A 483 28.85 -2.31 23.89
C LEU A 483 29.99 -2.24 24.90
N LEU A 484 31.11 -1.61 24.52
CA LEU A 484 32.25 -1.51 25.43
C LEU A 484 31.92 -0.66 26.64
N ASN A 485 31.01 0.32 26.50
CA ASN A 485 30.65 1.19 27.60
C ASN A 485 29.59 0.59 28.52
N ILE A 486 29.08 -0.59 28.20
CA ILE A 486 28.13 -1.27 29.10
C ILE A 486 28.87 -1.69 30.36
N PRO A 487 28.33 -1.44 31.56
CA PRO A 487 29.05 -1.81 32.78
C PRO A 487 29.30 -3.30 32.91
N SER A 488 28.40 -4.14 32.41
CA SER A 488 28.54 -5.59 32.56
C SER A 488 29.39 -6.23 31.48
N TRP A 489 29.78 -5.49 30.45
CA TRP A 489 30.60 -6.06 29.38
C TRP A 489 32.03 -6.27 29.89
N ASP A 490 32.56 -7.46 29.66
CA ASP A 490 33.90 -7.81 30.13
C ASP A 490 34.53 -8.76 29.12
N TRP A 491 35.55 -8.28 28.40
CA TRP A 491 36.29 -9.14 27.47
C TRP A 491 37.09 -10.21 28.20
N LYS A 492 37.47 -9.97 29.46
CA LYS A 492 38.20 -10.98 30.21
C LYS A 492 37.37 -12.24 30.42
N GLN A 493 36.08 -12.07 30.70
CA GLN A 493 35.21 -13.20 31.00
C GLN A 493 34.76 -13.94 29.75
N GLY A 494 35.06 -13.45 28.56
CA GLY A 494 34.72 -14.13 27.32
C GLY A 494 33.77 -13.36 26.41
N ASP A 495 33.34 -12.16 26.77
CA ASP A 495 32.48 -11.39 25.87
C ASP A 495 33.27 -10.96 24.65
N ASP A 496 32.73 -11.22 23.46
CA ASP A 496 33.41 -10.93 22.21
C ASP A 496 32.47 -10.25 21.24
N VAL A 497 33.01 -9.35 20.43
CA VAL A 497 32.28 -8.68 19.37
C VAL A 497 32.93 -9.06 18.04
N ILE A 498 32.15 -9.62 17.14
CA ILE A 498 32.61 -9.96 15.79
C ILE A 498 32.09 -8.87 14.87
N CYS A 499 32.96 -7.93 14.52
CA CYS A 499 32.59 -6.81 13.66
C CYS A 499 32.87 -7.19 12.22
N LEU A 500 31.80 -7.30 11.42
CA LEU A 500 31.96 -7.69 10.02
C LEU A 500 32.72 -6.63 9.23
N ALA A 501 32.42 -5.35 9.48
CA ALA A 501 33.12 -4.28 8.76
C ALA A 501 34.61 -4.28 9.07
N GLU A 502 34.96 -4.45 10.36
CA GLU A 502 36.37 -4.46 10.74
C GLU A 502 37.09 -5.67 10.17
N LEU A 503 36.44 -6.84 10.19
CA LEU A 503 37.09 -8.06 9.71
C LEU A 503 37.17 -8.08 8.19
N LYS A 504 36.11 -7.66 7.51
CA LYS A 504 36.10 -7.69 6.05
C LYS A 504 37.17 -6.77 5.48
N LEU A 505 37.23 -5.54 5.95
CA LEU A 505 38.23 -4.60 5.45
C LEU A 505 39.63 -4.93 5.95
N GLY A 506 39.74 -5.64 7.08
CA GLY A 506 41.04 -6.10 7.52
C GLY A 506 41.63 -7.14 6.58
N PHE A 507 40.78 -8.03 6.06
CA PHE A 507 41.25 -9.02 5.09
C PHE A 507 41.67 -8.35 3.78
N ILE A 508 40.93 -7.34 3.35
CA ILE A 508 41.30 -6.60 2.14
C ILE A 508 42.63 -5.89 2.33
N ALA A 509 42.84 -5.27 3.50
CA ALA A 509 44.08 -4.55 3.76
C ALA A 509 45.28 -5.49 3.74
N GLN A 510 45.13 -6.68 4.32
CA GLN A 510 46.23 -7.65 4.32
C GLN A 510 46.51 -8.16 2.91
N SER A 511 45.49 -8.19 2.05
CA SER A 511 45.70 -8.62 0.67
C SER A 511 46.53 -7.62 -0.13
N CYS A 512 46.53 -6.34 0.27
CA CYS A 512 47.39 -5.37 -0.40
C CYS A 512 48.86 -5.69 -0.19
N LEU A 513 49.22 -6.10 1.02
CA LEU A 513 50.62 -6.48 1.28
C LEU A 513 50.95 -7.81 0.66
N ALA A 514 50.04 -8.78 0.73
CA ALA A 514 50.24 -10.11 0.16
C ALA A 514 48.96 -10.52 -0.57
N PRO A 515 48.93 -10.42 -1.90
CA PRO A 515 47.72 -10.79 -2.64
C PRO A 515 47.34 -12.24 -2.41
N GLY A 516 46.03 -12.49 -2.33
CA GLY A 516 45.52 -13.81 -2.07
C GLY A 516 45.44 -14.18 -0.60
N PHE A 517 45.85 -13.30 0.31
CA PHE A 517 45.81 -13.62 1.72
C PHE A 517 44.38 -13.72 2.24
N SER A 518 43.45 -12.95 1.66
CA SER A 518 42.06 -13.01 2.10
C SER A 518 41.47 -14.40 1.86
N THR A 519 41.79 -15.01 0.73
CA THR A 519 41.30 -16.37 0.46
C THR A 519 41.90 -17.37 1.43
N MET A 520 43.19 -17.27 1.71
CA MET A 520 43.84 -18.21 2.61
C MET A 520 43.28 -18.10 4.02
N MET A 521 43.07 -16.86 4.51
CA MET A 521 42.58 -16.68 5.87
C MET A 521 41.11 -17.06 5.99
N ALA A 522 40.31 -16.75 4.98
CA ALA A 522 38.88 -17.07 5.03
C ALA A 522 38.66 -18.58 5.07
N ASN A 523 39.43 -19.33 4.29
CA ASN A 523 39.28 -20.78 4.27
C ASN A 523 39.77 -21.44 5.55
N LEU A 524 40.62 -20.76 6.32
CA LEU A 524 41.19 -21.38 7.51
C LEU A 524 40.12 -21.62 8.58
N PHE A 525 39.17 -20.70 8.72
CA PHE A 525 38.16 -20.79 9.76
C PHE A 525 36.82 -21.28 9.25
N ALA A 526 36.76 -21.74 8.00
CA ALA A 526 35.60 -22.46 7.49
C ALA A 526 35.91 -23.95 7.56
N MET A 527 35.09 -24.69 8.31
CA MET A 527 35.38 -26.09 8.58
C MET A 527 34.93 -26.94 7.41
N ARG A 528 35.88 -27.51 6.68
CA ARG A 528 35.61 -28.35 5.53
C ARG A 528 36.36 -29.67 5.67
N SER A 529 35.72 -30.76 5.27
CA SER A 529 36.34 -32.08 5.25
C SER A 529 36.77 -32.41 3.83
N PHE A 530 38.05 -32.71 3.66
CA PHE A 530 38.64 -32.95 2.35
C PHE A 530 39.02 -34.42 2.20
N LYS A 531 38.59 -35.03 1.11
CA LYS A 531 39.02 -36.36 0.71
C LYS A 531 39.35 -36.34 -0.77
N THR A 532 40.38 -37.09 -1.15
CA THR A 532 40.90 -37.04 -2.51
C THR A 532 39.88 -37.55 -3.51
N SER A 533 39.68 -36.79 -4.58
CA SER A 533 38.79 -37.20 -5.66
C SER A 533 39.52 -38.14 -6.62
N PRO A 534 38.78 -38.97 -7.37
CA PRO A 534 39.42 -39.90 -8.30
C PRO A 534 40.23 -39.20 -9.39
N ASP A 535 39.59 -38.28 -10.12
CA ASP A 535 40.28 -37.59 -11.21
C ASP A 535 39.60 -36.25 -11.47
N MET A 536 40.39 -35.18 -11.43
CA MET A 536 39.95 -33.84 -11.77
C MET A 536 41.19 -33.00 -12.03
N GLN A 537 40.99 -31.70 -12.28
CA GLN A 537 42.10 -30.81 -12.58
C GLN A 537 43.12 -30.80 -11.45
N SER A 538 44.40 -30.81 -11.83
CA SER A 538 45.46 -30.87 -10.83
C SER A 538 45.46 -29.64 -9.93
N TRP A 539 45.27 -28.45 -10.51
CA TRP A 539 45.24 -27.24 -9.71
C TRP A 539 44.04 -27.22 -8.78
N THR A 540 42.90 -27.76 -9.21
CA THR A 540 41.74 -27.85 -8.33
C THR A 540 42.02 -28.77 -7.16
N ASN A 541 42.70 -29.90 -7.41
CA ASN A 541 43.02 -30.83 -6.33
C ASN A 541 43.93 -30.19 -5.29
N ASP A 542 44.96 -29.46 -5.75
CA ASP A 542 45.87 -28.81 -4.82
C ASP A 542 45.16 -27.75 -4.01
N TYR A 543 44.29 -26.96 -4.64
CA TYR A 543 43.54 -25.95 -3.91
C TYR A 543 42.56 -26.57 -2.93
N LEU A 544 41.91 -27.68 -3.33
CA LEU A 544 40.92 -28.30 -2.46
C LEU A 544 41.56 -28.88 -1.20
N ARG A 545 42.78 -29.40 -1.31
CA ARG A 545 43.48 -29.91 -0.13
C ARG A 545 43.73 -28.80 0.88
N GLY A 546 44.12 -27.62 0.41
CA GLY A 546 44.34 -26.50 1.30
C GLY A 546 43.08 -26.02 2.00
N THR A 547 41.94 -26.11 1.32
CA THR A 547 40.69 -25.68 1.93
C THR A 547 40.26 -26.56 3.10
N GLY A 548 40.79 -27.77 3.19
CA GLY A 548 40.47 -28.66 4.28
C GLY A 548 41.23 -28.41 5.57
N MET A 549 42.17 -27.47 5.56
CA MET A 549 42.94 -27.14 6.74
C MET A 549 42.23 -26.10 7.59
N GLU A 550 42.24 -26.30 8.90
CA GLU A 550 41.66 -25.37 9.86
C GLU A 550 42.72 -25.02 10.89
N MET A 551 42.32 -24.21 11.87
CA MET A 551 43.19 -23.83 12.97
C MET A 551 42.69 -24.49 14.25
N TYR A 552 43.60 -25.14 14.97
CA TYR A 552 43.26 -25.85 16.20
C TYR A 552 44.26 -25.49 17.28
N THR A 553 43.79 -25.51 18.53
CA THR A 553 44.61 -25.24 19.70
C THR A 553 44.86 -26.53 20.44
N GLU A 554 46.12 -26.78 20.80
CA GLU A 554 46.48 -27.98 21.53
C GLU A 554 47.61 -27.65 22.50
N THR A 555 47.57 -28.25 23.68
CA THR A 555 48.63 -28.07 24.66
C THR A 555 49.89 -28.77 24.18
N LEU A 556 51.01 -28.06 24.22
CA LEU A 556 52.27 -28.63 23.77
C LEU A 556 52.76 -29.71 24.72
N SER A 557 53.45 -30.70 24.16
CA SER A 557 53.99 -31.78 24.97
C SER A 557 55.06 -31.27 25.92
N PRO A 558 55.22 -31.92 27.07
CA PRO A 558 56.30 -31.51 27.99
C PRO A 558 57.69 -31.64 27.40
N THR A 559 57.85 -32.45 26.35
CA THR A 559 59.15 -32.56 25.69
C THR A 559 59.59 -31.23 25.08
N PHE A 560 58.64 -30.39 24.70
CA PHE A 560 58.94 -29.10 24.08
C PHE A 560 59.44 -28.06 25.07
N ILE A 561 59.38 -28.32 26.37
CA ILE A 561 59.75 -27.33 27.37
C ILE A 561 61.26 -27.09 27.31
N GLY A 562 61.65 -25.82 27.25
CA GLY A 562 63.05 -25.43 27.28
C GLY A 562 63.69 -25.18 25.95
N ILE A 563 62.96 -25.32 24.85
CA ILE A 563 63.53 -25.11 23.51
C ILE A 563 62.90 -23.84 22.92
N PRO A 564 63.60 -23.15 22.03
CA PRO A 564 63.02 -21.96 21.41
C PRO A 564 61.88 -22.31 20.46
N PHE A 565 61.10 -21.30 20.11
CA PHE A 565 59.95 -21.51 19.23
C PHE A 565 60.38 -22.01 17.86
N ALA A 566 61.49 -21.49 17.35
CA ALA A 566 61.94 -21.86 16.01
C ALA A 566 62.22 -23.35 15.90
N GLN A 567 62.87 -23.92 16.93
CA GLN A 567 63.11 -25.35 16.93
C GLN A 567 61.82 -26.14 17.16
N ALA A 568 60.87 -25.57 17.91
CA ALA A 568 59.63 -26.27 18.19
C ALA A 568 58.78 -26.42 16.93
N THR A 569 58.62 -25.34 16.17
CA THR A 569 57.79 -25.41 14.96
C THR A 569 58.48 -26.21 13.86
N GLU A 570 59.81 -26.15 13.78
CA GLU A 570 60.53 -26.96 12.81
C GLU A 570 60.39 -28.44 13.12
N LEU A 571 60.47 -28.81 14.40
CA LEU A 571 60.30 -30.20 14.78
C LEU A 571 58.88 -30.69 14.49
N CYS A 572 57.87 -29.86 14.76
CA CYS A 572 56.50 -30.26 14.49
C CYS A 572 56.26 -30.47 13.01
N PHE A 573 56.82 -29.60 12.16
CA PHE A 573 56.64 -29.74 10.72
C PHE A 573 57.32 -30.99 10.19
N SER A 574 58.56 -31.25 10.64
CA SER A 574 59.31 -32.37 10.09
C SER A 574 58.80 -33.70 10.62
N LYS A 575 58.51 -33.78 11.92
CA LYS A 575 58.15 -35.04 12.54
C LYS A 575 56.64 -35.26 12.58
N LEU A 576 55.91 -34.34 13.18
CA LEU A 576 54.48 -34.50 13.39
C LEU A 576 53.64 -34.07 12.18
N LYS A 577 54.26 -33.49 11.15
CA LYS A 577 53.55 -33.00 9.97
C LYS A 577 52.47 -32.00 10.35
N LEU A 578 52.80 -31.11 11.29
CA LEU A 578 51.89 -30.08 11.74
C LEU A 578 52.57 -28.71 11.64
N LEU A 579 51.80 -27.69 11.31
CA LEU A 579 52.30 -26.34 11.17
C LEU A 579 51.93 -25.55 12.42
N LEU A 580 52.93 -25.19 13.21
CA LEU A 580 52.75 -24.39 14.41
C LEU A 580 53.19 -22.97 14.12
N LEU A 581 52.29 -22.00 14.32
CA LEU A 581 52.56 -20.61 13.97
C LEU A 581 52.50 -19.65 15.13
N ALA A 582 51.76 -19.96 16.20
CA ALA A 582 51.66 -19.05 17.32
C ALA A 582 51.55 -19.84 18.62
N ILE A 583 51.95 -19.20 19.71
CA ILE A 583 51.86 -19.77 21.05
C ILE A 583 51.30 -18.70 21.99
N GLU A 584 50.79 -19.16 23.13
CA GLU A 584 50.26 -18.28 24.16
C GLU A 584 51.30 -18.16 25.27
N ILE A 585 51.69 -16.93 25.59
CA ILE A 585 52.71 -16.65 26.59
C ILE A 585 52.07 -15.87 27.74
N LYS A 586 52.28 -16.35 28.96
CA LYS A 586 51.74 -15.69 30.14
C LYS A 586 52.59 -14.47 30.51
N SER A 594 48.50 -12.60 29.85
CA SER A 594 48.62 -13.58 28.77
C SER A 594 48.40 -12.95 27.41
N LYS A 595 49.33 -13.18 26.49
CA LYS A 595 49.24 -12.63 25.15
C LYS A 595 49.68 -13.69 24.14
N ILE A 596 49.20 -13.54 22.91
CA ILE A 596 49.48 -14.46 21.82
C ILE A 596 50.56 -13.85 20.93
N SER A 597 51.63 -14.61 20.70
CA SER A 597 52.73 -14.18 19.85
C SER A 597 52.75 -15.03 18.60
N ILE A 598 52.71 -14.38 17.44
CA ILE A 598 52.71 -15.06 16.15
C ILE A 598 54.14 -15.18 15.67
N ASN A 599 54.62 -16.41 15.54
CA ASN A 599 56.01 -16.70 15.16
C ASN A 599 57.00 -15.91 16.00
N PRO A 600 57.03 -16.10 17.32
CA PRO A 600 57.94 -15.33 18.16
C PRO A 600 59.39 -15.68 17.90
N ARG A 601 60.25 -14.69 18.11
CA ARG A 601 61.69 -14.86 17.92
C ARG A 601 62.36 -14.97 19.29
N GLY A 602 63.08 -16.07 19.51
CA GLY A 602 63.78 -16.28 20.76
C GLY A 602 62.87 -16.39 21.97
N ALA A 603 61.76 -17.09 21.83
CA ALA A 603 60.81 -17.31 22.92
C ALA A 603 60.82 -18.79 23.29
N LYS A 604 61.10 -19.07 24.56
CA LYS A 604 61.13 -20.45 25.03
C LYS A 604 59.72 -20.97 25.28
N ILE A 605 59.59 -22.30 25.25
CA ILE A 605 58.32 -22.96 25.49
C ILE A 605 58.21 -23.26 26.97
N GLN A 606 57.16 -22.76 27.62
CA GLN A 606 56.93 -22.99 29.03
C GLN A 606 56.06 -24.24 29.22
N ALA A 607 55.84 -24.60 30.48
CA ALA A 607 55.00 -25.75 30.80
C ALA A 607 53.54 -25.45 30.45
N ASN A 608 52.87 -26.46 29.87
CA ASN A 608 51.47 -26.34 29.50
C ASN A 608 51.22 -25.16 28.58
N THR A 609 52.14 -24.94 27.63
CA THR A 609 52.01 -23.84 26.68
C THR A 609 50.97 -24.20 25.63
N GLN A 610 50.04 -23.27 25.38
CA GLN A 610 49.01 -23.47 24.37
C GLN A 610 49.53 -23.01 23.01
N GLY A 611 49.47 -23.90 22.03
CA GLY A 611 49.96 -23.62 20.70
C GLY A 611 48.85 -23.66 19.67
N PHE A 612 49.00 -22.87 18.61
CA PHE A 612 48.05 -22.80 17.52
C PHE A 612 48.61 -23.54 16.32
N PHE A 613 47.83 -24.49 15.80
CA PHE A 613 48.28 -25.37 14.73
C PHE A 613 47.32 -25.29 13.55
N ILE A 614 47.87 -25.53 12.36
CA ILE A 614 47.10 -25.66 11.14
C ILE A 614 47.14 -27.12 10.72
N ALA A 615 45.98 -27.77 10.70
CA ALA A 615 45.90 -29.20 10.43
C ALA A 615 44.59 -29.50 9.73
N GLN A 616 44.50 -30.71 9.17
CA GLN A 616 43.30 -31.11 8.45
C GLN A 616 42.12 -31.30 9.39
N SER A 617 42.35 -31.80 10.61
CA SER A 617 41.27 -32.04 11.55
C SER A 617 41.84 -31.99 12.96
N ALA A 618 40.95 -32.05 13.95
CA ALA A 618 41.36 -31.99 15.34
C ALA A 618 42.10 -33.24 15.80
N ASP A 619 41.94 -34.35 15.07
CA ASP A 619 42.67 -35.57 15.41
C ASP A 619 44.16 -35.46 15.11
N GLU A 620 44.54 -34.59 14.16
CA GLU A 620 45.94 -34.45 13.80
C GLU A 620 46.74 -33.70 14.86
N VAL A 621 46.13 -32.67 15.48
CA VAL A 621 46.87 -31.87 16.45
C VAL A 621 47.07 -32.62 17.76
N LYS A 622 46.35 -33.71 17.98
CA LYS A 622 46.59 -34.52 19.17
C LYS A 622 47.96 -35.17 19.14
N ARG A 623 48.60 -35.27 17.97
CA ARG A 623 49.95 -35.80 17.88
C ARG A 623 50.93 -34.93 18.65
N ALA A 624 50.67 -33.62 18.73
CA ALA A 624 51.56 -32.72 19.46
C ALA A 624 51.58 -33.06 20.94
N TRP A 625 50.42 -33.39 21.51
CA TRP A 625 50.37 -33.72 22.93
C TRP A 625 51.00 -35.09 23.21
N PHE A 626 50.69 -36.08 22.39
CA PHE A 626 51.25 -37.43 22.54
C PHE A 626 52.56 -37.53 21.78
N TYR A 627 53.58 -36.86 22.30
CA TYR A 627 54.91 -36.86 21.69
C TYR A 627 55.97 -37.08 22.76
N CYS A 628 56.99 -37.85 22.40
CA CYS A 628 58.12 -38.11 23.29
C CYS A 628 59.35 -38.39 22.43
N LYS A 629 60.53 -38.23 23.05
CA LYS A 629 61.78 -38.50 22.35
C LYS A 629 61.87 -39.97 21.95
N ALA A 630 61.45 -40.88 22.84
CA ALA A 630 61.47 -42.30 22.56
C ALA A 630 60.40 -42.65 21.53
N MET A 778 55.92 11.99 18.81
CA MET A 778 54.60 12.12 18.20
C MET A 778 54.53 11.29 16.91
N LYS A 779 55.51 10.41 16.73
CA LYS A 779 55.57 9.59 15.52
C LYS A 779 54.55 8.47 15.53
N TYR A 780 54.26 7.90 16.70
CA TYR A 780 53.35 6.78 16.83
C TYR A 780 52.21 7.13 17.78
N ASP A 781 51.26 6.21 17.89
CA ASP A 781 50.11 6.39 18.76
C ASP A 781 50.49 6.06 20.21
N SER A 782 49.50 6.10 21.09
CA SER A 782 49.75 5.84 22.51
C SER A 782 50.25 4.42 22.73
N THR A 783 49.64 3.44 22.05
CA THR A 783 50.06 2.05 22.20
C THR A 783 51.36 1.75 21.46
N GLY A 784 51.77 2.61 20.53
CA GLY A 784 52.98 2.38 19.79
C GLY A 784 52.88 1.32 18.72
N MET A 785 51.67 1.00 18.26
CA MET A 785 51.47 -0.03 17.25
C MET A 785 51.18 0.53 15.86
N PHE A 786 50.91 1.82 15.75
CA PHE A 786 50.60 2.44 14.47
C PHE A 786 51.34 3.76 14.35
N HIS A 787 51.61 4.16 13.10
CA HIS A 787 52.19 5.46 12.84
C HIS A 787 51.16 6.55 13.09
N TRP A 788 51.64 7.75 13.41
CA TRP A 788 50.77 8.86 13.76
C TRP A 788 51.17 10.12 12.98
N SER A 789 50.18 10.97 12.74
CA SER A 789 50.36 12.24 12.04
C SER A 789 49.63 13.32 12.81
N PRO A 790 50.09 14.58 12.73
CA PRO A 790 49.48 15.66 13.51
C PRO A 790 48.20 16.22 12.88
N ALA A 791 47.25 15.32 12.62
CA ALA A 791 45.88 15.69 12.25
C ALA A 791 45.84 16.58 10.99
N LYS A 792 46.26 16.01 9.87
CA LYS A 792 46.16 16.71 8.60
C LYS A 792 44.70 16.88 8.20
N SER A 793 44.39 18.05 7.64
CA SER A 793 43.01 18.35 7.26
C SER A 793 42.66 17.70 5.93
N LEU A 794 41.35 17.56 5.69
CA LEU A 794 40.87 16.94 4.46
C LEU A 794 41.12 17.83 3.25
N GLU A 795 41.01 19.15 3.43
CA GLU A 795 41.17 20.06 2.30
C GLU A 795 42.57 19.98 1.72
N ASP A 796 43.59 19.85 2.57
CA ASP A 796 44.96 19.72 2.10
C ASP A 796 45.18 18.40 1.36
N CYS A 797 44.34 17.39 1.57
CA CYS A 797 44.49 16.11 0.92
C CYS A 797 43.69 15.99 -0.37
N ILE A 798 42.92 17.01 -0.74
CA ILE A 798 42.13 16.95 -1.96
C ILE A 798 43.02 17.27 -3.16
N LEU A 799 43.02 16.37 -4.14
CA LEU A 799 43.79 16.55 -5.37
C LEU A 799 42.85 16.44 -6.56
N ASP A 800 43.13 17.22 -7.60
CA ASP A 800 42.42 17.08 -8.86
C ASP A 800 43.23 16.21 -9.82
N ARG A 801 42.74 16.10 -11.05
CA ARG A 801 43.38 15.22 -12.02
C ARG A 801 44.79 15.68 -12.35
N ASN A 802 44.99 16.99 -12.51
CA ASN A 802 46.31 17.49 -12.82
C ASN A 802 47.28 17.27 -11.68
N GLN A 803 46.83 17.49 -10.44
CA GLN A 803 47.71 17.29 -9.29
C GLN A 803 48.13 15.82 -9.17
N ALA A 804 47.18 14.90 -9.36
CA ALA A 804 47.50 13.48 -9.25
C ALA A 804 48.33 13.00 -10.44
N ALA A 805 48.22 13.66 -11.58
CA ALA A 805 48.94 13.22 -12.77
C ALA A 805 50.42 13.56 -12.68
N MET A 806 50.78 14.69 -12.10
CA MET A 806 52.17 15.13 -12.06
C MET A 806 52.90 14.71 -10.78
N THR A 807 52.27 13.89 -9.94
CA THR A 807 52.94 13.31 -8.78
C THR A 807 53.17 11.82 -9.03
N VAL A 808 54.34 11.34 -8.62
CA VAL A 808 54.69 9.95 -8.83
C VAL A 808 53.96 9.07 -7.83
N LEU A 809 53.31 8.02 -8.32
CA LEU A 809 52.59 7.07 -7.48
C LEU A 809 52.95 5.66 -7.96
N ASN A 810 53.90 5.03 -7.28
CA ASN A 810 54.35 3.68 -7.62
C ASN A 810 54.23 2.80 -6.39
N GLY A 811 53.67 1.59 -6.59
CA GLY A 811 53.50 0.68 -5.48
C GLY A 811 52.48 1.14 -4.45
N HIS A 812 51.58 2.03 -4.83
CA HIS A 812 50.58 2.56 -3.91
C HIS A 812 49.35 1.66 -3.90
N VAL A 813 48.33 2.07 -3.13
CA VAL A 813 47.07 1.36 -3.04
C VAL A 813 45.96 2.32 -3.44
N VAL A 814 45.13 1.89 -4.38
CA VAL A 814 44.01 2.68 -4.87
C VAL A 814 42.71 2.07 -4.34
N VAL A 815 41.91 2.89 -3.68
CA VAL A 815 40.64 2.45 -3.10
C VAL A 815 39.52 3.05 -3.94
N CYS A 816 38.89 2.21 -4.76
CA CYS A 816 37.76 2.64 -5.58
C CYS A 816 36.49 2.57 -4.75
N LEU A 817 35.91 3.72 -4.45
CA LEU A 817 34.78 3.83 -3.53
C LEU A 817 33.53 4.24 -4.29
N PHE A 818 32.47 3.44 -4.16
CA PHE A 818 31.15 3.78 -4.68
C PHE A 818 30.26 4.09 -3.50
N ALA A 819 29.94 5.37 -3.31
CA ALA A 819 29.16 5.77 -2.15
C ALA A 819 28.45 7.08 -2.43
N ASP A 820 27.15 7.11 -2.17
CA ASP A 820 26.39 8.35 -2.19
C ASP A 820 26.74 9.18 -0.97
N PRO A 821 26.51 10.50 -1.01
CA PRO A 821 26.77 11.33 0.17
C PRO A 821 25.97 10.91 1.39
N ASP A 822 24.79 10.30 1.20
CA ASP A 822 23.95 9.85 2.29
C ASP A 822 24.10 8.36 2.57
N SER A 823 25.07 7.69 1.95
CA SER A 823 25.23 6.26 2.15
C SER A 823 25.72 5.97 3.57
N PRO A 824 25.34 4.82 4.13
CA PRO A 824 25.83 4.45 5.46
C PRO A 824 27.35 4.34 5.49
N LEU A 825 27.94 4.77 6.60
CA LEU A 825 29.38 4.79 6.72
C LEU A 825 29.94 3.38 6.82
N ILE A 826 31.05 3.15 6.14
CA ILE A 826 31.81 1.92 6.27
C ILE A 826 33.06 2.22 7.09
N GLY A 827 33.71 1.15 7.57
CA GLY A 827 34.89 1.33 8.38
C GLY A 827 36.14 1.64 7.58
N LEU A 828 36.17 2.80 6.94
CA LEU A 828 37.32 3.17 6.12
C LEU A 828 38.60 3.22 6.94
N ARG A 829 38.49 3.54 8.23
CA ARG A 829 39.65 3.48 9.11
C ARG A 829 40.16 2.06 9.28
N ASN A 830 39.26 1.07 9.26
CA ASN A 830 39.65 -0.32 9.41
C ASN A 830 40.43 -0.85 8.21
N LEU A 831 40.47 -0.11 7.10
CA LEU A 831 41.25 -0.50 5.94
C LEU A 831 42.62 0.15 5.88
N VAL A 832 42.76 1.36 6.42
CA VAL A 832 44.01 2.09 6.33
C VAL A 832 44.94 1.77 7.50
N MET A 833 44.39 1.63 8.71
CA MET A 833 45.25 1.37 9.87
C MET A 833 46.09 0.10 9.74
N PRO A 834 45.57 -1.03 9.25
CA PRO A 834 46.46 -2.19 9.04
C PRO A 834 47.62 -1.90 8.11
N LEU A 835 47.44 -0.97 7.17
CA LEU A 835 48.53 -0.54 6.30
C LEU A 835 49.46 0.47 6.96
N ARG A 836 49.12 0.95 8.15
CA ARG A 836 49.93 1.92 8.87
C ARG A 836 50.46 1.35 10.18
N ALA A 837 50.66 0.04 10.23
CA ALA A 837 51.16 -0.60 11.44
C ALA A 837 52.63 -0.23 11.67
N SER A 838 53.04 -0.31 12.94
CA SER A 838 54.42 -0.01 13.30
C SER A 838 55.41 -1.04 12.79
N ASN A 839 54.93 -2.17 12.27
CA ASN A 839 55.83 -3.18 11.70
C ASN A 839 56.55 -2.64 10.47
N PHE A 840 55.95 -1.70 9.76
CA PHE A 840 56.52 -1.16 8.54
C PHE A 840 57.27 0.13 8.84
N HIS A 841 58.45 0.27 8.22
CA HIS A 841 59.18 1.52 8.30
C HIS A 841 58.44 2.61 7.53
N TYR A 842 58.72 3.86 7.89
CA TYR A 842 58.03 4.98 7.24
C TYR A 842 58.31 5.04 5.75
N HIS A 843 59.52 4.64 5.33
CA HIS A 843 59.86 4.69 3.91
C HIS A 843 59.13 3.63 3.11
N GLU A 844 58.82 2.49 3.73
CA GLU A 844 58.16 1.39 3.04
C GLU A 844 56.64 1.43 3.17
N LEU A 845 56.08 2.45 3.81
CA LEU A 845 54.64 2.58 3.89
C LEU A 845 54.05 2.84 2.51
N LYS A 846 52.92 2.18 2.21
CA LYS A 846 52.27 2.30 0.91
C LYS A 846 51.33 3.49 0.92
N HIS A 847 51.47 4.36 -0.08
CA HIS A 847 50.57 5.49 -0.22
C HIS A 847 49.17 5.02 -0.56
N VAL A 848 48.17 5.65 0.06
CA VAL A 848 46.78 5.28 -0.12
C VAL A 848 46.05 6.47 -0.75
N VAL A 849 45.43 6.23 -1.90
CA VAL A 849 44.63 7.24 -2.60
C VAL A 849 43.22 6.70 -2.74
N ILE A 850 42.24 7.52 -2.32
CA ILE A 850 40.84 7.13 -2.34
C ILE A 850 40.15 7.89 -3.46
N VAL A 851 39.49 7.17 -4.35
CA VAL A 851 38.76 7.75 -5.47
C VAL A 851 37.27 7.63 -5.15
N GLY A 852 36.62 8.77 -4.95
CA GLY A 852 35.21 8.76 -4.62
C GLY A 852 34.72 10.17 -4.34
N SER A 853 33.47 10.25 -3.91
CA SER A 853 32.87 11.55 -3.63
C SER A 853 33.43 12.11 -2.32
N VAL A 854 33.89 13.36 -2.37
CA VAL A 854 34.46 14.00 -1.19
C VAL A 854 33.40 14.17 -0.11
N ASP A 855 32.13 14.35 -0.50
CA ASP A 855 31.07 14.52 0.47
C ASP A 855 30.94 13.32 1.40
N TYR A 856 31.05 12.10 0.85
CA TYR A 856 31.02 10.91 1.68
C TYR A 856 32.28 10.79 2.53
N ILE A 857 33.46 11.01 1.92
CA ILE A 857 34.71 10.90 2.65
C ILE A 857 34.83 11.96 3.73
N ARG A 858 34.11 13.08 3.60
CA ARG A 858 34.14 14.11 4.63
C ARG A 858 33.62 13.56 5.96
N ARG A 859 32.55 12.77 5.91
CA ARG A 859 32.04 12.16 7.13
C ARG A 859 32.99 11.10 7.69
N GLU A 860 33.84 10.54 6.83
CA GLU A 860 34.78 9.50 7.24
C GLU A 860 36.14 10.04 7.64
N TRP A 861 36.38 11.35 7.51
CA TRP A 861 37.70 11.90 7.75
C TRP A 861 38.04 12.05 9.23
N LYS A 862 37.06 11.87 10.13
CA LYS A 862 37.34 12.03 11.55
C LYS A 862 38.37 11.02 12.03
N MET A 863 38.29 9.79 11.54
CA MET A 863 39.22 8.74 11.94
C MET A 863 40.42 8.60 11.02
N LEU A 864 40.54 9.46 10.00
CA LEU A 864 41.65 9.40 9.07
C LEU A 864 42.56 10.62 9.15
N GLN A 865 42.34 11.52 10.11
CA GLN A 865 43.15 12.73 10.21
C GLN A 865 44.61 12.41 10.51
N ASN A 866 44.85 11.49 11.43
CA ASN A 866 46.18 11.23 11.95
C ASN A 866 46.91 10.10 11.22
N LEU A 867 46.33 9.57 10.14
CA LEU A 867 46.98 8.53 9.37
C LEU A 867 47.82 9.15 8.27
N PRO A 868 49.13 8.90 8.22
CA PRO A 868 49.97 9.55 7.22
C PRO A 868 49.76 8.99 5.82
N LYS A 869 50.12 9.81 4.83
CA LYS A 869 50.14 9.41 3.42
C LYS A 869 48.76 8.94 2.94
N ILE A 870 47.80 9.87 2.99
CA ILE A 870 46.45 9.62 2.50
C ILE A 870 46.08 10.73 1.53
N SER A 871 45.63 10.35 0.34
CA SER A 871 45.21 11.29 -0.69
C SER A 871 43.78 10.97 -1.11
N VAL A 872 43.02 12.01 -1.40
CA VAL A 872 41.63 11.89 -1.83
C VAL A 872 41.47 12.56 -3.18
N LEU A 873 40.93 11.83 -4.15
CA LEU A 873 40.68 12.34 -5.49
C LEU A 873 39.18 12.30 -5.75
N ASN A 874 38.58 13.47 -6.01
CA ASN A 874 37.16 13.52 -6.30
C ASN A 874 36.90 12.98 -7.70
N GLY A 875 35.74 12.33 -7.85
CA GLY A 875 35.31 11.76 -9.10
C GLY A 875 34.80 10.36 -8.91
N SER A 876 34.68 9.62 -10.02
CA SER A 876 34.19 8.26 -9.99
C SER A 876 35.26 7.30 -10.50
N PRO A 877 35.42 6.14 -9.86
CA PRO A 877 36.41 5.16 -10.35
C PRO A 877 36.08 4.57 -11.71
N LEU A 878 34.84 4.73 -12.19
CA LEU A 878 34.49 4.19 -13.49
C LEU A 878 35.17 4.95 -14.63
N SER A 879 35.38 6.24 -14.45
CA SER A 879 35.98 7.05 -15.50
C SER A 879 37.45 6.66 -15.71
N ARG A 880 37.85 6.51 -16.97
CA ARG A 880 39.22 6.12 -17.27
C ARG A 880 40.19 7.27 -17.04
N ALA A 881 39.72 8.52 -17.15
CA ALA A 881 40.59 9.66 -16.92
C ALA A 881 41.08 9.72 -15.47
N ASP A 882 40.18 9.47 -14.52
CA ASP A 882 40.58 9.45 -13.12
C ASP A 882 41.54 8.31 -12.82
N LEU A 883 41.29 7.14 -13.42
CA LEU A 883 42.13 5.98 -13.16
C LEU A 883 43.54 6.18 -13.72
N ARG A 884 43.66 6.85 -14.87
CA ARG A 884 44.99 7.11 -15.42
C ARG A 884 45.73 8.15 -14.60
N ALA A 885 45.01 9.06 -13.95
CA ALA A 885 45.67 10.07 -13.12
C ALA A 885 46.39 9.44 -11.94
N VAL A 886 45.77 8.44 -11.30
CA VAL A 886 46.35 7.81 -10.12
C VAL A 886 47.27 6.64 -10.48
N ASN A 887 47.46 6.35 -11.77
CA ASN A 887 48.38 5.31 -12.23
C ASN A 887 48.01 3.95 -11.64
N VAL A 888 46.81 3.48 -12.00
CA VAL A 888 46.35 2.18 -11.53
C VAL A 888 47.21 1.04 -12.07
N ASN A 889 47.90 1.27 -13.21
CA ASN A 889 48.77 0.24 -13.76
C ASN A 889 49.99 0.00 -12.89
N LEU A 890 50.39 0.97 -12.07
CA LEU A 890 51.54 0.83 -11.19
C LEU A 890 51.16 0.61 -9.73
N CYS A 891 49.88 0.55 -9.41
CA CYS A 891 49.45 0.36 -8.03
C CYS A 891 49.74 -1.05 -7.57
N ASP A 892 49.98 -1.19 -6.26
CA ASP A 892 50.23 -2.50 -5.69
C ASP A 892 48.94 -3.32 -5.53
N MET A 893 47.81 -2.64 -5.36
CA MET A 893 46.52 -3.31 -5.24
C MET A 893 45.41 -2.28 -5.42
N CYS A 894 44.40 -2.65 -6.18
CA CYS A 894 43.22 -1.83 -6.40
C CYS A 894 42.03 -2.49 -5.72
N CYS A 895 41.40 -1.79 -4.79
CA CYS A 895 40.28 -2.29 -4.02
C CYS A 895 39.00 -1.61 -4.47
N ILE A 896 37.98 -2.38 -4.79
CA ILE A 896 36.69 -1.88 -5.23
C ILE A 896 35.68 -2.17 -4.12
N LEU A 897 35.17 -1.12 -3.49
CA LEU A 897 34.20 -1.24 -2.42
C LEU A 897 33.01 -0.35 -2.73
N SER A 898 31.81 -0.82 -2.34
CA SER A 898 30.58 -0.07 -2.54
C SER A 898 29.87 0.08 -1.20
N ALA A 899 29.58 1.32 -0.84
CA ALA A 899 28.84 1.62 0.38
C ALA A 899 27.38 1.93 0.13
N LYS A 900 26.93 1.88 -1.12
CA LYS A 900 25.55 2.21 -1.44
C LYS A 900 24.61 1.11 -0.95
N VAL A 901 23.43 1.52 -0.50
CA VAL A 901 22.40 0.59 -0.05
C VAL A 901 21.88 -0.18 -1.26
N PRO A 902 21.50 -1.46 -1.10
CA PRO A 902 20.99 -2.22 -2.25
C PRO A 902 19.51 -1.91 -2.47
N SER A 903 19.15 -1.66 -3.73
CA SER A 903 17.76 -1.36 -4.08
C SER A 903 16.85 -2.56 -3.91
N ASN A 904 17.39 -3.77 -3.79
CA ASN A 904 16.65 -5.00 -3.60
C ASN A 904 15.71 -5.30 -4.77
N ASP A 905 15.93 -4.63 -5.91
CA ASP A 905 15.12 -4.92 -7.09
C ASP A 905 15.47 -6.27 -7.69
N ASP A 906 16.75 -6.59 -7.77
CA ASP A 906 17.22 -7.85 -8.31
C ASP A 906 18.59 -8.20 -7.74
N PRO A 907 18.78 -9.43 -7.26
CA PRO A 907 20.11 -9.80 -6.73
C PRO A 907 21.23 -9.70 -7.74
N THR A 908 20.95 -9.97 -9.02
CA THR A 908 21.99 -9.91 -10.04
C THR A 908 22.42 -8.49 -10.37
N LEU A 909 21.60 -7.49 -10.03
CA LEU A 909 21.91 -6.09 -10.29
C LEU A 909 22.53 -5.39 -9.09
N ALA A 910 22.77 -6.10 -7.99
CA ALA A 910 23.29 -5.47 -6.79
C ALA A 910 24.73 -5.01 -6.97
N ASP A 911 25.54 -5.80 -7.66
CA ASP A 911 26.95 -5.51 -7.86
C ASP A 911 27.24 -4.97 -9.26
N LYS A 912 26.30 -4.19 -9.83
CA LYS A 912 26.47 -3.69 -11.19
C LYS A 912 27.67 -2.75 -11.28
N GLU A 913 27.83 -1.85 -10.31
CA GLU A 913 28.93 -0.89 -10.36
C GLU A 913 30.27 -1.56 -10.11
N ALA A 914 30.33 -2.49 -9.16
CA ALA A 914 31.58 -3.16 -8.86
C ALA A 914 32.05 -4.03 -10.03
N ILE A 915 31.13 -4.73 -10.68
CA ILE A 915 31.49 -5.57 -11.82
C ILE A 915 31.95 -4.71 -12.99
N LEU A 916 31.25 -3.60 -13.26
CA LEU A 916 31.64 -2.72 -14.36
C LEU A 916 33.01 -2.12 -14.13
N ALA A 917 33.31 -1.71 -12.89
CA ALA A 917 34.62 -1.14 -12.59
C ALA A 917 35.73 -2.17 -12.80
N SER A 918 35.48 -3.42 -12.39
CA SER A 918 36.49 -4.46 -12.57
C SER A 918 36.74 -4.74 -14.05
N LEU A 919 35.67 -4.80 -14.84
CA LEU A 919 35.83 -5.06 -16.27
C LEU A 919 36.48 -3.90 -17.00
N ASN A 920 36.21 -2.67 -16.55
CA ASN A 920 36.81 -1.50 -17.20
C ASN A 920 38.32 -1.51 -17.05
N ILE A 921 38.83 -1.86 -15.87
CA ILE A 921 40.27 -1.89 -15.65
C ILE A 921 40.90 -3.03 -16.44
N LYS A 922 40.21 -4.16 -16.55
CA LYS A 922 40.76 -5.31 -17.26
C LYS A 922 41.02 -4.99 -18.73
N ALA A 923 40.11 -4.25 -19.36
CA ALA A 923 40.26 -3.88 -20.76
C ALA A 923 41.10 -2.61 -20.95
N MET A 924 41.55 -2.00 -19.87
CA MET A 924 42.35 -0.78 -19.98
C MET A 924 43.72 -1.09 -20.59
N THR A 925 44.24 -0.12 -21.35
CA THR A 925 45.53 -0.25 -22.01
C THR A 925 46.41 0.92 -21.63
N PHE A 926 47.65 0.62 -21.24
CA PHE A 926 48.61 1.63 -20.82
C PHE A 926 49.86 1.53 -21.68
N ASP A 927 50.42 2.68 -22.04
CA ASP A 927 51.62 2.73 -22.87
C ASP A 927 52.86 2.37 -22.04
N VAL A 959 51.77 -2.31 -21.42
CA VAL A 959 51.25 -3.02 -20.25
C VAL A 959 49.73 -2.96 -20.22
N TYR A 960 49.11 -4.13 -20.24
CA TYR A 960 47.65 -4.22 -20.22
C TYR A 960 47.11 -3.99 -18.82
N GLY A 961 45.81 -3.68 -18.75
CA GLY A 961 45.14 -3.55 -17.48
C GLY A 961 44.70 -4.86 -16.85
N ALA A 962 44.80 -5.97 -17.60
CA ALA A 962 44.43 -7.26 -17.06
C ALA A 962 45.44 -7.77 -16.02
N ASN A 963 46.65 -7.22 -16.02
CA ASN A 963 47.67 -7.59 -15.05
C ASN A 963 47.61 -6.75 -13.79
N VAL A 964 46.66 -5.82 -13.70
CA VAL A 964 46.53 -5.01 -12.49
C VAL A 964 45.93 -5.86 -11.37
N PRO A 965 46.58 -5.96 -10.22
CA PRO A 965 46.01 -6.74 -9.11
C PRO A 965 44.77 -6.05 -8.56
N MET A 966 43.66 -6.79 -8.50
CA MET A 966 42.39 -6.23 -8.10
C MET A 966 41.74 -7.12 -7.05
N ILE A 967 41.07 -6.48 -6.10
CA ILE A 967 40.22 -7.16 -5.13
C ILE A 967 38.86 -6.47 -5.12
N THR A 968 37.79 -7.27 -5.20
CA THR A 968 36.43 -6.76 -5.22
C THR A 968 35.60 -7.44 -4.14
N GLU A 969 34.82 -6.66 -3.41
CA GLU A 969 33.88 -7.19 -2.43
C GLU A 969 32.48 -7.18 -3.02
N LEU A 970 31.78 -8.31 -2.88
CA LEU A 970 30.45 -8.49 -3.44
C LEU A 970 29.41 -8.51 -2.34
N VAL A 971 28.35 -7.72 -2.50
CA VAL A 971 27.24 -7.77 -1.57
C VAL A 971 26.36 -9.00 -1.82
N ASN A 972 26.49 -9.62 -2.98
CA ASN A 972 25.79 -10.85 -3.31
C ASN A 972 26.79 -11.84 -3.90
N ASP A 973 26.99 -12.96 -3.21
CA ASP A 973 28.04 -13.91 -3.62
C ASP A 973 27.72 -14.58 -4.95
N GLY A 974 26.47 -14.53 -5.40
CA GLY A 974 26.12 -15.13 -6.68
C GLY A 974 26.58 -14.35 -7.88
N ASN A 975 27.05 -13.12 -7.69
CA ASN A 975 27.55 -12.29 -8.78
C ASN A 975 29.00 -12.55 -9.10
N VAL A 976 29.65 -13.47 -8.40
CA VAL A 976 31.05 -13.82 -8.68
C VAL A 976 31.22 -14.45 -10.05
N GLN A 977 30.14 -14.91 -10.67
CA GLN A 977 30.22 -15.53 -11.99
C GLN A 977 30.64 -14.55 -13.07
N PHE A 978 30.38 -13.25 -12.88
CA PHE A 978 30.70 -12.24 -13.88
C PHE A 978 32.09 -11.65 -13.70
N LEU A 979 32.80 -11.98 -12.63
CA LEU A 979 34.11 -11.38 -12.39
C LEU A 979 35.16 -11.93 -13.35
N ASP A 980 35.06 -13.21 -13.70
CA ASP A 980 36.00 -13.84 -14.61
C ASP A 980 35.27 -14.33 -15.85
N GLN A 981 36.00 -14.44 -16.95
CA GLN A 981 35.43 -14.86 -18.22
C GLN A 981 35.85 -16.25 -18.67
N ASP A 982 37.06 -16.68 -18.33
CA ASP A 982 37.57 -17.98 -18.77
C ASP A 982 37.33 -19.04 -17.69
N ASP A 983 36.07 -19.22 -17.33
CA ASP A 983 35.69 -20.24 -16.36
C ASP A 983 34.24 -20.64 -16.57
N ASP A 984 33.87 -21.76 -15.99
CA ASP A 984 32.50 -22.26 -16.05
C ASP A 984 31.76 -21.88 -14.77
N ASP A 985 30.63 -21.19 -14.93
CA ASP A 985 29.85 -20.69 -13.81
C ASP A 985 28.62 -21.56 -13.62
N ASP A 986 28.36 -21.96 -12.38
CA ASP A 986 27.23 -22.80 -12.05
C ASP A 986 26.56 -22.24 -10.81
N PRO A 987 25.24 -21.99 -10.86
CA PRO A 987 24.61 -21.16 -9.81
C PRO A 987 24.74 -21.68 -8.40
N ASP A 988 24.65 -22.99 -8.17
CA ASP A 988 24.64 -23.51 -6.81
C ASP A 988 26.03 -23.88 -6.30
N THR A 989 27.08 -23.59 -7.06
CA THR A 989 28.43 -23.79 -6.55
C THR A 989 28.72 -22.84 -5.41
N GLU A 990 29.41 -23.34 -4.38
CA GLU A 990 29.77 -22.51 -3.24
C GLU A 990 30.81 -21.46 -3.65
N LEU A 991 30.83 -20.36 -2.90
CA LEU A 991 31.72 -19.25 -3.24
C LEU A 991 33.18 -19.67 -3.14
N TYR A 992 33.54 -20.43 -2.11
CA TYR A 992 34.93 -20.82 -1.93
C TYR A 992 35.42 -21.77 -3.02
N LEU A 993 34.51 -22.39 -3.76
CA LEU A 993 34.88 -23.27 -4.86
C LEU A 993 35.04 -22.55 -6.19
N THR A 994 34.67 -21.28 -6.26
CA THR A 994 34.74 -20.54 -7.51
C THR A 994 36.16 -20.09 -7.81
N GLN A 995 36.46 -19.95 -9.10
CA GLN A 995 37.80 -19.52 -9.52
C GLN A 995 38.16 -18.13 -9.01
N PRO A 996 37.31 -17.11 -9.10
CA PRO A 996 37.72 -15.79 -8.59
C PRO A 996 38.07 -15.78 -7.12
N PHE A 997 37.36 -16.57 -6.30
CA PHE A 997 37.69 -16.63 -4.88
C PHE A 997 38.99 -17.39 -4.64
N ALA A 998 39.19 -18.49 -5.37
CA ALA A 998 40.41 -19.28 -5.22
C ALA A 998 41.65 -18.49 -5.61
N CYS A 999 41.51 -17.49 -6.48
CA CYS A 999 42.63 -16.66 -6.90
C CYS A 999 42.81 -15.41 -6.06
N GLY A 1000 42.02 -15.23 -5.01
CA GLY A 1000 42.14 -14.06 -4.18
C GLY A 1000 41.66 -12.78 -4.81
N THR A 1001 40.74 -12.87 -5.77
CA THR A 1001 40.21 -11.71 -6.46
C THR A 1001 38.90 -11.21 -5.88
N ALA A 1002 38.01 -12.12 -5.46
CA ALA A 1002 36.72 -11.76 -4.92
C ALA A 1002 36.68 -12.01 -3.42
N PHE A 1003 35.80 -11.28 -2.74
CA PHE A 1003 35.59 -11.45 -1.31
C PHE A 1003 34.15 -11.11 -0.98
N ALA A 1004 33.63 -11.74 0.07
CA ALA A 1004 32.27 -11.49 0.53
C ALA A 1004 32.19 -11.75 2.02
N VAL A 1005 31.20 -11.14 2.68
CA VAL A 1005 31.03 -11.32 4.11
C VAL A 1005 30.39 -12.65 4.47
N SER A 1006 29.87 -13.39 3.48
CA SER A 1006 29.27 -14.69 3.75
C SER A 1006 30.29 -15.72 4.23
N VAL A 1007 31.57 -15.53 3.91
CA VAL A 1007 32.60 -16.47 4.37
C VAL A 1007 33.00 -16.24 5.82
N LEU A 1008 32.52 -15.18 6.45
CA LEU A 1008 32.84 -14.87 7.84
C LEU A 1008 31.78 -15.37 8.81
N ASP A 1009 30.75 -16.07 8.31
CA ASP A 1009 29.68 -16.55 9.19
C ASP A 1009 30.15 -17.66 10.13
N SER A 1010 31.21 -18.37 9.78
CA SER A 1010 31.71 -19.45 10.61
C SER A 1010 32.58 -18.96 11.77
N LEU A 1011 32.87 -17.65 11.83
CA LEU A 1011 33.72 -17.14 12.89
C LEU A 1011 33.05 -17.24 14.26
N MET A 1012 31.72 -17.05 14.31
CA MET A 1012 31.04 -17.07 15.60
C MET A 1012 31.07 -18.45 16.22
N SER A 1013 30.92 -19.51 15.42
CA SER A 1013 31.08 -20.86 15.95
C SER A 1013 32.52 -21.10 16.43
N THR A 1014 33.50 -20.61 15.66
CA THR A 1014 34.89 -20.76 16.06
C THR A 1014 35.18 -19.99 17.35
N THR A 1015 34.62 -18.79 17.48
CA THR A 1015 34.89 -17.96 18.65
C THR A 1015 34.37 -18.61 19.92
N TYR A 1016 33.19 -19.24 19.86
CA TYR A 1016 32.63 -19.87 21.06
C TYR A 1016 33.52 -20.99 21.58
N PHE A 1017 34.03 -21.83 20.68
CA PHE A 1017 34.82 -22.97 21.12
C PHE A 1017 36.18 -22.54 21.65
N ASN A 1018 36.76 -21.47 21.11
CA ASN A 1018 38.05 -20.97 21.59
C ASN A 1018 38.06 -19.46 21.44
N GLN A 1019 38.04 -18.74 22.57
CA GLN A 1019 38.10 -17.29 22.51
C GLN A 1019 39.42 -16.80 21.94
N ASN A 1020 40.52 -17.48 22.28
CA ASN A 1020 41.83 -17.08 21.78
C ASN A 1020 41.94 -17.19 20.27
N ALA A 1021 41.08 -17.99 19.62
CA ALA A 1021 41.11 -18.09 18.17
C ALA A 1021 40.77 -16.75 17.52
N LEU A 1022 39.76 -16.05 18.04
CA LEU A 1022 39.40 -14.74 17.51
C LEU A 1022 40.49 -13.71 17.79
N THR A 1023 41.16 -13.82 18.94
CA THR A 1023 42.25 -12.90 19.24
C THR A 1023 43.38 -13.03 18.25
N LEU A 1024 43.71 -14.26 17.84
CA LEU A 1024 44.77 -14.47 16.86
C LEU A 1024 44.41 -13.86 15.52
N ILE A 1025 43.14 -14.00 15.10
CA ILE A 1025 42.71 -13.45 13.82
C ILE A 1025 42.83 -11.93 13.83
N ARG A 1026 42.35 -11.29 14.90
CA ARG A 1026 42.36 -9.84 14.96
C ARG A 1026 43.78 -9.29 14.98
N SER A 1027 44.68 -9.93 15.73
CA SER A 1027 46.08 -9.49 15.72
C SER A 1027 46.74 -9.74 14.38
N LEU A 1028 46.26 -10.73 13.63
CA LEU A 1028 46.87 -11.06 12.34
C LEU A 1028 46.47 -10.07 11.25
N ILE A 1029 45.23 -9.58 11.28
CA ILE A 1029 44.69 -8.80 10.18
C ILE A 1029 44.57 -7.31 10.48
N THR A 1030 44.50 -6.91 11.76
CA THR A 1030 44.37 -5.51 12.09
C THR A 1030 45.72 -4.84 12.34
N GLY A 1031 46.82 -5.57 12.21
CA GLY A 1031 48.12 -5.01 12.50
C GLY A 1031 48.44 -4.86 13.97
N GLY A 1032 47.58 -5.40 14.84
CA GLY A 1032 47.76 -5.28 16.28
C GLY A 1032 46.85 -4.22 16.86
N ALA A 1033 45.72 -4.65 17.43
CA ALA A 1033 44.72 -3.75 18.01
C ALA A 1033 44.46 -4.21 19.43
N THR A 1034 45.26 -3.70 20.37
CA THR A 1034 45.12 -4.08 21.77
C THR A 1034 43.82 -3.51 22.32
N PRO A 1035 43.28 -4.15 23.37
CA PRO A 1035 42.04 -3.63 23.98
C PRO A 1035 42.18 -2.21 24.50
N GLU A 1036 43.37 -1.81 24.94
CA GLU A 1036 43.57 -0.42 25.36
C GLU A 1036 43.40 0.55 24.20
N LEU A 1037 43.81 0.15 23.00
CA LEU A 1037 43.60 1.01 21.83
C LEU A 1037 42.12 1.20 21.55
N GLU A 1038 41.33 0.13 21.68
CA GLU A 1038 39.88 0.25 21.48
C GLU A 1038 39.23 1.13 22.55
N LEU A 1039 39.75 1.09 23.78
CA LEU A 1039 39.22 1.95 24.82
C LEU A 1039 39.43 3.41 24.49
N ILE A 1040 40.61 3.76 23.97
CA ILE A 1040 40.88 5.15 23.59
C ILE A 1040 39.97 5.57 22.44
N LEU A 1041 39.79 4.69 21.45
CA LEU A 1041 38.92 5.01 20.33
C LEU A 1041 37.46 5.16 20.76
N ALA A 1042 37.04 4.40 21.76
CA ALA A 1042 35.66 4.48 22.22
C ALA A 1042 35.34 5.80 22.92
N GLU A 1043 36.37 6.56 23.30
CA GLU A 1043 36.13 7.84 23.95
C GLU A 1043 35.45 8.82 23.00
N GLY A 1044 35.85 8.81 21.72
CA GLY A 1044 35.28 9.70 20.73
C GLY A 1044 36.19 10.81 20.26
N ALA A 1045 37.45 10.84 20.72
CA ALA A 1045 38.41 11.87 20.32
C ALA A 1045 39.28 11.43 19.15
N GLY A 1046 39.02 10.26 18.58
CA GLY A 1046 39.83 9.77 17.48
C GLY A 1046 41.15 9.18 17.95
N LEU A 1047 42.01 8.92 16.97
CA LEU A 1047 43.34 8.38 17.27
C LEU A 1047 44.16 9.39 18.06
N ARG A 1048 44.82 8.91 19.10
CA ARG A 1048 45.61 9.75 20.00
C ARG A 1048 47.08 9.35 19.89
N GLY A 1049 47.94 10.34 19.65
CA GLY A 1049 49.35 10.08 19.56
C GLY A 1049 50.01 9.98 20.92
N GLY A 1050 51.30 9.65 20.90
CA GLY A 1050 52.06 9.52 22.12
C GLY A 1050 53.54 9.64 21.87
N TYR A 1051 54.28 9.93 22.93
CA TYR A 1051 55.72 10.09 22.86
C TYR A 1051 56.39 8.73 23.00
N SER A 1052 57.35 8.45 22.11
CA SER A 1052 58.01 7.16 22.10
C SER A 1052 58.86 6.98 23.35
N THR A 1053 58.74 5.82 23.98
CA THR A 1053 59.48 5.47 25.19
C THR A 1053 60.31 4.23 24.93
N VAL A 1054 60.92 3.69 25.99
CA VAL A 1054 61.82 2.55 25.84
C VAL A 1054 61.06 1.32 25.35
N GLU A 1055 59.91 1.03 25.98
CA GLU A 1055 59.13 -0.14 25.58
C GLU A 1055 58.34 0.14 24.30
N SER A 1056 57.96 1.39 24.06
CA SER A 1056 57.08 1.70 22.94
C SER A 1056 57.72 1.32 21.61
N LEU A 1057 59.04 1.44 21.52
CA LEU A 1057 59.75 0.99 20.32
C LEU A 1057 59.90 -0.52 20.28
N SER A 1058 59.79 -1.20 21.43
CA SER A 1058 59.86 -2.66 21.44
C SER A 1058 58.55 -3.29 20.96
N ASN A 1059 57.44 -2.56 21.01
CA ASN A 1059 56.19 -3.07 20.45
C ASN A 1059 56.25 -3.19 18.93
N ARG A 1060 57.19 -2.48 18.29
CA ARG A 1060 57.35 -2.58 16.85
C ARG A 1060 57.94 -3.90 16.41
N ASP A 1061 58.47 -4.70 17.34
CA ASP A 1061 59.12 -5.97 17.00
C ASP A 1061 58.09 -7.09 17.09
N ARG A 1062 57.46 -7.37 15.96
CA ARG A 1062 56.52 -8.50 15.86
C ARG A 1062 56.45 -8.92 14.40
N CYS A 1063 55.94 -10.13 14.19
CA CYS A 1063 55.87 -10.66 12.83
C CYS A 1063 54.76 -9.98 12.05
N ARG A 1064 54.94 -9.94 10.73
CA ARG A 1064 53.98 -9.32 9.81
C ARG A 1064 53.75 -10.25 8.63
N VAL A 1065 52.59 -10.08 8.00
CA VAL A 1065 52.24 -10.88 6.84
C VAL A 1065 52.94 -10.32 5.61
N GLY A 1066 53.62 -11.19 4.86
CA GLY A 1066 54.33 -10.78 3.67
C GLY A 1066 54.36 -11.88 2.65
N GLN A 1067 54.81 -11.52 1.45
CA GLN A 1067 54.93 -12.45 0.34
C GLN A 1067 56.32 -12.34 -0.27
N ILE A 1068 56.91 -13.48 -0.62
CA ILE A 1068 58.24 -13.52 -1.22
C ILE A 1068 58.16 -14.32 -2.51
N SER A 1069 59.14 -14.08 -3.38
CA SER A 1069 59.22 -14.74 -4.68
C SER A 1069 60.49 -15.59 -4.73
N LEU A 1070 60.36 -16.77 -5.33
CA LEU A 1070 61.46 -17.71 -5.48
C LEU A 1070 62.24 -17.50 -6.77
N TYR A 1071 61.91 -16.46 -7.55
CA TYR A 1071 62.55 -16.25 -8.84
C TYR A 1071 64.03 -15.93 -8.69
N ASP A 1072 64.39 -15.16 -7.67
CA ASP A 1072 65.78 -14.76 -7.47
C ASP A 1072 66.06 -14.64 -5.98
N GLY A 1073 67.35 -14.66 -5.65
CA GLY A 1073 67.77 -14.54 -4.27
C GLY A 1073 68.35 -15.83 -3.72
N PRO A 1074 68.76 -15.81 -2.45
CA PRO A 1074 69.32 -17.02 -1.83
C PRO A 1074 68.34 -18.18 -1.80
N LEU A 1075 67.04 -17.91 -1.69
CA LEU A 1075 66.03 -18.96 -1.64
C LEU A 1075 65.63 -19.45 -3.03
N ALA A 1076 66.15 -18.85 -4.09
CA ALA A 1076 65.78 -19.26 -5.44
C ALA A 1076 66.27 -20.65 -5.80
N GLN A 1077 67.23 -21.19 -5.05
CA GLN A 1077 67.72 -22.54 -5.35
C GLN A 1077 66.64 -23.60 -5.14
N PHE A 1078 65.78 -23.42 -4.14
CA PHE A 1078 64.71 -24.38 -3.90
C PHE A 1078 63.64 -24.32 -4.98
N GLY A 1079 63.48 -23.18 -5.66
CA GLY A 1079 62.49 -23.09 -6.72
C GLY A 1079 62.85 -23.96 -7.91
N GLU A 1080 64.13 -24.05 -8.25
CA GLU A 1080 64.54 -24.83 -9.42
C GLU A 1080 64.29 -26.32 -9.21
N CYS A 1081 64.73 -26.87 -8.08
CA CYS A 1081 64.52 -28.29 -7.81
C CYS A 1081 63.09 -28.55 -7.35
N GLY A 1082 62.68 -27.93 -6.25
CA GLY A 1082 61.32 -28.04 -5.79
C GLY A 1082 61.10 -28.99 -4.62
N LYS A 1083 61.02 -28.44 -3.41
CA LYS A 1083 60.67 -29.23 -2.24
C LYS A 1083 60.20 -28.25 -1.16
N TYR A 1084 58.93 -28.35 -0.79
CA TYR A 1084 58.38 -27.41 0.20
C TYR A 1084 59.02 -27.60 1.56
N GLY A 1085 59.28 -28.85 1.95
CA GLY A 1085 59.89 -29.09 3.25
C GLY A 1085 61.26 -28.47 3.39
N ASP A 1086 62.07 -28.57 2.34
CA ASP A 1086 63.41 -27.97 2.37
C ASP A 1086 63.34 -26.45 2.45
N LEU A 1087 62.42 -25.84 1.70
CA LEU A 1087 62.27 -24.40 1.74
C LEU A 1087 61.80 -23.91 3.10
N PHE A 1088 60.86 -24.64 3.72
CA PHE A 1088 60.35 -24.24 5.02
C PHE A 1088 61.44 -24.24 6.08
N VAL A 1089 62.28 -25.28 6.09
CA VAL A 1089 63.33 -25.36 7.09
C VAL A 1089 64.39 -24.30 6.87
N ALA A 1090 64.82 -24.12 5.61
CA ALA A 1090 65.89 -23.17 5.32
C ALA A 1090 65.47 -21.74 5.64
N ALA A 1091 64.23 -21.36 5.29
CA ALA A 1091 63.77 -20.01 5.57
C ALA A 1091 63.67 -19.76 7.07
N LEU A 1092 63.25 -20.77 7.84
CA LEU A 1092 63.11 -20.60 9.28
C LEU A 1092 64.46 -20.37 9.95
N LYS A 1093 65.49 -21.10 9.55
CA LYS A 1093 66.79 -20.95 10.20
C LYS A 1093 67.49 -19.68 9.75
N SER A 1094 67.38 -19.32 8.47
CA SER A 1094 68.15 -18.20 7.95
C SER A 1094 67.60 -16.86 8.44
N TYR A 1095 66.28 -16.68 8.40
CA TYR A 1095 65.68 -15.40 8.74
C TYR A 1095 64.53 -15.48 9.73
N GLY A 1096 64.09 -16.67 10.13
CA GLY A 1096 62.96 -16.80 11.01
C GLY A 1096 61.60 -16.70 10.33
N MET A 1097 61.58 -16.56 9.01
CA MET A 1097 60.31 -16.51 8.29
C MET A 1097 59.62 -17.87 8.32
N LEU A 1098 58.31 -17.84 8.52
CA LEU A 1098 57.49 -19.04 8.57
C LEU A 1098 56.62 -19.10 7.32
N CYS A 1099 56.77 -20.16 6.55
CA CYS A 1099 56.02 -20.31 5.30
C CYS A 1099 54.65 -20.90 5.60
N ILE A 1100 53.60 -20.22 5.13
CA ILE A 1100 52.23 -20.64 5.38
C ILE A 1100 51.63 -21.34 4.16
N GLY A 1101 51.90 -20.83 2.97
CA GLY A 1101 51.32 -21.42 1.78
C GLY A 1101 52.01 -20.93 0.53
N LEU A 1102 51.39 -21.24 -0.61
CA LEU A 1102 51.95 -20.92 -1.91
C LEU A 1102 50.94 -20.16 -2.76
N TYR A 1103 51.45 -19.31 -3.65
CA TYR A 1103 50.67 -18.57 -4.63
C TYR A 1103 51.19 -19.03 -6.00
N ARG A 1104 50.52 -20.00 -6.59
CA ARG A 1104 51.00 -20.71 -7.77
C ARG A 1104 50.14 -20.39 -8.98
N PHE A 1105 50.78 -20.24 -10.14
CA PHE A 1105 50.07 -19.97 -11.37
C PHE A 1105 49.08 -21.09 -11.68
N ARG A 1106 47.89 -20.70 -12.16
CA ARG A 1106 46.85 -21.68 -12.45
C ARG A 1106 47.28 -22.61 -13.60
N ASP A 1107 47.90 -22.05 -14.63
CA ASP A 1107 48.36 -22.82 -15.78
C ASP A 1107 49.87 -22.65 -15.91
N THR A 1108 50.57 -23.78 -16.01
CA THR A 1108 52.03 -23.79 -16.12
C THR A 1108 52.52 -23.80 -17.56
N SER A 1109 51.61 -23.83 -18.53
CA SER A 1109 52.00 -23.83 -19.94
C SER A 1109 51.92 -22.42 -20.53
N ALA A 1114 48.04 -19.47 -21.15
CA ALA A 1114 49.01 -18.54 -20.55
C ALA A 1114 48.29 -17.35 -19.93
N SER A 1115 47.86 -17.51 -18.68
CA SER A 1115 47.17 -16.48 -17.94
C SER A 1115 47.92 -16.17 -16.65
N SER A 1116 47.95 -14.90 -16.28
CA SER A 1116 48.64 -14.47 -15.06
C SER A 1116 47.71 -14.54 -13.85
N LYS A 1117 47.12 -15.71 -13.63
CA LYS A 1117 46.22 -15.95 -12.51
C LYS A 1117 46.85 -16.98 -11.58
N ARG A 1118 46.94 -16.63 -10.29
CA ARG A 1118 47.52 -17.50 -9.28
C ARG A 1118 46.47 -17.85 -8.24
N TYR A 1119 46.44 -19.11 -7.83
CA TYR A 1119 45.54 -19.59 -6.79
C TYR A 1119 46.32 -19.88 -5.52
N VAL A 1120 45.59 -20.09 -4.43
CA VAL A 1120 46.17 -20.20 -3.10
C VAL A 1120 46.20 -21.66 -2.69
N ILE A 1121 47.38 -22.13 -2.29
CA ILE A 1121 47.55 -23.46 -1.70
C ILE A 1121 48.00 -23.26 -0.26
N THR A 1122 47.19 -23.76 0.68
CA THR A 1122 47.43 -23.55 2.11
C THR A 1122 48.09 -24.79 2.69
N ASN A 1123 49.27 -24.60 3.30
CA ASN A 1123 50.02 -25.63 3.99
C ASN A 1123 50.21 -26.86 3.13
N PRO A 1124 50.99 -26.79 2.05
CA PRO A 1124 51.25 -27.97 1.24
C PRO A 1124 52.14 -28.95 1.97
N PRO A 1125 52.10 -30.24 1.61
CA PRO A 1125 52.96 -31.22 2.27
C PRO A 1125 54.42 -30.94 2.01
N ASP A 1126 55.27 -31.50 2.88
CA ASP A 1126 56.72 -31.30 2.75
C ASP A 1126 57.28 -31.87 1.46
N ASP A 1127 56.59 -32.85 0.85
CA ASP A 1127 57.02 -33.44 -0.39
C ASP A 1127 56.49 -32.71 -1.62
N PHE A 1128 55.79 -31.59 -1.42
CA PHE A 1128 55.28 -30.81 -2.55
C PHE A 1128 56.42 -30.28 -3.39
N SER A 1129 56.22 -30.29 -4.71
CA SER A 1129 57.23 -29.83 -5.64
C SER A 1129 57.00 -28.35 -5.96
N LEU A 1130 58.04 -27.55 -5.80
CA LEU A 1130 57.96 -26.12 -6.06
C LEU A 1130 58.25 -25.81 -7.52
N LEU A 1131 58.01 -24.56 -7.90
CA LEU A 1131 58.27 -24.06 -9.23
C LEU A 1131 59.01 -22.73 -9.14
N PRO A 1132 59.82 -22.40 -10.15
CA PRO A 1132 60.54 -21.12 -10.10
C PRO A 1132 59.64 -19.90 -10.10
N THR A 1133 58.40 -20.03 -10.59
CA THR A 1133 57.45 -18.93 -10.61
C THR A 1133 56.43 -19.01 -9.48
N ASP A 1134 56.84 -19.53 -8.33
CA ASP A 1134 55.95 -19.70 -7.19
C ASP A 1134 56.21 -18.61 -6.15
N GLN A 1135 55.14 -18.11 -5.54
CA GLN A 1135 55.22 -17.14 -4.47
C GLN A 1135 54.78 -17.78 -3.16
N VAL A 1136 55.44 -17.41 -2.07
CA VAL A 1136 55.24 -18.05 -0.78
C VAL A 1136 54.69 -17.02 0.20
N PHE A 1137 53.61 -17.38 0.89
CA PHE A 1137 53.12 -16.59 2.00
C PHE A 1137 54.00 -16.84 3.22
N VAL A 1138 54.54 -15.77 3.80
CA VAL A 1138 55.48 -15.88 4.90
C VAL A 1138 55.11 -14.91 6.00
N LEU A 1139 55.56 -15.22 7.21
CA LEU A 1139 55.45 -14.34 8.37
C LEU A 1139 56.86 -13.88 8.71
N MET A 1140 57.25 -12.73 8.19
CA MET A 1140 58.61 -12.23 8.32
C MET A 1140 58.76 -11.40 9.58
N GLN A 1141 59.91 -11.52 10.23
CA GLN A 1141 60.20 -10.77 11.44
C GLN A 1141 60.50 -9.31 11.11
N PHE A 1142 60.46 -8.48 12.15
CA PHE A 1142 60.74 -7.05 12.02
C PHE A 1142 62.25 -6.82 12.10
N ASP A 1143 62.79 -6.16 11.08
CA ASP A 1143 64.22 -5.87 11.03
C ASP A 1143 64.44 -4.38 11.26
N PRO A 1144 64.97 -3.97 12.41
CA PRO A 1144 65.23 -2.55 12.64
C PRO A 1144 66.28 -2.01 11.68
N GLY A 1145 66.11 -0.74 11.31
CA GLY A 1145 67.02 -0.09 10.39
C GLY A 1145 66.32 0.45 9.15
N LEU B 44 -25.86 -62.39 -26.70
CA LEU B 44 -25.06 -61.86 -25.61
C LEU B 44 -24.63 -62.97 -24.66
N LYS B 45 -24.58 -64.20 -25.17
CA LYS B 45 -24.13 -65.32 -24.36
C LYS B 45 -22.68 -65.14 -23.91
N VAL B 46 -21.82 -64.69 -24.83
CA VAL B 46 -20.43 -64.39 -24.52
C VAL B 46 -20.15 -62.96 -24.96
N ARG B 47 -19.48 -62.21 -24.09
CA ARG B 47 -19.21 -60.80 -24.34
C ARG B 47 -17.81 -60.63 -24.93
N LYS B 48 -17.72 -59.89 -26.04
CA LYS B 48 -16.47 -59.64 -26.72
C LYS B 48 -15.91 -58.26 -26.43
N TYR B 49 -16.30 -57.66 -25.30
CA TYR B 49 -15.80 -56.33 -24.95
C TYR B 49 -14.31 -56.36 -24.69
N TRP B 50 -13.76 -57.50 -24.26
CA TRP B 50 -12.32 -57.59 -24.01
C TRP B 50 -11.51 -57.44 -25.29
N CYS B 51 -12.06 -57.90 -26.42
CA CYS B 51 -11.35 -57.76 -27.69
C CYS B 51 -11.17 -56.29 -28.06
N PHE B 52 -12.21 -55.47 -27.85
CA PHE B 52 -12.10 -54.05 -28.13
C PHE B 52 -11.06 -53.39 -27.24
N LEU B 53 -11.05 -53.74 -25.95
CA LEU B 53 -10.07 -53.15 -25.04
C LEU B 53 -8.66 -53.63 -25.33
N LEU B 54 -8.51 -54.92 -25.67
CA LEU B 54 -7.18 -55.46 -25.93
C LEU B 54 -6.53 -54.80 -27.14
N SER B 55 -7.30 -54.56 -28.20
CA SER B 55 -6.75 -53.94 -29.39
C SER B 55 -6.29 -52.52 -29.11
N SER B 56 -7.08 -51.76 -28.36
CA SER B 56 -6.68 -50.39 -28.01
C SER B 56 -5.41 -50.39 -27.16
N ILE B 57 -5.31 -51.31 -26.21
CA ILE B 57 -4.10 -51.43 -25.40
C ILE B 57 -2.93 -51.86 -26.28
N PHE B 58 -3.16 -52.84 -27.16
CA PHE B 58 -2.08 -53.30 -28.04
C PHE B 58 -1.62 -52.19 -28.98
N THR B 59 -2.55 -51.43 -29.55
CA THR B 59 -2.18 -50.35 -30.46
C THR B 59 -1.35 -49.29 -29.75
N PHE B 60 -1.73 -48.93 -28.52
CA PHE B 60 -0.94 -47.98 -27.75
C PHE B 60 0.43 -48.55 -27.41
N LEU B 61 0.49 -49.83 -27.04
CA LEU B 61 1.77 -50.45 -26.72
C LEU B 61 2.64 -50.64 -27.96
N ALA B 62 2.02 -51.07 -29.07
CA ALA B 62 2.78 -51.26 -30.30
C ALA B 62 3.39 -49.96 -30.79
N GLY B 63 2.61 -48.87 -30.76
CA GLY B 63 3.14 -47.58 -31.14
C GLY B 63 4.21 -47.09 -30.19
N LEU B 64 4.05 -47.37 -28.89
CA LEU B 64 5.04 -46.93 -27.91
C LEU B 64 6.39 -47.62 -28.13
N LEU B 65 6.38 -48.92 -28.40
CA LEU B 65 7.63 -49.63 -28.60
C LEU B 65 8.22 -49.35 -29.98
N VAL B 66 7.39 -49.13 -30.99
CA VAL B 66 7.89 -48.85 -32.34
C VAL B 66 8.69 -47.56 -32.34
N VAL B 67 8.19 -46.52 -31.66
CA VAL B 67 8.93 -45.27 -31.54
C VAL B 67 10.24 -45.51 -30.79
N LEU B 68 10.18 -46.26 -29.69
CA LEU B 68 11.40 -46.59 -28.95
C LEU B 68 12.32 -47.47 -29.79
N LEU B 69 11.77 -48.45 -30.51
CA LEU B 69 12.59 -49.28 -31.38
C LEU B 69 13.22 -48.48 -32.51
N TRP B 70 12.45 -47.56 -33.10
CA TRP B 70 12.99 -46.72 -34.17
C TRP B 70 14.12 -45.83 -33.66
N ARG B 71 14.00 -45.33 -32.43
CA ARG B 71 15.10 -44.57 -31.83
C ARG B 71 16.33 -45.43 -31.67
N ALA B 72 16.16 -46.68 -31.21
CA ALA B 72 17.28 -47.62 -31.15
C ALA B 72 17.76 -47.99 -32.55
N PHE B 73 16.83 -48.19 -33.49
CA PHE B 73 17.22 -48.49 -34.86
C PHE B 73 18.00 -47.35 -35.48
N ALA B 74 17.55 -46.11 -35.26
CA ALA B 74 18.29 -44.96 -35.76
C ALA B 74 19.65 -44.83 -35.08
N PHE B 75 19.72 -45.14 -33.79
CA PHE B 75 21.00 -45.06 -33.08
C PHE B 75 22.00 -46.05 -33.64
N VAL B 76 21.56 -47.28 -33.95
CA VAL B 76 22.46 -48.29 -34.51
C VAL B 76 22.59 -48.18 -36.01
N CYS B 77 21.74 -47.41 -36.68
CA CYS B 77 21.82 -47.24 -38.13
C CYS B 77 21.65 -45.78 -38.50
N THR B 106 16.69 -35.86 -45.08
CA THR B 106 16.31 -34.49 -45.43
C THR B 106 14.81 -34.39 -45.70
N PHE B 107 14.22 -35.49 -46.18
CA PHE B 107 12.78 -35.51 -46.44
C PHE B 107 11.99 -35.35 -45.15
N MET B 108 12.43 -36.01 -44.08
CA MET B 108 11.73 -35.90 -42.80
C MET B 108 11.76 -34.47 -42.27
N THR B 109 12.91 -33.81 -42.38
CA THR B 109 13.02 -32.42 -41.91
C THR B 109 12.14 -31.49 -42.73
N GLU B 110 12.11 -31.67 -44.05
CA GLU B 110 11.24 -30.85 -44.89
C GLU B 110 9.77 -31.13 -44.58
N ALA B 111 9.41 -32.40 -44.40
CA ALA B 111 8.02 -32.74 -44.09
C ALA B 111 7.61 -32.25 -42.70
N LYS B 112 8.52 -32.30 -41.73
CA LYS B 112 8.18 -31.86 -40.38
C LYS B 112 7.82 -30.39 -40.35
N ASP B 113 8.57 -29.55 -41.06
CA ASP B 113 8.23 -28.13 -41.14
C ASP B 113 6.90 -27.91 -41.85
N TRP B 114 6.66 -28.66 -42.93
CA TRP B 114 5.40 -28.53 -43.65
C TRP B 114 4.22 -29.01 -42.81
N ALA B 115 4.40 -30.11 -42.07
CA ALA B 115 3.32 -30.64 -41.24
C ALA B 115 2.95 -29.68 -40.12
N GLY B 116 3.96 -29.09 -39.48
CA GLY B 116 3.67 -28.15 -38.40
C GLY B 116 2.95 -26.91 -38.88
N GLU B 117 3.28 -26.45 -40.10
CA GLU B 117 2.58 -25.31 -40.67
C GLU B 117 1.13 -25.65 -41.01
N LEU B 118 0.86 -26.91 -41.35
CA LEU B 118 -0.50 -27.30 -41.74
C LEU B 118 -1.42 -27.35 -40.54
N ILE B 119 -0.97 -27.94 -39.43
CA ILE B 119 -1.84 -28.10 -38.27
C ILE B 119 -2.15 -26.77 -37.59
N SER B 120 -1.30 -25.77 -37.76
CA SER B 120 -1.54 -24.45 -37.18
C SER B 120 -2.30 -23.52 -38.13
N GLY B 121 -2.61 -23.97 -39.34
CA GLY B 121 -3.40 -23.18 -40.27
C GLY B 121 -2.73 -21.93 -40.78
N GLN B 122 -1.42 -21.97 -41.02
CA GLN B 122 -0.73 -20.80 -41.56
C GLN B 122 -1.05 -20.58 -43.04
N THR B 123 -1.08 -21.65 -43.83
CA THR B 123 -1.32 -21.56 -45.26
C THR B 123 -2.81 -21.71 -45.56
N THR B 124 -3.15 -21.53 -46.84
CA THR B 124 -4.54 -21.63 -47.26
C THR B 124 -5.09 -23.03 -47.04
N THR B 125 -4.31 -24.06 -47.40
CA THR B 125 -4.74 -25.43 -47.15
C THR B 125 -4.74 -25.74 -45.66
N GLY B 126 -3.87 -25.09 -44.89
CA GLY B 126 -3.88 -25.30 -43.45
C GLY B 126 -5.14 -24.76 -42.80
N ARG B 127 -5.63 -23.62 -43.27
CA ARG B 127 -6.87 -23.06 -42.72
C ARG B 127 -8.05 -23.96 -43.03
N ILE B 128 -8.07 -24.58 -44.21
CA ILE B 128 -9.15 -25.50 -44.56
C ILE B 128 -9.15 -26.70 -43.63
N LEU B 129 -7.96 -27.27 -43.38
CA LEU B 129 -7.86 -28.45 -42.52
C LEU B 129 -8.27 -28.12 -41.09
N VAL B 130 -7.87 -26.96 -40.58
CA VAL B 130 -8.21 -26.57 -39.22
C VAL B 130 -9.73 -26.40 -39.09
N VAL B 131 -10.34 -25.72 -40.06
CA VAL B 131 -11.79 -25.57 -40.06
C VAL B 131 -12.46 -26.93 -40.23
N LEU B 132 -11.92 -27.76 -41.12
CA LEU B 132 -12.49 -29.09 -41.33
C LEU B 132 -12.39 -29.95 -40.07
N VAL B 133 -11.33 -29.75 -39.28
CA VAL B 133 -11.21 -30.47 -38.01
C VAL B 133 -12.33 -30.05 -37.07
N PHE B 134 -12.67 -28.75 -37.05
CA PHE B 134 -13.75 -28.26 -36.21
C PHE B 134 -15.07 -28.93 -36.60
N ILE B 135 -15.34 -29.01 -37.91
CA ILE B 135 -16.65 -29.48 -38.38
C ILE B 135 -16.87 -30.92 -37.96
N LEU B 136 -15.89 -31.79 -38.20
CA LEU B 136 -16.06 -33.20 -37.89
C LEU B 136 -15.85 -33.52 -36.41
N SER B 137 -15.24 -32.60 -35.65
CA SER B 137 -15.18 -32.80 -34.20
C SER B 137 -16.58 -32.76 -33.59
N ILE B 138 -17.40 -31.80 -34.02
CA ILE B 138 -18.79 -31.76 -33.57
C ILE B 138 -19.59 -32.90 -34.16
N ALA B 139 -19.36 -33.20 -35.44
CA ALA B 139 -20.11 -34.26 -36.11
C ALA B 139 -19.85 -35.63 -35.47
N SER B 140 -18.59 -35.91 -35.12
CA SER B 140 -18.27 -37.18 -34.49
C SER B 140 -18.96 -37.32 -33.15
N LEU B 141 -19.03 -36.23 -32.38
CA LEU B 141 -19.73 -36.26 -31.09
C LEU B 141 -21.23 -36.43 -31.28
N ILE B 142 -21.78 -35.81 -32.33
CA ILE B 142 -23.23 -35.86 -32.54
C ILE B 142 -23.68 -37.29 -32.85
N ILE B 143 -22.94 -37.98 -33.73
CA ILE B 143 -23.31 -39.36 -34.06
C ILE B 143 -23.11 -40.29 -32.88
N TYR B 144 -22.29 -39.89 -31.90
CA TYR B 144 -22.19 -40.67 -30.67
C TYR B 144 -23.45 -40.55 -29.83
N PHE B 145 -24.11 -39.38 -29.86
CA PHE B 145 -25.35 -39.21 -29.11
C PHE B 145 -26.43 -40.15 -29.62
N VAL B 146 -26.58 -40.25 -30.95
CA VAL B 146 -27.57 -41.16 -31.51
C VAL B 146 -27.14 -42.62 -31.36
N ASP B 147 -25.83 -42.87 -31.20
CA ASP B 147 -25.35 -44.22 -30.99
C ASP B 147 -25.61 -44.69 -29.56
N ALA B 148 -25.54 -43.78 -28.58
CA ALA B 148 -25.78 -44.13 -27.19
C ALA B 148 -27.26 -44.25 -26.85
N SER B 149 -28.15 -43.86 -27.76
CA SER B 149 -29.58 -43.97 -27.51
C SER B 149 -30.08 -45.41 -27.55
N SER B 150 -29.27 -46.35 -28.01
CA SER B 150 -29.68 -47.74 -28.04
C SER B 150 -29.85 -48.29 -26.63
N GLU B 151 -30.86 -49.14 -26.44
CA GLU B 151 -31.11 -49.72 -25.13
C GLU B 151 -29.96 -50.63 -24.69
N GLU B 152 -29.41 -51.42 -25.61
CA GLU B 152 -28.34 -52.35 -25.30
C GLU B 152 -26.99 -51.70 -25.57
N VAL B 153 -25.95 -52.28 -24.97
CA VAL B 153 -24.59 -51.75 -25.08
C VAL B 153 -23.79 -52.60 -26.06
N GLU B 154 -24.16 -53.88 -26.19
CA GLU B 154 -23.50 -54.80 -27.09
C GLU B 154 -24.53 -55.44 -28.01
N ARG B 155 -24.25 -55.43 -29.31
CA ARG B 155 -25.11 -56.09 -30.28
C ARG B 155 -24.30 -56.36 -31.54
N CYS B 156 -24.72 -57.39 -32.27
CA CYS B 156 -24.05 -57.82 -33.50
C CYS B 156 -24.92 -57.45 -34.69
N GLN B 157 -24.32 -56.78 -35.67
CA GLN B 157 -25.04 -56.37 -36.87
C GLN B 157 -24.05 -56.21 -38.01
N LYS B 158 -24.52 -56.48 -39.22
CA LYS B 158 -23.69 -56.30 -40.41
C LYS B 158 -23.36 -54.82 -40.61
N TRP B 159 -22.10 -54.53 -40.94
CA TRP B 159 -21.68 -53.15 -41.12
C TRP B 159 -22.37 -52.48 -42.30
N SER B 160 -22.73 -53.26 -43.33
CA SER B 160 -23.40 -52.69 -44.49
C SER B 160 -24.87 -52.38 -44.24
N ASN B 161 -25.46 -52.95 -43.19
CA ASN B 161 -26.89 -52.72 -42.93
C ASN B 161 -27.13 -51.32 -42.37
N ASN B 162 -26.28 -50.88 -41.44
CA ASN B 162 -26.46 -49.59 -40.78
C ASN B 162 -25.56 -48.55 -41.42
N ILE B 163 -26.13 -47.39 -41.75
CA ILE B 163 -25.34 -46.31 -42.34
C ILE B 163 -24.60 -45.52 -41.28
N THR B 164 -24.99 -45.62 -40.00
CA THR B 164 -24.28 -44.90 -38.95
C THR B 164 -22.86 -45.41 -38.80
N GLN B 165 -22.67 -46.73 -38.90
CA GLN B 165 -21.34 -47.30 -38.82
C GLN B 165 -20.48 -46.85 -40.00
N GLN B 166 -21.09 -46.74 -41.19
CA GLN B 166 -20.36 -46.28 -42.36
C GLN B 166 -19.86 -44.85 -42.19
N ILE B 167 -20.72 -43.97 -41.66
CA ILE B 167 -20.31 -42.59 -41.43
C ILE B 167 -19.25 -42.52 -40.35
N ASP B 168 -19.35 -43.39 -39.33
CA ASP B 168 -18.33 -43.42 -38.27
C ASP B 168 -16.98 -43.81 -38.84
N LEU B 169 -16.95 -44.77 -39.76
CA LEU B 169 -15.69 -45.16 -40.40
C LEU B 169 -15.12 -44.02 -41.24
N ALA B 170 -15.98 -43.28 -41.94
CA ALA B 170 -15.51 -42.17 -42.76
C ALA B 170 -14.87 -41.09 -41.91
N PHE B 171 -15.44 -40.81 -40.75
CA PHE B 171 -14.84 -39.82 -39.85
C PHE B 171 -13.56 -40.33 -39.20
N ASN B 172 -13.51 -41.63 -38.88
CA ASN B 172 -12.37 -42.17 -38.16
C ASN B 172 -11.12 -42.26 -39.03
N ILE B 173 -11.28 -42.58 -40.32
CA ILE B 173 -10.12 -42.67 -41.20
C ILE B 173 -9.48 -41.30 -41.39
N PHE B 174 -10.30 -40.24 -41.39
CA PHE B 174 -9.75 -38.90 -41.44
C PHE B 174 -8.92 -38.58 -40.20
N PHE B 175 -9.39 -39.03 -39.03
CA PHE B 175 -8.70 -38.71 -37.79
C PHE B 175 -7.37 -39.43 -37.65
N MET B 176 -7.19 -40.59 -38.30
CA MET B 176 -5.91 -41.27 -38.22
C MET B 176 -4.87 -40.60 -39.12
N VAL B 177 -5.30 -40.12 -40.30
CA VAL B 177 -4.38 -39.37 -41.14
C VAL B 177 -4.10 -38.01 -40.54
N TYR B 178 -5.07 -37.43 -39.83
CA TYR B 178 -4.79 -36.23 -39.05
C TYR B 178 -3.87 -36.53 -37.87
N PHE B 179 -4.01 -37.72 -37.29
CA PHE B 179 -3.08 -38.14 -36.24
C PHE B 179 -1.68 -38.30 -36.80
N PHE B 180 -1.55 -38.87 -38.00
CA PHE B 180 -0.25 -39.04 -38.62
C PHE B 180 0.39 -37.69 -38.96
N ILE B 181 -0.41 -36.74 -39.43
CA ILE B 181 0.11 -35.40 -39.71
C ILE B 181 0.62 -34.75 -38.43
N ARG B 182 -0.12 -34.89 -37.34
CA ARG B 182 0.33 -34.37 -36.05
C ARG B 182 1.59 -35.08 -35.57
N PHE B 183 1.70 -36.38 -35.86
CA PHE B 183 2.90 -37.13 -35.46
C PHE B 183 4.14 -36.59 -36.16
N ILE B 184 4.03 -36.31 -37.46
CA ILE B 184 5.16 -35.77 -38.20
C ILE B 184 5.55 -34.39 -37.65
N ALA B 185 4.55 -33.56 -37.37
CA ALA B 185 4.82 -32.22 -36.87
C ALA B 185 5.37 -32.23 -35.44
N ALA B 186 5.25 -33.34 -34.73
CA ALA B 186 5.72 -33.40 -33.35
C ALA B 186 7.23 -33.27 -33.28
N SER B 187 7.70 -32.46 -32.32
CA SER B 187 9.13 -32.27 -32.14
C SER B 187 9.79 -33.54 -31.64
N ASP B 188 9.21 -34.16 -30.61
CA ASP B 188 9.69 -35.42 -30.06
C ASP B 188 8.57 -36.44 -30.08
N LYS B 189 8.85 -37.63 -30.61
CA LYS B 189 7.81 -38.63 -30.81
C LYS B 189 7.41 -39.32 -29.52
N LEU B 190 8.33 -39.45 -28.57
CA LEU B 190 8.02 -40.18 -27.34
C LEU B 190 6.96 -39.45 -26.52
N TRP B 191 7.09 -38.13 -26.39
CA TRP B 191 6.10 -37.37 -25.63
C TRP B 191 4.79 -37.21 -26.40
N PHE B 192 4.85 -37.24 -27.73
CA PHE B 192 3.64 -37.14 -28.53
C PHE B 192 2.74 -38.36 -28.31
N MET B 193 3.33 -39.55 -28.21
CA MET B 193 2.53 -40.76 -28.03
C MET B 193 1.80 -40.76 -26.69
N LEU B 194 2.32 -40.03 -25.70
CA LEU B 194 1.71 -39.94 -24.38
C LEU B 194 0.82 -38.71 -24.24
N GLU B 195 0.59 -37.97 -25.32
CA GLU B 195 -0.26 -36.79 -25.26
C GLU B 195 -1.71 -37.17 -25.00
N MET B 196 -2.45 -36.24 -24.40
CA MET B 196 -3.85 -36.48 -24.09
C MET B 196 -4.68 -36.65 -25.36
N TYR B 197 -4.42 -35.83 -26.38
CA TYR B 197 -5.16 -35.94 -27.63
C TYR B 197 -4.92 -37.28 -28.32
N SER B 198 -3.66 -37.74 -28.32
CA SER B 198 -3.36 -39.03 -28.95
C SER B 198 -4.00 -40.17 -28.18
N PHE B 199 -4.14 -40.02 -26.86
CA PHE B 199 -4.79 -41.06 -26.06
C PHE B 199 -6.26 -41.21 -26.46
N VAL B 200 -6.89 -40.11 -26.89
CA VAL B 200 -8.25 -40.18 -27.40
C VAL B 200 -8.30 -41.00 -28.68
N ASP B 201 -7.34 -40.78 -29.57
CA ASP B 201 -7.30 -41.51 -30.85
C ASP B 201 -6.95 -42.98 -30.67
N TYR B 202 -6.25 -43.35 -29.60
CA TYR B 202 -5.89 -44.74 -29.39
C TYR B 202 -7.11 -45.60 -29.10
N PHE B 203 -8.09 -45.07 -28.37
CA PHE B 203 -9.25 -45.81 -27.91
C PHE B 203 -10.49 -45.55 -28.75
N THR B 204 -10.34 -44.85 -29.88
CA THR B 204 -11.47 -44.49 -30.72
C THR B 204 -11.43 -45.16 -32.09
N ILE B 205 -10.33 -45.01 -32.82
CA ILE B 205 -10.23 -45.54 -34.18
C ILE B 205 -9.95 -47.03 -34.19
N PRO B 206 -8.99 -47.56 -33.42
CA PRO B 206 -8.74 -49.02 -33.43
C PRO B 206 -9.96 -49.83 -33.08
N PRO B 207 -10.81 -49.42 -32.13
CA PRO B 207 -12.06 -50.17 -31.91
C PRO B 207 -12.96 -50.22 -33.13
N SER B 208 -12.96 -49.18 -33.97
CA SER B 208 -13.81 -49.18 -35.15
C SER B 208 -13.42 -50.29 -36.11
N PHE B 209 -12.11 -50.47 -36.34
CA PHE B 209 -11.66 -51.55 -37.23
C PHE B 209 -11.97 -52.92 -36.64
N VAL B 210 -11.80 -53.08 -35.33
CA VAL B 210 -12.09 -54.36 -34.68
C VAL B 210 -13.58 -54.68 -34.81
N SER B 211 -14.44 -53.69 -34.58
CA SER B 211 -15.87 -53.89 -34.77
C SER B 211 -16.20 -54.23 -36.21
N ILE B 212 -15.39 -53.75 -37.16
CA ILE B 212 -15.64 -54.05 -38.56
C ILE B 212 -15.36 -55.54 -38.84
N TYR B 213 -14.24 -56.04 -38.32
CA TYR B 213 -13.88 -57.44 -38.55
C TYR B 213 -14.75 -58.38 -37.74
N LEU B 214 -15.10 -57.99 -36.52
CA LEU B 214 -15.90 -58.84 -35.65
C LEU B 214 -17.38 -58.84 -36.00
N ASP B 215 -17.83 -57.93 -36.88
CA ASP B 215 -19.22 -57.83 -37.29
C ASP B 215 -20.15 -57.58 -36.11
N ARG B 216 -19.64 -56.95 -35.06
CA ARG B 216 -20.45 -56.59 -33.91
C ARG B 216 -19.96 -55.26 -33.37
N THR B 217 -20.88 -54.49 -32.79
CA THR B 217 -20.59 -53.15 -32.31
C THR B 217 -20.75 -53.08 -30.80
N TRP B 218 -19.92 -52.26 -30.17
CA TRP B 218 -19.97 -52.02 -28.74
C TRP B 218 -19.82 -50.52 -28.49
N ILE B 219 -20.53 -50.01 -27.49
CA ILE B 219 -20.42 -48.60 -27.16
C ILE B 219 -19.00 -48.26 -26.73
N GLY B 220 -18.37 -49.13 -25.95
CA GLY B 220 -16.97 -48.98 -25.61
C GLY B 220 -16.67 -47.67 -24.93
N LEU B 221 -15.61 -47.01 -25.41
CA LEU B 221 -15.16 -45.73 -24.87
C LEU B 221 -15.33 -44.61 -25.88
N ARG B 222 -16.45 -44.64 -26.61
CA ARG B 222 -16.76 -43.60 -27.58
C ARG B 222 -17.05 -42.26 -26.93
N PHE B 223 -17.27 -42.23 -25.60
CA PHE B 223 -17.48 -40.96 -24.92
C PHE B 223 -16.24 -40.09 -24.91
N LEU B 224 -15.07 -40.66 -25.19
CA LEU B 224 -13.84 -39.90 -25.25
C LEU B 224 -13.82 -38.89 -26.39
N ARG B 225 -14.74 -39.01 -27.36
CA ARG B 225 -14.82 -38.03 -28.43
C ARG B 225 -15.19 -36.65 -27.92
N ALA B 226 -15.85 -36.57 -26.77
CA ALA B 226 -16.17 -35.27 -26.18
C ALA B 226 -14.93 -34.52 -25.71
N LEU B 227 -13.83 -35.24 -25.46
CA LEU B 227 -12.59 -34.59 -25.06
C LEU B 227 -11.98 -33.74 -26.16
N ARG B 228 -12.39 -33.97 -27.41
CA ARG B 228 -11.90 -33.17 -28.53
C ARG B 228 -12.41 -31.74 -28.51
N LEU B 229 -13.40 -31.44 -27.66
CA LEU B 229 -13.96 -30.09 -27.60
C LEU B 229 -13.01 -29.10 -26.94
N MET B 230 -12.03 -29.57 -26.17
CA MET B 230 -11.10 -28.68 -25.50
C MET B 230 -10.11 -28.02 -26.45
N THR B 231 -10.01 -28.49 -27.68
CA THR B 231 -9.15 -27.87 -28.68
C THR B 231 -9.88 -26.81 -29.50
N VAL B 232 -11.16 -26.56 -29.21
CA VAL B 232 -11.87 -25.49 -29.90
C VAL B 232 -11.23 -24.13 -29.67
N PRO B 233 -10.86 -23.73 -28.43
CA PRO B 233 -10.15 -22.45 -28.28
C PRO B 233 -8.85 -22.38 -29.06
N ASP B 234 -8.12 -23.50 -29.17
CA ASP B 234 -6.92 -23.52 -30.00
C ASP B 234 -7.27 -23.32 -31.46
N ILE B 235 -8.34 -23.96 -31.93
CA ILE B 235 -8.76 -23.81 -33.33
C ILE B 235 -9.14 -22.36 -33.63
N LEU B 236 -9.90 -21.74 -32.73
CA LEU B 236 -10.30 -20.36 -32.93
C LEU B 236 -9.11 -19.40 -32.87
N GLN B 237 -8.09 -19.74 -32.09
CA GLN B 237 -6.89 -18.91 -32.04
C GLN B 237 -6.05 -19.07 -33.30
N TYR B 238 -6.07 -20.25 -33.91
CA TYR B 238 -5.35 -20.45 -35.17
C TYR B 238 -5.92 -19.59 -36.27
N LEU B 239 -7.24 -19.43 -36.31
CA LEU B 239 -7.92 -18.62 -37.32
C LEU B 239 -8.03 -17.16 -36.91
N ASN B 240 -7.45 -16.78 -35.78
CA ASN B 240 -7.45 -15.40 -35.27
C ASN B 240 -8.87 -14.90 -34.98
N VAL B 241 -9.80 -15.82 -34.70
CA VAL B 241 -11.14 -15.40 -34.32
C VAL B 241 -11.14 -14.78 -32.93
N LEU B 242 -10.40 -15.38 -32.00
CA LEU B 242 -10.28 -14.86 -30.64
C LEU B 242 -9.03 -13.99 -30.56
N LYS B 243 -9.22 -12.72 -30.20
CA LYS B 243 -8.11 -11.78 -30.12
C LYS B 243 -7.90 -11.24 -28.71
N THR B 244 -8.95 -10.73 -28.07
CA THR B 244 -8.80 -10.19 -26.72
C THR B 244 -8.59 -11.32 -25.71
N SER B 245 -7.94 -10.96 -24.60
CA SER B 245 -7.64 -11.95 -23.57
C SER B 245 -8.90 -12.47 -22.89
N SER B 246 -9.90 -11.62 -22.70
CA SER B 246 -11.12 -12.04 -22.02
C SER B 246 -11.87 -13.10 -22.84
N SER B 247 -11.95 -12.91 -24.16
CA SER B 247 -12.63 -13.88 -25.00
C SER B 247 -11.91 -15.22 -25.00
N ILE B 248 -10.58 -15.21 -25.00
CA ILE B 248 -9.81 -16.45 -24.95
C ILE B 248 -10.07 -17.19 -23.64
N ARG B 249 -10.07 -16.46 -22.52
CA ARG B 249 -10.33 -17.08 -21.23
C ARG B 249 -11.74 -17.65 -21.17
N LEU B 250 -12.73 -16.92 -21.70
CA LEU B 250 -14.10 -17.41 -21.70
C LEU B 250 -14.24 -18.67 -22.54
N ALA B 251 -13.59 -18.70 -23.70
CA ALA B 251 -13.68 -19.88 -24.56
C ALA B 251 -13.06 -21.10 -23.90
N GLN B 252 -11.92 -20.92 -23.22
CA GLN B 252 -11.26 -22.04 -22.56
C GLN B 252 -12.12 -22.60 -21.44
N LEU B 253 -12.73 -21.74 -20.63
CA LEU B 253 -13.54 -22.21 -19.51
C LEU B 253 -14.78 -22.95 -19.98
N VAL B 254 -15.45 -22.42 -21.02
CA VAL B 254 -16.67 -23.06 -21.51
C VAL B 254 -16.34 -24.41 -22.15
N SER B 255 -15.28 -24.46 -22.97
CA SER B 255 -14.92 -25.71 -23.63
C SER B 255 -14.49 -26.77 -22.62
N ILE B 256 -13.73 -26.38 -21.58
CA ILE B 256 -13.30 -27.33 -20.57
C ILE B 256 -14.49 -27.87 -19.80
N PHE B 257 -15.41 -27.00 -19.40
CA PHE B 257 -16.55 -27.42 -18.61
C PHE B 257 -17.46 -28.37 -19.38
N ILE B 258 -17.73 -28.06 -20.65
CA ILE B 258 -18.63 -28.89 -21.43
C ILE B 258 -18.01 -30.25 -21.73
N SER B 259 -16.72 -30.27 -22.09
CA SER B 259 -16.07 -31.53 -22.43
C SER B 259 -16.00 -32.46 -21.23
N VAL B 260 -15.66 -31.92 -20.06
CA VAL B 260 -15.62 -32.73 -18.84
C VAL B 260 -17.00 -33.24 -18.49
N TRP B 261 -18.02 -32.36 -18.60
CA TRP B 261 -19.38 -32.75 -18.27
C TRP B 261 -19.88 -33.87 -19.17
N LEU B 262 -19.63 -33.76 -20.48
CA LEU B 262 -20.11 -34.77 -21.41
C LEU B 262 -19.31 -36.06 -21.29
N THR B 263 -17.99 -35.96 -21.07
CA THR B 263 -17.18 -37.17 -20.92
C THR B 263 -17.54 -37.93 -19.66
N ALA B 264 -17.75 -37.22 -18.54
CA ALA B 264 -18.11 -37.89 -17.30
C ALA B 264 -19.46 -38.57 -17.40
N ALA B 265 -20.40 -37.95 -18.10
CA ALA B 265 -21.71 -38.57 -18.31
C ALA B 265 -21.58 -39.85 -19.12
N GLY B 266 -20.66 -39.87 -20.10
CA GLY B 266 -20.45 -41.08 -20.86
C GLY B 266 -19.87 -42.21 -20.04
N ILE B 267 -18.97 -41.89 -19.12
CA ILE B 267 -18.40 -42.91 -18.24
C ILE B 267 -19.48 -43.51 -17.35
N ILE B 268 -20.32 -42.66 -16.77
CA ILE B 268 -21.41 -43.14 -15.92
C ILE B 268 -22.39 -43.97 -16.74
N HIS B 269 -22.70 -43.52 -17.96
CA HIS B 269 -23.64 -44.25 -18.80
C HIS B 269 -23.12 -45.63 -19.15
N LEU B 270 -21.82 -45.75 -19.45
CA LEU B 270 -21.25 -47.04 -19.81
C LEU B 270 -21.18 -47.97 -18.60
N LEU B 271 -20.69 -47.46 -17.46
CA LEU B 271 -20.50 -48.31 -16.29
C LEU B 271 -21.84 -48.80 -15.73
N GLU B 272 -22.85 -47.92 -15.68
CA GLU B 272 -24.13 -48.30 -15.10
C GLU B 272 -24.88 -49.28 -16.00
N ASN B 273 -24.89 -49.02 -17.31
CA ASN B 273 -25.65 -49.87 -18.23
C ASN B 273 -25.00 -51.24 -18.39
N SER B 274 -23.68 -51.29 -18.42
CA SER B 274 -22.99 -52.56 -18.62
C SER B 274 -23.11 -53.45 -17.39
N GLY B 275 -22.99 -52.88 -16.20
CA GLY B 275 -23.00 -53.66 -14.97
C GLY B 275 -21.60 -53.97 -14.49
N ASP B 276 -21.55 -54.70 -13.38
CA ASP B 276 -20.28 -55.08 -12.79
C ASP B 276 -19.53 -56.04 -13.71
N PRO B 277 -18.20 -55.94 -13.78
CA PRO B 277 -17.44 -56.82 -14.67
C PRO B 277 -17.45 -58.26 -14.19
N LEU B 278 -17.39 -59.18 -15.17
CA LEU B 278 -17.28 -60.62 -14.99
C LEU B 278 -18.58 -61.27 -14.51
N ASP B 279 -19.58 -60.47 -14.17
CA ASP B 279 -20.92 -60.99 -13.92
C ASP B 279 -21.97 -60.33 -14.81
N PHE B 280 -21.97 -58.99 -14.88
CA PHE B 280 -22.87 -58.24 -15.75
C PHE B 280 -24.33 -58.63 -15.53
N ASP B 281 -24.71 -58.78 -14.26
CA ASP B 281 -26.09 -59.11 -13.89
C ASP B 281 -26.79 -58.01 -13.12
N ASN B 282 -26.05 -57.04 -12.59
CA ASN B 282 -26.63 -55.92 -11.83
C ASN B 282 -26.70 -54.66 -12.69
N ALA B 283 -26.97 -54.81 -13.98
CA ALA B 283 -27.01 -53.66 -14.89
C ALA B 283 -28.15 -52.73 -14.51
N HIS B 284 -27.85 -51.42 -14.53
CA HIS B 284 -28.83 -50.38 -14.24
C HIS B 284 -29.14 -49.63 -15.52
N ARG B 285 -30.39 -49.70 -15.95
CA ARG B 285 -30.81 -49.08 -17.21
C ARG B 285 -30.91 -47.58 -17.02
N LEU B 286 -29.99 -46.83 -17.61
CA LEU B 286 -29.99 -45.38 -17.56
C LEU B 286 -29.73 -44.83 -18.95
N SER B 287 -30.54 -43.86 -19.36
CA SER B 287 -30.29 -43.16 -20.61
C SER B 287 -29.10 -42.23 -20.48
N TYR B 288 -28.48 -41.91 -21.62
CA TYR B 288 -27.32 -41.03 -21.60
C TYR B 288 -27.70 -39.64 -21.09
N TRP B 289 -28.85 -39.12 -21.51
CA TRP B 289 -29.26 -37.79 -21.08
C TRP B 289 -29.66 -37.76 -19.61
N THR B 290 -30.13 -38.89 -19.08
CA THR B 290 -30.35 -38.98 -17.64
C THR B 290 -29.02 -38.88 -16.89
N CYS B 291 -27.97 -39.49 -17.43
CA CYS B 291 -26.64 -39.36 -16.83
C CYS B 291 -26.12 -37.94 -16.95
N VAL B 292 -26.44 -37.24 -18.05
CA VAL B 292 -26.08 -35.83 -18.16
C VAL B 292 -26.79 -35.02 -17.09
N TYR B 293 -28.09 -35.28 -16.89
CA TYR B 293 -28.83 -34.61 -15.84
C TYR B 293 -28.31 -35.00 -14.46
N PHE B 294 -27.93 -36.28 -14.29
CA PHE B 294 -27.39 -36.73 -13.01
C PHE B 294 -26.06 -36.04 -12.70
N LEU B 295 -25.23 -35.83 -13.72
CA LEU B 295 -23.91 -35.22 -13.50
C LEU B 295 -24.03 -33.77 -13.04
N ILE B 296 -24.91 -32.99 -13.65
CA ILE B 296 -25.04 -31.59 -13.27
C ILE B 296 -25.62 -31.45 -11.87
N VAL B 297 -26.47 -32.38 -11.46
CA VAL B 297 -26.97 -32.38 -10.09
C VAL B 297 -25.83 -32.66 -9.11
N THR B 298 -24.90 -33.54 -9.50
CA THR B 298 -23.78 -33.87 -8.64
C THR B 298 -22.80 -32.69 -8.51
N MET B 299 -22.42 -32.09 -9.64
CA MET B 299 -21.45 -31.00 -9.60
C MET B 299 -22.00 -29.78 -8.86
N SER B 300 -23.30 -29.52 -8.97
CA SER B 300 -23.92 -28.45 -8.22
C SER B 300 -24.04 -28.76 -6.74
N THR B 301 -23.71 -29.99 -6.33
CA THR B 301 -23.81 -30.44 -4.94
C THR B 301 -25.24 -30.34 -4.42
N VAL B 302 -26.21 -30.55 -5.30
CA VAL B 302 -27.62 -30.60 -4.90
C VAL B 302 -28.01 -32.00 -4.45
N GLY B 303 -27.72 -33.00 -5.28
CA GLY B 303 -27.91 -34.39 -4.91
C GLY B 303 -29.34 -34.77 -4.55
N TYR B 304 -30.25 -34.74 -5.53
CA TYR B 304 -31.63 -35.09 -5.26
C TYR B 304 -31.76 -36.54 -4.80
N GLY B 305 -31.03 -37.44 -5.43
CA GLY B 305 -31.10 -38.85 -5.10
C GLY B 305 -32.13 -39.65 -5.88
N ASP B 306 -32.92 -39.00 -6.74
CA ASP B 306 -33.83 -39.75 -7.60
C ASP B 306 -33.05 -40.64 -8.56
N VAL B 307 -31.93 -40.14 -9.08
CA VAL B 307 -31.03 -40.92 -9.92
C VAL B 307 -29.70 -41.05 -9.18
N TYR B 308 -29.22 -42.29 -9.05
CA TYR B 308 -27.97 -42.54 -8.35
C TYR B 308 -27.32 -43.79 -8.92
N CYS B 309 -26.02 -43.90 -8.70
CA CYS B 309 -25.27 -45.05 -9.17
C CYS B 309 -25.48 -46.24 -8.25
N GLU B 310 -25.63 -47.43 -8.85
CA GLU B 310 -25.83 -48.66 -8.09
C GLU B 310 -24.71 -49.67 -8.26
N THR B 311 -24.02 -49.68 -9.39
CA THR B 311 -22.95 -50.63 -9.62
C THR B 311 -21.71 -50.24 -8.82
N VAL B 312 -20.84 -51.24 -8.59
CA VAL B 312 -19.60 -51.00 -7.87
C VAL B 312 -18.69 -50.07 -8.65
N LEU B 313 -18.54 -50.31 -9.97
CA LEU B 313 -17.68 -49.48 -10.78
C LEU B 313 -18.23 -48.06 -10.90
N GLY B 314 -19.55 -47.92 -11.00
CA GLY B 314 -20.14 -46.59 -11.08
C GLY B 314 -19.89 -45.76 -9.85
N ARG B 315 -20.01 -46.37 -8.66
CA ARG B 315 -19.72 -45.65 -7.43
C ARG B 315 -18.24 -45.36 -7.28
N THR B 316 -17.38 -46.26 -7.75
CA THR B 316 -15.94 -46.04 -7.66
C THR B 316 -15.51 -44.82 -8.47
N PHE B 317 -16.04 -44.68 -9.69
CA PHE B 317 -15.73 -43.50 -10.48
C PHE B 317 -16.31 -42.24 -9.85
N LEU B 318 -17.50 -42.35 -9.25
CA LEU B 318 -18.11 -41.19 -8.62
C LEU B 318 -17.26 -40.67 -7.47
N VAL B 319 -16.55 -41.55 -6.78
CA VAL B 319 -15.69 -41.13 -5.68
C VAL B 319 -14.56 -40.24 -6.19
N PHE B 320 -13.89 -40.66 -7.27
CA PHE B 320 -12.83 -39.85 -7.84
C PHE B 320 -13.37 -38.56 -8.44
N PHE B 321 -14.55 -38.62 -9.07
CA PHE B 321 -15.12 -37.42 -9.68
C PHE B 321 -15.50 -36.40 -8.63
N LEU B 322 -16.02 -36.85 -7.48
CA LEU B 322 -16.40 -35.92 -6.42
C LEU B 322 -15.19 -35.14 -5.90
N LEU B 323 -13.98 -35.72 -6.01
CA LEU B 323 -12.79 -35.03 -5.54
C LEU B 323 -12.38 -33.91 -6.50
N VAL B 324 -12.48 -34.16 -7.80
CA VAL B 324 -11.99 -33.21 -8.80
C VAL B 324 -13.10 -32.54 -9.59
N GLY B 325 -14.21 -33.25 -9.87
CA GLY B 325 -15.27 -32.65 -10.66
C GLY B 325 -15.96 -31.49 -9.96
N LEU B 326 -16.10 -31.56 -8.64
CA LEU B 326 -16.74 -30.48 -7.90
C LEU B 326 -15.90 -29.21 -7.95
N ALA B 327 -14.57 -29.35 -7.92
CA ALA B 327 -13.70 -28.18 -8.01
C ALA B 327 -13.82 -27.48 -9.35
N ILE B 328 -14.03 -28.24 -10.43
CA ILE B 328 -14.18 -27.64 -11.75
C ILE B 328 -15.44 -26.77 -11.81
N PHE B 329 -16.55 -27.29 -11.28
CA PHE B 329 -17.80 -26.53 -11.29
C PHE B 329 -17.69 -25.26 -10.46
N ALA B 330 -17.05 -25.36 -9.29
CA ALA B 330 -16.94 -24.20 -8.40
C ALA B 330 -15.95 -23.17 -8.90
N SER B 331 -15.09 -23.53 -9.86
CA SER B 331 -14.09 -22.61 -10.37
C SER B 331 -14.43 -22.06 -11.76
N CYS B 332 -15.17 -22.82 -12.57
CA CYS B 332 -15.47 -22.40 -13.93
C CYS B 332 -16.74 -21.56 -14.01
N ILE B 333 -17.82 -22.02 -13.37
CA ILE B 333 -19.09 -21.31 -13.48
C ILE B 333 -19.02 -19.90 -12.90
N PRO B 334 -18.49 -19.66 -11.70
CA PRO B 334 -18.39 -18.26 -11.23
C PRO B 334 -17.53 -17.39 -12.12
N GLU B 335 -16.46 -17.95 -12.70
CA GLU B 335 -15.60 -17.18 -13.58
C GLU B 335 -16.24 -16.96 -14.96
N ILE B 336 -17.12 -17.86 -15.38
CA ILE B 336 -17.81 -17.67 -16.64
C ILE B 336 -18.84 -16.55 -16.53
N ILE B 337 -19.53 -16.48 -15.38
CA ILE B 337 -20.62 -15.51 -15.24
C ILE B 337 -20.10 -14.09 -15.27
N ASP B 338 -19.05 -13.79 -14.49
CA ASP B 338 -18.55 -12.42 -14.42
C ASP B 338 -17.75 -12.05 -15.67
N LEU B 339 -17.15 -13.04 -16.35
CA LEU B 339 -16.50 -12.76 -17.61
C LEU B 339 -17.50 -12.27 -18.65
N ILE B 340 -18.67 -12.92 -18.72
CA ILE B 340 -19.75 -12.41 -19.55
C ILE B 340 -20.21 -11.06 -19.04
N GLY B 341 -20.38 -10.94 -17.73
CA GLY B 341 -20.76 -9.68 -17.10
C GLY B 341 -22.13 -9.22 -17.55
N THR B 342 -22.28 -7.90 -17.64
CA THR B 342 -23.51 -7.28 -18.08
C THR B 342 -23.21 -6.34 -19.24
N ARG B 343 -24.21 -6.14 -20.10
CA ARG B 343 -24.05 -5.25 -21.23
C ARG B 343 -23.83 -3.81 -20.75
N ALA B 344 -23.08 -3.05 -21.56
CA ALA B 344 -22.79 -1.66 -21.21
C ALA B 344 -24.07 -0.85 -21.13
N LYS B 345 -24.45 -0.45 -19.92
CA LYS B 345 -25.70 0.29 -19.73
C LYS B 345 -25.64 1.65 -20.43
N TYR B 346 -24.50 2.31 -20.37
CA TYR B 346 -24.33 3.65 -20.94
C TYR B 346 -23.36 3.55 -22.11
N GLY B 347 -23.86 3.80 -23.32
CA GLY B 347 -23.04 3.69 -24.51
C GLY B 347 -23.87 4.03 -25.72
N GLY B 348 -23.23 3.97 -26.88
CA GLY B 348 -23.90 4.30 -28.12
C GLY B 348 -23.95 5.79 -28.37
N THR B 349 -24.55 6.15 -29.50
CA THR B 349 -24.60 7.52 -29.96
C THR B 349 -25.87 8.22 -29.47
N LEU B 350 -25.76 9.52 -29.22
CA LEU B 350 -26.93 10.32 -28.90
C LEU B 350 -27.82 10.45 -30.13
N LYS B 351 -29.11 10.18 -29.97
CA LYS B 351 -30.03 10.22 -31.09
C LYS B 351 -30.22 11.65 -31.58
N ASN B 352 -30.22 11.81 -32.90
CA ASN B 352 -30.37 13.13 -33.50
C ASN B 352 -31.84 13.49 -33.63
N GLU B 353 -32.15 14.75 -33.33
CA GLU B 353 -33.51 15.29 -33.44
C GLU B 353 -33.48 16.59 -34.21
N LYS B 354 -34.56 16.86 -34.93
CA LYS B 354 -34.67 18.08 -35.72
C LYS B 354 -35.06 19.25 -34.83
N GLY B 355 -34.34 20.36 -34.94
CA GLY B 355 -34.61 21.53 -34.13
C GLY B 355 -34.42 21.29 -32.65
N ARG B 356 -33.36 20.57 -32.28
CA ARG B 356 -33.07 20.24 -30.90
C ARG B 356 -31.77 20.92 -30.46
N ARG B 357 -31.79 21.49 -29.26
CA ARG B 357 -30.62 22.14 -28.68
C ARG B 357 -30.14 21.35 -27.47
N HIS B 358 -28.83 21.15 -27.39
CA HIS B 358 -28.25 20.42 -26.28
C HIS B 358 -26.85 20.95 -26.00
N ILE B 359 -26.38 20.69 -24.78
CA ILE B 359 -25.04 21.07 -24.36
C ILE B 359 -24.35 19.84 -23.79
N VAL B 360 -23.02 19.85 -23.85
CA VAL B 360 -22.20 18.75 -23.35
C VAL B 360 -21.48 19.23 -22.10
N VAL B 361 -21.60 18.47 -21.01
CA VAL B 361 -20.97 18.78 -19.75
C VAL B 361 -20.00 17.67 -19.40
N CYS B 362 -18.75 18.02 -19.16
CA CYS B 362 -17.69 17.06 -18.85
C CYS B 362 -16.87 17.59 -17.68
N GLY B 363 -15.84 16.84 -17.31
CA GLY B 363 -14.97 17.23 -16.23
C GLY B 363 -15.28 16.46 -14.95
N HIS B 364 -15.49 17.20 -13.86
CA HIS B 364 -15.79 16.60 -12.55
C HIS B 364 -17.28 16.29 -12.49
N ILE B 365 -17.64 15.04 -12.79
CA ILE B 365 -19.03 14.60 -12.83
C ILE B 365 -19.24 13.69 -11.62
N THR B 366 -19.82 14.25 -10.56
CA THR B 366 -20.18 13.50 -9.36
C THR B 366 -21.64 13.78 -9.02
N TYR B 367 -22.15 13.07 -8.02
CA TYR B 367 -23.54 13.28 -7.62
C TYR B 367 -23.76 14.69 -7.10
N GLU B 368 -22.85 15.18 -6.27
CA GLU B 368 -22.99 16.52 -5.70
C GLU B 368 -22.90 17.59 -6.78
N SER B 369 -21.96 17.44 -7.71
CA SER B 369 -21.79 18.45 -8.75
C SER B 369 -22.94 18.44 -9.74
N VAL B 370 -23.43 17.25 -10.11
CA VAL B 370 -24.51 17.17 -11.09
C VAL B 370 -25.82 17.68 -10.48
N SER B 371 -26.12 17.28 -9.24
CA SER B 371 -27.37 17.72 -8.62
C SER B 371 -27.39 19.22 -8.43
N HIS B 372 -26.26 19.80 -7.99
CA HIS B 372 -26.20 21.26 -7.83
C HIS B 372 -26.31 21.96 -9.18
N PHE B 373 -25.65 21.44 -10.21
CA PHE B 373 -25.73 22.05 -11.53
C PHE B 373 -27.14 21.98 -12.10
N LEU B 374 -27.80 20.83 -11.96
CA LEU B 374 -29.12 20.65 -12.55
C LEU B 374 -30.17 21.52 -11.86
N LYS B 375 -30.04 21.72 -10.54
CA LYS B 375 -30.98 22.57 -9.83
C LYS B 375 -30.92 24.00 -10.34
N ASP B 376 -29.71 24.52 -10.57
CA ASP B 376 -29.56 25.87 -11.09
C ASP B 376 -29.91 25.94 -12.57
N PHE B 377 -29.51 24.95 -13.35
CA PHE B 377 -29.78 24.96 -14.79
C PHE B 377 -31.26 24.89 -15.07
N LEU B 378 -31.99 24.04 -14.35
CA LEU B 378 -33.42 23.86 -14.54
C LEU B 378 -34.11 24.49 -13.33
N HIS B 379 -34.36 25.79 -13.41
CA HIS B 379 -35.06 26.54 -12.38
C HIS B 379 -36.21 27.30 -13.02
N GLU B 380 -37.39 27.23 -12.39
CA GLU B 380 -38.56 27.88 -12.97
C GLU B 380 -38.61 29.36 -12.67
N ASP B 381 -37.57 29.93 -12.05
CA ASP B 381 -37.45 31.37 -11.96
C ASP B 381 -36.89 32.00 -13.22
N ARG B 382 -36.28 31.21 -14.11
CA ARG B 382 -35.65 31.72 -15.32
C ARG B 382 -36.49 31.37 -16.55
N GLU B 383 -36.04 31.88 -17.69
CA GLU B 383 -36.76 31.70 -18.95
C GLU B 383 -36.85 30.22 -19.32
N ASP B 384 -37.97 29.84 -19.92
CA ASP B 384 -38.20 28.45 -20.32
C ASP B 384 -37.53 28.21 -21.68
N VAL B 385 -36.52 27.35 -21.69
CA VAL B 385 -35.81 27.00 -22.91
C VAL B 385 -35.69 25.48 -22.98
N ASP B 386 -35.85 24.93 -24.19
CA ASP B 386 -35.78 23.49 -24.39
C ASP B 386 -34.36 23.10 -24.77
N VAL B 387 -33.50 23.08 -23.75
CA VAL B 387 -32.11 22.65 -23.89
C VAL B 387 -31.90 21.48 -22.94
N GLU B 388 -31.44 20.36 -23.48
CA GLU B 388 -31.16 19.18 -22.68
C GLU B 388 -29.67 19.04 -22.45
N VAL B 389 -29.32 18.47 -21.30
CA VAL B 389 -27.93 18.35 -20.86
C VAL B 389 -27.44 16.95 -21.15
N VAL B 390 -26.28 16.84 -21.79
CA VAL B 390 -25.64 15.57 -22.07
C VAL B 390 -24.37 15.50 -21.25
N PHE B 391 -24.25 14.46 -20.42
CA PHE B 391 -23.11 14.29 -19.53
C PHE B 391 -22.20 13.20 -20.10
N LEU B 392 -20.89 13.50 -20.12
CA LEU B 392 -19.88 12.54 -20.58
C LEU B 392 -18.84 12.38 -19.48
N HIS B 393 -18.61 11.14 -19.07
CA HIS B 393 -17.65 10.86 -18.01
C HIS B 393 -17.06 9.47 -18.24
N ARG B 394 -15.88 9.26 -17.65
CA ARG B 394 -15.18 7.99 -17.83
C ARG B 394 -15.72 6.91 -16.90
N LYS B 395 -15.72 7.17 -15.60
CA LYS B 395 -16.18 6.17 -14.64
C LYS B 395 -17.69 6.03 -14.74
N PRO B 396 -18.22 4.80 -14.59
CA PRO B 396 -19.67 4.63 -14.57
C PRO B 396 -20.27 5.28 -13.34
N PRO B 397 -21.48 5.82 -13.45
CA PRO B 397 -22.09 6.48 -12.29
C PRO B 397 -22.49 5.47 -11.22
N ASP B 398 -22.52 5.95 -9.98
CA ASP B 398 -22.96 5.12 -8.88
C ASP B 398 -24.49 5.07 -8.82
N LEU B 399 -25.01 4.38 -7.81
CA LEU B 399 -26.47 4.22 -7.71
C LEU B 399 -27.17 5.54 -7.48
N GLU B 400 -26.58 6.43 -6.67
CA GLU B 400 -27.19 7.72 -6.42
C GLU B 400 -27.28 8.55 -7.70
N LEU B 401 -26.22 8.58 -8.49
CA LEU B 401 -26.22 9.35 -9.72
C LEU B 401 -27.19 8.75 -10.74
N GLU B 402 -27.29 7.43 -10.80
CA GLU B 402 -28.20 6.79 -11.74
C GLU B 402 -29.65 7.15 -11.44
N GLY B 403 -30.01 7.21 -10.15
CA GLY B 403 -31.36 7.62 -9.79
C GLY B 403 -31.65 9.06 -10.17
N LEU B 404 -30.66 9.93 -10.04
CA LEU B 404 -30.84 11.32 -10.42
C LEU B 404 -31.10 11.46 -11.92
N PHE B 405 -30.38 10.68 -12.73
CA PHE B 405 -30.61 10.70 -14.18
C PHE B 405 -31.98 10.16 -14.52
N LYS B 406 -32.48 9.18 -13.76
CA LYS B 406 -33.80 8.64 -14.01
C LYS B 406 -34.90 9.69 -13.79
N ARG B 407 -34.74 10.51 -12.76
CA ARG B 407 -35.74 11.54 -12.47
C ARG B 407 -35.74 12.66 -13.50
N HIS B 408 -34.68 12.79 -14.28
CA HIS B 408 -34.58 13.77 -15.35
C HIS B 408 -34.47 13.07 -16.70
N PHE B 409 -35.28 12.04 -16.90
CA PHE B 409 -35.14 11.19 -18.07
C PHE B 409 -35.40 11.96 -19.36
N THR B 410 -36.37 12.87 -19.35
CA THR B 410 -36.76 13.58 -20.56
C THR B 410 -35.86 14.75 -20.91
N THR B 411 -34.95 15.14 -20.02
CA THR B 411 -34.13 16.32 -20.25
C THR B 411 -32.64 16.13 -19.96
N VAL B 412 -32.22 14.99 -19.44
CA VAL B 412 -30.82 14.75 -19.10
C VAL B 412 -30.42 13.39 -19.65
N GLU B 413 -29.28 13.34 -20.33
CA GLU B 413 -28.74 12.11 -20.90
C GLU B 413 -27.31 11.93 -20.43
N PHE B 414 -26.92 10.68 -20.17
CA PHE B 414 -25.57 10.35 -19.74
C PHE B 414 -24.95 9.35 -20.70
N PHE B 415 -23.68 9.54 -21.01
CA PHE B 415 -22.90 8.64 -21.85
C PHE B 415 -21.55 8.40 -21.21
N GLN B 416 -21.04 7.17 -21.36
CA GLN B 416 -19.74 6.81 -20.79
C GLN B 416 -18.66 6.99 -21.85
N GLY B 417 -17.63 7.75 -21.49
CA GLY B 417 -16.54 8.01 -22.41
C GLY B 417 -15.73 9.20 -21.95
N THR B 418 -14.64 9.43 -22.66
CA THR B 418 -13.71 10.51 -22.33
C THR B 418 -13.75 11.56 -23.43
N ILE B 419 -13.64 12.83 -23.02
CA ILE B 419 -13.63 13.93 -23.98
C ILE B 419 -12.35 13.94 -24.81
N MET B 420 -11.31 13.22 -24.37
CA MET B 420 -10.06 13.16 -25.11
C MET B 420 -10.11 12.17 -26.26
N ASN B 421 -11.18 11.37 -26.37
CA ASN B 421 -11.32 10.41 -27.45
C ASN B 421 -12.18 11.02 -28.55
N PRO B 422 -11.64 11.18 -29.76
CA PRO B 422 -12.47 11.73 -30.85
C PRO B 422 -13.68 10.86 -31.19
N ILE B 423 -13.63 9.56 -30.91
CA ILE B 423 -14.80 8.71 -31.12
C ILE B 423 -15.92 9.10 -30.17
N ASP B 424 -15.59 9.37 -28.91
CA ASP B 424 -16.61 9.74 -27.93
C ASP B 424 -17.19 11.12 -28.22
N LEU B 425 -16.40 12.02 -28.80
CA LEU B 425 -16.91 13.34 -29.18
C LEU B 425 -17.98 13.20 -30.26
N GLN B 426 -17.79 12.25 -31.19
CA GLN B 426 -18.80 12.00 -32.20
C GLN B 426 -20.07 11.43 -31.59
N ARG B 427 -19.94 10.58 -30.57
CA ARG B 427 -21.10 9.94 -29.97
C ARG B 427 -22.02 10.98 -29.32
N VAL B 428 -21.46 11.98 -28.64
CA VAL B 428 -22.27 13.01 -28.00
C VAL B 428 -22.60 14.15 -28.94
N LYS B 429 -22.11 14.11 -30.18
CA LYS B 429 -22.39 15.13 -31.19
C LYS B 429 -21.96 16.52 -30.69
N VAL B 430 -20.65 16.65 -30.45
CA VAL B 430 -20.12 17.91 -29.98
C VAL B 430 -20.27 19.00 -31.03
N HIS B 431 -20.07 18.64 -32.30
CA HIS B 431 -20.15 19.62 -33.38
C HIS B 431 -21.54 20.25 -33.49
N GLU B 432 -22.58 19.56 -33.04
CA GLU B 432 -23.94 20.09 -33.07
C GLU B 432 -24.37 20.67 -31.73
N ALA B 433 -23.53 20.63 -30.72
CA ALA B 433 -23.88 21.14 -29.40
C ALA B 433 -23.82 22.67 -29.37
N ASP B 434 -24.72 23.26 -28.60
CA ASP B 434 -24.71 24.71 -28.43
C ASP B 434 -23.44 25.18 -27.73
N ALA B 435 -23.01 24.46 -26.70
CA ALA B 435 -21.81 24.82 -25.96
C ALA B 435 -21.31 23.59 -25.23
N CYS B 436 -20.04 23.64 -24.83
CA CYS B 436 -19.41 22.58 -24.05
C CYS B 436 -18.96 23.16 -22.72
N LEU B 437 -19.37 22.52 -21.63
CA LEU B 437 -19.08 22.99 -20.28
C LEU B 437 -18.11 22.02 -19.61
N VAL B 438 -17.05 22.55 -19.04
CA VAL B 438 -16.00 21.75 -18.40
C VAL B 438 -16.04 22.07 -16.91
N LEU B 439 -16.62 21.16 -16.13
CA LEU B 439 -16.63 21.31 -14.69
C LEU B 439 -15.25 21.00 -14.11
N ALA B 440 -14.96 21.61 -12.96
CA ALA B 440 -13.66 21.47 -12.32
C ALA B 440 -13.84 20.97 -10.89
N ASN B 441 -12.84 20.23 -10.41
CA ASN B 441 -12.81 19.74 -9.03
C ASN B 441 -12.16 20.82 -8.17
N LYS B 442 -13.00 21.62 -7.49
CA LYS B 442 -12.49 22.70 -6.67
C LYS B 442 -11.73 22.19 -5.45
N TYR B 443 -12.13 21.04 -4.91
CA TYR B 443 -11.46 20.45 -3.76
C TYR B 443 -10.49 19.36 -4.24
N CYS B 444 -9.40 19.83 -4.86
CA CYS B 444 -8.38 18.97 -5.40
C CYS B 444 -7.06 19.22 -4.68
N GLN B 445 -6.27 18.15 -4.55
CA GLN B 445 -4.98 18.26 -3.85
C GLN B 445 -4.02 19.18 -4.59
N ASP B 446 -3.95 19.05 -5.92
CA ASP B 446 -3.04 19.83 -6.74
C ASP B 446 -3.83 20.69 -7.73
N PRO B 447 -3.97 21.99 -7.48
CA PRO B 447 -4.67 22.84 -8.45
C PRO B 447 -4.00 22.88 -9.81
N ASP B 448 -2.67 22.81 -9.86
CA ASP B 448 -1.96 22.81 -11.14
C ASP B 448 -2.30 21.57 -11.96
N ALA B 449 -2.33 20.41 -11.32
CA ALA B 449 -2.67 19.18 -12.02
C ALA B 449 -4.10 19.21 -12.54
N GLU B 450 -5.03 19.73 -11.73
CA GLU B 450 -6.43 19.82 -12.16
C GLU B 450 -6.58 20.77 -13.34
N ASP B 451 -5.88 21.90 -13.30
CA ASP B 451 -5.98 22.87 -14.40
C ASP B 451 -5.39 22.31 -15.70
N ALA B 452 -4.30 21.56 -15.59
CA ALA B 452 -3.68 20.99 -16.79
C ALA B 452 -4.61 19.99 -17.47
N ALA B 453 -5.29 19.16 -16.67
CA ALA B 453 -6.22 18.19 -17.25
C ALA B 453 -7.38 18.88 -17.94
N ASN B 454 -7.92 19.94 -17.34
CA ASN B 454 -9.04 20.65 -17.94
C ASN B 454 -8.63 21.41 -19.18
N ILE B 455 -7.41 21.96 -19.20
CA ILE B 455 -6.92 22.66 -20.39
C ILE B 455 -6.79 21.69 -21.56
N MET B 456 -6.31 20.48 -21.30
CA MET B 456 -6.21 19.48 -22.36
C MET B 456 -7.59 19.09 -22.90
N ARG B 457 -8.61 19.14 -22.04
CA ARG B 457 -9.97 18.87 -22.51
C ARG B 457 -10.43 19.92 -23.51
N VAL B 458 -10.11 21.18 -23.25
CA VAL B 458 -10.46 22.25 -24.19
C VAL B 458 -9.71 22.06 -25.51
N ILE B 459 -8.44 21.66 -25.44
CA ILE B 459 -7.67 21.40 -26.65
C ILE B 459 -8.31 20.28 -27.45
N SER B 460 -8.73 19.21 -26.77
CA SER B 460 -9.37 18.09 -27.46
C SER B 460 -10.67 18.53 -28.13
N ILE B 461 -11.48 19.33 -27.44
CA ILE B 461 -12.73 19.80 -28.03
C ILE B 461 -12.45 20.72 -29.21
N LYS B 462 -11.50 21.65 -29.06
CA LYS B 462 -11.17 22.55 -30.15
C LYS B 462 -10.52 21.82 -31.31
N ASN B 463 -9.79 20.74 -31.04
CA ASN B 463 -9.21 19.94 -32.11
C ASN B 463 -10.30 19.28 -32.95
N TYR B 464 -11.34 18.78 -32.30
CA TYR B 464 -12.45 18.16 -33.03
C TYR B 464 -13.17 19.18 -33.91
N SER B 465 -13.41 20.37 -33.37
CA SER B 465 -14.05 21.44 -34.13
C SER B 465 -13.66 22.76 -33.50
N ASP B 466 -13.46 23.79 -34.34
CA ASP B 466 -13.01 25.08 -33.84
C ASP B 466 -14.16 26.01 -33.47
N ASP B 467 -15.30 25.90 -34.15
CA ASP B 467 -16.44 26.79 -33.90
C ASP B 467 -17.41 26.20 -32.88
N ILE B 468 -16.91 25.80 -31.72
CA ILE B 468 -17.74 25.28 -30.65
C ILE B 468 -17.49 26.13 -29.40
N ARG B 469 -18.57 26.64 -28.82
CA ARG B 469 -18.46 27.45 -27.62
C ARG B 469 -18.03 26.59 -26.44
N VAL B 470 -17.02 27.04 -25.71
CA VAL B 470 -16.47 26.30 -24.58
C VAL B 470 -16.45 27.21 -23.35
N ILE B 471 -17.03 26.72 -22.26
CA ILE B 471 -16.98 27.40 -20.96
C ILE B 471 -16.30 26.45 -19.99
N ILE B 472 -15.20 26.90 -19.39
CA ILE B 472 -14.36 26.06 -18.55
C ILE B 472 -14.13 26.75 -17.22
N GLN B 473 -14.23 25.99 -16.14
CA GLN B 473 -13.89 26.47 -14.80
C GLN B 473 -12.39 26.29 -14.59
N LEU B 474 -11.70 27.37 -14.24
CA LEU B 474 -10.27 27.35 -14.03
C LEU B 474 -9.94 27.61 -12.57
N MET B 475 -8.90 26.95 -12.07
CA MET B 475 -8.53 27.03 -10.67
C MET B 475 -7.60 28.21 -10.38
N GLN B 476 -6.60 28.45 -11.23
CA GLN B 476 -5.60 29.48 -10.99
C GLN B 476 -5.51 30.40 -12.20
N TYR B 477 -5.16 31.66 -11.94
CA TYR B 477 -5.15 32.66 -13.00
C TYR B 477 -3.97 32.48 -13.94
N HIS B 478 -2.82 32.03 -13.43
CA HIS B 478 -1.65 31.90 -14.28
C HIS B 478 -1.81 30.82 -15.33
N ASN B 479 -2.78 29.92 -15.17
CA ASN B 479 -3.09 28.94 -16.20
C ASN B 479 -4.01 29.49 -17.28
N LYS B 480 -4.58 30.68 -17.09
CA LYS B 480 -5.45 31.28 -18.10
C LYS B 480 -4.68 31.70 -19.35
N ALA B 481 -3.39 31.95 -19.23
CA ALA B 481 -2.60 32.37 -20.38
C ALA B 481 -2.52 31.26 -21.43
N TYR B 482 -2.47 30.01 -20.99
CA TYR B 482 -2.38 28.89 -21.93
C TYR B 482 -3.62 28.82 -22.82
N LEU B 483 -4.80 29.00 -22.23
CA LEU B 483 -6.03 28.96 -23.02
C LEU B 483 -6.10 30.13 -24.00
N LEU B 484 -5.67 31.31 -23.56
CA LEU B 484 -5.71 32.48 -24.43
C LEU B 484 -4.79 32.35 -25.62
N ASN B 485 -3.69 31.60 -25.47
CA ASN B 485 -2.73 31.40 -26.54
C ASN B 485 -3.13 30.30 -27.51
N ILE B 486 -4.23 29.61 -27.26
CA ILE B 486 -4.73 28.61 -28.22
C ILE B 486 -5.22 29.32 -29.47
N PRO B 487 -4.84 28.87 -30.67
CA PRO B 487 -5.29 29.56 -31.89
C PRO B 487 -6.79 29.60 -32.06
N SER B 488 -7.51 28.56 -31.62
CA SER B 488 -8.95 28.49 -31.83
C SER B 488 -9.75 29.18 -30.73
N TRP B 489 -9.11 29.64 -29.66
CA TRP B 489 -9.82 30.32 -28.60
C TRP B 489 -10.24 31.71 -29.06
N ASP B 490 -11.51 32.06 -28.86
CA ASP B 490 -12.05 33.34 -29.29
C ASP B 490 -13.12 33.78 -28.30
N TRP B 491 -12.81 34.84 -27.54
CA TRP B 491 -13.80 35.39 -26.62
C TRP B 491 -14.96 36.06 -27.35
N LYS B 492 -14.74 36.51 -28.59
CA LYS B 492 -15.83 37.11 -29.36
C LYS B 492 -16.94 36.11 -29.64
N GLN B 493 -16.57 34.86 -29.97
CA GLN B 493 -17.53 33.84 -30.33
C GLN B 493 -18.25 33.23 -29.12
N GLY B 494 -17.84 33.57 -27.90
CA GLY B 494 -18.50 33.08 -26.70
C GLY B 494 -17.63 32.23 -25.80
N ASP B 495 -16.35 31.99 -26.12
CA ASP B 495 -15.50 31.23 -25.22
C ASP B 495 -15.22 32.04 -23.96
N ASP B 496 -15.44 31.41 -22.80
CA ASP B 496 -15.30 32.08 -21.52
C ASP B 496 -14.52 31.21 -20.56
N VAL B 497 -13.74 31.86 -19.69
CA VAL B 497 -12.99 31.20 -18.64
C VAL B 497 -13.51 31.74 -17.31
N ILE B 498 -13.97 30.83 -16.44
CA ILE B 498 -14.42 31.20 -15.10
C ILE B 498 -13.29 30.82 -14.16
N CYS B 499 -12.51 31.81 -13.75
CA CYS B 499 -11.37 31.58 -12.86
C CYS B 499 -11.83 31.74 -11.41
N LEU B 500 -11.80 30.63 -10.66
CA LEU B 500 -12.26 30.68 -9.27
C LEU B 500 -11.35 31.56 -8.42
N ALA B 501 -10.03 31.48 -8.63
CA ALA B 501 -9.11 32.30 -7.85
C ALA B 501 -9.33 33.78 -8.12
N GLU B 502 -9.51 34.15 -9.40
CA GLU B 502 -9.72 35.56 -9.73
C GLU B 502 -11.06 36.06 -9.18
N LEU B 503 -12.11 35.24 -9.27
CA LEU B 503 -13.42 35.68 -8.81
C LEU B 503 -13.51 35.70 -7.29
N LYS B 504 -12.95 34.68 -6.63
CA LYS B 504 -13.03 34.61 -5.17
C LYS B 504 -12.31 35.79 -4.54
N LEU B 505 -11.06 36.06 -4.96
CA LEU B 505 -10.32 37.17 -4.39
C LEU B 505 -10.84 38.52 -4.86
N GLY B 506 -11.52 38.57 -6.00
CA GLY B 506 -12.17 39.81 -6.41
C GLY B 506 -13.31 40.19 -5.50
N PHE B 507 -14.08 39.19 -5.04
CA PHE B 507 -15.16 39.47 -4.10
C PHE B 507 -14.61 39.93 -2.75
N ILE B 508 -13.49 39.34 -2.31
CA ILE B 508 -12.87 39.77 -1.06
C ILE B 508 -12.37 41.20 -1.18
N ALA B 509 -11.75 41.54 -2.31
CA ALA B 509 -11.23 42.89 -2.50
C ALA B 509 -12.33 43.92 -2.49
N GLN B 510 -13.47 43.63 -3.12
CA GLN B 510 -14.59 44.55 -3.11
C GLN B 510 -15.18 44.71 -1.71
N SER B 511 -15.09 43.67 -0.89
CA SER B 511 -15.58 43.76 0.48
C SER B 511 -14.75 44.70 1.34
N CYS B 512 -13.48 44.91 0.99
CA CYS B 512 -12.66 45.87 1.72
C CYS B 512 -13.20 47.28 1.55
N LEU B 513 -13.63 47.63 0.34
CA LEU B 513 -14.20 48.95 0.11
C LEU B 513 -15.60 49.07 0.70
N ALA B 514 -16.41 48.01 0.56
CA ALA B 514 -17.77 47.99 1.09
C ALA B 514 -18.00 46.64 1.76
N PRO B 515 -17.94 46.57 3.08
CA PRO B 515 -18.14 45.29 3.77
C PRO B 515 -19.50 44.70 3.48
N GLY B 516 -19.54 43.38 3.35
CA GLY B 516 -20.77 42.68 3.01
C GLY B 516 -21.08 42.60 1.53
N PHE B 517 -20.24 43.18 0.68
CA PHE B 517 -20.50 43.14 -0.75
C PHE B 517 -20.36 41.74 -1.32
N SER B 518 -19.48 40.91 -0.73
CA SER B 518 -19.32 39.55 -1.22
C SER B 518 -20.60 38.74 -1.06
N THR B 519 -21.30 38.92 0.06
CA THR B 519 -22.57 38.22 0.27
C THR B 519 -23.62 38.69 -0.73
N MET B 520 -23.70 40.01 -0.95
CA MET B 520 -24.70 40.53 -1.88
C MET B 520 -24.46 40.04 -3.30
N MET B 521 -23.21 40.05 -3.74
CA MET B 521 -22.90 39.64 -5.11
C MET B 521 -23.05 38.14 -5.30
N ALA B 522 -22.64 37.35 -4.30
CA ALA B 522 -22.75 35.91 -4.41
C ALA B 522 -24.19 35.45 -4.51
N ASN B 523 -25.08 36.07 -3.74
CA ASN B 523 -26.50 35.69 -3.77
C ASN B 523 -27.18 36.13 -5.06
N LEU B 524 -26.62 37.10 -5.77
CA LEU B 524 -27.28 37.62 -6.97
C LEU B 524 -27.32 36.56 -8.08
N PHE B 525 -26.26 35.77 -8.22
CA PHE B 525 -26.16 34.80 -9.30
C PHE B 525 -26.45 33.38 -8.85
N ALA B 526 -26.93 33.20 -7.62
CA ALA B 526 -27.49 31.94 -7.17
C ALA B 526 -29.00 32.01 -7.28
N MET B 527 -29.59 31.12 -8.08
CA MET B 527 -31.00 31.20 -8.40
C MET B 527 -31.82 30.58 -7.28
N ARG B 528 -32.55 31.41 -6.54
CA ARG B 528 -33.37 30.97 -5.43
C ARG B 528 -34.78 31.51 -5.60
N SER B 529 -35.77 30.69 -5.25
CA SER B 529 -37.17 31.11 -5.26
C SER B 529 -37.60 31.43 -3.84
N PHE B 530 -38.11 32.64 -3.65
CA PHE B 530 -38.48 33.14 -2.33
C PHE B 530 -39.99 33.29 -2.22
N LYS B 531 -40.55 32.72 -1.16
CA LYS B 531 -41.95 32.92 -0.80
C LYS B 531 -42.03 33.20 0.69
N THR B 532 -42.95 34.09 1.07
CA THR B 532 -43.01 34.56 2.45
C THR B 532 -43.39 33.43 3.39
N SER B 533 -42.65 33.31 4.49
CA SER B 533 -42.94 32.34 5.52
C SER B 533 -44.02 32.88 6.47
N PRO B 534 -44.75 31.98 7.16
CA PRO B 534 -45.79 32.46 8.08
C PRO B 534 -45.25 33.30 9.22
N ASP B 535 -44.28 32.80 9.96
CA ASP B 535 -43.73 33.53 11.10
C ASP B 535 -42.32 33.06 11.38
N MET B 536 -41.39 34.01 11.42
CA MET B 536 -39.99 33.76 11.79
C MET B 536 -39.36 35.11 12.12
N GLN B 537 -38.06 35.09 12.40
CA GLN B 537 -37.36 36.31 12.78
C GLN B 537 -37.47 37.36 11.68
N SER B 538 -37.69 38.62 12.09
CA SER B 538 -37.89 39.70 11.14
C SER B 538 -36.64 39.92 10.29
N TRP B 539 -35.46 39.89 10.91
CA TRP B 539 -34.23 40.08 10.15
C TRP B 539 -33.98 38.92 9.18
N THR B 540 -34.37 37.70 9.55
CA THR B 540 -34.25 36.57 8.64
C THR B 540 -35.17 36.75 7.43
N ASN B 541 -36.39 37.24 7.66
CA ASN B 541 -37.33 37.46 6.56
C ASN B 541 -36.80 38.50 5.58
N ASP B 542 -36.26 39.60 6.09
CA ASP B 542 -35.73 40.64 5.23
C ASP B 542 -34.54 40.13 4.42
N TYR B 543 -33.65 39.36 5.06
CA TYR B 543 -32.51 38.80 4.35
C TYR B 543 -32.95 37.78 3.30
N LEU B 544 -33.94 36.96 3.65
CA LEU B 544 -34.39 35.91 2.73
C LEU B 544 -35.01 36.51 1.46
N ARG B 545 -35.72 37.63 1.60
CA ARG B 545 -36.29 38.28 0.42
C ARG B 545 -35.22 38.75 -0.54
N GLY B 546 -34.11 39.29 -0.01
CA GLY B 546 -33.02 39.72 -0.85
C GLY B 546 -32.33 38.57 -1.58
N THR B 547 -32.26 37.40 -0.94
CA THR B 547 -31.62 36.25 -1.57
C THR B 547 -32.39 35.74 -2.79
N GLY B 548 -33.67 36.08 -2.91
CA GLY B 548 -34.46 35.68 -4.04
C GLY B 548 -34.28 36.51 -5.28
N MET B 549 -33.50 37.57 -5.21
CA MET B 549 -33.27 38.44 -6.36
C MET B 549 -32.09 37.93 -7.18
N GLU B 550 -32.26 37.95 -8.51
CA GLU B 550 -31.22 37.56 -9.45
C GLU B 550 -31.00 38.69 -10.43
N MET B 551 -30.11 38.46 -11.39
CA MET B 551 -29.83 39.42 -12.46
C MET B 551 -30.36 38.87 -13.77
N TYR B 552 -31.13 39.70 -14.48
CA TYR B 552 -31.73 39.32 -15.74
C TYR B 552 -31.49 40.40 -16.78
N THR B 553 -31.41 39.97 -18.04
CA THR B 553 -31.22 40.87 -19.17
C THR B 553 -32.52 40.94 -19.96
N GLU B 554 -32.95 42.16 -20.29
CA GLU B 554 -34.17 42.37 -21.05
C GLU B 554 -33.98 43.57 -21.96
N THR B 555 -34.54 43.47 -23.17
CA THR B 555 -34.49 44.59 -24.10
C THR B 555 -35.39 45.71 -23.61
N LEU B 556 -34.85 46.93 -23.59
CA LEU B 556 -35.63 48.07 -23.11
C LEU B 556 -36.74 48.43 -24.09
N SER B 557 -37.83 48.94 -23.55
CA SER B 557 -38.97 49.33 -24.37
C SER B 557 -38.59 50.50 -25.27
N PRO B 558 -39.23 50.61 -26.44
CA PRO B 558 -38.96 51.76 -27.30
C PRO B 558 -39.32 53.10 -26.67
N THR B 559 -40.18 53.10 -25.64
CA THR B 559 -40.51 54.34 -24.95
C THR B 559 -39.28 54.95 -24.28
N PHE B 560 -38.31 54.12 -23.90
CA PHE B 560 -37.11 54.60 -23.22
C PHE B 560 -36.12 55.30 -24.15
N ILE B 561 -36.34 55.23 -25.48
CA ILE B 561 -35.38 55.80 -26.41
C ILE B 561 -35.38 57.32 -26.30
N GLY B 562 -34.18 57.90 -26.19
CA GLY B 562 -34.01 59.33 -26.16
C GLY B 562 -33.91 59.95 -24.78
N ILE B 563 -33.97 59.17 -23.72
CA ILE B 563 -33.88 59.71 -22.36
C ILE B 563 -32.56 59.27 -21.75
N PRO B 564 -32.01 60.03 -20.80
CA PRO B 564 -30.76 59.61 -20.15
C PRO B 564 -30.98 58.40 -19.27
N PHE B 565 -29.86 57.76 -18.90
CA PHE B 565 -29.92 56.56 -18.07
C PHE B 565 -30.52 56.87 -16.70
N ALA B 566 -30.19 58.03 -16.13
CA ALA B 566 -30.66 58.35 -14.79
C ALA B 566 -32.19 58.41 -14.74
N GLN B 567 -32.82 58.99 -15.77
CA GLN B 567 -34.27 59.02 -15.81
C GLN B 567 -34.84 57.63 -16.11
N ALA B 568 -34.10 56.81 -16.87
CA ALA B 568 -34.60 55.48 -17.21
C ALA B 568 -34.66 54.57 -16.00
N THR B 569 -33.59 54.55 -15.19
CA THR B 569 -33.58 53.67 -14.02
C THR B 569 -34.50 54.19 -12.93
N GLU B 570 -34.65 55.52 -12.81
CA GLU B 570 -35.59 56.07 -11.84
C GLU B 570 -37.02 55.71 -12.21
N LEU B 571 -37.36 55.78 -13.50
CA LEU B 571 -38.70 55.42 -13.94
C LEU B 571 -38.97 53.93 -13.70
N CYS B 572 -37.99 53.07 -13.98
CA CYS B 572 -38.18 51.64 -13.77
C CYS B 572 -38.40 51.31 -12.30
N PHE B 573 -37.66 51.98 -11.41
CA PHE B 573 -37.81 51.72 -9.98
C PHE B 573 -39.16 52.18 -9.48
N SER B 574 -39.59 53.39 -9.88
CA SER B 574 -40.83 53.94 -9.36
C SER B 574 -42.05 53.25 -9.95
N LYS B 575 -42.04 53.00 -11.26
CA LYS B 575 -43.22 52.47 -11.95
C LYS B 575 -43.21 50.95 -12.04
N LEU B 576 -42.16 50.40 -12.64
CA LEU B 576 -42.08 48.96 -12.89
C LEU B 576 -41.58 48.16 -11.71
N LYS B 577 -41.14 48.81 -10.64
CA LYS B 577 -40.59 48.15 -9.45
C LYS B 577 -39.40 47.25 -9.83
N LEU B 578 -38.55 47.73 -10.72
CA LEU B 578 -37.38 47.01 -11.16
C LEU B 578 -36.15 47.89 -10.99
N LEU B 579 -35.03 47.26 -10.65
CA LEU B 579 -33.77 47.97 -10.44
C LEU B 579 -32.90 47.77 -11.68
N LEU B 580 -32.67 48.85 -12.42
CA LEU B 580 -31.81 48.84 -13.60
C LEU B 580 -30.48 49.47 -13.24
N LEU B 581 -29.38 48.74 -13.42
CA LEU B 581 -28.07 49.21 -13.02
C LEU B 581 -27.07 49.35 -14.15
N ALA B 582 -27.23 48.61 -15.25
CA ALA B 582 -26.28 48.68 -16.34
C ALA B 582 -27.00 48.50 -17.67
N ILE B 583 -26.39 49.04 -18.73
CA ILE B 583 -26.89 48.90 -20.08
C ILE B 583 -25.73 48.56 -21.00
N GLU B 584 -26.07 48.02 -22.17
CA GLU B 584 -25.08 47.68 -23.18
C GLU B 584 -25.09 48.76 -24.26
N ILE B 585 -23.93 49.34 -24.53
CA ILE B 585 -23.77 50.43 -25.48
C ILE B 585 -22.87 49.96 -26.62
N LYS B 586 -23.33 50.14 -27.85
CA LYS B 586 -22.56 49.76 -29.02
C LYS B 586 -21.49 50.79 -29.33
N SER B 594 -19.02 47.02 -28.71
CA SER B 594 -20.06 46.94 -27.68
C SER B 594 -19.43 46.77 -26.29
N LYS B 595 -19.83 47.62 -25.35
CA LYS B 595 -19.32 47.57 -24.00
C LYS B 595 -20.46 47.80 -23.02
N ILE B 596 -20.27 47.31 -21.80
CA ILE B 596 -21.27 47.40 -20.73
C ILE B 596 -20.87 48.52 -19.79
N SER B 597 -21.78 49.46 -19.56
CA SER B 597 -21.55 50.59 -18.66
C SER B 597 -22.43 50.41 -17.43
N ILE B 598 -21.83 50.43 -16.25
CA ILE B 598 -22.54 50.28 -15.00
C ILE B 598 -22.89 51.66 -14.47
N ASN B 599 -24.19 51.94 -14.38
CA ASN B 599 -24.69 53.24 -13.95
C ASN B 599 -24.04 54.39 -14.73
N PRO B 600 -24.19 54.43 -16.05
CA PRO B 600 -23.54 55.48 -16.84
C PRO B 600 -24.12 56.85 -16.54
N ARG B 601 -23.27 57.87 -16.69
CA ARG B 601 -23.66 59.25 -16.46
C ARG B 601 -23.83 59.94 -17.81
N GLY B 602 -25.02 60.49 -18.04
CA GLY B 602 -25.29 61.20 -19.29
C GLY B 602 -25.22 60.33 -20.52
N ALA B 603 -25.76 59.11 -20.45
CA ALA B 603 -25.78 58.20 -21.57
C ALA B 603 -27.23 57.99 -22.00
N LYS B 604 -27.52 58.28 -23.26
CA LYS B 604 -28.87 58.12 -23.78
C LYS B 604 -29.16 56.65 -24.10
N ILE B 605 -30.45 56.32 -24.13
CA ILE B 605 -30.89 54.97 -24.43
C ILE B 605 -31.14 54.87 -25.93
N GLN B 606 -30.46 53.94 -26.58
CA GLN B 606 -30.61 53.73 -28.01
C GLN B 606 -31.70 52.70 -28.27
N ALA B 607 -31.98 52.46 -29.56
CA ALA B 607 -32.98 51.47 -29.94
C ALA B 607 -32.48 50.07 -29.63
N ASN B 608 -33.37 49.23 -29.11
CA ASN B 608 -33.07 47.83 -28.78
C ASN B 608 -31.89 47.74 -27.81
N THR B 609 -31.84 48.65 -26.84
CA THR B 609 -30.77 48.65 -25.85
C THR B 609 -30.99 47.54 -24.85
N GLN B 610 -29.94 46.75 -24.60
CA GLN B 610 -30.00 45.67 -23.63
C GLN B 610 -29.68 46.19 -22.24
N GLY B 611 -30.58 45.96 -21.29
CA GLY B 611 -30.41 46.43 -19.94
C GLY B 611 -30.32 45.29 -18.96
N PHE B 612 -29.60 45.53 -17.86
CA PHE B 612 -29.42 44.55 -16.80
C PHE B 612 -30.28 44.95 -15.61
N PHE B 613 -31.11 44.01 -15.15
CA PHE B 613 -32.08 44.28 -14.10
C PHE B 613 -31.90 43.31 -12.94
N ILE B 614 -32.25 43.77 -11.74
CA ILE B 614 -32.30 42.93 -10.56
C ILE B 614 -33.76 42.74 -10.20
N ALA B 615 -34.22 41.49 -10.24
CA ALA B 615 -35.63 41.18 -10.01
C ALA B 615 -35.75 39.81 -9.37
N GLN B 616 -36.95 39.53 -8.87
CA GLN B 616 -37.19 38.25 -8.20
C GLN B 616 -37.16 37.09 -9.18
N SER B 617 -37.64 37.28 -10.40
CA SER B 617 -37.69 36.22 -11.39
C SER B 617 -37.68 36.85 -12.78
N ALA B 618 -37.58 35.99 -13.80
CA ALA B 618 -37.54 36.47 -15.18
C ALA B 618 -38.88 37.01 -15.65
N ASP B 619 -39.97 36.66 -14.97
CA ASP B 619 -41.27 37.22 -15.34
C ASP B 619 -41.39 38.70 -14.99
N GLU B 620 -40.63 39.16 -13.99
CA GLU B 620 -40.71 40.55 -13.58
C GLU B 620 -40.07 41.49 -14.59
N VAL B 621 -38.94 41.08 -15.18
CA VAL B 621 -38.23 41.96 -16.10
C VAL B 621 -38.96 42.10 -17.42
N LYS B 622 -39.93 41.23 -17.71
CA LYS B 622 -40.72 41.38 -18.92
C LYS B 622 -41.58 42.65 -18.88
N ARG B 623 -41.81 43.20 -17.69
CA ARG B 623 -42.54 44.46 -17.58
C ARG B 623 -41.80 45.60 -18.28
N ALA B 624 -40.47 45.54 -18.31
CA ALA B 624 -39.70 46.58 -18.98
C ALA B 624 -39.98 46.60 -20.48
N TRP B 625 -40.11 45.43 -21.10
CA TRP B 625 -40.39 45.39 -22.53
C TRP B 625 -41.83 45.81 -22.84
N PHE B 626 -42.79 45.32 -22.06
CA PHE B 626 -44.19 45.68 -22.25
C PHE B 626 -44.53 46.92 -21.44
N TYR B 627 -44.00 48.06 -21.91
CA TYR B 627 -44.23 49.34 -21.26
C TYR B 627 -44.58 50.39 -22.29
N CYS B 628 -45.51 51.29 -21.93
CA CYS B 628 -45.91 52.39 -22.78
C CYS B 628 -46.40 53.53 -21.91
N LYS B 629 -46.40 54.73 -22.48
CA LYS B 629 -46.88 55.89 -21.75
C LYS B 629 -48.37 55.75 -21.42
N ALA B 630 -49.16 55.24 -22.35
CA ALA B 630 -50.58 55.02 -22.11
C ALA B 630 -50.80 53.88 -21.13
N MET B 778 3.78 57.68 -16.54
CA MET B 778 4.09 56.37 -15.97
C MET B 778 3.24 56.13 -14.73
N LYS B 779 2.21 56.95 -14.54
CA LYS B 779 1.36 56.84 -13.36
C LYS B 779 0.40 55.66 -13.44
N TYR B 780 -0.08 55.33 -14.64
CA TYR B 780 -1.04 54.27 -14.84
C TYR B 780 -0.49 53.23 -15.82
N ASP B 781 -1.25 52.16 -15.99
CA ASP B 781 -0.86 51.09 -16.90
C ASP B 781 -1.20 51.47 -18.34
N SER B 782 -0.98 50.52 -19.25
CA SER B 782 -1.24 50.78 -20.66
C SER B 782 -2.72 51.07 -20.92
N THR B 783 -3.61 50.29 -20.30
CA THR B 783 -5.04 50.50 -20.48
C THR B 783 -5.55 51.71 -19.71
N GLY B 784 -4.80 52.22 -18.75
CA GLY B 784 -5.24 53.35 -17.97
C GLY B 784 -6.30 53.05 -16.94
N MET B 785 -6.44 51.78 -16.54
CA MET B 785 -7.47 51.39 -15.58
C MET B 785 -6.91 51.14 -14.18
N PHE B 786 -5.59 51.05 -14.03
CA PHE B 786 -4.98 50.80 -12.73
C PHE B 786 -3.79 51.73 -12.54
N HIS B 787 -3.48 52.01 -11.27
CA HIS B 787 -2.29 52.78 -10.94
C HIS B 787 -1.04 51.93 -11.19
N TRP B 788 0.08 52.60 -11.44
CA TRP B 788 1.32 51.93 -11.79
C TRP B 788 2.47 52.47 -10.95
N SER B 789 3.45 51.63 -10.70
CA SER B 789 4.66 51.97 -9.95
C SER B 789 5.87 51.44 -10.71
N PRO B 790 7.03 52.08 -10.56
CA PRO B 790 8.23 51.68 -11.32
C PRO B 790 8.95 50.47 -10.72
N ALA B 791 8.20 49.38 -10.51
CA ALA B 791 8.76 48.07 -10.18
C ALA B 791 9.61 48.12 -8.90
N LYS B 792 8.94 48.40 -7.78
CA LYS B 792 9.60 48.37 -6.49
C LYS B 792 10.00 46.94 -6.14
N SER B 793 11.17 46.78 -5.54
CA SER B 793 11.67 45.46 -5.19
C SER B 793 11.04 44.95 -3.90
N LEU B 794 11.10 43.64 -3.71
CA LEU B 794 10.52 43.02 -2.53
C LEU B 794 11.32 43.36 -1.27
N GLU B 795 12.66 43.45 -1.40
CA GLU B 795 13.50 43.71 -0.23
C GLU B 795 13.18 45.07 0.39
N ASP B 796 12.91 46.08 -0.44
CA ASP B 796 12.56 47.39 0.07
C ASP B 796 11.20 47.40 0.77
N CYS B 797 10.35 46.41 0.50
CA CYS B 797 9.03 46.34 1.10
C CYS B 797 8.99 45.48 2.36
N ILE B 798 10.11 44.86 2.75
CA ILE B 798 10.14 44.02 3.94
C ILE B 798 10.28 44.90 5.17
N LEU B 799 9.36 44.74 6.12
CA LEU B 799 9.38 45.48 7.38
C LEU B 799 9.37 44.49 8.53
N ASP B 800 10.07 44.84 9.61
CA ASP B 800 10.00 44.08 10.84
C ASP B 800 8.99 44.70 11.79
N ARG B 801 8.92 44.15 13.00
CA ARG B 801 7.92 44.61 13.96
C ARG B 801 8.14 46.06 14.35
N ASN B 802 9.40 46.45 14.57
CA ASN B 802 9.69 47.83 14.95
C ASN B 802 9.35 48.80 13.81
N GLN B 803 9.68 48.43 12.58
CA GLN B 803 9.37 49.30 11.45
C GLN B 803 7.87 49.50 11.29
N ALA B 804 7.10 48.42 11.41
CA ALA B 804 5.65 48.53 11.26
C ALA B 804 5.02 49.24 12.46
N ALA B 805 5.65 49.17 13.63
CA ALA B 805 5.07 49.78 14.81
C ALA B 805 5.17 51.30 14.79
N MET B 806 6.26 51.84 14.26
CA MET B 806 6.48 53.28 14.28
C MET B 806 5.99 53.97 13.01
N THR B 807 5.31 53.27 12.12
CA THR B 807 4.67 53.88 10.96
C THR B 807 3.16 53.88 11.16
N VAL B 808 2.51 54.97 10.77
CA VAL B 808 1.07 55.11 10.96
C VAL B 808 0.35 54.28 9.89
N LEU B 809 -0.61 53.47 10.33
CA LEU B 809 -1.41 52.64 9.42
C LEU B 809 -2.86 52.76 9.87
N ASN B 810 -3.61 53.63 9.19
CA ASN B 810 -5.02 53.86 9.50
C ASN B 810 -5.84 53.65 8.23
N GLY B 811 -6.94 52.91 8.36
CA GLY B 811 -7.79 52.63 7.22
C GLY B 811 -7.15 51.74 6.17
N HIS B 812 -6.14 50.98 6.55
CA HIS B 812 -5.44 50.11 5.63
C HIS B 812 -6.13 48.74 5.54
N VAL B 813 -5.54 47.84 4.76
CA VAL B 813 -6.05 46.49 4.59
C VAL B 813 -4.95 45.51 4.99
N VAL B 814 -5.28 44.59 5.90
CA VAL B 814 -4.34 43.59 6.39
C VAL B 814 -4.72 42.25 5.78
N VAL B 815 -3.77 41.59 5.13
CA VAL B 815 -3.98 40.30 4.49
C VAL B 815 -3.25 39.26 5.32
N CYS B 816 -4.01 38.47 6.09
CA CYS B 816 -3.44 37.39 6.89
C CYS B 816 -3.29 36.16 6.00
N LEU B 817 -2.05 35.77 5.73
CA LEU B 817 -1.75 34.71 4.77
C LEU B 817 -1.17 33.51 5.51
N PHE B 818 -1.79 32.35 5.32
CA PHE B 818 -1.27 31.07 5.82
C PHE B 818 -0.79 30.29 4.61
N ALA B 819 0.53 30.17 4.46
CA ALA B 819 1.08 29.50 3.28
C ALA B 819 2.48 28.99 3.59
N ASP B 820 2.72 27.71 3.29
CA ASP B 820 4.06 27.17 3.34
C ASP B 820 4.87 27.68 2.15
N PRO B 821 6.19 27.65 2.25
CA PRO B 821 7.01 28.08 1.09
C PRO B 821 6.76 27.27 -0.16
N ASP B 822 6.33 26.01 -0.03
CA ASP B 822 6.05 25.15 -1.17
C ASP B 822 4.56 25.08 -1.51
N SER B 823 3.73 25.92 -0.87
CA SER B 823 2.31 25.87 -1.11
C SER B 823 1.99 26.35 -2.54
N PRO B 824 0.92 25.83 -3.14
CA PRO B 824 0.54 26.30 -4.47
C PRO B 824 0.19 27.79 -4.45
N LEU B 825 0.55 28.47 -5.53
CA LEU B 825 0.35 29.91 -5.60
C LEU B 825 -1.12 30.25 -5.74
N ILE B 826 -1.55 31.29 -5.03
CA ILE B 826 -2.87 31.85 -5.18
C ILE B 826 -2.74 33.16 -5.95
N GLY B 827 -3.87 33.66 -6.44
CA GLY B 827 -3.85 34.88 -7.21
C GLY B 827 -3.77 36.13 -6.35
N LEU B 828 -2.63 36.32 -5.67
CA LEU B 828 -2.48 37.48 -4.80
C LEU B 828 -2.59 38.79 -5.57
N ARG B 829 -2.23 38.78 -6.86
CA ARG B 829 -2.43 39.95 -7.70
C ARG B 829 -3.92 40.24 -7.91
N ASN B 830 -4.75 39.19 -7.94
CA ASN B 830 -6.18 39.37 -8.14
C ASN B 830 -6.86 40.02 -6.93
N LEU B 831 -6.17 40.13 -5.80
CA LEU B 831 -6.72 40.79 -4.62
C LEU B 831 -6.28 42.25 -4.51
N VAL B 832 -5.09 42.58 -4.99
CA VAL B 832 -4.56 43.93 -4.83
C VAL B 832 -4.98 44.84 -5.98
N MET B 833 -5.00 44.33 -7.21
CA MET B 833 -5.36 45.17 -8.35
C MET B 833 -6.74 45.81 -8.24
N PRO B 834 -7.80 45.11 -7.81
CA PRO B 834 -9.09 45.81 -7.63
C PRO B 834 -9.00 46.96 -6.64
N LEU B 835 -8.09 46.89 -5.68
CA LEU B 835 -7.86 47.99 -4.75
C LEU B 835 -6.98 49.08 -5.34
N ARG B 836 -6.42 48.88 -6.53
CA ARG B 836 -5.56 49.84 -7.18
C ARG B 836 -6.16 50.33 -8.50
N ALA B 837 -7.50 50.33 -8.59
CA ALA B 837 -8.16 50.78 -9.80
C ALA B 837 -8.01 52.29 -9.98
N SER B 838 -8.12 52.73 -11.23
CA SER B 838 -8.02 54.16 -11.54
C SER B 838 -9.20 54.96 -11.03
N ASN B 839 -10.27 54.29 -10.56
CA ASN B 839 -11.41 55.01 -10.00
C ASN B 839 -11.04 55.75 -8.74
N PHE B 840 -10.03 55.27 -8.00
CA PHE B 840 -9.62 55.87 -6.75
C PHE B 840 -8.46 56.83 -6.98
N HIS B 841 -8.52 57.99 -6.32
CA HIS B 841 -7.39 58.90 -6.33
C HIS B 841 -6.24 58.31 -5.53
N TYR B 842 -5.03 58.79 -5.84
CA TYR B 842 -3.84 58.26 -5.18
C TYR B 842 -3.87 58.49 -3.67
N HIS B 843 -4.47 59.59 -3.23
CA HIS B 843 -4.51 59.89 -1.80
C HIS B 843 -5.48 58.98 -1.06
N GLU B 844 -6.53 58.52 -1.73
CA GLU B 844 -7.54 57.67 -1.11
C GLU B 844 -7.26 56.18 -1.28
N LEU B 845 -6.15 55.81 -1.91
CA LEU B 845 -5.79 54.41 -2.03
C LEU B 845 -5.50 53.82 -0.65
N LYS B 846 -5.98 52.59 -0.43
CA LYS B 846 -5.80 51.93 0.85
C LYS B 846 -4.47 51.17 0.86
N HIS B 847 -3.67 51.40 1.90
CA HIS B 847 -2.42 50.69 2.05
C HIS B 847 -2.69 49.21 2.32
N VAL B 848 -1.89 48.35 1.70
CA VAL B 848 -2.04 46.91 1.82
C VAL B 848 -0.79 46.35 2.47
N VAL B 849 -0.95 45.65 3.60
CA VAL B 849 0.14 45.00 4.30
C VAL B 849 -0.18 43.51 4.37
N ILE B 850 0.79 42.69 3.95
CA ILE B 850 0.63 41.24 3.90
C ILE B 850 1.46 40.63 5.03
N VAL B 851 0.80 39.84 5.87
CA VAL B 851 1.46 39.16 6.99
C VAL B 851 1.57 37.69 6.62
N GLY B 852 2.80 37.22 6.44
CA GLY B 852 3.02 35.84 6.06
C GLY B 852 4.50 35.59 5.82
N SER B 853 4.79 34.37 5.35
CA SER B 853 6.17 33.99 5.10
C SER B 853 6.68 34.67 3.84
N VAL B 854 7.84 35.33 3.94
CA VAL B 854 8.42 36.03 2.80
C VAL B 854 8.79 35.05 1.70
N ASP B 855 9.15 33.81 2.06
CA ASP B 855 9.52 32.82 1.05
C ASP B 855 8.37 32.55 0.09
N TYR B 856 7.14 32.45 0.59
CA TYR B 856 5.99 32.27 -0.28
C TYR B 856 5.70 33.52 -1.10
N ILE B 857 5.72 34.69 -0.45
CA ILE B 857 5.44 35.95 -1.13
C ILE B 857 6.51 36.26 -2.17
N ARG B 858 7.72 35.72 -2.01
CA ARG B 858 8.76 35.95 -3.01
C ARG B 858 8.35 35.40 -4.37
N ARG B 859 7.72 34.23 -4.39
CA ARG B 859 7.23 33.67 -5.66
C ARG B 859 6.07 34.47 -6.21
N GLU B 860 5.35 35.19 -5.36
CA GLU B 860 4.20 35.97 -5.77
C GLU B 860 4.53 37.42 -6.11
N TRP B 861 5.79 37.84 -5.92
CA TRP B 861 6.14 39.25 -6.09
C TRP B 861 6.28 39.66 -7.55
N LYS B 862 6.27 38.70 -8.49
CA LYS B 862 6.44 39.05 -9.89
C LYS B 862 5.30 39.94 -10.38
N MET B 863 4.08 39.66 -9.94
CA MET B 863 2.91 40.42 -10.35
C MET B 863 2.57 41.56 -9.40
N LEU B 864 3.36 41.77 -8.35
CA LEU B 864 3.10 42.82 -7.38
C LEU B 864 4.17 43.91 -7.38
N GLN B 865 5.11 43.86 -8.32
CA GLN B 865 6.19 44.85 -8.34
C GLN B 865 5.66 46.24 -8.61
N ASN B 866 4.74 46.38 -9.57
CA ASN B 866 4.29 47.68 -10.04
C ASN B 866 3.05 48.20 -9.32
N LEU B 867 2.59 47.51 -8.29
CA LEU B 867 1.43 47.96 -7.53
C LEU B 867 1.89 48.84 -6.38
N PRO B 868 1.44 50.09 -6.30
CA PRO B 868 1.92 50.99 -5.25
C PRO B 868 1.35 50.63 -3.88
N LYS B 869 2.07 51.08 -2.84
CA LYS B 869 1.63 50.99 -1.45
C LYS B 869 1.36 49.54 -1.04
N ILE B 870 2.42 48.73 -1.09
CA ILE B 870 2.38 47.34 -0.65
C ILE B 870 3.50 47.11 0.35
N SER B 871 3.14 46.57 1.51
CA SER B 871 4.10 46.25 2.56
C SER B 871 4.00 44.77 2.92
N VAL B 872 5.14 44.16 3.23
CA VAL B 872 5.22 42.77 3.59
C VAL B 872 5.86 42.67 4.97
N LEU B 873 5.19 41.97 5.89
CA LEU B 873 5.70 41.75 7.24
C LEU B 873 5.88 40.25 7.45
N ASN B 874 7.11 39.84 7.73
CA ASN B 874 7.38 38.44 7.99
C ASN B 874 6.83 38.02 9.35
N GLY B 875 6.37 36.78 9.44
CA GLY B 875 5.83 36.23 10.66
C GLY B 875 4.52 35.52 10.39
N SER B 876 3.80 35.25 11.47
CA SER B 876 2.52 34.56 11.37
C SER B 876 1.39 35.45 11.89
N PRO B 877 0.24 35.45 11.21
CA PRO B 877 -0.89 36.26 11.68
C PRO B 877 -1.47 35.79 13.01
N LEU B 878 -1.14 34.58 13.46
CA LEU B 878 -1.67 34.10 14.73
C LEU B 878 -1.05 34.83 15.92
N SER B 879 0.21 35.26 15.80
CA SER B 879 0.88 35.94 16.90
C SER B 879 0.26 37.31 17.13
N ARG B 880 0.01 37.63 18.40
CA ARG B 880 -0.59 38.93 18.73
C ARG B 880 0.41 40.06 18.58
N ALA B 881 1.70 39.78 18.71
CA ALA B 881 2.71 40.83 18.55
C ALA B 881 2.72 41.38 17.13
N ASP B 882 2.65 40.48 16.13
CA ASP B 882 2.62 40.93 14.75
C ASP B 882 1.35 41.71 14.44
N LEU B 883 0.22 41.26 14.99
CA LEU B 883 -1.06 41.94 14.73
C LEU B 883 -1.09 43.33 15.32
N ARG B 884 -0.49 43.51 16.50
CA ARG B 884 -0.44 44.83 17.12
C ARG B 884 0.49 45.77 16.35
N ALA B 885 1.52 45.22 15.71
CA ALA B 885 2.45 46.06 14.94
C ALA B 885 1.76 46.71 13.76
N VAL B 886 0.88 45.97 13.07
CA VAL B 886 0.20 46.50 11.89
C VAL B 886 -1.10 47.20 12.22
N ASN B 887 -1.45 47.31 13.51
CA ASN B 887 -2.64 48.03 13.96
C ASN B 887 -3.92 47.48 13.31
N VAL B 888 -4.21 46.22 13.62
CA VAL B 888 -5.41 45.58 13.09
C VAL B 888 -6.67 46.24 13.62
N ASN B 889 -6.58 46.90 14.77
CA ASN B 889 -7.76 47.59 15.32
C ASN B 889 -8.16 48.80 14.49
N LEU B 890 -7.23 49.36 13.71
CA LEU B 890 -7.52 50.52 12.87
C LEU B 890 -7.63 50.16 11.39
N CYS B 891 -7.49 48.89 11.03
CA CYS B 891 -7.56 48.49 9.64
C CYS B 891 -8.99 48.59 9.12
N ASP B 892 -9.12 48.85 7.82
CA ASP B 892 -10.44 48.91 7.20
C ASP B 892 -11.04 47.53 6.98
N MET B 893 -10.19 46.51 6.79
CA MET B 893 -10.65 45.15 6.60
C MET B 893 -9.48 44.20 6.78
N CYS B 894 -9.71 43.11 7.51
CA CYS B 894 -8.72 42.07 7.71
C CYS B 894 -9.17 40.82 6.97
N CYS B 895 -8.34 40.35 6.05
CA CYS B 895 -8.66 39.18 5.23
C CYS B 895 -7.78 38.01 5.66
N ILE B 896 -8.42 36.87 5.92
CA ILE B 896 -7.72 35.66 6.33
C ILE B 896 -7.82 34.66 5.18
N LEU B 897 -6.69 34.35 4.56
CA LEU B 897 -6.62 33.40 3.46
C LEU B 897 -5.57 32.35 3.77
N SER B 898 -5.85 31.12 3.32
CA SER B 898 -4.92 30.01 3.52
C SER B 898 -4.62 29.38 2.16
N ALA B 899 -3.34 29.29 1.83
CA ALA B 899 -2.88 28.66 0.59
C ALA B 899 -2.37 27.24 0.81
N LYS B 900 -2.38 26.75 2.05
CA LYS B 900 -1.87 25.42 2.34
C LYS B 900 -2.78 24.35 1.77
N VAL B 901 -2.19 23.26 1.29
CA VAL B 901 -2.93 22.12 0.78
C VAL B 901 -3.65 21.44 1.94
N PRO B 902 -4.85 20.89 1.72
CA PRO B 902 -5.56 20.21 2.82
C PRO B 902 -5.03 18.79 3.00
N SER B 903 -4.77 18.43 4.26
CA SER B 903 -4.27 17.09 4.58
C SER B 903 -5.32 16.01 4.33
N ASN B 904 -6.58 16.37 4.18
CA ASN B 904 -7.69 15.44 3.93
C ASN B 904 -7.86 14.44 5.06
N ASP B 905 -7.28 14.71 6.23
CA ASP B 905 -7.47 13.82 7.38
C ASP B 905 -8.89 13.94 7.93
N ASP B 906 -9.39 15.16 8.04
CA ASP B 906 -10.74 15.40 8.55
C ASP B 906 -11.27 16.72 8.02
N PRO B 907 -12.50 16.75 7.50
CA PRO B 907 -13.04 18.02 6.99
C PRO B 907 -13.16 19.10 8.05
N THR B 908 -13.41 18.74 9.30
CA THR B 908 -13.55 19.74 10.36
C THR B 908 -12.22 20.36 10.75
N LEU B 909 -11.11 19.72 10.42
CA LEU B 909 -9.78 20.23 10.75
C LEU B 909 -9.14 21.00 9.59
N ALA B 910 -9.84 21.16 8.47
CA ALA B 910 -9.26 21.81 7.31
C ALA B 910 -9.04 23.31 7.56
N ASP B 911 -9.97 23.97 8.25
CA ASP B 911 -9.90 25.40 8.51
C ASP B 911 -9.44 25.70 9.94
N LYS B 912 -8.57 24.87 10.50
CA LYS B 912 -8.13 25.07 11.88
C LYS B 912 -7.39 26.40 12.05
N GLU B 913 -6.49 26.72 11.12
CA GLU B 913 -5.72 27.95 11.24
C GLU B 913 -6.59 29.19 11.01
N ALA B 914 -7.48 29.14 10.02
CA ALA B 914 -8.33 30.29 9.74
C ALA B 914 -9.28 30.57 10.90
N ILE B 915 -9.87 29.52 11.48
CA ILE B 915 -10.78 29.71 12.61
C ILE B 915 -10.04 30.26 13.82
N LEU B 916 -8.85 29.73 14.10
CA LEU B 916 -8.08 30.19 15.25
C LEU B 916 -7.69 31.65 15.08
N ALA B 917 -7.28 32.06 13.88
CA ALA B 917 -6.91 33.45 13.64
C ALA B 917 -8.10 34.37 13.84
N SER B 918 -9.28 33.96 13.38
CA SER B 918 -10.48 34.78 13.56
C SER B 918 -10.83 34.94 15.03
N LEU B 919 -10.76 33.84 15.80
CA LEU B 919 -11.09 33.90 17.22
C LEU B 919 -10.06 34.69 18.00
N ASN B 920 -8.79 34.63 17.60
CA ASN B 920 -7.75 35.38 18.30
C ASN B 920 -7.98 36.89 18.20
N ILE B 921 -8.37 37.37 17.02
CA ILE B 921 -8.62 38.79 16.85
C ILE B 921 -9.86 39.22 17.62
N LYS B 922 -10.87 38.35 17.67
CA LYS B 922 -12.12 38.70 18.35
C LYS B 922 -11.88 38.94 19.84
N ALA B 923 -11.04 38.14 20.47
CA ALA B 923 -10.74 38.29 21.88
C ALA B 923 -9.63 39.30 22.15
N MET B 924 -9.05 39.89 21.10
CA MET B 924 -7.98 40.86 21.28
C MET B 924 -8.51 42.14 21.93
N THR B 925 -7.65 42.77 22.74
CA THR B 925 -8.01 44.00 23.44
C THR B 925 -6.98 45.06 23.12
N PHE B 926 -7.45 46.25 22.77
CA PHE B 926 -6.59 47.37 22.42
C PHE B 926 -6.91 48.57 23.31
N ASP B 927 -5.86 49.28 23.73
CA ASP B 927 -6.03 50.44 24.59
C ASP B 927 -6.55 51.63 23.81
N VAL B 959 -10.97 49.86 22.97
CA VAL B 959 -11.56 49.30 21.76
C VAL B 959 -11.27 47.80 21.69
N TYR B 960 -12.33 47.01 21.64
CA TYR B 960 -12.20 45.55 21.57
C TYR B 960 -11.84 45.12 20.16
N GLY B 961 -11.34 43.89 20.06
CA GLY B 961 -11.07 43.28 18.77
C GLY B 961 -12.27 42.68 18.09
N ALA B 962 -13.39 42.58 18.79
CA ALA B 962 -14.61 42.04 18.19
C ALA B 962 -15.23 42.99 17.19
N ASN B 963 -14.88 44.27 17.24
CA ASN B 963 -15.37 45.26 16.28
C ASN B 963 -14.49 45.37 15.05
N VAL B 964 -13.42 44.59 14.96
CA VAL B 964 -12.56 44.62 13.78
C VAL B 964 -13.27 43.94 12.62
N PRO B 965 -13.44 44.62 11.48
CA PRO B 965 -14.09 43.97 10.32
C PRO B 965 -13.19 42.88 9.75
N MET B 966 -13.75 41.68 9.65
CA MET B 966 -12.99 40.51 9.22
C MET B 966 -13.74 39.78 8.12
N ILE B 967 -12.97 39.25 7.17
CA ILE B 967 -13.49 38.34 6.15
C ILE B 967 -12.60 37.11 6.13
N THR B 968 -13.22 35.92 6.13
CA THR B 968 -12.50 34.66 6.12
C THR B 968 -13.02 33.79 5.00
N GLU B 969 -12.10 33.15 4.28
CA GLU B 969 -12.45 32.19 3.24
C GLU B 969 -12.25 30.77 3.79
N LEU B 970 -13.24 29.92 3.58
CA LEU B 970 -13.24 28.56 4.10
C LEU B 970 -13.07 27.57 2.95
N VAL B 971 -12.13 26.63 3.12
CA VAL B 971 -11.99 25.56 2.14
C VAL B 971 -13.07 24.51 2.32
N ASN B 972 -13.74 24.50 3.47
CA ASN B 972 -14.86 23.59 3.72
C ASN B 972 -16.00 24.42 4.30
N ASP B 973 -17.12 24.48 3.59
CA ASP B 973 -18.22 25.34 4.00
C ASP B 973 -18.89 24.87 5.28
N GLY B 974 -18.65 23.62 5.70
CA GLY B 974 -19.23 23.15 6.94
C GLY B 974 -18.58 23.68 8.19
N ASN B 975 -17.42 24.33 8.06
CA ASN B 975 -16.71 24.91 9.19
C ASN B 975 -17.20 26.29 9.55
N VAL B 976 -18.20 26.83 8.83
CA VAL B 976 -18.76 28.13 9.14
C VAL B 976 -19.46 28.16 10.49
N GLN B 977 -19.76 27.00 11.06
CA GLN B 977 -20.43 26.93 12.36
C GLN B 977 -19.55 27.45 13.50
N PHE B 978 -18.23 27.40 13.34
CA PHE B 978 -17.32 27.84 14.38
C PHE B 978 -16.93 29.30 14.28
N LEU B 979 -17.35 30.00 13.21
CA LEU B 979 -16.94 31.39 13.04
C LEU B 979 -17.68 32.31 14.01
N ASP B 980 -18.93 32.00 14.31
CA ASP B 980 -19.73 32.80 15.23
C ASP B 980 -20.15 31.96 16.42
N GLN B 981 -20.40 32.62 17.55
CA GLN B 981 -20.76 31.94 18.78
C GLN B 981 -22.21 32.13 19.19
N ASP B 982 -22.81 33.27 18.89
CA ASP B 982 -24.20 33.55 19.29
C ASP B 982 -25.17 33.21 18.16
N ASP B 983 -25.13 31.94 17.74
CA ASP B 983 -26.05 31.45 16.73
C ASP B 983 -26.23 29.95 16.89
N ASP B 984 -27.27 29.43 16.24
CA ASP B 984 -27.56 28.00 16.24
C ASP B 984 -27.02 27.38 14.96
N ASP B 985 -26.18 26.37 15.10
CA ASP B 985 -25.53 25.71 13.98
C ASP B 985 -26.19 24.37 13.72
N ASP B 986 -26.51 24.11 12.46
CA ASP B 986 -27.16 22.87 12.06
C ASP B 986 -26.46 22.33 10.81
N PRO B 987 -26.00 21.07 10.83
CA PRO B 987 -25.05 20.62 9.80
C PRO B 987 -25.54 20.73 8.36
N ASP B 988 -26.82 20.43 8.09
CA ASP B 988 -27.29 20.41 6.71
C ASP B 988 -27.87 21.73 6.24
N THR B 989 -27.75 22.79 7.04
CA THR B 989 -28.14 24.12 6.58
C THR B 989 -27.20 24.59 5.47
N GLU B 990 -27.77 25.22 4.45
CA GLU B 990 -26.98 25.75 3.36
C GLU B 990 -26.12 26.92 3.83
N LEU B 991 -25.00 27.14 3.13
CA LEU B 991 -24.06 28.18 3.54
C LEU B 991 -24.69 29.56 3.47
N TYR B 992 -25.47 29.84 2.43
CA TYR B 992 -26.07 31.17 2.28
C TYR B 992 -27.12 31.46 3.34
N LEU B 993 -27.61 30.43 4.03
CA LEU B 993 -28.57 30.63 5.11
C LEU B 993 -27.92 30.85 6.47
N THR B 994 -26.61 30.67 6.57
CA THR B 994 -25.93 30.80 7.85
C THR B 994 -25.72 32.27 8.21
N GLN B 995 -25.66 32.54 9.52
CA GLN B 995 -25.46 33.90 9.99
C GLN B 995 -24.13 34.50 9.55
N PRO B 996 -22.98 33.80 9.66
CA PRO B 996 -21.72 34.42 9.21
C PRO B 996 -21.73 34.83 7.74
N PHE B 997 -22.37 34.04 6.88
CA PHE B 997 -22.44 34.41 5.47
C PHE B 997 -23.39 35.59 5.24
N ALA B 998 -24.52 35.60 5.94
CA ALA B 998 -25.48 36.69 5.80
C ALA B 998 -24.91 38.02 6.26
N CYS B 999 -23.92 38.00 7.15
CA CYS B 999 -23.30 39.21 7.65
C CYS B 999 -22.06 39.61 6.86
N GLY B 1000 -21.74 38.89 5.79
CA GLY B 1000 -20.56 39.23 5.00
C GLY B 1000 -19.24 38.91 5.66
N THR B 1001 -19.23 37.97 6.59
CA THR B 1001 -18.01 37.59 7.31
C THR B 1001 -17.30 36.39 6.71
N ALA B 1002 -18.04 35.39 6.23
CA ALA B 1002 -17.47 34.19 5.66
C ALA B 1002 -17.67 34.17 4.15
N PHE B 1003 -16.79 33.44 3.46
CA PHE B 1003 -16.89 33.26 2.03
C PHE B 1003 -16.33 31.90 1.66
N ALA B 1004 -16.83 31.34 0.57
CA ALA B 1004 -16.35 30.06 0.08
C ALA B 1004 -16.57 29.99 -1.43
N VAL B 1005 -15.78 29.13 -2.09
CA VAL B 1005 -15.89 28.98 -3.54
C VAL B 1005 -17.09 28.15 -3.96
N SER B 1006 -17.77 27.51 -3.02
CA SER B 1006 -18.96 26.72 -3.36
C SER B 1006 -20.11 27.58 -3.84
N VAL B 1007 -20.14 28.87 -3.47
CA VAL B 1007 -21.20 29.75 -3.93
C VAL B 1007 -21.00 30.24 -5.35
N LEU B 1008 -19.85 29.96 -5.96
CA LEU B 1008 -19.56 30.37 -7.33
C LEU B 1008 -19.86 29.28 -8.35
N ASP B 1009 -20.41 28.14 -7.91
CA ASP B 1009 -20.69 27.05 -8.84
C ASP B 1009 -21.82 27.38 -9.81
N SER B 1010 -22.70 28.31 -9.45
CA SER B 1010 -23.82 28.66 -10.31
C SER B 1010 -23.43 29.64 -11.42
N LEU B 1011 -22.18 30.12 -11.42
CA LEU B 1011 -21.77 31.09 -12.43
C LEU B 1011 -21.72 30.46 -13.82
N MET B 1012 -21.33 29.18 -13.91
CA MET B 1012 -21.20 28.56 -15.22
C MET B 1012 -22.56 28.40 -15.90
N SER B 1013 -23.60 28.07 -15.14
CA SER B 1013 -24.94 28.04 -15.71
C SER B 1013 -25.38 29.43 -16.14
N THR B 1014 -25.09 30.44 -15.33
CA THR B 1014 -25.43 31.81 -15.70
C THR B 1014 -24.67 32.26 -16.94
N THR B 1015 -23.40 31.89 -17.05
CA THR B 1015 -22.58 32.33 -18.17
C THR B 1015 -23.10 31.77 -19.50
N TYR B 1016 -23.55 30.51 -19.50
CA TYR B 1016 -24.04 29.91 -20.73
C TYR B 1016 -25.27 30.63 -21.26
N PHE B 1017 -26.21 30.98 -20.37
CA PHE B 1017 -27.44 31.60 -20.82
C PHE B 1017 -27.21 33.02 -21.31
N ASN B 1018 -26.26 33.73 -20.71
CA ASN B 1018 -25.95 35.10 -21.13
C ASN B 1018 -24.46 35.34 -20.91
N GLN B 1019 -23.72 35.48 -22.01
CA GLN B 1019 -22.29 35.75 -21.90
C GLN B 1019 -22.03 37.11 -21.26
N ASN B 1020 -22.86 38.11 -21.60
CA ASN B 1020 -22.67 39.45 -21.04
C ASN B 1020 -22.85 39.47 -19.53
N ALA B 1021 -23.53 38.48 -18.95
CA ALA B 1021 -23.67 38.44 -17.50
C ALA B 1021 -22.31 38.28 -16.82
N LEU B 1022 -21.47 37.40 -17.34
CA LEU B 1022 -20.13 37.24 -16.77
C LEU B 1022 -19.27 38.47 -16.98
N THR B 1023 -19.44 39.17 -18.10
CA THR B 1023 -18.70 40.39 -18.34
C THR B 1023 -19.03 41.46 -17.30
N LEU B 1024 -20.31 41.58 -16.94
CA LEU B 1024 -20.71 42.56 -15.94
C LEU B 1024 -20.10 42.23 -14.58
N ILE B 1025 -20.05 40.95 -14.21
CA ILE B 1025 -19.48 40.56 -12.94
C ILE B 1025 -18.00 40.91 -12.88
N ARG B 1026 -17.26 40.58 -13.95
CA ARG B 1026 -15.82 40.81 -13.95
C ARG B 1026 -15.50 42.30 -13.89
N SER B 1027 -16.24 43.12 -14.64
CA SER B 1027 -16.03 44.55 -14.58
C SER B 1027 -16.41 45.13 -13.22
N LEU B 1028 -17.34 44.48 -12.52
CA LEU B 1028 -17.80 44.98 -11.23
C LEU B 1028 -16.81 44.69 -10.12
N ILE B 1029 -16.13 43.55 -10.17
CA ILE B 1029 -15.30 43.09 -9.05
C ILE B 1029 -13.81 43.21 -9.31
N THR B 1030 -13.37 43.24 -10.56
CA THR B 1030 -11.94 43.35 -10.86
C THR B 1030 -11.48 44.78 -11.05
N GLY B 1031 -12.38 45.76 -10.90
CA GLY B 1031 -12.02 47.15 -11.13
C GLY B 1031 -11.87 47.53 -12.57
N GLY B 1032 -12.24 46.65 -13.50
CA GLY B 1032 -12.10 46.89 -14.91
C GLY B 1032 -10.90 46.16 -15.49
N ALA B 1033 -11.14 45.00 -16.11
CA ALA B 1033 -10.08 44.18 -16.68
C ALA B 1033 -10.45 43.91 -18.14
N THR B 1034 -10.04 44.82 -19.02
CA THR B 1034 -10.33 44.68 -20.43
C THR B 1034 -9.57 43.49 -21.02
N PRO B 1035 -10.09 42.90 -22.11
CA PRO B 1035 -9.36 41.78 -22.73
C PRO B 1035 -7.96 42.15 -23.20
N GLU B 1036 -7.73 43.41 -23.58
CA GLU B 1036 -6.38 43.84 -23.95
C GLU B 1036 -5.43 43.77 -22.76
N LEU B 1037 -5.92 44.07 -21.56
CA LEU B 1037 -5.09 43.95 -20.36
C LEU B 1037 -4.68 42.50 -20.13
N GLU B 1038 -5.61 41.56 -20.33
CA GLU B 1038 -5.28 40.15 -20.17
C GLU B 1038 -4.28 39.68 -21.22
N LEU B 1039 -4.35 40.23 -22.44
CA LEU B 1039 -3.39 39.89 -23.47
C LEU B 1039 -1.98 40.30 -23.07
N ILE B 1040 -1.83 41.50 -22.51
CA ILE B 1040 -0.53 41.96 -22.06
C ILE B 1040 -0.01 41.08 -20.93
N LEU B 1041 -0.87 40.73 -19.98
CA LEU B 1041 -0.46 39.88 -18.87
C LEU B 1041 -0.08 38.49 -19.34
N ALA B 1042 -0.73 37.99 -20.39
CA ALA B 1042 -0.43 36.65 -20.89
C ALA B 1042 0.94 36.57 -21.55
N GLU B 1043 1.55 37.71 -21.87
CA GLU B 1043 2.88 37.69 -22.48
C GLU B 1043 3.92 37.14 -21.51
N GLY B 1044 3.81 37.48 -20.23
CA GLY B 1044 4.74 37.01 -19.22
C GLY B 1044 5.68 38.07 -18.68
N ALA B 1045 5.54 39.33 -19.09
CA ALA B 1045 6.39 40.42 -18.63
C ALA B 1045 5.79 41.17 -17.44
N GLY B 1046 4.65 40.72 -16.93
CA GLY B 1046 4.01 41.40 -15.83
C GLY B 1046 3.24 42.62 -16.27
N LEU B 1047 2.82 43.41 -15.28
CA LEU B 1047 2.09 44.63 -15.55
C LEU B 1047 2.98 45.64 -16.27
N ARG B 1048 2.44 46.25 -17.32
CA ARG B 1048 3.19 47.19 -18.15
C ARG B 1048 2.57 48.58 -18.01
N GLY B 1049 3.39 49.57 -17.70
CA GLY B 1049 2.92 50.93 -17.58
C GLY B 1049 2.77 51.61 -18.92
N GLY B 1050 2.23 52.83 -18.86
CA GLY B 1050 2.03 53.61 -20.08
C GLY B 1050 1.92 55.08 -19.76
N TYR B 1051 2.13 55.90 -20.79
CA TYR B 1051 2.05 57.34 -20.66
C TYR B 1051 0.61 57.81 -20.84
N SER B 1052 0.17 58.67 -19.93
CA SER B 1052 -1.21 59.13 -19.94
C SER B 1052 -1.48 59.99 -21.17
N THR B 1053 -2.59 59.71 -21.85
CA THR B 1053 -3.01 60.44 -23.04
C THR B 1053 -4.38 61.07 -22.80
N VAL B 1054 -4.96 61.62 -23.86
CA VAL B 1054 -6.24 62.33 -23.73
C VAL B 1054 -7.34 61.37 -23.31
N GLU B 1055 -7.44 60.22 -23.97
CA GLU B 1055 -8.49 59.26 -23.65
C GLU B 1055 -8.13 58.47 -22.39
N SER B 1056 -6.85 58.28 -22.12
CA SER B 1056 -6.43 57.41 -21.01
C SER B 1056 -6.95 57.94 -19.68
N LEU B 1057 -7.04 59.25 -19.54
CA LEU B 1057 -7.63 59.83 -18.33
C LEU B 1057 -9.15 59.76 -18.34
N SER B 1058 -9.76 59.58 -19.52
CA SER B 1058 -11.22 59.42 -19.58
C SER B 1058 -11.66 58.04 -19.17
N ASN B 1059 -10.77 57.04 -19.23
CA ASN B 1059 -11.10 55.71 -18.73
C ASN B 1059 -11.26 55.69 -17.22
N ARG B 1060 -10.73 56.70 -16.52
CA ARG B 1060 -10.89 56.79 -15.08
C ARG B 1060 -12.32 57.16 -14.67
N ASP B 1061 -13.16 57.59 -15.61
CA ASP B 1061 -14.51 58.03 -15.30
C ASP B 1061 -15.46 56.85 -15.46
N ARG B 1062 -15.68 56.13 -14.36
CA ARG B 1062 -16.64 55.04 -14.34
C ARG B 1062 -17.10 54.84 -12.90
N CYS B 1063 -18.22 54.15 -12.74
CA CYS B 1063 -18.78 53.94 -11.41
C CYS B 1063 -17.95 52.92 -10.63
N ARG B 1064 -17.98 53.05 -9.31
CA ARG B 1064 -17.26 52.17 -8.41
C ARG B 1064 -18.18 51.76 -7.26
N VAL B 1065 -17.86 50.61 -6.67
CA VAL B 1065 -18.63 50.09 -5.55
C VAL B 1065 -18.22 50.83 -4.28
N GLY B 1066 -19.21 51.34 -3.55
CA GLY B 1066 -18.94 52.05 -2.32
C GLY B 1066 -20.07 51.89 -1.33
N GLN B 1067 -19.83 52.34 -0.11
CA GLN B 1067 -20.80 52.27 0.97
C GLN B 1067 -20.91 53.64 1.63
N ILE B 1068 -22.14 54.04 1.95
CA ILE B 1068 -22.40 55.32 2.60
C ILE B 1068 -23.22 55.08 3.86
N SER B 1069 -23.16 56.04 4.77
CA SER B 1069 -23.88 55.97 6.03
C SER B 1069 -24.91 57.09 6.11
N LEU B 1070 -26.08 56.77 6.65
CA LEU B 1070 -27.18 57.71 6.80
C LEU B 1070 -27.14 58.46 8.13
N TYR B 1071 -26.08 58.26 8.93
CA TYR B 1071 -26.00 58.86 10.25
C TYR B 1071 -25.91 60.38 10.17
N ASP B 1072 -25.18 60.90 9.18
CA ASP B 1072 -24.99 62.34 9.05
C ASP B 1072 -24.87 62.69 7.57
N GLY B 1073 -25.08 63.97 7.28
CA GLY B 1073 -24.98 64.47 5.92
C GLY B 1073 -26.32 64.86 5.34
N PRO B 1074 -26.32 65.32 4.09
CA PRO B 1074 -27.59 65.70 3.44
C PRO B 1074 -28.59 64.56 3.32
N LEU B 1075 -28.11 63.32 3.18
CA LEU B 1075 -28.99 62.17 3.07
C LEU B 1075 -29.45 61.64 4.42
N ALA B 1076 -28.98 62.22 5.53
CA ALA B 1076 -29.36 61.74 6.85
C ALA B 1076 -30.83 61.99 7.17
N GLN B 1077 -31.49 62.88 6.43
CA GLN B 1077 -32.90 63.15 6.69
C GLN B 1077 -33.77 61.93 6.42
N PHE B 1078 -33.44 61.15 5.40
CA PHE B 1078 -34.22 59.95 5.09
C PHE B 1078 -34.02 58.86 6.13
N GLY B 1079 -32.89 58.85 6.84
CA GLY B 1079 -32.69 57.86 7.88
C GLY B 1079 -33.64 58.02 9.05
N GLU B 1080 -33.94 59.26 9.42
CA GLU B 1080 -34.80 59.51 10.57
C GLU B 1080 -36.23 59.03 10.30
N CYS B 1081 -36.81 59.44 9.17
CA CYS B 1081 -38.16 59.02 8.84
C CYS B 1081 -38.19 57.58 8.33
N GLY B 1082 -37.49 57.32 7.23
CA GLY B 1082 -37.36 55.97 6.72
C GLY B 1082 -38.23 55.66 5.52
N LYS B 1083 -37.64 55.71 4.33
CA LYS B 1083 -38.33 55.29 3.11
C LYS B 1083 -37.26 55.01 2.06
N TYR B 1084 -37.15 53.75 1.64
CA TYR B 1084 -36.11 53.39 0.68
C TYR B 1084 -36.34 54.06 -0.67
N GLY B 1085 -37.61 54.14 -1.10
CA GLY B 1085 -37.90 54.75 -2.39
C GLY B 1085 -37.49 56.20 -2.46
N ASP B 1086 -37.74 56.95 -1.38
CA ASP B 1086 -37.37 58.36 -1.37
C ASP B 1086 -35.85 58.52 -1.38
N LEU B 1087 -35.13 57.68 -0.64
CA LEU B 1087 -33.67 57.76 -0.63
C LEU B 1087 -33.08 57.42 -1.99
N PHE B 1088 -33.64 56.40 -2.66
CA PHE B 1088 -33.13 56.00 -3.96
C PHE B 1088 -33.26 57.12 -4.99
N VAL B 1089 -34.41 57.79 -5.01
CA VAL B 1089 -34.64 58.86 -5.98
C VAL B 1089 -33.74 60.06 -5.68
N ALA B 1090 -33.67 60.46 -4.40
CA ALA B 1090 -32.91 61.65 -4.05
C ALA B 1090 -31.42 61.47 -4.32
N ALA B 1091 -30.88 60.29 -4.00
CA ALA B 1091 -29.45 60.05 -4.24
C ALA B 1091 -29.14 60.05 -5.73
N LEU B 1092 -30.05 59.51 -6.55
CA LEU B 1092 -29.81 59.45 -7.99
C LEU B 1092 -29.77 60.84 -8.61
N LYS B 1093 -30.68 61.73 -8.20
CA LYS B 1093 -30.71 63.06 -8.80
C LYS B 1093 -29.56 63.93 -8.29
N SER B 1094 -29.24 63.83 -6.99
CA SER B 1094 -28.27 64.74 -6.41
C SER B 1094 -26.85 64.42 -6.87
N TYR B 1095 -26.46 63.14 -6.87
CA TYR B 1095 -25.09 62.76 -7.18
C TYR B 1095 -24.97 61.65 -8.22
N GLY B 1096 -26.06 61.06 -8.66
CA GLY B 1096 -25.99 59.94 -9.58
C GLY B 1096 -25.71 58.60 -8.95
N MET B 1097 -25.60 58.54 -7.62
CA MET B 1097 -25.38 57.27 -6.94
C MET B 1097 -26.61 56.38 -7.05
N LEU B 1098 -26.37 55.09 -7.30
CA LEU B 1098 -27.44 54.11 -7.41
C LEU B 1098 -27.40 53.19 -6.20
N CYS B 1099 -28.49 53.15 -5.45
CA CYS B 1099 -28.56 52.34 -4.24
C CYS B 1099 -28.93 50.90 -4.60
N ILE B 1100 -28.11 49.96 -4.15
CA ILE B 1100 -28.31 48.54 -4.44
C ILE B 1100 -28.95 47.81 -3.28
N GLY B 1101 -28.52 48.10 -2.06
CA GLY B 1101 -29.06 47.40 -0.92
C GLY B 1101 -28.71 48.10 0.37
N LEU B 1102 -28.96 47.41 1.48
CA LEU B 1102 -28.77 47.95 2.81
C LEU B 1102 -27.89 47.04 3.65
N TYR B 1103 -27.17 47.65 4.58
CA TYR B 1103 -26.35 46.94 5.57
C TYR B 1103 -26.91 47.34 6.94
N ARG B 1104 -27.79 46.50 7.46
CA ARG B 1104 -28.60 46.83 8.63
C ARG B 1104 -28.20 45.97 9.82
N PHE B 1105 -28.18 46.59 11.01
CA PHE B 1105 -27.84 45.88 12.23
C PHE B 1105 -28.80 44.72 12.47
N ARG B 1106 -28.25 43.59 12.91
CA ARG B 1106 -29.07 42.40 13.14
C ARG B 1106 -30.09 42.65 14.27
N ASP B 1107 -29.67 43.31 15.34
CA ASP B 1107 -30.53 43.60 16.47
C ASP B 1107 -30.61 45.10 16.66
N THR B 1108 -31.83 45.62 16.74
CA THR B 1108 -32.06 47.05 16.89
C THR B 1108 -32.20 47.48 18.35
N SER B 1109 -32.11 46.55 19.29
CA SER B 1109 -32.22 46.88 20.71
C SER B 1109 -30.84 46.99 21.34
N ALA B 1114 -27.35 43.60 21.95
CA ALA B 1114 -26.56 44.70 21.42
C ALA B 1114 -25.25 44.20 20.81
N SER B 1115 -25.31 43.80 19.55
CA SER B 1115 -24.15 43.29 18.83
C SER B 1115 -23.93 44.13 17.57
N SER B 1116 -22.67 44.37 17.24
CA SER B 1116 -22.30 45.16 16.07
C SER B 1116 -22.20 44.28 14.82
N LYS B 1117 -23.25 43.53 14.54
CA LYS B 1117 -23.31 42.65 13.38
C LYS B 1117 -24.40 43.16 12.44
N ARG B 1118 -24.03 43.34 11.17
CA ARG B 1118 -24.94 43.81 10.15
C ARG B 1118 -25.10 42.77 9.07
N TYR B 1119 -26.33 42.56 8.62
CA TYR B 1119 -26.63 41.64 7.53
C TYR B 1119 -26.99 42.43 6.27
N VAL B 1120 -27.04 41.71 5.15
CA VAL B 1120 -27.20 42.31 3.83
C VAL B 1120 -28.64 42.13 3.36
N ILE B 1121 -29.28 43.24 2.98
CA ILE B 1121 -30.60 43.23 2.36
C ILE B 1121 -30.43 43.74 0.94
N THR B 1122 -30.77 42.91 -0.05
CA THR B 1122 -30.55 43.24 -1.44
C THR B 1122 -31.85 43.73 -2.06
N ASN B 1123 -31.82 44.94 -2.62
CA ASN B 1123 -32.95 45.56 -3.32
C ASN B 1123 -34.22 45.52 -2.50
N PRO B 1124 -34.29 46.26 -1.39
CA PRO B 1124 -35.53 46.31 -0.61
C PRO B 1124 -36.61 47.06 -1.36
N PRO B 1125 -37.89 46.81 -1.05
CA PRO B 1125 -38.97 47.54 -1.72
C PRO B 1125 -38.93 49.02 -1.40
N ASP B 1126 -39.58 49.81 -2.26
CA ASP B 1126 -39.60 51.25 -2.08
C ASP B 1126 -40.30 51.67 -0.78
N ASP B 1127 -41.18 50.82 -0.25
CA ASP B 1127 -41.87 51.12 1.00
C ASP B 1127 -41.10 50.66 2.22
N PHE B 1128 -39.89 50.15 2.05
CA PHE B 1128 -39.08 49.71 3.18
C PHE B 1128 -38.75 50.89 4.08
N SER B 1129 -38.77 50.64 5.40
CA SER B 1129 -38.50 51.67 6.38
C SER B 1129 -37.02 51.66 6.75
N LEU B 1130 -36.38 52.81 6.64
CA LEU B 1130 -34.96 52.94 6.95
C LEU B 1130 -34.75 53.22 8.43
N LEU B 1131 -33.48 53.16 8.84
CA LEU B 1131 -33.08 53.44 10.21
C LEU B 1131 -31.87 54.37 10.20
N PRO B 1132 -31.70 55.20 11.23
CA PRO B 1132 -30.54 56.10 11.27
C PRO B 1132 -29.21 55.39 11.28
N THR B 1133 -29.16 54.13 11.71
CA THR B 1133 -27.92 53.36 11.75
C THR B 1133 -27.82 52.38 10.58
N ASP B 1134 -28.36 52.75 9.43
CA ASP B 1134 -28.34 51.89 8.25
C ASP B 1134 -27.28 52.35 7.27
N GLN B 1135 -26.61 51.40 6.65
CA GLN B 1135 -25.62 51.66 5.61
C GLN B 1135 -26.15 51.18 4.27
N VAL B 1136 -25.85 51.93 3.22
CA VAL B 1136 -26.41 51.69 1.89
C VAL B 1136 -25.28 51.34 0.93
N PHE B 1137 -25.44 50.24 0.21
CA PHE B 1137 -24.55 49.92 -0.91
C PHE B 1137 -24.90 50.79 -2.09
N VAL B 1138 -23.91 51.51 -2.62
CA VAL B 1138 -24.13 52.46 -3.69
C VAL B 1138 -23.07 52.28 -4.77
N LEU B 1139 -23.41 52.73 -5.98
CA LEU B 1139 -22.48 52.80 -7.11
C LEU B 1139 -22.25 54.28 -7.38
N MET B 1140 -21.18 54.82 -6.81
CA MET B 1140 -20.90 56.24 -6.87
C MET B 1140 -20.05 56.56 -8.09
N GLN B 1141 -20.33 57.71 -8.71
CA GLN B 1141 -19.59 58.15 -9.88
C GLN B 1141 -18.21 58.66 -9.49
N PHE B 1142 -17.35 58.78 -10.50
CA PHE B 1142 -15.99 59.28 -10.30
C PHE B 1142 -15.99 60.80 -10.33
N ASP B 1143 -15.45 61.40 -9.26
CA ASP B 1143 -15.38 62.85 -9.16
C ASP B 1143 -13.94 63.30 -9.33
N PRO B 1144 -13.58 63.94 -10.45
CA PRO B 1144 -12.21 64.42 -10.61
C PRO B 1144 -11.87 65.50 -9.60
N GLY B 1145 -10.60 65.51 -9.19
CA GLY B 1145 -10.13 66.47 -8.20
C GLY B 1145 -9.52 65.82 -6.98
N LEU C 44 -23.47 -65.72 19.61
CA LEU C 44 -23.65 -64.30 19.90
C LEU C 44 -24.75 -64.09 20.95
N LYS C 45 -24.98 -65.12 21.77
CA LYS C 45 -25.97 -65.00 22.84
C LYS C 45 -25.58 -63.93 23.84
N VAL C 46 -24.30 -63.87 24.21
CA VAL C 46 -23.77 -62.86 25.09
C VAL C 46 -22.59 -62.19 24.39
N ARG C 47 -22.55 -60.86 24.44
CA ARG C 47 -21.52 -60.09 23.76
C ARG C 47 -20.40 -59.74 24.73
N LYS C 48 -19.17 -60.03 24.32
CA LYS C 48 -17.98 -59.76 25.13
C LYS C 48 -17.24 -58.50 24.67
N TYR C 49 -17.94 -57.59 24.00
CA TYR C 49 -17.29 -56.36 23.54
C TYR C 49 -16.85 -55.49 24.72
N TRP C 50 -17.53 -55.61 25.86
CA TRP C 50 -17.14 -54.82 27.03
C TRP C 50 -15.78 -55.22 27.56
N CYS C 51 -15.40 -56.49 27.42
CA CYS C 51 -14.09 -56.93 27.87
C CYS C 51 -12.98 -56.27 27.08
N PHE C 52 -13.15 -56.14 25.76
CA PHE C 52 -12.16 -55.45 24.94
C PHE C 52 -12.03 -53.99 25.33
N LEU C 53 -13.16 -53.32 25.56
CA LEU C 53 -13.12 -51.92 25.94
C LEU C 53 -12.54 -51.73 27.33
N LEU C 54 -12.89 -52.62 28.27
CA LEU C 54 -12.41 -52.48 29.64
C LEU C 54 -10.89 -52.62 29.72
N SER C 55 -10.32 -53.56 28.97
CA SER C 55 -8.87 -53.75 28.99
C SER C 55 -8.14 -52.53 28.44
N SER C 56 -8.65 -51.95 27.36
CA SER C 56 -8.03 -50.75 26.80
C SER C 56 -8.10 -49.58 27.78
N ILE C 57 -9.25 -49.42 28.45
CA ILE C 57 -9.38 -48.38 29.46
C ILE C 57 -8.46 -48.67 30.64
N PHE C 58 -8.40 -49.93 31.07
CA PHE C 58 -7.53 -50.29 32.19
C PHE C 58 -6.07 -50.07 31.85
N THR C 59 -5.65 -50.45 30.63
CA THR C 59 -4.26 -50.27 30.23
C THR C 59 -3.88 -48.80 30.21
N PHE C 60 -4.77 -47.95 29.69
CA PHE C 60 -4.51 -46.51 29.69
C PHE C 60 -4.45 -45.96 31.12
N LEU C 61 -5.36 -46.43 31.99
CA LEU C 61 -5.37 -45.96 33.36
C LEU C 61 -4.19 -46.51 34.14
N ALA C 62 -3.85 -47.78 33.94
CA ALA C 62 -2.72 -48.37 34.65
C ALA C 62 -1.41 -47.67 34.28
N GLY C 63 -1.21 -47.39 32.99
CA GLY C 63 -0.02 -46.66 32.58
C GLY C 63 -0.02 -45.23 33.10
N LEU C 64 -1.19 -44.60 33.16
CA LEU C 64 -1.27 -43.23 33.65
C LEU C 64 -0.87 -43.14 35.11
N LEU C 65 -1.36 -44.06 35.94
CA LEU C 65 -1.03 -44.03 37.36
C LEU C 65 0.38 -44.51 37.63
N VAL C 66 0.89 -45.47 36.83
CA VAL C 66 2.24 -45.97 37.04
C VAL C 66 3.26 -44.85 36.84
N VAL C 67 3.07 -44.04 35.79
CA VAL C 67 3.95 -42.90 35.58
C VAL C 67 3.84 -41.92 36.74
N LEU C 68 2.61 -41.64 37.18
CA LEU C 68 2.42 -40.76 38.33
C LEU C 68 2.98 -41.39 39.61
N LEU C 69 2.78 -42.69 39.79
CA LEU C 69 3.34 -43.38 40.96
C LEU C 69 4.85 -43.39 40.92
N TRP C 70 5.43 -43.61 39.74
CA TRP C 70 6.89 -43.60 39.61
C TRP C 70 7.46 -42.22 39.93
N ARG C 71 6.76 -41.16 39.52
CA ARG C 71 7.18 -39.81 39.89
C ARG C 71 7.15 -39.61 41.40
N ALA C 72 6.09 -40.11 42.06
CA ALA C 72 6.05 -40.07 43.51
C ALA C 72 7.09 -41.00 44.12
N PHE C 73 7.29 -42.18 43.51
CA PHE C 73 8.30 -43.11 44.01
C PHE C 73 9.70 -42.50 43.88
N ALA C 74 9.98 -41.84 42.75
CA ALA C 74 11.27 -41.18 42.59
C ALA C 74 11.42 -40.02 43.55
N PHE C 75 10.33 -39.28 43.81
CA PHE C 75 10.39 -38.17 44.75
C PHE C 75 10.73 -38.65 46.16
N VAL C 76 10.13 -39.76 46.59
CA VAL C 76 10.41 -40.30 47.93
C VAL C 76 11.64 -41.19 47.96
N CYS C 77 12.16 -41.60 46.80
CA CYS C 77 13.35 -42.43 46.75
C CYS C 77 14.32 -41.93 45.69
N THR C 106 22.18 -42.99 35.52
CA THR C 106 22.99 -42.63 34.36
C THR C 106 22.58 -43.45 33.13
N PHE C 107 22.12 -44.68 33.38
CA PHE C 107 21.68 -45.53 32.28
C PHE C 107 20.46 -44.95 31.57
N MET C 108 19.52 -44.39 32.33
CA MET C 108 18.34 -43.80 31.73
C MET C 108 18.70 -42.61 30.85
N THR C 109 19.62 -41.75 31.32
CA THR C 109 20.03 -40.60 30.53
C THR C 109 20.74 -41.04 29.24
N GLU C 110 21.61 -42.04 29.33
CA GLU C 110 22.27 -42.55 28.13
C GLU C 110 21.29 -43.19 27.17
N ALA C 111 20.32 -43.94 27.71
CA ALA C 111 19.33 -44.60 26.85
C ALA C 111 18.38 -43.58 26.23
N LYS C 112 18.03 -42.51 26.97
CA LYS C 112 17.10 -41.51 26.44
C LYS C 112 17.69 -40.82 25.21
N ASP C 113 18.97 -40.46 25.26
CA ASP C 113 19.62 -39.86 24.10
C ASP C 113 19.68 -40.84 22.93
N TRP C 114 19.99 -42.12 23.22
CA TRP C 114 20.05 -43.11 22.16
C TRP C 114 18.68 -43.37 21.56
N ALA C 115 17.64 -43.42 22.40
CA ALA C 115 16.29 -43.67 21.91
C ALA C 115 15.80 -42.54 21.02
N GLY C 116 16.06 -41.29 21.41
CA GLY C 116 15.63 -40.16 20.60
C GLY C 116 16.31 -40.12 19.26
N GLU C 117 17.58 -40.52 19.21
CA GLU C 117 18.31 -40.57 17.95
C GLU C 117 17.74 -41.67 17.05
N LEU C 118 17.23 -42.76 17.63
CA LEU C 118 16.73 -43.87 16.84
C LEU C 118 15.42 -43.52 16.14
N ILE C 119 14.49 -42.91 16.88
CA ILE C 119 13.18 -42.62 16.32
C ILE C 119 13.22 -41.55 15.23
N SER C 120 14.24 -40.69 15.25
CA SER C 120 14.39 -39.66 14.24
C SER C 120 15.24 -40.12 13.06
N GLY C 121 15.77 -41.34 13.09
CA GLY C 121 16.53 -41.88 11.98
C GLY C 121 17.84 -41.19 11.69
N GLN C 122 18.57 -40.78 12.73
CA GLN C 122 19.87 -40.14 12.52
C GLN C 122 20.94 -41.16 12.14
N THR C 123 20.95 -42.32 12.79
CA THR C 123 21.96 -43.33 12.52
C THR C 123 21.45 -44.33 11.48
N THR C 124 22.36 -45.24 11.08
CA THR C 124 22.01 -46.23 10.08
C THR C 124 20.88 -47.14 10.55
N THR C 125 20.97 -47.61 11.80
CA THR C 125 19.89 -48.43 12.34
C THR C 125 18.62 -47.61 12.55
N GLY C 126 18.75 -46.31 12.81
CA GLY C 126 17.59 -45.46 12.94
C GLY C 126 16.84 -45.30 11.63
N ARG C 127 17.57 -45.19 10.52
CA ARG C 127 16.93 -45.08 9.21
C ARG C 127 16.17 -46.36 8.87
N ILE C 128 16.70 -47.51 9.25
CA ILE C 128 16.03 -48.79 8.99
C ILE C 128 14.72 -48.84 9.77
N LEU C 129 14.75 -48.45 11.05
CA LEU C 129 13.55 -48.50 11.87
C LEU C 129 12.48 -47.54 11.35
N VAL C 130 12.88 -46.34 10.94
CA VAL C 130 11.93 -45.36 10.42
C VAL C 130 11.27 -45.88 9.14
N VAL C 131 12.07 -46.44 8.24
CA VAL C 131 11.53 -47.03 7.02
C VAL C 131 10.67 -48.24 7.36
N LEU C 132 11.13 -49.07 8.30
CA LEU C 132 10.35 -50.23 8.71
C LEU C 132 9.02 -49.83 9.34
N VAL C 133 8.98 -48.69 10.04
CA VAL C 133 7.73 -48.18 10.59
C VAL C 133 6.76 -47.84 9.46
N PHE C 134 7.27 -47.24 8.38
CA PHE C 134 6.45 -46.90 7.23
C PHE C 134 5.82 -48.16 6.64
N ILE C 135 6.63 -49.21 6.47
CA ILE C 135 6.18 -50.41 5.76
C ILE C 135 5.02 -51.06 6.51
N LEU C 136 5.17 -51.26 7.82
CA LEU C 136 4.13 -51.93 8.58
C LEU C 136 2.97 -51.03 8.95
N SER C 137 3.14 -49.70 8.84
CA SER C 137 1.99 -48.81 9.02
C SER C 137 0.96 -49.03 7.92
N ILE C 138 1.42 -49.16 6.67
CA ILE C 138 0.51 -49.47 5.57
C ILE C 138 0.01 -50.90 5.69
N ALA C 139 0.90 -51.84 6.05
CA ALA C 139 0.52 -53.24 6.13
C ALA C 139 -0.54 -53.47 7.21
N SER C 140 -0.40 -52.81 8.36
CA SER C 140 -1.39 -52.96 9.42
C SER C 140 -2.76 -52.46 8.98
N LEU C 141 -2.79 -51.35 8.24
CA LEU C 141 -4.05 -50.83 7.73
C LEU C 141 -4.64 -51.75 6.67
N ILE C 142 -3.79 -52.37 5.85
CA ILE C 142 -4.28 -53.22 4.76
C ILE C 142 -4.98 -54.45 5.33
N ILE C 143 -4.38 -55.09 6.32
CA ILE C 143 -5.00 -56.27 6.91
C ILE C 143 -6.28 -55.91 7.67
N TYR C 144 -6.44 -54.65 8.05
CA TYR C 144 -7.71 -54.22 8.63
C TYR C 144 -8.81 -54.17 7.58
N PHE C 145 -8.47 -53.84 6.34
CA PHE C 145 -9.46 -53.81 5.27
C PHE C 145 -10.04 -55.20 5.02
N VAL C 146 -9.17 -56.22 4.97
CA VAL C 146 -9.66 -57.58 4.79
C VAL C 146 -10.33 -58.11 6.04
N ASP C 147 -10.02 -57.54 7.21
CA ASP C 147 -10.68 -57.95 8.45
C ASP C 147 -12.09 -57.37 8.55
N ALA C 148 -12.31 -56.17 8.04
CA ALA C 148 -13.62 -55.54 8.08
C ALA C 148 -14.57 -56.07 7.01
N SER C 149 -14.08 -56.88 6.07
CA SER C 149 -14.93 -57.44 5.03
C SER C 149 -15.86 -58.53 5.56
N SER C 150 -15.66 -59.00 6.79
CA SER C 150 -16.54 -60.00 7.35
C SER C 150 -17.94 -59.44 7.58
N GLU C 151 -18.95 -60.28 7.35
CA GLU C 151 -20.33 -59.84 7.53
C GLU C 151 -20.62 -59.53 8.99
N GLU C 152 -20.13 -60.35 9.91
CA GLU C 152 -20.37 -60.17 11.33
C GLU C 152 -19.25 -59.35 11.96
N VAL C 153 -19.55 -58.78 13.14
CA VAL C 153 -18.61 -57.93 13.84
C VAL C 153 -17.99 -58.71 15.00
N GLU C 154 -18.71 -59.69 15.52
CA GLU C 154 -18.23 -60.52 16.62
C GLU C 154 -18.32 -61.99 16.22
N ARG C 155 -17.24 -62.72 16.43
CA ARG C 155 -17.23 -64.16 16.18
C ARG C 155 -16.09 -64.79 16.97
N CYS C 156 -16.27 -66.06 17.30
CA CYS C 156 -15.29 -66.82 18.08
C CYS C 156 -14.60 -67.82 17.17
N GLN C 157 -13.27 -67.81 17.20
CA GLN C 157 -12.48 -68.72 16.37
C GLN C 157 -11.12 -68.93 17.04
N LYS C 158 -10.57 -70.12 16.84
CA LYS C 158 -9.24 -70.43 17.36
C LYS C 158 -8.20 -69.57 16.67
N TRP C 159 -7.25 -69.04 17.45
CA TRP C 159 -6.22 -68.17 16.90
C TRP C 159 -5.30 -68.91 15.94
N SER C 160 -5.11 -70.21 16.15
CA SER C 160 -4.24 -70.99 15.27
C SER C 160 -4.89 -71.32 13.94
N ASN C 161 -6.22 -71.22 13.85
CA ASN C 161 -6.90 -71.57 12.61
C ASN C 161 -6.70 -70.51 11.53
N ASN C 162 -6.79 -69.23 11.90
CA ASN C 162 -6.70 -68.14 10.96
C ASN C 162 -5.29 -67.55 10.99
N ILE C 163 -4.69 -67.37 9.81
CA ILE C 163 -3.37 -66.78 9.73
C ILE C 163 -3.40 -65.26 9.81
N THR C 164 -4.57 -64.65 9.56
CA THR C 164 -4.68 -63.20 9.66
C THR C 164 -4.44 -62.72 11.08
N GLN C 165 -4.97 -63.46 12.07
CA GLN C 165 -4.74 -63.11 13.47
C GLN C 165 -3.27 -63.25 13.82
N GLN C 166 -2.59 -64.27 13.29
CA GLN C 166 -1.17 -64.44 13.56
C GLN C 166 -0.35 -63.28 13.03
N ILE C 167 -0.65 -62.82 11.81
CA ILE C 167 0.06 -61.69 11.24
C ILE C 167 -0.24 -60.42 12.04
N ASP C 168 -1.48 -60.28 12.50
CA ASP C 168 -1.85 -59.12 13.32
C ASP C 168 -1.05 -59.09 14.62
N LEU C 169 -0.85 -60.25 15.24
CA LEU C 169 -0.04 -60.31 16.46
C LEU C 169 1.41 -59.95 16.17
N ALA C 170 1.94 -60.40 15.03
CA ALA C 170 3.33 -60.10 14.69
C ALA C 170 3.55 -58.61 14.50
N PHE C 171 2.57 -57.92 13.89
CA PHE C 171 2.69 -56.48 13.72
C PHE C 171 2.49 -55.74 15.03
N ASN C 172 1.61 -56.24 15.90
CA ASN C 172 1.28 -55.53 17.13
C ASN C 172 2.42 -55.59 18.14
N ILE C 173 3.13 -56.72 18.22
CA ILE C 173 4.24 -56.81 19.17
C ILE C 173 5.37 -55.86 18.79
N PHE C 174 5.56 -55.63 17.49
CA PHE C 174 6.54 -54.64 17.06
C PHE C 174 6.13 -53.23 17.49
N PHE C 175 4.83 -52.92 17.43
CA PHE C 175 4.38 -51.58 17.76
C PHE C 175 4.47 -51.28 19.26
N MET C 176 4.43 -52.30 20.12
CA MET C 176 4.58 -52.05 21.55
C MET C 176 6.04 -51.78 21.92
N VAL C 177 6.96 -52.49 21.28
CA VAL C 177 8.38 -52.20 21.52
C VAL C 177 8.76 -50.89 20.87
N TYR C 178 8.11 -50.53 19.75
CA TYR C 178 8.28 -49.19 19.20
C TYR C 178 7.65 -48.14 20.11
N PHE C 179 6.54 -48.49 20.76
CA PHE C 179 5.95 -47.59 21.75
C PHE C 179 6.89 -47.41 22.94
N PHE C 180 7.53 -48.49 23.39
CA PHE C 180 8.47 -48.39 24.50
C PHE C 180 9.68 -47.53 24.14
N ILE C 181 10.18 -47.69 22.90
CA ILE C 181 11.31 -46.86 22.46
C ILE C 181 10.92 -45.39 22.45
N ARG C 182 9.71 -45.08 21.96
CA ARG C 182 9.23 -43.71 21.99
C ARG C 182 9.04 -43.21 23.42
N PHE C 183 8.63 -44.08 24.32
CA PHE C 183 8.47 -43.68 25.72
C PHE C 183 9.80 -43.27 26.34
N ILE C 184 10.86 -44.04 26.07
CA ILE C 184 12.17 -43.70 26.60
C ILE C 184 12.65 -42.36 26.02
N ALA C 185 12.44 -42.16 24.72
CA ALA C 185 12.87 -40.92 24.08
C ALA C 185 12.06 -39.71 24.52
N ALA C 186 10.90 -39.93 25.14
CA ALA C 186 10.06 -38.82 25.54
C ALA C 186 10.72 -37.99 26.63
N SER C 187 10.63 -36.66 26.48
CA SER C 187 11.21 -35.76 27.47
C SER C 187 10.46 -35.84 28.79
N ASP C 188 9.13 -35.77 28.74
CA ASP C 188 8.28 -35.90 29.91
C ASP C 188 7.29 -37.03 29.68
N LYS C 189 7.19 -37.92 30.66
CA LYS C 189 6.38 -39.12 30.49
C LYS C 189 4.89 -38.83 30.63
N LEU C 190 4.51 -37.85 31.44
CA LEU C 190 3.09 -37.57 31.67
C LEU C 190 2.41 -37.11 30.38
N TRP C 191 3.05 -36.20 29.64
CA TRP C 191 2.45 -35.71 28.40
C TRP C 191 2.54 -36.74 27.29
N PHE C 192 3.54 -37.63 27.34
CA PHE C 192 3.65 -38.69 26.34
C PHE C 192 2.47 -39.65 26.42
N MET C 193 2.03 -40.00 27.63
CA MET C 193 0.93 -40.94 27.78
C MET C 193 -0.37 -40.37 27.23
N LEU C 194 -0.50 -39.05 27.18
CA LEU C 194 -1.69 -38.39 26.65
C LEU C 194 -1.55 -38.02 25.18
N GLU C 195 -0.46 -38.42 24.53
CA GLU C 195 -0.26 -38.09 23.12
C GLU C 195 -1.26 -38.82 22.24
N MET C 196 -1.54 -38.23 21.09
CA MET C 196 -2.51 -38.82 20.16
C MET C 196 -2.02 -40.16 19.62
N TYR C 197 -0.72 -40.26 19.30
CA TYR C 197 -0.18 -41.52 18.79
C TYR C 197 -0.26 -42.62 19.83
N SER C 198 0.05 -42.30 21.09
CA SER C 198 -0.03 -43.32 22.13
C SER C 198 -1.46 -43.76 22.38
N PHE C 199 -2.42 -42.85 22.17
CA PHE C 199 -3.82 -43.21 22.33
C PHE C 199 -4.25 -44.25 21.29
N VAL C 200 -3.63 -44.20 20.11
CA VAL C 200 -3.87 -45.22 19.10
C VAL C 200 -3.36 -46.57 19.58
N ASP C 201 -2.18 -46.61 20.19
CA ASP C 201 -1.60 -47.86 20.66
C ASP C 201 -2.34 -48.43 21.86
N TYR C 202 -3.03 -47.59 22.64
CA TYR C 202 -3.75 -48.07 23.81
C TYR C 202 -4.93 -48.94 23.42
N PHE C 203 -5.62 -48.60 22.33
CA PHE C 203 -6.84 -49.26 21.91
C PHE C 203 -6.61 -50.26 20.78
N THR C 204 -5.36 -50.54 20.43
CA THR C 204 -5.03 -51.43 19.33
C THR C 204 -4.35 -52.72 19.78
N ILE C 205 -3.26 -52.61 20.54
CA ILE C 205 -2.48 -53.78 20.94
C ILE C 205 -3.13 -54.52 22.11
N PRO C 206 -3.57 -53.85 23.18
CA PRO C 206 -4.19 -54.58 24.30
C PRO C 206 -5.41 -55.39 23.87
N PRO C 207 -6.25 -54.90 22.96
CA PRO C 207 -7.34 -55.76 22.48
C PRO C 207 -6.86 -57.04 21.81
N SER C 208 -5.69 -57.00 21.15
CA SER C 208 -5.19 -58.20 20.49
C SER C 208 -4.88 -59.30 21.49
N PHE C 209 -4.26 -58.95 22.61
CA PHE C 209 -3.96 -59.94 23.64
C PHE C 209 -5.24 -60.48 24.28
N VAL C 210 -6.21 -59.61 24.51
CA VAL C 210 -7.47 -60.05 25.10
C VAL C 210 -8.20 -61.01 24.17
N SER C 211 -8.21 -60.69 22.87
CA SER C 211 -8.81 -61.60 21.90
C SER C 211 -8.06 -62.93 21.85
N ILE C 212 -6.77 -62.91 22.15
CA ILE C 212 -5.98 -64.14 22.16
C ILE C 212 -6.42 -65.04 23.31
N TYR C 213 -6.58 -64.46 24.50
CA TYR C 213 -6.98 -65.25 25.67
C TYR C 213 -8.44 -65.65 25.60
N LEU C 214 -9.30 -64.76 25.07
CA LEU C 214 -10.73 -65.04 25.01
C LEU C 214 -11.11 -65.97 23.86
N ASP C 215 -10.17 -66.24 22.94
CA ASP C 215 -10.42 -67.12 21.80
C ASP C 215 -11.57 -66.62 20.92
N ARG C 216 -11.79 -65.31 20.92
CA ARG C 216 -12.81 -64.70 20.08
C ARG C 216 -12.30 -63.35 19.61
N THR C 217 -12.72 -62.96 18.41
CA THR C 217 -12.26 -61.72 17.79
C THR C 217 -13.42 -60.74 17.63
N TRP C 218 -13.10 -59.46 17.75
CA TRP C 218 -14.06 -58.37 17.56
C TRP C 218 -13.39 -57.30 16.73
N ILE C 219 -14.19 -56.65 15.87
CA ILE C 219 -13.65 -55.56 15.05
C ILE C 219 -13.18 -54.43 15.94
N GLY C 220 -13.94 -54.11 16.98
CA GLY C 220 -13.50 -53.14 17.97
C GLY C 220 -13.19 -51.79 17.37
N LEU C 221 -12.04 -51.24 17.76
CA LEU C 221 -11.59 -49.93 17.31
C LEU C 221 -10.33 -50.05 16.44
N ARG C 222 -10.29 -51.08 15.61
CA ARG C 222 -9.17 -51.29 14.69
C ARG C 222 -9.08 -50.21 13.63
N PHE C 223 -10.14 -49.41 13.45
CA PHE C 223 -10.10 -48.32 12.48
C PHE C 223 -9.10 -47.23 12.89
N LEU C 224 -8.69 -47.20 14.15
CA LEU C 224 -7.72 -46.22 14.62
C LEU C 224 -6.35 -46.40 13.98
N ARG C 225 -6.09 -47.55 13.34
CA ARG C 225 -4.82 -47.76 12.65
C ARG C 225 -4.65 -46.79 11.49
N ALA C 226 -5.74 -46.27 10.93
CA ALA C 226 -5.64 -45.28 9.87
C ALA C 226 -5.06 -43.97 10.36
N LEU C 227 -5.15 -43.69 11.66
CA LEU C 227 -4.57 -42.46 12.21
C LEU C 227 -3.06 -42.45 12.13
N ARG C 228 -2.42 -43.62 11.95
CA ARG C 228 -0.97 -43.68 11.82
C ARG C 228 -0.48 -43.08 10.51
N LEU C 229 -1.37 -42.80 9.56
CA LEU C 229 -0.95 -42.25 8.27
C LEU C 229 -0.52 -40.79 8.38
N MET C 230 -0.92 -40.08 9.45
CA MET C 230 -0.55 -38.68 9.59
C MET C 230 0.91 -38.48 9.94
N THR C 231 1.63 -39.54 10.30
CA THR C 231 3.07 -39.45 10.57
C THR C 231 3.90 -39.74 9.34
N VAL C 232 3.27 -40.00 8.19
CA VAL C 232 4.03 -40.18 6.95
C VAL C 232 4.83 -38.94 6.58
N PRO C 233 4.29 -37.72 6.62
CA PRO C 233 5.14 -36.55 6.36
C PRO C 233 6.31 -36.43 7.31
N ASP C 234 6.12 -36.79 8.58
CA ASP C 234 7.24 -36.81 9.52
C ASP C 234 8.28 -37.84 9.13
N ILE C 235 7.84 -39.02 8.69
CA ILE C 235 8.77 -40.07 8.28
C ILE C 235 9.57 -39.62 7.06
N LEU C 236 8.90 -39.01 6.08
CA LEU C 236 9.60 -38.55 4.89
C LEU C 236 10.56 -37.41 5.21
N GLN C 237 10.24 -36.59 6.20
CA GLN C 237 11.16 -35.52 6.60
C GLN C 237 12.36 -36.06 7.35
N TYR C 238 12.20 -37.17 8.08
CA TYR C 238 13.33 -37.79 8.76
C TYR C 238 14.35 -38.31 7.77
N LEU C 239 13.89 -38.87 6.64
CA LEU C 239 14.77 -39.39 5.61
C LEU C 239 15.17 -38.33 4.59
N ASN C 240 14.79 -37.08 4.81
CA ASN C 240 15.12 -35.96 3.93
C ASN C 240 14.56 -36.14 2.53
N VAL C 241 13.47 -36.90 2.39
CA VAL C 241 12.82 -37.04 1.08
C VAL C 241 12.12 -35.74 0.70
N LEU C 242 11.44 -35.12 1.65
CA LEU C 242 10.76 -33.85 1.42
C LEU C 242 11.68 -32.71 1.84
N LYS C 243 11.99 -31.83 0.89
CA LYS C 243 12.90 -30.72 1.13
C LYS C 243 12.23 -29.36 0.97
N THR C 244 11.57 -29.13 -0.16
CA THR C 244 10.92 -27.85 -0.38
C THR C 244 9.68 -27.71 0.50
N SER C 245 9.31 -26.46 0.77
CA SER C 245 8.17 -26.19 1.64
C SER C 245 6.85 -26.61 1.01
N SER C 246 6.73 -26.46 -0.31
CA SER C 246 5.48 -26.83 -0.98
C SER C 246 5.22 -28.33 -0.88
N SER C 247 6.26 -29.14 -1.07
CA SER C 247 6.08 -30.59 -0.98
C SER C 247 5.69 -31.03 0.43
N ILE C 248 6.28 -30.38 1.43
CA ILE C 248 5.92 -30.72 2.82
C ILE C 248 4.47 -30.37 3.10
N ARG C 249 4.02 -29.20 2.64
CA ARG C 249 2.64 -28.81 2.83
C ARG C 249 1.68 -29.76 2.11
N LEU C 250 2.03 -30.15 0.88
CA LEU C 250 1.19 -31.08 0.13
C LEU C 250 1.09 -32.43 0.82
N ALA C 251 2.21 -32.93 1.34
CA ALA C 251 2.20 -34.22 2.02
C ALA C 251 1.35 -34.19 3.29
N GLN C 252 1.43 -33.09 4.04
CA GLN C 252 0.64 -32.98 5.26
C GLN C 252 -0.85 -32.95 4.97
N LEU C 253 -1.26 -32.19 3.95
CA LEU C 253 -2.68 -32.09 3.62
C LEU C 253 -3.25 -33.41 3.14
N VAL C 254 -2.50 -34.12 2.28
CA VAL C 254 -2.98 -35.39 1.76
C VAL C 254 -3.07 -36.43 2.85
N SER C 255 -2.05 -36.52 3.70
CA SER C 255 -2.05 -37.51 4.77
C SER C 255 -3.15 -37.24 5.78
N ILE C 256 -3.38 -35.96 6.12
CA ILE C 256 -4.44 -35.62 7.07
C ILE C 256 -5.81 -35.97 6.49
N PHE C 257 -6.04 -35.63 5.23
CA PHE C 257 -7.34 -35.86 4.62
C PHE C 257 -7.65 -37.36 4.52
N ILE C 258 -6.67 -38.16 4.11
CA ILE C 258 -6.91 -39.59 3.93
C ILE C 258 -7.13 -40.27 5.28
N SER C 259 -6.31 -39.94 6.28
CA SER C 259 -6.44 -40.57 7.59
C SER C 259 -7.78 -40.27 8.23
N VAL C 260 -8.22 -39.00 8.16
CA VAL C 260 -9.52 -38.63 8.71
C VAL C 260 -10.64 -39.33 7.96
N TRP C 261 -10.54 -39.38 6.63
CA TRP C 261 -11.56 -40.02 5.81
C TRP C 261 -11.69 -41.50 6.15
N LEU C 262 -10.56 -42.20 6.26
CA LEU C 262 -10.60 -43.63 6.54
C LEU C 262 -11.02 -43.92 7.98
N THR C 263 -10.56 -43.11 8.93
CA THR C 263 -10.95 -43.31 10.32
C THR C 263 -12.43 -43.06 10.53
N ALA C 264 -12.98 -42.01 9.92
CA ALA C 264 -14.39 -41.71 10.08
C ALA C 264 -15.26 -42.81 9.47
N ALA C 265 -14.83 -43.37 8.34
CA ALA C 265 -15.56 -44.47 7.73
C ALA C 265 -15.56 -45.69 8.63
N GLY C 266 -14.46 -45.93 9.35
CA GLY C 266 -14.41 -47.04 10.29
C GLY C 266 -15.37 -46.86 11.45
N ILE C 267 -15.49 -45.64 11.95
CA ILE C 267 -16.43 -45.37 13.04
C ILE C 267 -17.86 -45.61 12.59
N ILE C 268 -18.22 -45.13 11.40
CA ILE C 268 -19.56 -45.35 10.88
C ILE C 268 -19.80 -46.83 10.64
N HIS C 269 -18.81 -47.53 10.11
CA HIS C 269 -18.96 -48.96 9.85
C HIS C 269 -19.20 -49.75 11.12
N LEU C 270 -18.47 -49.40 12.19
CA LEU C 270 -18.63 -50.12 13.46
C LEU C 270 -19.97 -49.80 14.11
N LEU C 271 -20.34 -48.52 14.17
CA LEU C 271 -21.56 -48.13 14.85
C LEU C 271 -22.81 -48.65 14.14
N GLU C 272 -22.82 -48.59 12.81
CA GLU C 272 -24.01 -49.02 12.06
C GLU C 272 -24.17 -50.54 12.09
N ASN C 273 -23.07 -51.28 11.91
CA ASN C 273 -23.16 -52.73 11.86
C ASN C 273 -23.47 -53.32 13.23
N SER C 274 -22.90 -52.75 14.30
CA SER C 274 -23.12 -53.30 15.63
C SER C 274 -24.54 -53.04 16.11
N GLY C 275 -25.07 -51.85 15.85
CA GLY C 275 -26.39 -51.47 16.33
C GLY C 275 -26.31 -50.67 17.62
N ASP C 276 -27.48 -50.32 18.12
CA ASP C 276 -27.56 -49.55 19.35
C ASP C 276 -27.06 -50.36 20.53
N PRO C 277 -26.39 -49.73 21.49
CA PRO C 277 -25.85 -50.48 22.63
C PRO C 277 -26.96 -50.99 23.55
N LEU C 278 -26.68 -52.14 24.17
CA LEU C 278 -27.52 -52.79 25.17
C LEU C 278 -28.76 -53.45 24.59
N ASP C 279 -29.04 -53.22 23.31
CA ASP C 279 -30.06 -53.99 22.60
C ASP C 279 -29.52 -54.70 21.38
N PHE C 280 -28.77 -53.98 20.52
CA PHE C 280 -28.13 -54.57 19.34
C PHE C 280 -29.13 -55.32 18.46
N ASP C 281 -30.30 -54.72 18.27
CA ASP C 281 -31.34 -55.31 17.43
C ASP C 281 -31.64 -54.49 16.18
N ASN C 282 -31.21 -53.23 16.13
CA ASN C 282 -31.43 -52.35 14.99
C ASN C 282 -30.19 -52.23 14.12
N ALA C 283 -29.42 -53.32 14.01
CA ALA C 283 -28.18 -53.29 13.24
C ALA C 283 -28.47 -53.03 11.77
N HIS C 284 -27.65 -52.17 11.17
CA HIS C 284 -27.74 -51.82 9.76
C HIS C 284 -26.54 -52.40 9.03
N ARG C 285 -26.80 -53.32 8.11
CA ARG C 285 -25.73 -54.01 7.39
C ARG C 285 -25.13 -53.06 6.35
N LEU C 286 -23.91 -52.61 6.58
CA LEU C 286 -23.20 -51.73 5.66
C LEU C 286 -21.77 -52.23 5.50
N SER C 287 -21.32 -52.33 4.26
CA SER C 287 -19.92 -52.66 4.00
C SER C 287 -19.03 -51.48 4.34
N TYR C 288 -17.76 -51.77 4.61
CA TYR C 288 -16.81 -50.71 4.93
C TYR C 288 -16.63 -49.75 3.77
N TRP C 289 -16.55 -50.28 2.55
CA TRP C 289 -16.35 -49.43 1.39
C TRP C 289 -17.59 -48.60 1.07
N THR C 290 -18.78 -49.11 1.41
CA THR C 290 -19.99 -48.29 1.32
C THR C 290 -19.91 -47.11 2.28
N CYS C 291 -19.38 -47.34 3.49
CA CYS C 291 -19.18 -46.24 4.43
C CYS C 291 -18.14 -45.26 3.92
N VAL C 292 -17.10 -45.74 3.23
CA VAL C 292 -16.13 -44.85 2.61
C VAL C 292 -16.81 -43.99 1.55
N TYR C 293 -17.64 -44.61 0.72
CA TYR C 293 -18.40 -43.86 -0.28
C TYR C 293 -19.39 -42.91 0.39
N PHE C 294 -20.02 -43.36 1.48
CA PHE C 294 -20.96 -42.49 2.19
C PHE C 294 -20.26 -41.28 2.78
N LEU C 295 -19.04 -41.46 3.28
CA LEU C 295 -18.33 -40.35 3.92
C LEU C 295 -17.97 -39.26 2.92
N ILE C 296 -17.50 -39.64 1.73
CA ILE C 296 -17.10 -38.63 0.74
C ILE C 296 -18.30 -37.88 0.21
N VAL C 297 -19.47 -38.54 0.15
CA VAL C 297 -20.69 -37.85 -0.23
C VAL C 297 -21.07 -36.82 0.83
N THR C 298 -20.84 -37.15 2.10
CA THR C 298 -21.16 -36.23 3.19
C THR C 298 -20.23 -35.02 3.20
N MET C 299 -18.92 -35.26 3.09
CA MET C 299 -17.96 -34.16 3.15
C MET C 299 -18.11 -33.21 1.96
N SER C 300 -18.46 -33.75 0.79
CA SER C 300 -18.72 -32.91 -0.37
C SER C 300 -20.03 -32.15 -0.25
N THR C 301 -20.83 -32.43 0.78
CA THR C 301 -22.13 -31.79 1.00
C THR C 301 -23.09 -32.06 -0.16
N VAL C 302 -22.95 -33.22 -0.79
CA VAL C 302 -23.88 -33.63 -1.84
C VAL C 302 -25.12 -34.32 -1.25
N GLY C 303 -24.89 -35.31 -0.39
CA GLY C 303 -25.96 -35.96 0.34
C GLY C 303 -27.05 -36.60 -0.52
N TYR C 304 -26.69 -37.66 -1.23
CA TYR C 304 -27.67 -38.33 -2.08
C TYR C 304 -28.82 -38.90 -1.26
N GLY C 305 -28.51 -39.52 -0.12
CA GLY C 305 -29.51 -40.13 0.71
C GLY C 305 -29.79 -41.59 0.43
N ASP C 306 -29.17 -42.17 -0.60
CA ASP C 306 -29.30 -43.60 -0.83
C ASP C 306 -28.72 -44.40 0.33
N VAL C 307 -27.60 -43.94 0.88
CA VAL C 307 -26.98 -44.52 2.06
C VAL C 307 -27.04 -43.48 3.17
N TYR C 308 -27.56 -43.87 4.34
CA TYR C 308 -27.66 -42.97 5.46
C TYR C 308 -27.62 -43.76 6.76
N CYS C 309 -27.27 -43.07 7.84
CA CYS C 309 -27.20 -43.69 9.15
C CYS C 309 -28.59 -43.86 9.74
N GLU C 310 -28.82 -45.00 10.38
CA GLU C 310 -30.11 -45.30 11.00
C GLU C 310 -30.02 -45.47 12.51
N THR C 311 -28.89 -45.91 13.04
CA THR C 311 -28.75 -46.11 14.47
C THR C 311 -28.61 -44.76 15.20
N VAL C 312 -28.92 -44.78 16.49
CA VAL C 312 -28.80 -43.58 17.30
C VAL C 312 -27.34 -43.15 17.41
N LEU C 313 -26.45 -44.10 17.67
CA LEU C 313 -25.03 -43.76 17.80
C LEU C 313 -24.45 -43.29 16.48
N GLY C 314 -24.87 -43.89 15.37
CA GLY C 314 -24.37 -43.47 14.07
C GLY C 314 -24.75 -42.03 13.74
N ARG C 315 -25.99 -41.65 14.04
CA ARG C 315 -26.41 -40.27 13.80
C ARG C 315 -25.72 -39.32 14.76
N THR C 316 -25.47 -39.74 16.00
CA THR C 316 -24.81 -38.88 16.97
C THR C 316 -23.40 -38.53 16.53
N PHE C 317 -22.65 -39.52 16.03
CA PHE C 317 -21.31 -39.22 15.51
C PHE C 317 -21.38 -38.35 14.27
N LEU C 318 -22.39 -38.56 13.42
CA LEU C 318 -22.53 -37.76 12.22
C LEU C 318 -22.74 -36.30 12.55
N VAL C 319 -23.40 -36.01 13.66
CA VAL C 319 -23.63 -34.62 14.06
C VAL C 319 -22.30 -33.93 14.36
N PHE C 320 -21.43 -34.59 15.14
CA PHE C 320 -20.14 -34.00 15.44
C PHE C 320 -19.26 -33.92 14.20
N PHE C 321 -19.32 -34.93 13.33
CA PHE C 321 -18.49 -34.92 12.13
C PHE C 321 -18.92 -33.81 11.18
N LEU C 322 -20.22 -33.53 11.08
CA LEU C 322 -20.68 -32.46 10.21
C LEU C 322 -20.15 -31.11 10.64
N LEU C 323 -19.85 -30.94 11.93
CA LEU C 323 -19.32 -29.67 12.42
C LEU C 323 -17.86 -29.49 12.02
N VAL C 324 -17.06 -30.56 12.09
CA VAL C 324 -15.63 -30.45 11.87
C VAL C 324 -15.18 -31.13 10.58
N GLY C 325 -15.81 -32.24 10.17
CA GLY C 325 -15.38 -32.92 8.96
C GLY C 325 -15.59 -32.11 7.70
N LEU C 326 -16.66 -31.32 7.66
CA LEU C 326 -16.92 -30.50 6.48
C LEU C 326 -15.87 -29.42 6.31
N ALA C 327 -15.38 -28.85 7.43
CA ALA C 327 -14.35 -27.83 7.35
C ALA C 327 -13.04 -28.41 6.80
N ILE C 328 -12.73 -29.66 7.13
CA ILE C 328 -11.50 -30.27 6.63
C ILE C 328 -11.56 -30.40 5.11
N PHE C 329 -12.69 -30.87 4.57
CA PHE C 329 -12.82 -31.02 3.13
C PHE C 329 -12.74 -29.68 2.42
N ALA C 330 -13.38 -28.64 2.97
CA ALA C 330 -13.40 -27.34 2.32
C ALA C 330 -12.06 -26.62 2.42
N SER C 331 -11.17 -27.07 3.31
CA SER C 331 -9.88 -26.42 3.50
C SER C 331 -8.72 -27.20 2.89
N CYS C 332 -8.83 -28.52 2.79
CA CYS C 332 -7.73 -29.34 2.29
C CYS C 332 -7.78 -29.50 0.77
N ILE C 333 -8.96 -29.85 0.24
CA ILE C 333 -9.07 -30.10 -1.21
C ILE C 333 -8.72 -28.88 -2.05
N PRO C 334 -9.27 -27.68 -1.78
CA PRO C 334 -8.84 -26.52 -2.58
C PRO C 334 -7.36 -26.22 -2.47
N GLU C 335 -6.77 -26.43 -1.30
CA GLU C 335 -5.34 -26.18 -1.13
C GLU C 335 -4.49 -27.27 -1.77
N ILE C 336 -5.03 -28.49 -1.87
CA ILE C 336 -4.28 -29.56 -2.54
C ILE C 336 -4.24 -29.31 -4.05
N ILE C 337 -5.34 -28.83 -4.62
CA ILE C 337 -5.42 -28.68 -6.07
C ILE C 337 -4.44 -27.64 -6.57
N ASP C 338 -4.42 -26.46 -5.95
CA ASP C 338 -3.54 -25.40 -6.43
C ASP C 338 -2.08 -25.65 -6.06
N LEU C 339 -1.82 -26.39 -4.97
CA LEU C 339 -0.46 -26.78 -4.65
C LEU C 339 0.13 -27.67 -5.74
N ILE C 340 -0.66 -28.62 -6.23
CA ILE C 340 -0.26 -29.41 -7.39
C ILE C 340 -0.12 -28.50 -8.61
N GLY C 341 -1.10 -27.63 -8.81
CA GLY C 341 -1.08 -26.66 -9.90
C GLY C 341 -1.10 -27.34 -11.26
N THR C 342 -0.42 -26.72 -12.21
CA THR C 342 -0.30 -27.24 -13.56
C THR C 342 1.18 -27.33 -13.92
N ARG C 343 1.48 -28.26 -14.82
CA ARG C 343 2.85 -28.44 -15.27
C ARG C 343 3.33 -27.20 -16.01
N ALA C 344 4.64 -26.95 -15.93
CA ALA C 344 5.23 -25.79 -16.58
C ALA C 344 5.04 -25.86 -18.09
N LYS C 345 4.19 -24.99 -18.63
CA LYS C 345 3.90 -25.02 -20.06
C LYS C 345 5.13 -24.70 -20.88
N TYR C 346 5.92 -23.73 -20.42
CA TYR C 346 7.11 -23.28 -21.14
C TYR C 346 8.34 -23.68 -20.33
N GLY C 347 9.16 -24.57 -20.88
CA GLY C 347 10.33 -25.05 -20.19
C GLY C 347 11.05 -26.07 -21.06
N GLY C 348 12.14 -26.59 -20.53
CA GLY C 348 12.94 -27.54 -21.25
C GLY C 348 13.87 -26.87 -22.26
N THR C 349 14.65 -27.71 -22.94
CA THR C 349 15.67 -27.25 -23.85
C THR C 349 15.13 -27.13 -25.27
N LEU C 350 15.67 -26.17 -26.01
CA LEU C 350 15.34 -26.04 -27.43
C LEU C 350 15.94 -27.20 -28.21
N LYS C 351 15.12 -27.84 -29.03
CA LYS C 351 15.57 -29.01 -29.76
C LYS C 351 16.59 -28.62 -30.83
N ASN C 352 17.65 -29.41 -30.93
CA ASN C 352 18.71 -29.13 -31.89
C ASN C 352 18.37 -29.69 -33.26
N GLU C 353 18.66 -28.91 -34.30
CA GLU C 353 18.43 -29.32 -35.67
C GLU C 353 19.69 -29.07 -36.49
N LYS C 354 19.90 -29.92 -37.50
CA LYS C 354 21.06 -29.80 -38.36
C LYS C 354 20.83 -28.71 -39.41
N GLY C 355 21.81 -27.82 -39.55
CA GLY C 355 21.69 -26.72 -40.50
C GLY C 355 20.56 -25.76 -40.19
N ARG C 356 20.37 -25.44 -38.92
CA ARG C 356 19.29 -24.56 -38.49
C ARG C 356 19.88 -23.27 -37.90
N ARG C 357 19.28 -22.14 -38.27
CA ARG C 357 19.70 -20.84 -37.79
C ARG C 357 18.61 -20.25 -36.91
N HIS C 358 19.00 -19.70 -35.76
CA HIS C 358 18.05 -19.10 -34.84
C HIS C 358 18.72 -17.95 -34.10
N ILE C 359 17.90 -17.05 -33.58
CA ILE C 359 18.36 -15.93 -32.77
C ILE C 359 17.60 -15.94 -31.46
N VAL C 360 18.21 -15.35 -30.44
CA VAL C 360 17.63 -15.26 -29.10
C VAL C 360 17.26 -13.81 -28.85
N VAL C 361 16.01 -13.56 -28.45
CA VAL C 361 15.51 -12.23 -28.16
C VAL C 361 15.09 -12.19 -26.70
N CYS C 362 15.64 -11.24 -25.95
CA CYS C 362 15.37 -11.08 -24.53
C CYS C 362 15.13 -9.61 -24.23
N GLY C 363 14.92 -9.31 -22.96
CA GLY C 363 14.70 -7.95 -22.52
C GLY C 363 13.21 -7.68 -22.28
N HIS C 364 12.70 -6.62 -22.90
CA HIS C 364 11.30 -6.23 -22.74
C HIS C 364 10.45 -7.06 -23.70
N ILE C 365 9.87 -8.14 -23.18
CA ILE C 365 9.07 -9.06 -23.97
C ILE C 365 7.61 -8.88 -23.56
N THR C 366 6.87 -8.11 -24.35
CA THR C 366 5.44 -7.90 -24.14
C THR C 366 4.71 -8.19 -25.44
N TYR C 367 3.38 -8.17 -25.38
CA TYR C 367 2.59 -8.43 -26.59
C TYR C 367 2.83 -7.37 -27.65
N GLU C 368 2.88 -6.10 -27.25
CA GLU C 368 3.09 -5.02 -28.22
C GLU C 368 4.47 -5.09 -28.83
N SER C 369 5.50 -5.37 -28.01
CA SER C 369 6.86 -5.40 -28.52
C SER C 369 7.09 -6.61 -29.42
N VAL C 370 6.53 -7.77 -29.04
CA VAL C 370 6.75 -8.98 -29.82
C VAL C 370 6.01 -8.89 -31.16
N SER C 371 4.75 -8.43 -31.13
CA SER C 371 3.98 -8.34 -32.37
C SER C 371 4.61 -7.36 -33.34
N HIS C 372 5.08 -6.21 -32.85
CA HIS C 372 5.73 -5.24 -33.71
C HIS C 372 7.04 -5.80 -34.26
N PHE C 373 7.81 -6.48 -33.42
CA PHE C 373 9.08 -7.05 -33.87
C PHE C 373 8.86 -8.14 -34.92
N LEU C 374 7.87 -9.01 -34.69
CA LEU C 374 7.65 -10.12 -35.61
C LEU C 374 7.13 -9.65 -36.97
N LYS C 375 6.32 -8.60 -36.98
CA LYS C 375 5.83 -8.07 -38.26
C LYS C 375 6.98 -7.56 -39.11
N ASP C 376 7.94 -6.85 -38.51
CA ASP C 376 9.08 -6.36 -39.26
C ASP C 376 10.07 -7.48 -39.58
N PHE C 377 10.30 -8.39 -38.64
CA PHE C 377 11.25 -9.47 -38.86
C PHE C 377 10.78 -10.41 -39.97
N LEU C 378 9.50 -10.74 -39.97
CA LEU C 378 8.92 -11.64 -40.98
C LEU C 378 8.06 -10.79 -41.91
N HIS C 379 8.69 -10.21 -42.92
CA HIS C 379 8.02 -9.41 -43.94
C HIS C 379 8.39 -9.96 -45.31
N GLU C 380 7.38 -10.13 -46.17
CA GLU C 380 7.64 -10.68 -47.49
C GLU C 380 8.16 -9.66 -48.47
N ASP C 381 8.44 -8.43 -48.02
CA ASP C 381 9.18 -7.48 -48.85
C ASP C 381 10.67 -7.71 -48.82
N ARG C 382 11.18 -8.48 -47.85
CA ARG C 382 12.61 -8.71 -47.69
C ARG C 382 12.98 -10.12 -48.12
N GLU C 383 14.28 -10.40 -48.11
CA GLU C 383 14.80 -11.69 -48.56
C GLU C 383 14.28 -12.82 -47.68
N ASP C 384 14.04 -13.97 -48.32
CA ASP C 384 13.53 -15.14 -47.60
C ASP C 384 14.69 -15.87 -46.95
N VAL C 385 14.69 -15.91 -45.63
CA VAL C 385 15.72 -16.59 -44.85
C VAL C 385 15.03 -17.46 -43.80
N ASP C 386 15.56 -18.66 -43.58
CA ASP C 386 15.01 -19.60 -42.61
C ASP C 386 15.69 -19.39 -41.26
N VAL C 387 15.30 -18.33 -40.58
CA VAL C 387 15.78 -18.02 -39.24
C VAL C 387 14.57 -17.94 -38.32
N GLU C 388 14.59 -18.74 -37.25
CA GLU C 388 13.50 -18.74 -36.30
C GLU C 388 13.90 -17.97 -35.05
N VAL C 389 12.90 -17.37 -34.41
CA VAL C 389 13.11 -16.49 -33.27
C VAL C 389 12.80 -17.26 -31.99
N VAL C 390 13.73 -17.20 -31.03
CA VAL C 390 13.56 -17.82 -29.73
C VAL C 390 13.46 -16.71 -28.69
N PHE C 391 12.35 -16.70 -27.95
CA PHE C 391 12.10 -15.67 -26.95
C PHE C 391 12.36 -16.24 -25.56
N LEU C 392 13.08 -15.48 -24.74
CA LEU C 392 13.37 -15.86 -23.36
C LEU C 392 12.93 -14.73 -22.44
N HIS C 393 12.07 -15.05 -21.48
CA HIS C 393 11.55 -14.06 -20.56
C HIS C 393 11.25 -14.73 -19.22
N ARG C 394 11.22 -13.90 -18.17
CA ARG C 394 11.00 -14.42 -16.82
C ARG C 394 9.52 -14.67 -16.55
N LYS C 395 8.69 -13.64 -16.70
CA LYS C 395 7.27 -13.79 -16.43
C LYS C 395 6.61 -14.65 -17.50
N PRO C 396 5.65 -15.49 -17.12
CA PRO C 396 4.92 -16.25 -18.13
C PRO C 396 4.10 -15.33 -19.00
N PRO C 397 3.93 -15.66 -20.28
CA PRO C 397 3.14 -14.79 -21.17
C PRO C 397 1.66 -14.83 -20.83
N ASP C 398 0.98 -13.74 -21.15
CA ASP C 398 -0.46 -13.67 -20.96
C ASP C 398 -1.18 -14.38 -22.11
N LEU C 399 -2.51 -14.34 -22.08
CA LEU C 399 -3.29 -15.05 -23.08
C LEU C 399 -3.08 -14.46 -24.47
N GLU C 400 -2.97 -13.13 -24.58
CA GLU C 400 -2.75 -12.51 -25.87
C GLU C 400 -1.41 -12.93 -26.47
N LEU C 401 -0.35 -12.96 -25.67
CA LEU C 401 0.96 -13.34 -26.17
C LEU C 401 0.99 -14.82 -26.55
N GLU C 402 0.30 -15.66 -25.78
CA GLU C 402 0.28 -17.10 -26.08
C GLU C 402 -0.39 -17.37 -27.43
N GLY C 403 -1.46 -16.63 -27.74
CA GLY C 403 -2.10 -16.79 -29.04
C GLY C 403 -1.21 -16.35 -30.18
N LEU C 404 -0.42 -15.30 -29.97
CA LEU C 404 0.51 -14.84 -30.99
C LEU C 404 1.57 -15.90 -31.28
N PHE C 405 2.08 -16.55 -30.24
CA PHE C 405 3.06 -17.61 -30.44
C PHE C 405 2.45 -18.82 -31.15
N LYS C 406 1.15 -19.08 -30.92
CA LYS C 406 0.50 -20.19 -31.60
C LYS C 406 0.41 -19.95 -33.10
N ARG C 407 0.13 -18.71 -33.50
CA ARG C 407 0.02 -18.38 -34.92
C ARG C 407 1.36 -18.44 -35.64
N HIS C 408 2.47 -18.39 -34.91
CA HIS C 408 3.81 -18.51 -35.46
C HIS C 408 4.49 -19.76 -34.93
N PHE C 409 3.75 -20.87 -34.91
CA PHE C 409 4.24 -22.08 -34.27
C PHE C 409 5.48 -22.63 -34.96
N THR C 410 5.53 -22.56 -36.30
CA THR C 410 6.62 -23.15 -37.05
C THR C 410 7.87 -22.29 -37.10
N THR C 411 7.81 -21.04 -36.64
CA THR C 411 8.95 -20.14 -36.75
C THR C 411 9.28 -19.35 -35.49
N VAL C 412 8.48 -19.46 -34.43
CA VAL C 412 8.71 -18.72 -33.19
C VAL C 412 8.58 -19.68 -32.02
N GLU C 413 9.55 -19.64 -31.12
CA GLU C 413 9.55 -20.47 -29.92
C GLU C 413 9.74 -19.59 -28.70
N PHE C 414 9.07 -19.94 -27.61
CA PHE C 414 9.16 -19.21 -26.35
C PHE C 414 9.62 -20.14 -25.24
N PHE C 415 10.50 -19.63 -24.38
CA PHE C 415 10.98 -20.37 -23.22
C PHE C 415 10.96 -19.44 -22.01
N GLN C 416 10.67 -20.00 -20.84
CA GLN C 416 10.61 -19.23 -19.61
C GLN C 416 11.95 -19.32 -18.89
N GLY C 417 12.53 -18.17 -18.57
CA GLY C 417 13.82 -18.13 -17.91
C GLY C 417 14.44 -16.76 -18.04
N THR C 418 15.55 -16.59 -17.33
CA THR C 418 16.27 -15.32 -17.31
C THR C 418 17.61 -15.47 -18.02
N ILE C 419 18.01 -14.42 -18.74
CA ILE C 419 19.29 -14.43 -19.43
C ILE C 419 20.45 -14.39 -18.45
N MET C 420 20.21 -14.02 -17.19
CA MET C 420 21.26 -13.97 -16.19
C MET C 420 21.58 -15.34 -15.60
N ASN C 421 20.79 -16.37 -15.92
CA ASN C 421 21.02 -17.70 -15.43
C ASN C 421 21.79 -18.50 -16.47
N PRO C 422 23.00 -18.98 -16.18
CA PRO C 422 23.73 -19.79 -17.16
C PRO C 422 23.01 -21.07 -17.56
N ILE C 423 22.16 -21.60 -16.69
CA ILE C 423 21.37 -22.78 -17.05
C ILE C 423 20.38 -22.43 -18.16
N ASP C 424 19.73 -21.28 -18.07
CA ASP C 424 18.76 -20.88 -19.09
C ASP C 424 19.45 -20.56 -20.42
N LEU C 425 20.68 -20.06 -20.37
CA LEU C 425 21.41 -19.81 -21.62
C LEU C 425 21.69 -21.11 -22.35
N GLN C 426 21.96 -22.19 -21.61
CA GLN C 426 22.15 -23.50 -22.24
C GLN C 426 20.85 -24.00 -22.85
N ARG C 427 19.71 -23.74 -22.20
CA ARG C 427 18.44 -24.24 -22.70
C ARG C 427 18.09 -23.65 -24.05
N VAL C 428 18.35 -22.35 -24.25
CA VAL C 428 18.06 -21.71 -25.53
C VAL C 428 19.22 -21.84 -26.52
N LYS C 429 20.32 -22.48 -26.12
CA LYS C 429 21.47 -22.69 -26.98
C LYS C 429 22.01 -21.37 -27.54
N VAL C 430 22.45 -20.51 -26.61
CA VAL C 430 22.99 -19.21 -26.99
C VAL C 430 24.27 -19.38 -27.81
N HIS C 431 25.11 -20.34 -27.44
CA HIS C 431 26.38 -20.55 -28.12
C HIS C 431 26.19 -20.92 -29.60
N GLU C 432 25.05 -21.49 -29.96
CA GLU C 432 24.76 -21.85 -31.34
C GLU C 432 23.89 -20.82 -32.04
N ALA C 433 23.47 -19.76 -31.36
CA ALA C 433 22.61 -18.75 -31.95
C ALA C 433 23.42 -17.83 -32.87
N ASP C 434 22.75 -17.39 -33.94
CA ASP C 434 23.40 -16.44 -34.85
C ASP C 434 23.67 -15.11 -34.16
N ALA C 435 22.72 -14.61 -33.38
CA ALA C 435 22.87 -13.36 -32.66
C ALA C 435 21.91 -13.33 -31.49
N CYS C 436 22.18 -12.44 -30.55
CA CYS C 436 21.34 -12.22 -29.39
C CYS C 436 20.85 -10.79 -29.40
N LEU C 437 19.53 -10.61 -29.31
CA LEU C 437 18.89 -9.30 -29.38
C LEU C 437 18.32 -8.96 -28.01
N VAL C 438 18.62 -7.76 -27.52
CA VAL C 438 18.20 -7.31 -26.21
C VAL C 438 17.24 -6.13 -26.42
N LEU C 439 15.94 -6.40 -26.29
CA LEU C 439 14.94 -5.35 -26.38
C LEU C 439 14.96 -4.50 -25.13
N ALA C 440 14.56 -3.24 -25.28
CA ALA C 440 14.55 -2.28 -24.19
C ALA C 440 13.17 -1.69 -24.00
N ASN C 441 12.86 -1.32 -22.76
CA ASN C 441 11.60 -0.65 -22.42
C ASN C 441 11.80 0.84 -22.61
N LYS C 442 11.35 1.37 -23.75
CA LYS C 442 11.53 2.78 -24.04
C LYS C 442 10.68 3.66 -23.12
N TYR C 443 9.52 3.17 -22.70
CA TYR C 443 8.65 3.92 -21.80
C TYR C 443 8.87 3.43 -20.37
N CYS C 444 10.03 3.79 -19.83
CA CYS C 444 10.42 3.41 -18.49
C CYS C 444 10.59 4.65 -17.62
N GLN C 445 10.28 4.51 -16.33
CA GLN C 445 10.37 5.64 -15.41
C GLN C 445 11.81 6.11 -15.25
N ASP C 446 12.74 5.18 -15.12
CA ASP C 446 14.16 5.51 -14.92
C ASP C 446 14.99 4.96 -16.07
N PRO C 447 15.42 5.80 -17.02
CA PRO C 447 16.28 5.31 -18.10
C PRO C 447 17.60 4.74 -17.61
N ASP C 448 18.17 5.28 -16.53
CA ASP C 448 19.42 4.75 -16.00
C ASP C 448 19.24 3.33 -15.48
N ALA C 449 18.14 3.08 -14.76
CA ALA C 449 17.89 1.74 -14.25
C ALA C 449 17.66 0.74 -15.38
N GLU C 450 16.94 1.16 -16.42
CA GLU C 450 16.70 0.27 -17.56
C GLU C 450 18.00 -0.05 -18.28
N ASP C 451 18.86 0.94 -18.46
CA ASP C 451 20.13 0.71 -19.16
C ASP C 451 21.05 -0.21 -18.36
N ALA C 452 21.06 -0.06 -17.03
CA ALA C 452 21.91 -0.90 -16.19
C ALA C 452 21.49 -2.36 -16.28
N ALA C 453 20.19 -2.62 -16.27
CA ALA C 453 19.71 -4.00 -16.38
C ALA C 453 20.08 -4.62 -17.72
N ASN C 454 19.95 -3.84 -18.80
CA ASN C 454 20.28 -4.37 -20.12
C ASN C 454 21.77 -4.57 -20.30
N ILE C 455 22.59 -3.71 -19.70
CA ILE C 455 24.04 -3.89 -19.78
C ILE C 455 24.46 -5.16 -19.08
N MET C 456 23.86 -5.46 -17.93
CA MET C 456 24.16 -6.70 -17.22
C MET C 456 23.76 -7.93 -18.03
N ARG C 457 22.71 -7.81 -18.85
CA ARG C 457 22.33 -8.91 -19.73
C ARG C 457 23.42 -9.19 -20.75
N VAL C 458 24.03 -8.15 -21.31
CA VAL C 458 25.12 -8.33 -22.26
C VAL C 458 26.32 -8.97 -21.58
N ILE C 459 26.61 -8.56 -20.34
CA ILE C 459 27.70 -9.16 -19.58
C ILE C 459 27.44 -10.65 -19.37
N SER C 460 26.20 -11.01 -19.01
CA SER C 460 25.86 -12.41 -18.81
C SER C 460 26.02 -13.21 -20.09
N ILE C 461 25.58 -12.67 -21.22
CA ILE C 461 25.71 -13.37 -22.50
C ILE C 461 27.19 -13.51 -22.86
N LYS C 462 27.95 -12.43 -22.72
CA LYS C 462 29.37 -12.49 -23.04
C LYS C 462 30.13 -13.40 -22.08
N ASN C 463 29.69 -13.48 -20.83
CA ASN C 463 30.32 -14.39 -19.87
C ASN C 463 30.13 -15.85 -20.30
N TYR C 464 28.93 -16.20 -20.78
CA TYR C 464 28.69 -17.55 -21.24
C TYR C 464 29.55 -17.89 -22.45
N SER C 465 29.67 -16.97 -23.40
CA SER C 465 30.51 -17.16 -24.57
C SER C 465 30.90 -15.80 -25.12
N ASP C 466 32.12 -15.69 -25.61
CA ASP C 466 32.62 -14.40 -26.09
C ASP C 466 32.34 -14.15 -27.56
N ASP C 467 32.28 -15.20 -28.37
CA ASP C 467 32.07 -15.05 -29.81
C ASP C 467 30.60 -15.17 -30.19
N ILE C 468 29.75 -14.37 -29.54
CA ILE C 468 28.32 -14.34 -29.84
C ILE C 468 27.95 -12.91 -30.18
N ARG C 469 27.32 -12.72 -31.34
CA ARG C 469 26.90 -11.39 -31.76
C ARG C 469 25.76 -10.90 -30.89
N VAL C 470 25.90 -9.67 -30.39
CA VAL C 470 24.91 -9.08 -29.49
C VAL C 470 24.49 -7.73 -30.05
N ILE C 471 23.18 -7.53 -30.16
CA ILE C 471 22.59 -6.25 -30.55
C ILE C 471 21.67 -5.82 -29.43
N ILE C 472 21.94 -4.65 -28.86
CA ILE C 472 21.24 -4.18 -27.68
C ILE C 472 20.71 -2.77 -27.92
N GLN C 473 19.48 -2.53 -27.52
CA GLN C 473 18.89 -1.19 -27.55
C GLN C 473 19.27 -0.45 -26.28
N LEU C 474 19.88 0.72 -26.44
CA LEU C 474 20.33 1.53 -25.31
C LEU C 474 19.52 2.81 -25.23
N MET C 475 19.26 3.26 -23.99
CA MET C 475 18.43 4.43 -23.75
C MET C 475 19.22 5.73 -23.78
N GLN C 476 20.41 5.76 -23.16
CA GLN C 476 21.20 6.97 -23.06
C GLN C 476 22.60 6.73 -23.57
N TYR C 477 23.22 7.79 -24.10
CA TYR C 477 24.52 7.64 -24.73
C TYR C 477 25.64 7.48 -23.71
N HIS C 478 25.51 8.09 -22.54
CA HIS C 478 26.59 8.00 -21.55
C HIS C 478 26.73 6.59 -20.99
N ASN C 479 25.73 5.73 -21.17
CA ASN C 479 25.85 4.32 -20.79
C ASN C 479 26.53 3.48 -21.86
N LYS C 480 26.76 4.03 -23.05
CA LYS C 480 27.44 3.29 -24.11
C LYS C 480 28.90 3.04 -23.79
N ALA C 481 29.52 3.88 -22.95
CA ALA C 481 30.93 3.71 -22.61
C ALA C 481 31.16 2.41 -21.85
N TYR C 482 30.20 2.01 -21.01
CA TYR C 482 30.36 0.78 -20.23
C TYR C 482 30.45 -0.44 -21.15
N LEU C 483 29.60 -0.50 -22.18
CA LEU C 483 29.64 -1.63 -23.10
C LEU C 483 30.93 -1.65 -23.91
N LEU C 484 31.41 -0.47 -24.33
CA LEU C 484 32.64 -0.41 -25.11
C LEU C 484 33.84 -0.86 -24.30
N ASN C 485 33.81 -0.68 -22.98
CA ASN C 485 34.93 -1.05 -22.13
C ASN C 485 34.90 -2.53 -21.75
N ILE C 486 33.88 -3.28 -22.15
CA ILE C 486 33.85 -4.71 -21.90
C ILE C 486 34.93 -5.39 -22.74
N PRO C 487 35.76 -6.27 -22.17
CA PRO C 487 36.82 -6.90 -22.96
C PRO C 487 36.32 -7.70 -24.14
N SER C 488 35.15 -8.34 -24.03
CA SER C 488 34.64 -9.19 -25.09
C SER C 488 33.84 -8.43 -26.16
N TRP C 489 33.57 -7.15 -25.94
CA TRP C 489 32.83 -6.38 -26.93
C TRP C 489 33.72 -6.08 -28.14
N ASP C 490 33.19 -6.34 -29.33
CA ASP C 490 33.94 -6.16 -30.57
C ASP C 490 32.99 -5.74 -31.67
N TRP C 491 33.09 -4.47 -32.10
CA TRP C 491 32.28 -3.99 -33.22
C TRP C 491 32.65 -4.65 -34.53
N LYS C 492 33.90 -5.13 -34.67
CA LYS C 492 34.32 -5.81 -35.88
C LYS C 492 33.53 -7.09 -36.10
N GLN C 493 33.28 -7.84 -35.03
CA GLN C 493 32.60 -9.13 -35.12
C GLN C 493 31.10 -8.99 -35.29
N GLY C 494 30.55 -7.79 -35.18
CA GLY C 494 29.12 -7.57 -35.36
C GLY C 494 28.39 -7.04 -34.15
N ASP C 495 29.04 -6.80 -33.02
CA ASP C 495 28.36 -6.23 -31.87
C ASP C 495 27.95 -4.79 -32.16
N ASP C 496 26.70 -4.47 -31.92
CA ASP C 496 26.15 -3.16 -32.24
C ASP C 496 25.32 -2.63 -31.08
N VAL C 497 25.36 -1.33 -30.89
CA VAL C 497 24.55 -0.64 -29.89
C VAL C 497 23.62 0.31 -30.62
N ILE C 498 22.32 0.17 -30.40
CA ILE C 498 21.33 1.07 -30.97
C ILE C 498 20.91 2.01 -29.85
N CYS C 499 21.46 3.22 -29.87
CA CYS C 499 21.17 4.22 -28.85
C CYS C 499 19.99 5.07 -29.30
N LEU C 500 18.88 4.95 -28.58
CA LEU C 500 17.68 5.70 -28.94
C LEU C 500 17.90 7.21 -28.80
N ALA C 501 18.57 7.63 -27.73
CA ALA C 501 18.81 9.06 -27.55
C ALA C 501 19.70 9.63 -28.65
N GLU C 502 20.75 8.90 -29.03
CA GLU C 502 21.62 9.38 -30.09
C GLU C 502 20.91 9.41 -31.43
N LEU C 503 20.10 8.39 -31.72
CA LEU C 503 19.42 8.34 -33.01
C LEU C 503 18.27 9.33 -33.09
N LYS C 504 17.50 9.46 -32.01
CA LYS C 504 16.35 10.36 -32.02
C LYS C 504 16.79 11.81 -32.20
N LEU C 505 17.79 12.25 -31.43
CA LEU C 505 18.27 13.62 -31.54
C LEU C 505 19.08 13.83 -32.81
N GLY C 506 19.66 12.77 -33.37
CA GLY C 506 20.33 12.90 -34.65
C GLY C 506 19.35 13.20 -35.78
N PHE C 507 18.17 12.58 -35.74
CA PHE C 507 17.15 12.87 -36.74
C PHE C 507 16.63 14.30 -36.60
N ILE C 508 16.48 14.78 -35.37
CA ILE C 508 16.05 16.16 -35.15
C ILE C 508 17.10 17.14 -35.68
N ALA C 509 18.37 16.85 -35.42
CA ALA C 509 19.43 17.74 -35.87
C ALA C 509 19.48 17.83 -37.39
N GLN C 510 19.31 16.70 -38.08
CA GLN C 510 19.29 16.71 -39.53
C GLN C 510 18.09 17.47 -40.08
N SER C 511 16.98 17.47 -39.35
CA SER C 511 15.80 18.21 -39.77
C SER C 511 16.01 19.72 -39.72
N CYS C 512 16.92 20.20 -38.88
CA CYS C 512 17.23 21.62 -38.85
C CYS C 512 17.86 22.07 -40.18
N LEU C 513 18.75 21.25 -40.73
CA LEU C 513 19.37 21.59 -42.01
C LEU C 513 18.38 21.39 -43.17
N ALA C 514 17.60 20.32 -43.11
CA ALA C 514 16.61 20.03 -44.15
C ALA C 514 15.31 19.59 -43.46
N PRO C 515 14.32 20.47 -43.38
CA PRO C 515 13.06 20.11 -42.70
C PRO C 515 12.38 18.94 -43.39
N GLY C 516 11.78 18.07 -42.59
CA GLY C 516 11.14 16.87 -43.08
C GLY C 516 12.05 15.68 -43.28
N PHE C 517 13.36 15.83 -43.00
CA PHE C 517 14.28 14.72 -43.18
C PHE C 517 14.03 13.60 -42.19
N SER C 518 13.55 13.94 -40.98
CA SER C 518 13.27 12.90 -39.99
C SER C 518 12.19 11.95 -40.47
N THR C 519 11.15 12.48 -41.11
CA THR C 519 10.09 11.63 -41.65
C THR C 519 10.61 10.74 -42.76
N MET C 520 11.42 11.30 -43.67
CA MET C 520 11.95 10.52 -44.78
C MET C 520 12.85 9.39 -44.29
N MET C 521 13.72 9.68 -43.32
CA MET C 521 14.66 8.66 -42.84
C MET C 521 13.95 7.61 -42.00
N ALA C 522 12.98 8.03 -41.19
CA ALA C 522 12.27 7.06 -40.34
C ALA C 522 11.49 6.06 -41.16
N ASN C 523 10.85 6.52 -42.24
CA ASN C 523 10.07 5.62 -43.09
C ASN C 523 10.95 4.69 -43.91
N LEU C 524 12.22 5.03 -44.09
CA LEU C 524 13.10 4.21 -44.93
C LEU C 524 13.36 2.84 -44.31
N PHE C 525 13.50 2.78 -42.99
CA PHE C 525 13.85 1.55 -42.29
C PHE C 525 12.64 0.91 -41.62
N ALA C 526 11.44 1.39 -41.87
CA ALA C 526 10.21 0.72 -41.48
C ALA C 526 9.69 -0.02 -42.71
N MET C 527 9.57 -1.34 -42.60
CA MET C 527 9.24 -2.18 -43.74
C MET C 527 7.72 -2.16 -43.97
N ARG C 528 7.30 -1.52 -45.06
CA ARG C 528 5.89 -1.41 -45.41
C ARG C 528 5.69 -1.87 -46.85
N SER C 529 4.59 -2.57 -47.09
CA SER C 529 4.21 -3.00 -48.43
C SER C 529 3.13 -2.06 -48.97
N PHE C 530 3.40 -1.47 -50.12
CA PHE C 530 2.52 -0.47 -50.72
C PHE C 530 1.87 -1.02 -51.98
N LYS C 531 0.55 -0.90 -52.05
CA LYS C 531 -0.21 -1.18 -53.26
C LYS C 531 -1.20 -0.06 -53.49
N THR C 532 -1.42 0.28 -54.75
CA THR C 532 -2.22 1.45 -55.10
C THR C 532 -3.67 1.25 -54.67
N SER C 533 -4.22 2.27 -54.01
CA SER C 533 -5.62 2.27 -53.62
C SER C 533 -6.50 2.72 -54.79
N PRO C 534 -7.79 2.33 -54.78
CA PRO C 534 -8.68 2.73 -55.88
C PRO C 534 -8.85 4.23 -56.00
N ASP C 535 -9.23 4.90 -54.92
CA ASP C 535 -9.47 6.34 -54.96
C ASP C 535 -9.31 6.93 -53.57
N MET C 536 -8.44 7.92 -53.45
CA MET C 536 -8.24 8.68 -52.22
C MET C 536 -7.52 9.97 -52.58
N GLN C 537 -7.17 10.76 -51.57
CA GLN C 537 -6.53 12.05 -51.80
C GLN C 537 -5.21 11.85 -52.56
N SER C 538 -4.97 12.75 -53.52
CA SER C 538 -3.78 12.63 -54.36
C SER C 538 -2.51 12.76 -53.54
N TRP C 539 -2.47 13.72 -52.60
CA TRP C 539 -1.28 13.89 -51.78
C TRP C 539 -1.05 12.69 -50.87
N THR C 540 -2.13 12.06 -50.39
CA THR C 540 -1.98 10.86 -49.58
C THR C 540 -1.40 9.72 -50.41
N ASN C 541 -1.84 9.58 -51.67
CA ASN C 541 -1.32 8.52 -52.53
C ASN C 541 0.17 8.70 -52.80
N ASP C 542 0.60 9.94 -53.07
CA ASP C 542 2.01 10.20 -53.33
C ASP C 542 2.85 9.93 -52.08
N TYR C 543 2.37 10.33 -50.91
CA TYR C 543 3.10 10.07 -49.68
C TYR C 543 3.14 8.57 -49.37
N LEU C 544 2.04 7.86 -49.62
CA LEU C 544 1.98 6.44 -49.30
C LEU C 544 2.96 5.64 -50.16
N ARG C 545 3.13 6.04 -51.42
CA ARG C 545 4.09 5.35 -52.29
C ARG C 545 5.51 5.48 -51.75
N GLY C 546 5.87 6.67 -51.25
CA GLY C 546 7.19 6.85 -50.67
C GLY C 546 7.43 6.02 -49.42
N THR C 547 6.38 5.81 -48.62
CA THR C 547 6.53 5.03 -47.39
C THR C 547 6.83 3.56 -47.67
N GLY C 548 6.55 3.08 -48.87
CA GLY C 548 6.83 1.71 -49.23
C GLY C 548 8.26 1.43 -49.63
N MET C 549 9.10 2.47 -49.71
CA MET C 549 10.49 2.30 -50.08
C MET C 549 11.35 1.99 -48.86
N GLU C 550 12.26 1.04 -49.01
CA GLU C 550 13.20 0.68 -47.96
C GLU C 550 14.62 0.75 -48.51
N MET C 551 15.59 0.40 -47.68
CA MET C 551 16.99 0.36 -48.07
C MET C 551 17.44 -1.09 -48.15
N TYR C 552 18.08 -1.45 -49.27
CA TYR C 552 18.55 -2.81 -49.50
C TYR C 552 19.98 -2.78 -50.01
N THR C 553 20.72 -3.83 -49.67
CA THR C 553 22.11 -3.99 -50.11
C THR C 553 22.16 -5.08 -51.17
N GLU C 554 22.86 -4.80 -52.27
CA GLU C 554 23.00 -5.76 -53.35
C GLU C 554 24.38 -5.61 -53.96
N THR C 555 24.98 -6.74 -54.34
CA THR C 555 26.27 -6.70 -55.02
C THR C 555 26.10 -6.15 -56.42
N LEU C 556 26.94 -5.19 -56.79
CA LEU C 556 26.85 -4.57 -58.10
C LEU C 556 27.28 -5.55 -59.19
N SER C 557 26.67 -5.40 -60.36
CA SER C 557 26.99 -6.26 -61.49
C SER C 557 28.42 -6.03 -61.95
N PRO C 558 29.07 -7.04 -62.51
CA PRO C 558 30.43 -6.83 -63.05
C PRO C 558 30.49 -5.82 -64.17
N THR C 559 29.37 -5.52 -64.83
CA THR C 559 29.36 -4.49 -65.86
C THR C 559 29.70 -3.12 -65.30
N PHE C 560 29.41 -2.89 -64.02
CA PHE C 560 29.67 -1.60 -63.40
C PHE C 560 31.14 -1.37 -63.08
N ILE C 561 31.99 -2.38 -63.21
CA ILE C 561 33.39 -2.25 -62.83
C ILE C 561 34.10 -1.30 -63.80
N GLY C 562 34.82 -0.33 -63.24
CA GLY C 562 35.62 0.58 -64.03
C GLY C 562 34.98 1.91 -64.33
N ILE C 563 33.76 2.15 -63.88
CA ILE C 563 33.07 3.42 -64.15
C ILE C 563 32.96 4.20 -62.84
N PRO C 564 32.89 5.52 -62.90
CA PRO C 564 32.73 6.31 -61.67
C PRO C 564 31.36 6.11 -61.06
N PHE C 565 31.24 6.52 -59.79
CA PHE C 565 29.98 6.35 -59.07
C PHE C 565 28.86 7.17 -59.72
N ALA C 566 29.18 8.37 -60.20
CA ALA C 566 28.16 9.24 -60.77
C ALA C 566 27.50 8.59 -61.98
N GLN C 567 28.28 7.95 -62.84
CA GLN C 567 27.70 7.24 -63.98
C GLN C 567 26.96 5.98 -63.54
N ALA C 568 27.41 5.35 -62.45
CA ALA C 568 26.76 4.12 -62.00
C ALA C 568 25.37 4.40 -61.46
N THR C 569 25.22 5.41 -60.61
CA THR C 569 23.91 5.72 -60.04
C THR C 569 22.97 6.32 -61.08
N GLU C 570 23.51 7.09 -62.03
CA GLU C 570 22.67 7.62 -63.11
C GLU C 570 22.13 6.50 -63.99
N LEU C 571 22.98 5.51 -64.29
CA LEU C 571 22.54 4.38 -65.10
C LEU C 571 21.48 3.56 -64.37
N CYS C 572 21.66 3.34 -63.07
CA CYS C 572 20.70 2.58 -62.30
C CYS C 572 19.34 3.28 -62.26
N PHE C 573 19.35 4.60 -62.10
CA PHE C 573 18.09 5.34 -62.04
C PHE C 573 17.37 5.32 -63.39
N SER C 574 18.12 5.53 -64.48
CA SER C 574 17.48 5.61 -65.79
C SER C 574 17.04 4.25 -66.30
N LYS C 575 17.88 3.23 -66.13
CA LYS C 575 17.61 1.92 -66.71
C LYS C 575 16.89 0.99 -65.73
N LEU C 576 17.49 0.76 -64.57
CA LEU C 576 16.97 -0.21 -63.61
C LEU C 576 15.90 0.37 -62.69
N LYS C 577 15.64 1.68 -62.77
CA LYS C 577 14.65 2.34 -61.91
C LYS C 577 14.97 2.13 -60.43
N LEU C 578 16.26 2.20 -60.10
CA LEU C 578 16.72 2.05 -58.73
C LEU C 578 17.58 3.25 -58.33
N LEU C 579 17.47 3.64 -57.07
CA LEU C 579 18.23 4.77 -56.54
C LEU C 579 19.41 4.23 -55.75
N LEU C 580 20.63 4.45 -56.26
CA LEU C 580 21.85 4.06 -55.59
C LEU C 580 22.49 5.29 -54.98
N LEU C 581 22.73 5.25 -53.66
CA LEU C 581 23.22 6.41 -52.94
C LEU C 581 24.58 6.19 -52.26
N ALA C 582 24.93 4.95 -51.92
CA ALA C 582 26.19 4.71 -51.23
C ALA C 582 26.76 3.37 -51.68
N ILE C 583 28.08 3.25 -51.56
CA ILE C 583 28.80 2.03 -51.88
C ILE C 583 29.80 1.75 -50.76
N GLU C 584 30.24 0.50 -50.69
CA GLU C 584 31.24 0.08 -49.72
C GLU C 584 32.59 -0.03 -50.42
N ILE C 585 33.60 0.67 -49.89
CA ILE C 585 34.92 0.73 -50.47
C ILE C 585 35.91 0.11 -49.48
N LYS C 586 36.72 -0.83 -49.96
CA LYS C 586 37.71 -1.47 -49.12
C LYS C 586 38.95 -0.59 -48.94
N SER C 594 37.59 -1.18 -44.64
CA SER C 594 36.35 -1.01 -45.39
C SER C 594 35.50 0.11 -44.79
N LYS C 595 35.08 1.04 -45.63
CA LYS C 595 34.27 2.17 -45.20
C LYS C 595 33.17 2.42 -46.22
N ILE C 596 32.09 3.05 -45.76
CA ILE C 596 30.93 3.36 -46.58
C ILE C 596 30.98 4.83 -46.97
N SER C 597 30.91 5.09 -48.28
CA SER C 597 30.92 6.44 -48.81
C SER C 597 29.54 6.76 -49.37
N ILE C 598 28.95 7.85 -48.91
CA ILE C 598 27.62 8.27 -49.36
C ILE C 598 27.80 9.26 -50.51
N ASN C 599 27.32 8.88 -51.69
CA ASN C 599 27.47 9.67 -52.91
C ASN C 599 28.91 10.11 -53.13
N PRO C 600 29.84 9.17 -53.28
CA PRO C 600 31.24 9.55 -53.45
C PRO C 600 31.49 10.26 -54.76
N ARG C 601 32.49 11.14 -54.75
CA ARG C 601 32.87 11.90 -55.94
C ARG C 601 34.15 11.31 -56.52
N GLY C 602 34.10 10.92 -57.79
CA GLY C 602 35.26 10.36 -58.45
C GLY C 602 35.76 9.06 -57.85
N ALA C 603 34.84 8.16 -57.49
CA ALA C 603 35.19 6.86 -56.94
C ALA C 603 34.77 5.79 -57.92
N LYS C 604 35.73 4.96 -58.34
CA LYS C 604 35.45 3.89 -59.28
C LYS C 604 34.80 2.70 -58.57
N ILE C 605 34.09 1.89 -59.35
CA ILE C 605 33.43 0.71 -58.84
C ILE C 605 34.38 -0.47 -58.98
N GLN C 606 34.66 -1.13 -57.86
CA GLN C 606 35.56 -2.29 -57.85
C GLN C 606 34.75 -3.57 -58.03
N ALA C 607 35.46 -4.69 -58.11
CA ALA C 607 34.80 -5.98 -58.26
C ALA C 607 34.05 -6.35 -56.97
N ASN C 608 32.86 -6.90 -57.13
CA ASN C 608 32.02 -7.33 -56.01
C ASN C 608 31.77 -6.18 -55.03
N THR C 609 31.54 -4.98 -55.57
CA THR C 609 31.27 -3.81 -54.74
C THR C 609 29.85 -3.88 -54.19
N GLN C 610 29.71 -3.67 -52.89
CA GLN C 610 28.41 -3.68 -52.23
C GLN C 610 27.79 -2.28 -52.31
N GLY C 611 26.59 -2.20 -52.85
CA GLY C 611 25.90 -0.94 -53.03
C GLY C 611 24.62 -0.89 -52.22
N PHE C 612 24.24 0.32 -51.82
CA PHE C 612 23.03 0.56 -51.04
C PHE C 612 21.99 1.19 -51.95
N PHE C 613 20.80 0.58 -52.00
CA PHE C 613 19.75 0.98 -52.91
C PHE C 613 18.47 1.29 -52.15
N ILE C 614 17.67 2.19 -52.70
CA ILE C 614 16.33 2.49 -52.21
C ILE C 614 15.35 1.93 -53.22
N ALA C 615 14.52 0.98 -52.77
CA ALA C 615 13.60 0.29 -53.67
C ALA C 615 12.37 -0.11 -52.88
N GLN C 616 11.33 -0.50 -53.63
CA GLN C 616 10.07 -0.89 -53.00
C GLN C 616 10.21 -2.20 -52.24
N SER C 617 11.00 -3.14 -52.75
CA SER C 617 11.16 -4.44 -52.11
C SER C 617 12.52 -5.01 -52.51
N ALA C 618 12.87 -6.13 -51.89
CA ALA C 618 14.15 -6.78 -52.17
C ALA C 618 14.21 -7.40 -53.54
N ASP C 619 13.06 -7.66 -54.17
CA ASP C 619 13.06 -8.20 -55.53
C ASP C 619 13.50 -7.16 -56.55
N GLU C 620 13.34 -5.88 -56.26
CA GLU C 620 13.72 -4.84 -57.21
C GLU C 620 15.23 -4.67 -57.30
N VAL C 621 15.94 -4.78 -56.19
CA VAL C 621 17.38 -4.57 -56.19
C VAL C 621 18.13 -5.72 -56.85
N LYS C 622 17.47 -6.87 -57.05
CA LYS C 622 18.10 -7.96 -57.77
C LYS C 622 18.35 -7.61 -59.24
N ARG C 623 17.66 -6.60 -59.75
CA ARG C 623 17.91 -6.14 -61.12
C ARG C 623 19.34 -5.62 -61.27
N ALA C 624 19.90 -5.06 -60.21
CA ALA C 624 21.27 -4.55 -60.28
C ALA C 624 22.26 -5.67 -60.52
N TRP C 625 22.06 -6.83 -59.89
CA TRP C 625 22.98 -7.95 -60.07
C TRP C 625 22.81 -8.58 -61.45
N PHE C 626 21.57 -8.79 -61.88
CA PHE C 626 21.28 -9.37 -63.20
C PHE C 626 21.19 -8.26 -64.24
N TYR C 627 22.34 -7.69 -64.55
CA TYR C 627 22.43 -6.62 -65.54
C TYR C 627 23.60 -6.87 -66.49
N CYS C 628 23.38 -6.56 -67.77
CA CYS C 628 24.42 -6.69 -68.78
C CYS C 628 24.15 -5.67 -69.89
N LYS C 629 25.19 -5.36 -70.65
CA LYS C 629 25.04 -4.44 -71.77
C LYS C 629 24.08 -4.98 -72.81
N ALA C 630 24.17 -6.28 -73.10
CA ALA C 630 23.27 -6.90 -74.06
C ALA C 630 21.86 -7.00 -73.50
N MET C 778 43.93 23.78 -33.75
CA MET C 778 42.97 23.55 -32.69
C MET C 778 41.54 23.85 -33.17
N LYS C 779 41.40 23.98 -34.50
CA LYS C 779 40.10 24.30 -35.07
C LYS C 779 39.14 23.13 -35.07
N TYR C 780 39.65 21.91 -35.22
CA TYR C 780 38.83 20.71 -35.30
C TYR C 780 39.25 19.72 -34.22
N ASP C 781 38.49 18.63 -34.13
CA ASP C 781 38.78 17.59 -33.15
C ASP C 781 39.90 16.68 -33.66
N SER C 782 40.17 15.62 -32.90
CA SER C 782 41.24 14.70 -33.27
C SER C 782 40.95 14.01 -34.58
N THR C 783 39.71 13.56 -34.78
CA THR C 783 39.34 12.89 -36.02
C THR C 783 39.16 13.85 -37.18
N GLY C 784 39.04 15.15 -36.91
CA GLY C 784 38.87 16.12 -37.97
C GLY C 784 37.49 16.14 -38.60
N MET C 785 36.48 15.61 -37.91
CA MET C 785 35.12 15.57 -38.44
C MET C 785 34.20 16.62 -37.84
N PHE C 786 34.62 17.29 -36.77
CA PHE C 786 33.78 18.30 -36.13
C PHE C 786 34.63 19.52 -35.79
N HIS C 787 33.98 20.68 -35.73
CA HIS C 787 34.64 21.89 -35.30
C HIS C 787 34.92 21.83 -33.80
N TRP C 788 35.94 22.57 -33.36
CA TRP C 788 36.37 22.53 -31.97
C TRP C 788 36.53 23.95 -31.43
N SER C 789 36.34 24.09 -30.13
CA SER C 789 36.49 25.35 -29.42
C SER C 789 37.29 25.11 -28.15
N PRO C 790 38.01 26.12 -27.66
CA PRO C 790 38.88 25.92 -26.48
C PRO C 790 38.12 25.98 -25.16
N ALA C 791 37.09 25.15 -25.04
CA ALA C 791 36.40 24.88 -23.77
C ALA C 791 35.85 26.17 -23.14
N LYS C 792 34.88 26.77 -23.84
CA LYS C 792 34.19 27.93 -23.29
C LYS C 792 33.36 27.53 -22.08
N SER C 793 33.34 28.40 -21.07
CA SER C 793 32.62 28.11 -19.85
C SER C 793 31.13 28.39 -20.00
N LEU C 794 30.33 27.80 -19.11
CA LEU C 794 28.88 27.97 -19.17
C LEU C 794 28.48 29.38 -18.75
N GLU C 795 29.19 29.96 -17.79
CA GLU C 795 28.83 31.29 -17.30
C GLU C 795 28.93 32.34 -18.40
N ASP C 796 29.95 32.24 -19.25
CA ASP C 796 30.10 33.17 -20.36
C ASP C 796 29.01 33.01 -21.40
N CYS C 797 28.33 31.85 -21.43
CA CYS C 797 27.27 31.60 -22.40
C CYS C 797 25.88 31.95 -21.88
N ILE C 798 25.77 32.38 -20.63
CA ILE C 798 24.45 32.71 -20.07
C ILE C 798 24.06 34.12 -20.51
N LEU C 799 22.88 34.23 -21.11
CA LEU C 799 22.34 35.50 -21.56
C LEU C 799 20.97 35.71 -20.93
N ASP C 800 20.66 36.97 -20.61
CA ASP C 800 19.33 37.32 -20.17
C ASP C 800 18.51 37.85 -21.35
N ARG C 801 17.30 38.31 -21.05
CA ARG C 801 16.39 38.76 -22.11
C ARG C 801 16.95 39.96 -22.86
N ASN C 802 17.54 40.92 -22.13
CA ASN C 802 18.09 42.10 -22.78
C ASN C 802 19.29 41.73 -23.66
N GLN C 803 20.15 40.83 -23.18
CA GLN C 803 21.31 40.44 -23.97
C GLN C 803 20.89 39.74 -25.26
N ALA C 804 19.90 38.84 -25.17
CA ALA C 804 19.44 38.13 -26.36
C ALA C 804 18.65 39.04 -27.29
N ALA C 805 18.02 40.09 -26.76
CA ALA C 805 17.20 40.97 -27.59
C ALA C 805 18.06 41.87 -28.47
N MET C 806 19.21 42.33 -27.98
CA MET C 806 20.03 43.27 -28.73
C MET C 806 21.11 42.59 -29.56
N THR C 807 21.12 41.26 -29.63
CA THR C 807 22.01 40.53 -30.53
C THR C 807 21.22 39.96 -31.69
N VAL C 808 21.78 40.02 -32.88
CA VAL C 808 21.11 39.54 -34.08
C VAL C 808 21.15 38.03 -34.11
N LEU C 809 20.00 37.41 -34.34
CA LEU C 809 19.89 35.95 -34.44
C LEU C 809 19.00 35.63 -35.63
N ASN C 810 19.62 35.32 -36.77
CA ASN C 810 18.91 35.01 -38.00
C ASN C 810 19.37 33.65 -38.50
N GLY C 811 18.43 32.80 -38.89
CA GLY C 811 18.77 31.48 -39.37
C GLY C 811 19.36 30.56 -38.32
N HIS C 812 19.12 30.85 -37.04
CA HIS C 812 19.65 30.05 -35.95
C HIS C 812 18.71 28.90 -35.63
N VAL C 813 19.07 28.12 -34.60
CA VAL C 813 18.28 27.00 -34.12
C VAL C 813 17.95 27.22 -32.67
N VAL C 814 16.67 27.15 -32.33
CA VAL C 814 16.20 27.34 -30.96
C VAL C 814 15.77 25.99 -30.41
N VAL C 815 16.33 25.62 -29.26
CA VAL C 815 16.04 24.36 -28.60
C VAL C 815 15.21 24.66 -27.37
N CYS C 816 13.91 24.36 -27.45
CA CYS C 816 13.00 24.55 -26.33
C CYS C 816 13.08 23.32 -25.43
N LEU C 817 13.61 23.49 -24.22
CA LEU C 817 13.90 22.39 -23.32
C LEU C 817 12.98 22.46 -22.11
N PHE C 818 12.26 21.38 -21.85
CA PHE C 818 11.46 21.22 -20.64
C PHE C 818 12.15 20.18 -19.76
N ALA C 819 12.77 20.63 -18.68
CA ALA C 819 13.53 19.72 -17.84
C ALA C 819 13.64 20.28 -16.43
N ASP C 820 13.29 19.46 -15.44
CA ASP C 820 13.55 19.80 -14.06
C ASP C 820 15.05 19.68 -13.77
N PRO C 821 15.54 20.35 -12.72
CA PRO C 821 16.96 20.20 -12.37
C PRO C 821 17.36 18.77 -12.05
N ASP C 822 16.43 17.94 -11.58
CA ASP C 822 16.71 16.55 -11.26
C ASP C 822 16.27 15.59 -12.36
N SER C 823 15.88 16.10 -13.52
CA SER C 823 15.43 15.25 -14.60
C SER C 823 16.59 14.42 -15.16
N PRO C 824 16.31 13.21 -15.65
CA PRO C 824 17.37 12.40 -16.26
C PRO C 824 17.97 13.11 -17.47
N LEU C 825 19.28 12.94 -17.63
CA LEU C 825 19.99 13.63 -18.69
C LEU C 825 19.64 13.04 -20.06
N ILE C 826 19.46 13.92 -21.04
CA ILE C 826 19.30 13.52 -22.42
C ILE C 826 20.60 13.82 -23.16
N GLY C 827 20.74 13.24 -24.35
CA GLY C 827 21.95 13.44 -25.12
C GLY C 827 22.00 14.77 -25.84
N LEU C 828 22.07 15.86 -25.08
CA LEU C 828 22.10 17.19 -25.70
C LEU C 828 23.30 17.36 -26.62
N ARG C 829 24.40 16.66 -26.34
CA ARG C 829 25.54 16.67 -27.24
C ARG C 829 25.20 16.00 -28.57
N ASN C 830 24.34 14.98 -28.55
CA ASN C 830 23.95 14.29 -29.77
C ASN C 830 23.11 15.16 -30.71
N LEU C 831 22.62 16.30 -30.23
CA LEU C 831 21.86 17.22 -31.07
C LEU C 831 22.71 18.34 -31.65
N VAL C 832 23.76 18.76 -30.95
CA VAL C 832 24.57 19.89 -31.41
C VAL C 832 25.71 19.44 -32.31
N MET C 833 26.34 18.30 -32.01
CA MET C 833 27.47 17.86 -32.83
C MET C 833 27.12 17.64 -34.29
N PRO C 834 25.98 17.05 -34.67
CA PRO C 834 25.65 16.96 -36.10
C PRO C 834 25.55 18.32 -36.76
N LEU C 835 25.20 19.36 -36.01
CA LEU C 835 25.19 20.72 -36.53
C LEU C 835 26.57 21.36 -36.56
N ARG C 836 27.58 20.71 -35.99
CA ARG C 836 28.94 21.23 -35.94
C ARG C 836 29.90 20.33 -36.72
N ALA C 837 29.40 19.65 -37.76
CA ALA C 837 30.24 18.78 -38.55
C ALA C 837 31.21 19.60 -39.40
N SER C 838 32.31 18.95 -39.78
CA SER C 838 33.33 19.61 -40.60
C SER C 838 32.86 19.86 -42.02
N ASN C 839 31.70 19.29 -42.42
CA ASN C 839 31.18 19.55 -43.76
C ASN C 839 30.78 21.00 -43.93
N PHE C 840 30.43 21.69 -42.85
CA PHE C 840 29.98 23.07 -42.92
C PHE C 840 31.14 24.01 -42.62
N HIS C 841 31.23 25.08 -43.39
CA HIS C 841 32.20 26.13 -43.11
C HIS C 841 31.80 26.86 -41.84
N TYR C 842 32.80 27.50 -41.21
CA TYR C 842 32.55 28.19 -39.95
C TYR C 842 31.54 29.32 -40.11
N HIS C 843 31.53 29.98 -41.28
CA HIS C 843 30.60 31.09 -41.48
C HIS C 843 29.17 30.62 -41.66
N GLU C 844 28.98 29.40 -42.18
CA GLU C 844 27.65 28.88 -42.41
C GLU C 844 27.12 28.03 -41.26
N LEU C 845 27.87 27.91 -40.17
CA LEU C 845 27.38 27.20 -39.00
C LEU C 845 26.19 27.92 -38.39
N LYS C 846 25.18 27.15 -37.98
CA LYS C 846 23.97 27.71 -37.41
C LYS C 846 24.14 27.90 -35.91
N HIS C 847 23.84 29.11 -35.44
CA HIS C 847 23.89 29.39 -34.01
C HIS C 847 22.82 28.60 -33.28
N VAL C 848 23.17 28.06 -32.11
CA VAL C 848 22.27 27.24 -31.32
C VAL C 848 22.05 27.95 -29.99
N VAL C 849 20.79 28.23 -29.68
CA VAL C 849 20.39 28.84 -28.41
C VAL C 849 19.43 27.89 -27.70
N ILE C 850 19.73 27.59 -26.44
CA ILE C 850 18.95 26.65 -25.64
C ILE C 850 18.16 27.44 -24.62
N VAL C 851 16.84 27.25 -24.60
CA VAL C 851 15.94 27.92 -23.67
C VAL C 851 15.51 26.89 -22.64
N GLY C 852 15.93 27.07 -21.40
CA GLY C 852 15.60 26.12 -20.36
C GLY C 852 16.27 26.51 -19.05
N SER C 853 16.11 25.64 -18.06
CA SER C 853 16.71 25.89 -16.75
C SER C 853 18.21 25.68 -16.80
N VAL C 854 18.96 26.66 -16.31
CA VAL C 854 20.42 26.57 -16.31
C VAL C 854 20.89 25.44 -15.41
N ASP C 855 20.13 25.13 -14.35
CA ASP C 855 20.52 24.06 -13.44
C ASP C 855 20.61 22.72 -14.17
N TYR C 856 19.65 22.43 -15.04
CA TYR C 856 19.71 21.20 -15.82
C TYR C 856 20.84 21.24 -16.85
N ILE C 857 20.97 22.36 -17.57
CA ILE C 857 22.01 22.47 -18.59
C ILE C 857 23.40 22.47 -17.97
N ARG C 858 23.53 22.82 -16.69
CA ARG C 858 24.83 22.77 -16.03
C ARG C 858 25.37 21.34 -16.02
N ARG C 859 24.51 20.36 -15.75
CA ARG C 859 24.95 18.97 -15.78
C ARG C 859 25.27 18.51 -17.19
N GLU C 860 24.70 19.16 -18.20
CA GLU C 860 24.91 18.80 -19.59
C GLU C 860 26.05 19.55 -20.25
N TRP C 861 26.67 20.50 -19.55
CA TRP C 861 27.68 21.35 -20.16
C TRP C 861 29.03 20.67 -20.33
N LYS C 862 29.23 19.50 -19.73
CA LYS C 862 30.53 18.82 -19.83
C LYS C 862 30.85 18.47 -21.27
N MET C 863 29.85 18.03 -22.04
CA MET C 863 30.05 17.65 -23.43
C MET C 863 29.78 18.78 -24.41
N LEU C 864 29.45 19.97 -23.92
CA LEU C 864 29.17 21.12 -24.79
C LEU C 864 30.20 22.23 -24.66
N GLN C 865 31.28 22.02 -23.89
CA GLN C 865 32.26 23.08 -23.69
C GLN C 865 32.96 23.44 -25.00
N ASN C 866 33.34 22.46 -25.79
CA ASN C 866 34.18 22.67 -26.97
C ASN C 866 33.37 22.86 -28.25
N LEU C 867 32.05 22.95 -28.16
CA LEU C 867 31.23 23.18 -29.35
C LEU C 867 31.03 24.67 -29.55
N PRO C 868 31.42 25.23 -30.70
CA PRO C 868 31.32 26.68 -30.89
C PRO C 868 29.88 27.13 -31.10
N LYS C 869 29.65 28.41 -30.82
CA LYS C 869 28.39 29.09 -31.09
C LYS C 869 27.22 28.41 -30.37
N ILE C 870 27.29 28.42 -29.04
CA ILE C 870 26.22 27.90 -28.19
C ILE C 870 25.85 28.96 -27.18
N SER C 871 24.56 29.26 -27.09
CA SER C 871 24.04 30.23 -26.15
C SER C 871 22.96 29.59 -25.29
N VAL C 872 22.92 29.99 -24.02
CA VAL C 872 21.94 29.46 -23.07
C VAL C 872 21.16 30.63 -22.50
N LEU C 873 19.82 30.54 -22.57
CA LEU C 873 18.93 31.55 -22.04
C LEU C 873 18.07 30.92 -20.95
N ASN C 874 18.19 31.45 -19.73
CA ASN C 874 17.38 30.94 -18.63
C ASN C 874 15.93 31.38 -18.79
N GLY C 875 15.02 30.50 -18.35
CA GLY C 875 13.60 30.75 -18.41
C GLY C 875 12.87 29.56 -18.96
N SER C 876 11.62 29.79 -19.36
CA SER C 876 10.78 28.74 -19.90
C SER C 876 10.38 29.06 -21.33
N PRO C 877 10.39 28.07 -22.23
CA PRO C 877 9.96 28.32 -23.62
C PRO C 877 8.49 28.68 -23.76
N LEU C 878 7.67 28.44 -22.73
CA LEU C 878 6.25 28.77 -22.82
C LEU C 878 6.03 30.28 -22.81
N SER C 879 6.88 31.03 -22.10
CA SER C 879 6.70 32.47 -22.02
C SER C 879 6.97 33.13 -23.36
N ARG C 880 6.10 34.05 -23.76
CA ARG C 880 6.27 34.73 -25.04
C ARG C 880 7.40 35.75 -24.99
N ALA C 881 7.71 36.28 -23.81
CA ALA C 881 8.80 37.25 -23.70
C ALA C 881 10.14 36.61 -24.04
N ASP C 882 10.39 35.39 -23.54
CA ASP C 882 11.63 34.71 -23.86
C ASP C 882 11.70 34.35 -25.34
N LEU C 883 10.58 33.93 -25.93
CA LEU C 883 10.58 33.54 -27.33
C LEU C 883 10.85 34.73 -28.24
N ARG C 884 10.32 35.91 -27.89
CA ARG C 884 10.58 37.10 -28.70
C ARG C 884 12.03 37.57 -28.57
N ALA C 885 12.67 37.29 -27.42
CA ALA C 885 14.06 37.69 -27.24
C ALA C 885 14.98 36.94 -28.20
N VAL C 886 14.73 35.64 -28.41
CA VAL C 886 15.58 34.83 -29.28
C VAL C 886 15.14 34.86 -30.73
N ASN C 887 14.09 35.63 -31.06
CA ASN C 887 13.62 35.78 -32.44
C ASN C 887 13.27 34.44 -33.07
N VAL C 888 12.26 33.78 -32.49
CA VAL C 888 11.80 32.50 -33.01
C VAL C 888 11.21 32.64 -34.41
N ASN C 889 10.74 33.83 -34.76
CA ASN C 889 10.18 34.06 -36.10
C ASN C 889 11.26 33.99 -37.18
N LEU C 890 12.52 34.23 -36.83
CA LEU C 890 13.62 34.19 -37.79
C LEU C 890 14.48 32.94 -37.65
N CYS C 891 14.14 32.04 -36.73
CA CYS C 891 14.94 30.83 -36.55
C CYS C 891 14.75 29.87 -37.71
N ASP C 892 15.80 29.09 -37.99
CA ASP C 892 15.72 28.09 -39.04
C ASP C 892 14.91 26.88 -38.63
N MET C 893 14.89 26.55 -37.34
CA MET C 893 14.12 25.43 -36.82
C MET C 893 14.00 25.56 -35.31
N CYS C 894 12.80 25.32 -34.80
CA CYS C 894 12.54 25.32 -33.37
C CYS C 894 12.24 23.89 -32.93
N CYS C 895 13.04 23.39 -31.99
CA CYS C 895 12.91 22.02 -31.50
C CYS C 895 12.37 22.05 -30.07
N ILE C 896 11.31 21.28 -29.84
CA ILE C 896 10.67 21.18 -28.53
C ILE C 896 10.95 19.79 -27.98
N LEU C 897 11.74 19.72 -26.91
CA LEU C 897 12.09 18.47 -26.26
C LEU C 897 11.78 18.56 -24.78
N SER C 898 11.35 17.44 -24.21
CA SER C 898 11.03 17.36 -22.79
C SER C 898 11.84 16.23 -22.16
N ALA C 899 12.59 16.55 -21.12
CA ALA C 899 13.37 15.57 -20.37
C ALA C 899 12.69 15.15 -19.07
N LYS C 900 11.52 15.69 -18.77
CA LYS C 900 10.85 15.37 -17.52
C LYS C 900 10.32 13.94 -17.55
N VAL C 901 10.36 13.28 -16.39
CA VAL C 901 9.83 11.92 -16.26
C VAL C 901 8.30 11.98 -16.37
N PRO C 902 7.67 10.96 -16.95
CA PRO C 902 6.20 10.98 -17.05
C PRO C 902 5.56 10.54 -15.75
N SER C 903 4.55 11.30 -15.31
CA SER C 903 3.84 10.98 -14.08
C SER C 903 3.01 9.71 -14.20
N ASN C 904 2.77 9.22 -15.41
CA ASN C 904 2.00 8.00 -15.67
C ASN C 904 0.57 8.10 -15.17
N ASP C 905 0.09 9.32 -14.87
CA ASP C 905 -1.29 9.49 -14.45
C ASP C 905 -2.25 9.27 -15.61
N ASP C 906 -1.93 9.80 -16.79
CA ASP C 906 -2.76 9.66 -17.98
C ASP C 906 -1.90 9.80 -19.23
N PRO C 907 -2.03 8.90 -20.20
CA PRO C 907 -1.24 9.04 -21.43
C PRO C 907 -1.50 10.32 -22.19
N THR C 908 -2.74 10.83 -22.16
CA THR C 908 -3.06 12.04 -22.89
C THR C 908 -2.45 13.29 -22.27
N LEU C 909 -2.06 13.22 -20.99
CA LEU C 909 -1.47 14.35 -20.30
C LEU C 909 0.06 14.32 -20.29
N ALA C 910 0.67 13.33 -20.94
CA ALA C 910 2.12 13.19 -20.92
C ALA C 910 2.80 14.32 -21.69
N ASP C 911 2.23 14.72 -22.82
CA ASP C 911 2.81 15.75 -23.67
C ASP C 911 2.11 17.10 -23.51
N LYS C 912 1.64 17.41 -22.31
CA LYS C 912 0.92 18.66 -22.09
C LYS C 912 1.80 19.88 -22.36
N GLU C 913 3.04 19.85 -21.89
CA GLU C 913 3.91 21.00 -22.06
C GLU C 913 4.34 21.15 -23.52
N ALA C 914 4.67 20.04 -24.18
CA ALA C 914 5.11 20.11 -25.57
C ALA C 914 3.99 20.61 -26.48
N ILE C 915 2.76 20.14 -26.26
CA ILE C 915 1.63 20.57 -27.09
C ILE C 915 1.34 22.05 -26.85
N LEU C 916 1.37 22.49 -25.60
CA LEU C 916 1.09 23.89 -25.29
C LEU C 916 2.14 24.80 -25.91
N ALA C 917 3.42 24.41 -25.87
CA ALA C 917 4.47 25.21 -26.46
C ALA C 917 4.28 25.32 -27.98
N SER C 918 3.91 24.23 -28.63
CA SER C 918 3.69 24.26 -30.07
C SER C 918 2.52 25.17 -30.43
N LEU C 919 1.43 25.09 -29.67
CA LEU C 919 0.27 25.93 -29.96
C LEU C 919 0.54 27.40 -29.66
N ASN C 920 1.35 27.68 -28.65
CA ASN C 920 1.67 29.06 -28.32
C ASN C 920 2.41 29.76 -29.46
N ILE C 921 3.38 29.06 -30.07
CA ILE C 921 4.13 29.65 -31.17
C ILE C 921 3.25 29.82 -32.39
N LYS C 922 2.32 28.88 -32.62
CA LYS C 922 1.46 28.96 -33.80
C LYS C 922 0.60 30.22 -33.77
N ALA C 923 0.07 30.57 -32.60
CA ALA C 923 -0.76 31.75 -32.46
C ALA C 923 0.04 33.03 -32.25
N MET C 924 1.37 32.93 -32.18
CA MET C 924 2.20 34.11 -31.97
C MET C 924 2.16 35.03 -33.18
N THR C 925 2.25 36.34 -32.93
CA THR C 925 2.21 37.34 -33.97
C THR C 925 3.45 38.23 -33.85
N PHE C 926 4.12 38.45 -34.97
CA PHE C 926 5.33 39.26 -35.02
C PHE C 926 5.14 40.40 -36.03
N ASP C 927 5.65 41.57 -35.67
CA ASP C 927 5.54 42.74 -36.53
C ASP C 927 6.52 42.65 -37.70
N VAL C 959 4.32 39.00 -39.99
CA VAL C 959 4.67 37.59 -40.09
C VAL C 959 4.08 36.83 -38.93
N TYR C 960 3.24 35.84 -39.23
CA TYR C 960 2.60 35.03 -38.21
C TYR C 960 3.57 33.99 -37.65
N GLY C 961 3.22 33.45 -36.48
CA GLY C 961 3.98 32.36 -35.90
C GLY C 961 3.65 31.00 -36.45
N ALA C 962 2.59 30.88 -37.25
CA ALA C 962 2.24 29.60 -37.84
C ALA C 962 3.21 29.19 -38.94
N ASN C 963 3.98 30.12 -39.48
CA ASN C 963 4.99 29.81 -40.49
C ASN C 963 6.34 29.46 -39.89
N VAL C 964 6.46 29.45 -38.56
CA VAL C 964 7.71 29.07 -37.92
C VAL C 964 7.92 27.57 -38.06
N PRO C 965 9.04 27.10 -38.61
CA PRO C 965 9.28 25.66 -38.71
C PRO C 965 9.52 25.07 -37.33
N MET C 966 8.73 24.05 -36.99
CA MET C 966 8.77 23.45 -35.67
C MET C 966 8.89 21.94 -35.78
N ILE C 967 9.65 21.35 -34.86
CA ILE C 967 9.71 19.91 -34.69
C ILE C 967 9.47 19.59 -33.22
N THR C 968 8.59 18.63 -32.95
CA THR C 968 8.24 18.24 -31.59
C THR C 968 8.40 16.73 -31.44
N GLU C 969 9.01 16.32 -30.33
CA GLU C 969 9.12 14.91 -29.99
C GLU C 969 8.08 14.56 -28.93
N LEU C 970 7.35 13.46 -29.16
CA LEU C 970 6.27 13.03 -28.29
C LEU C 970 6.68 11.78 -27.54
N VAL C 971 6.48 11.78 -26.22
CA VAL C 971 6.70 10.58 -25.42
C VAL C 971 5.56 9.59 -25.60
N ASN C 972 4.42 10.04 -26.11
CA ASN C 972 3.29 9.18 -26.39
C ASN C 972 2.79 9.51 -27.78
N ASP C 973 2.87 8.54 -28.69
CA ASP C 973 2.53 8.78 -30.09
C ASP C 973 1.05 9.08 -30.30
N GLY C 974 0.20 8.75 -29.34
CA GLY C 974 -1.22 9.04 -29.47
C GLY C 974 -1.58 10.50 -29.29
N ASN C 975 -0.64 11.32 -28.81
CA ASN C 975 -0.88 12.74 -28.62
C ASN C 975 -0.64 13.55 -29.89
N VAL C 976 -0.26 12.91 -31.00
CA VAL C 976 -0.07 13.61 -32.26
C VAL C 976 -1.34 14.20 -32.82
N GLN C 977 -2.51 13.78 -32.30
CA GLN C 977 -3.77 14.31 -32.77
C GLN C 977 -3.97 15.77 -32.42
N PHE C 978 -3.31 16.26 -31.37
CA PHE C 978 -3.47 17.64 -30.93
C PHE C 978 -2.46 18.59 -31.57
N LEU C 979 -1.50 18.08 -32.33
CA LEU C 979 -0.47 18.94 -32.90
C LEU C 979 -1.03 19.78 -34.05
N ASP C 980 -1.95 19.23 -34.83
CA ASP C 980 -2.56 19.92 -35.95
C ASP C 980 -4.06 20.05 -35.72
N GLN C 981 -4.65 21.07 -36.34
CA GLN C 981 -6.08 21.35 -36.18
C GLN C 981 -6.91 21.05 -37.42
N ASP C 982 -6.35 21.21 -38.61
CA ASP C 982 -7.09 21.00 -39.86
C ASP C 982 -6.86 19.59 -40.39
N ASP C 983 -7.19 18.60 -39.56
CA ASP C 983 -7.09 17.21 -39.97
C ASP C 983 -8.06 16.36 -39.15
N ASP C 984 -8.30 15.15 -39.61
CA ASP C 984 -9.17 14.20 -38.93
C ASP C 984 -8.30 13.23 -38.14
N ASP C 985 -8.58 13.14 -36.84
CA ASP C 985 -7.80 12.31 -35.92
C ASP C 985 -8.59 11.05 -35.58
N ASP C 986 -7.93 9.90 -35.66
CA ASP C 986 -8.55 8.62 -35.39
C ASP C 986 -7.61 7.81 -34.50
N PRO C 987 -8.08 7.31 -33.36
CA PRO C 987 -7.14 6.80 -32.34
C PRO C 987 -6.24 5.66 -32.79
N ASP C 988 -6.73 4.72 -33.59
CA ASP C 988 -5.94 3.55 -33.94
C ASP C 988 -5.14 3.73 -35.24
N THR C 989 -5.13 4.92 -35.81
CA THR C 989 -4.27 5.19 -36.95
C THR C 989 -2.81 5.15 -36.54
N GLU C 990 -1.97 4.57 -37.39
CA GLU C 990 -0.54 4.50 -37.11
C GLU C 990 0.08 5.90 -37.19
N LEU C 991 1.19 6.07 -36.47
CA LEU C 991 1.83 7.38 -36.40
C LEU C 991 2.32 7.84 -37.77
N TYR C 992 2.91 6.93 -38.55
CA TYR C 992 3.44 7.30 -39.86
C TYR C 992 2.36 7.70 -40.85
N LEU C 993 1.10 7.35 -40.58
CA LEU C 993 0.00 7.73 -41.44
C LEU C 993 -0.62 9.08 -41.07
N THR C 994 -0.22 9.66 -39.94
CA THR C 994 -0.81 10.92 -39.49
C THR C 994 -0.22 12.10 -40.26
N GLN C 995 -1.03 13.15 -40.39
CA GLN C 995 -0.58 14.35 -41.09
C GLN C 995 0.63 15.02 -40.44
N PRO C 996 0.68 15.23 -39.12
CA PRO C 996 1.88 15.88 -38.55
C PRO C 996 3.16 15.11 -38.81
N PHE C 997 3.11 13.78 -38.82
CA PHE C 997 4.33 13.01 -39.11
C PHE C 997 4.69 13.09 -40.58
N ALA C 998 3.69 13.02 -41.47
CA ALA C 998 3.95 13.11 -42.90
C ALA C 998 4.55 14.45 -43.30
N CYS C 999 4.30 15.50 -42.52
CA CYS C 999 4.83 16.82 -42.81
C CYS C 999 6.16 17.09 -42.12
N GLY C 1000 6.72 16.12 -41.41
CA GLY C 1000 7.98 16.33 -40.72
C GLY C 1000 7.89 17.22 -39.51
N THR C 1001 6.71 17.30 -38.87
CA THR C 1001 6.52 18.14 -37.70
C THR C 1001 6.65 17.38 -36.39
N ALA C 1002 6.16 16.14 -36.33
CA ALA C 1002 6.22 15.33 -35.13
C ALA C 1002 7.24 14.21 -35.29
N PHE C 1003 7.74 13.74 -34.14
CA PHE C 1003 8.67 12.63 -34.11
C PHE C 1003 8.48 11.87 -32.81
N ALA C 1004 8.78 10.57 -32.84
CA ALA C 1004 8.68 9.72 -31.66
C ALA C 1004 9.67 8.58 -31.80
N VAL C 1005 10.04 8.01 -30.65
CA VAL C 1005 10.99 6.90 -30.64
C VAL C 1005 10.36 5.58 -31.05
N SER C 1006 9.03 5.52 -31.16
CA SER C 1006 8.37 4.29 -31.57
C SER C 1006 8.68 3.92 -33.01
N VAL C 1007 9.06 4.89 -33.84
CA VAL C 1007 9.40 4.59 -35.24
C VAL C 1007 10.79 4.00 -35.40
N LEU C 1008 11.58 3.98 -34.33
CA LEU C 1008 12.94 3.43 -34.38
C LEU C 1008 13.00 1.98 -33.92
N ASP C 1009 11.85 1.35 -33.61
CA ASP C 1009 11.85 -0.02 -33.15
C ASP C 1009 12.24 -1.02 -34.22
N SER C 1010 12.08 -0.66 -35.49
CA SER C 1010 12.43 -1.55 -36.60
C SER C 1010 13.92 -1.55 -36.92
N LEU C 1011 14.70 -0.70 -36.27
CA LEU C 1011 16.13 -0.63 -36.56
C LEU C 1011 16.85 -1.91 -36.13
N MET C 1012 16.43 -2.51 -35.01
CA MET C 1012 17.11 -3.70 -34.52
C MET C 1012 16.96 -4.88 -35.47
N SER C 1013 15.78 -5.05 -36.06
CA SER C 1013 15.61 -6.08 -37.09
C SER C 1013 16.46 -5.77 -38.31
N THR C 1014 16.52 -4.51 -38.72
CA THR C 1014 17.34 -4.13 -39.87
C THR C 1014 18.82 -4.35 -39.57
N THR C 1015 19.26 -4.04 -38.35
CA THR C 1015 20.67 -4.17 -38.00
C THR C 1015 21.12 -5.62 -38.06
N TYR C 1016 20.29 -6.55 -37.61
CA TYR C 1016 20.68 -7.95 -37.60
C TYR C 1016 20.91 -8.47 -39.02
N PHE C 1017 20.03 -8.12 -39.95
CA PHE C 1017 20.15 -8.64 -41.31
C PHE C 1017 21.35 -8.04 -42.04
N ASN C 1018 21.68 -6.78 -41.75
CA ASN C 1018 22.84 -6.14 -42.38
C ASN C 1018 23.44 -5.16 -41.39
N GLN C 1019 24.65 -5.47 -40.91
CA GLN C 1019 25.32 -4.58 -39.97
C GLN C 1019 25.66 -3.26 -40.63
N ASN C 1020 26.06 -3.28 -41.90
CA ASN C 1020 26.42 -2.07 -42.61
C ASN C 1020 25.25 -1.11 -42.76
N ALA C 1021 24.02 -1.61 -42.66
CA ALA C 1021 22.86 -0.72 -42.73
C ALA C 1021 22.85 0.28 -41.58
N LEU C 1022 23.16 -0.18 -40.36
CA LEU C 1022 23.22 0.73 -39.22
C LEU C 1022 24.38 1.70 -39.35
N THR C 1023 25.50 1.26 -39.93
CA THR C 1023 26.65 2.16 -40.13
C THR C 1023 26.28 3.30 -41.07
N LEU C 1024 25.53 3.02 -42.12
CA LEU C 1024 25.12 4.07 -43.04
C LEU C 1024 24.20 5.09 -42.36
N ILE C 1025 23.29 4.62 -41.51
CA ILE C 1025 22.39 5.53 -40.81
C ILE C 1025 23.17 6.46 -39.90
N ARG C 1026 24.10 5.89 -39.12
CA ARG C 1026 24.84 6.69 -38.15
C ARG C 1026 25.70 7.74 -38.85
N SER C 1027 26.36 7.35 -39.95
CA SER C 1027 27.16 8.33 -40.70
C SER C 1027 26.29 9.38 -41.35
N LEU C 1028 25.03 9.05 -41.65
CA LEU C 1028 24.14 9.99 -42.32
C LEU C 1028 23.60 11.03 -41.36
N ILE C 1029 23.33 10.67 -40.11
CA ILE C 1029 22.62 11.54 -39.19
C ILE C 1029 23.52 12.13 -38.10
N THR C 1030 24.66 11.52 -37.79
CA THR C 1030 25.54 12.04 -36.76
C THR C 1030 26.63 12.96 -37.32
N GLY C 1031 26.64 13.21 -38.63
CA GLY C 1031 27.68 14.01 -39.23
C GLY C 1031 29.01 13.31 -39.37
N GLY C 1032 29.07 12.02 -39.10
CA GLY C 1032 30.30 11.26 -39.15
C GLY C 1032 30.87 11.02 -37.76
N ALA C 1033 30.63 9.84 -37.22
CA ALA C 1033 31.08 9.47 -35.88
C ALA C 1033 31.87 8.16 -36.00
N THR C 1034 33.16 8.28 -36.26
CA THR C 1034 34.01 7.10 -36.41
C THR C 1034 34.16 6.39 -35.07
N PRO C 1035 34.43 5.08 -35.09
CA PRO C 1035 34.63 4.36 -33.82
C PRO C 1035 35.76 4.91 -32.98
N GLU C 1036 36.80 5.48 -33.61
CA GLU C 1036 37.87 6.11 -32.84
C GLU C 1036 37.37 7.32 -32.06
N LEU C 1037 36.41 8.07 -32.62
CA LEU C 1037 35.83 9.20 -31.89
C LEU C 1037 35.09 8.72 -30.66
N GLU C 1038 34.35 7.60 -30.78
CA GLU C 1038 33.64 7.06 -29.62
C GLU C 1038 34.61 6.55 -28.56
N LEU C 1039 35.75 6.02 -28.98
CA LEU C 1039 36.75 5.56 -28.02
C LEU C 1039 37.28 6.73 -27.19
N ILE C 1040 37.55 7.87 -27.84
CA ILE C 1040 38.02 9.05 -27.12
C ILE C 1040 36.96 9.55 -26.15
N LEU C 1041 35.70 9.58 -26.59
CA LEU C 1041 34.61 10.03 -25.73
C LEU C 1041 34.40 9.09 -24.54
N ALA C 1042 34.64 7.79 -24.74
CA ALA C 1042 34.46 6.83 -23.66
C ALA C 1042 35.48 6.98 -22.55
N GLU C 1043 36.58 7.71 -22.81
CA GLU C 1043 37.59 7.91 -21.77
C GLU C 1043 37.04 8.73 -20.61
N GLY C 1044 36.22 9.74 -20.91
CA GLY C 1044 35.63 10.59 -19.90
C GLY C 1044 36.19 11.99 -19.83
N ALA C 1045 37.08 12.36 -20.75
CA ALA C 1045 37.66 13.70 -20.78
C ALA C 1045 36.92 14.65 -21.71
N GLY C 1046 35.81 14.21 -22.31
CA GLY C 1046 35.07 15.04 -23.23
C GLY C 1046 35.70 15.08 -24.60
N LEU C 1047 35.20 16.00 -25.42
CA LEU C 1047 35.72 16.17 -26.77
C LEU C 1047 37.15 16.68 -26.71
N ARG C 1048 38.01 16.09 -27.53
CA ARG C 1048 39.43 16.41 -27.56
C ARG C 1048 39.78 17.00 -28.91
N GLY C 1049 40.43 18.17 -28.90
CA GLY C 1049 40.83 18.81 -30.13
C GLY C 1049 42.12 18.23 -30.69
N GLY C 1050 42.48 18.71 -31.88
CA GLY C 1050 43.69 18.25 -32.54
C GLY C 1050 44.17 19.25 -33.56
N TYR C 1051 45.44 19.11 -33.91
CA TYR C 1051 46.06 20.00 -34.90
C TYR C 1051 45.80 19.48 -36.29
N SER C 1052 45.39 20.37 -37.19
CA SER C 1052 45.05 19.99 -38.55
C SER C 1052 46.29 19.52 -39.30
N THR C 1053 46.17 18.39 -39.99
CA THR C 1053 47.25 17.81 -40.78
C THR C 1053 46.80 17.69 -42.24
N VAL C 1054 47.62 17.02 -43.04
CA VAL C 1054 47.34 16.92 -44.47
C VAL C 1054 46.05 16.13 -44.72
N GLU C 1055 45.91 14.98 -44.07
CA GLU C 1055 44.72 14.17 -44.26
C GLU C 1055 43.53 14.73 -43.48
N SER C 1056 43.80 15.40 -42.36
CA SER C 1056 42.70 15.83 -41.49
C SER C 1056 41.77 16.79 -42.21
N LEU C 1057 42.30 17.60 -43.12
CA LEU C 1057 41.46 18.47 -43.94
C LEU C 1057 40.77 17.71 -45.07
N SER C 1058 41.28 16.53 -45.44
CA SER C 1058 40.63 15.72 -46.45
C SER C 1058 39.40 14.99 -45.91
N ASN C 1059 39.32 14.80 -44.59
CA ASN C 1059 38.13 14.22 -43.99
C ASN C 1059 36.93 15.15 -44.10
N ARG C 1060 37.16 16.45 -44.33
CA ARG C 1060 36.07 17.40 -44.51
C ARG C 1060 35.35 17.22 -45.84
N ASP C 1061 35.91 16.44 -46.77
CA ASP C 1061 35.31 16.26 -48.10
C ASP C 1061 34.42 15.04 -48.07
N ARG C 1062 33.14 15.26 -47.78
CA ARG C 1062 32.14 14.21 -47.83
C ARG C 1062 30.78 14.84 -48.05
N CYS C 1063 29.82 14.03 -48.48
CA CYS C 1063 28.49 14.54 -48.77
C CYS C 1063 27.74 14.87 -47.48
N ARG C 1064 26.82 15.82 -47.59
CA ARG C 1064 26.01 16.26 -46.46
C ARG C 1064 24.55 16.37 -46.90
N VAL C 1065 23.66 16.26 -45.92
CA VAL C 1065 22.23 16.36 -46.18
C VAL C 1065 21.84 17.83 -46.33
N GLY C 1066 21.15 18.15 -47.41
CA GLY C 1066 20.72 19.52 -47.66
C GLY C 1066 19.42 19.55 -48.42
N GLN C 1067 18.86 20.75 -48.51
CA GLN C 1067 17.60 20.98 -49.21
C GLN C 1067 17.77 22.15 -50.16
N ILE C 1068 17.21 22.02 -51.37
CA ILE C 1068 17.29 23.07 -52.38
C ILE C 1068 15.87 23.39 -52.85
N SER C 1069 15.72 24.59 -53.41
CA SER C 1069 14.45 25.06 -53.92
C SER C 1069 14.52 25.27 -55.42
N LEU C 1070 13.45 24.92 -56.11
CA LEU C 1070 13.36 25.04 -57.56
C LEU C 1070 12.78 26.38 -58.00
N TYR C 1071 12.55 27.29 -57.05
CA TYR C 1071 11.91 28.57 -57.37
C TYR C 1071 12.81 29.42 -58.27
N ASP C 1072 14.11 29.40 -58.04
CA ASP C 1072 15.04 30.23 -58.80
C ASP C 1072 16.37 29.49 -58.95
N GLY C 1073 17.16 29.92 -59.92
CA GLY C 1073 18.46 29.34 -60.16
C GLY C 1073 18.50 28.55 -61.46
N PRO C 1074 19.67 27.97 -61.75
CA PRO C 1074 19.80 27.17 -62.98
C PRO C 1074 18.87 25.97 -63.02
N LEU C 1075 18.54 25.38 -61.87
CA LEU C 1075 17.64 24.24 -61.81
C LEU C 1075 16.18 24.63 -61.83
N ALA C 1076 15.86 25.92 -61.83
CA ALA C 1076 14.47 26.36 -61.80
C ALA C 1076 13.73 26.03 -63.10
N GLN C 1077 14.45 25.73 -64.18
CA GLN C 1077 13.80 25.41 -65.44
C GLN C 1077 12.99 24.12 -65.33
N PHE C 1078 13.48 23.14 -64.59
CA PHE C 1078 12.75 21.88 -64.43
C PHE C 1078 11.51 22.04 -63.58
N GLY C 1079 11.45 23.05 -62.71
CA GLY C 1079 10.26 23.27 -61.91
C GLY C 1079 9.07 23.71 -62.74
N GLU C 1080 9.31 24.54 -63.76
CA GLU C 1080 8.22 25.04 -64.58
C GLU C 1080 7.55 23.92 -65.38
N CYS C 1081 8.36 23.12 -66.08
CA CYS C 1081 7.81 22.02 -66.87
C CYS C 1081 7.42 20.85 -65.98
N GLY C 1082 8.40 20.28 -65.27
CA GLY C 1082 8.13 19.23 -64.32
C GLY C 1082 8.48 17.83 -64.80
N LYS C 1083 9.65 17.34 -64.38
CA LYS C 1083 10.04 15.96 -64.65
C LYS C 1083 11.13 15.58 -63.67
N TYR C 1084 10.84 14.65 -62.77
CA TYR C 1084 11.81 14.27 -61.74
C TYR C 1084 13.05 13.63 -62.36
N GLY C 1085 12.87 12.79 -63.38
CA GLY C 1085 14.01 12.14 -64.00
C GLY C 1085 14.98 13.11 -64.62
N ASP C 1086 14.47 14.15 -65.28
CA ASP C 1086 15.35 15.15 -65.88
C ASP C 1086 16.10 15.94 -64.81
N LEU C 1087 15.42 16.29 -63.71
CA LEU C 1087 16.08 17.03 -62.65
C LEU C 1087 17.16 16.19 -61.98
N PHE C 1088 16.90 14.90 -61.77
CA PHE C 1088 17.87 14.03 -61.12
C PHE C 1088 19.15 13.92 -61.94
N VAL C 1089 19.02 13.76 -63.26
CA VAL C 1089 20.19 13.60 -64.11
C VAL C 1089 20.97 14.92 -64.19
N ALA C 1090 20.27 16.04 -64.38
CA ALA C 1090 20.95 17.32 -64.54
C ALA C 1090 21.70 17.72 -63.28
N ALA C 1091 21.09 17.52 -62.11
CA ALA C 1091 21.75 17.88 -60.86
C ALA C 1091 22.99 17.02 -60.63
N LEU C 1092 22.93 15.74 -60.98
CA LEU C 1092 24.06 14.84 -60.78
C LEU C 1092 25.26 15.25 -61.62
N LYS C 1093 25.03 15.60 -62.89
CA LYS C 1093 26.15 15.95 -63.76
C LYS C 1093 26.71 17.32 -63.43
N SER C 1094 25.83 18.29 -63.11
CA SER C 1094 26.30 19.67 -62.93
C SER C 1094 27.08 19.84 -61.64
N TYR C 1095 26.59 19.28 -60.54
CA TYR C 1095 27.21 19.50 -59.23
C TYR C 1095 27.45 18.22 -58.43
N GLY C 1096 27.01 17.06 -58.90
CA GLY C 1096 27.14 15.84 -58.14
C GLY C 1096 26.09 15.63 -57.07
N MET C 1097 25.13 16.53 -56.95
CA MET C 1097 24.07 16.38 -55.96
C MET C 1097 23.15 15.22 -56.34
N LEU C 1098 22.78 14.43 -55.34
CA LEU C 1098 21.89 13.28 -55.54
C LEU C 1098 20.54 13.60 -54.93
N CYS C 1099 19.49 13.56 -55.74
CA CYS C 1099 18.15 13.88 -55.27
C CYS C 1099 17.51 12.64 -54.64
N ILE C 1100 17.03 12.79 -53.41
CA ILE C 1100 16.45 11.69 -52.67
C ILE C 1100 14.92 11.74 -52.68
N GLY C 1101 14.35 12.94 -52.54
CA GLY C 1101 12.91 13.05 -52.50
C GLY C 1101 12.47 14.49 -52.67
N LEU C 1102 11.19 14.72 -52.42
CA LEU C 1102 10.57 16.03 -52.61
C LEU C 1102 9.86 16.47 -51.34
N TYR C 1103 9.80 17.78 -51.16
CA TYR C 1103 9.05 18.43 -50.09
C TYR C 1103 8.00 19.31 -50.76
N ARG C 1104 6.80 18.78 -50.91
CA ARG C 1104 5.76 19.37 -51.74
C ARG C 1104 4.61 19.88 -50.88
N PHE C 1105 4.07 21.03 -51.25
CA PHE C 1105 2.93 21.61 -50.54
C PHE C 1105 1.74 20.65 -50.54
N ARG C 1106 1.07 20.55 -49.39
CA ARG C 1106 -0.07 19.65 -49.27
C ARG C 1106 -1.21 20.07 -50.20
N ASP C 1107 -1.48 21.36 -50.29
CA ASP C 1107 -2.54 21.89 -51.14
C ASP C 1107 -1.93 22.85 -52.16
N THR C 1108 -2.25 22.63 -53.43
CA THR C 1108 -1.72 23.44 -54.52
C THR C 1108 -2.64 24.61 -54.88
N SER C 1109 -3.78 24.75 -54.22
CA SER C 1109 -4.70 25.84 -54.50
C SER C 1109 -4.52 26.97 -53.51
N ALA C 1114 -5.22 27.07 -48.66
CA ALA C 1114 -3.91 27.72 -48.75
C ALA C 1114 -3.16 27.64 -47.42
N SER C 1115 -2.46 26.53 -47.22
CA SER C 1115 -1.69 26.29 -46.01
C SER C 1115 -0.24 26.03 -46.38
N SER C 1116 0.67 26.54 -45.56
CA SER C 1116 2.11 26.37 -45.78
C SER C 1116 2.62 25.08 -45.15
N LYS C 1117 1.99 23.97 -45.48
CA LYS C 1117 2.36 22.65 -44.98
C LYS C 1117 2.85 21.79 -46.13
N ARG C 1118 4.04 21.23 -45.98
CA ARG C 1118 4.66 20.38 -47.00
C ARG C 1118 4.84 18.97 -46.45
N TYR C 1119 4.54 17.98 -47.27
CA TYR C 1119 4.74 16.58 -46.93
C TYR C 1119 5.92 16.01 -47.71
N VAL C 1120 6.36 14.82 -47.30
CA VAL C 1120 7.57 14.20 -47.81
C VAL C 1120 7.20 13.12 -48.81
N ILE C 1121 7.78 13.20 -50.00
CA ILE C 1121 7.67 12.15 -51.02
C ILE C 1121 9.06 11.57 -51.22
N THR C 1122 9.22 10.28 -50.96
CA THR C 1122 10.52 9.62 -51.00
C THR C 1122 10.66 8.88 -52.33
N ASN C 1123 11.71 9.21 -53.08
CA ASN C 1123 12.07 8.56 -54.34
C ASN C 1123 10.90 8.50 -55.30
N PRO C 1124 10.43 9.63 -55.82
CA PRO C 1124 9.34 9.61 -56.80
C PRO C 1124 9.82 9.03 -58.13
N PRO C 1125 8.92 8.51 -58.94
CA PRO C 1125 9.32 7.97 -60.24
C PRO C 1125 9.86 9.05 -61.16
N ASP C 1126 10.62 8.62 -62.16
CA ASP C 1126 11.24 9.56 -63.10
C ASP C 1126 10.19 10.33 -63.90
N ASP C 1127 8.98 9.81 -64.03
CA ASP C 1127 7.91 10.48 -64.75
C ASP C 1127 7.09 11.41 -63.86
N PHE C 1128 7.48 11.56 -62.59
CA PHE C 1128 6.77 12.46 -61.68
C PHE C 1128 6.85 13.90 -62.17
N SER C 1129 5.74 14.62 -62.03
CA SER C 1129 5.67 16.01 -62.47
C SER C 1129 6.02 16.94 -61.32
N LEU C 1130 6.98 17.83 -61.55
CA LEU C 1130 7.43 18.76 -60.54
C LEU C 1130 6.57 20.02 -60.55
N LEU C 1131 6.77 20.87 -59.53
CA LEU C 1131 6.09 22.14 -59.39
C LEU C 1131 7.10 23.22 -59.06
N PRO C 1132 6.83 24.47 -59.44
CA PRO C 1132 7.78 25.56 -59.12
C PRO C 1132 7.97 25.78 -57.63
N THR C 1133 7.02 25.37 -56.79
CA THR C 1133 7.13 25.54 -55.35
C THR C 1133 7.53 24.23 -54.65
N ASP C 1134 8.34 23.41 -55.30
CA ASP C 1134 8.77 22.13 -54.76
C ASP C 1134 10.20 22.24 -54.23
N GLN C 1135 10.46 21.58 -53.11
CA GLN C 1135 11.78 21.50 -52.52
C GLN C 1135 12.29 20.07 -52.63
N VAL C 1136 13.59 19.93 -52.89
CA VAL C 1136 14.21 18.65 -53.17
C VAL C 1136 15.22 18.33 -52.08
N PHE C 1137 15.12 17.12 -51.51
CA PHE C 1137 16.15 16.62 -50.62
C PHE C 1137 17.34 16.15 -51.45
N VAL C 1138 18.53 16.68 -51.15
CA VAL C 1138 19.71 16.39 -51.93
C VAL C 1138 20.88 16.06 -51.00
N LEU C 1139 21.85 15.35 -51.55
CA LEU C 1139 23.12 15.06 -50.89
C LEU C 1139 24.19 15.83 -51.65
N MET C 1140 24.50 17.02 -51.16
CA MET C 1140 25.42 17.92 -51.85
C MET C 1140 26.85 17.69 -51.40
N GLN C 1141 27.77 17.80 -52.35
CA GLN C 1141 29.19 17.61 -52.07
C GLN C 1141 29.76 18.80 -51.32
N PHE C 1142 30.94 18.61 -50.74
CA PHE C 1142 31.63 19.65 -50.00
C PHE C 1142 32.44 20.50 -50.97
N ASP C 1143 32.20 21.81 -50.94
CA ASP C 1143 32.90 22.75 -51.80
C ASP C 1143 33.88 23.58 -50.97
N PRO C 1144 35.19 23.35 -51.12
CA PRO C 1144 36.15 24.15 -50.35
C PRO C 1144 36.11 25.62 -50.77
N GLY C 1145 36.36 26.49 -49.81
CA GLY C 1145 36.34 27.92 -50.04
C GLY C 1145 35.34 28.66 -49.15
N LEU D 44 -60.90 -32.40 -22.50
CA LEU D 44 -59.46 -32.37 -22.73
C LEU D 44 -59.06 -33.39 -23.79
N LYS D 45 -60.02 -33.75 -24.65
CA LYS D 45 -59.72 -34.69 -25.73
C LYS D 45 -58.67 -34.13 -26.69
N VAL D 46 -58.79 -32.85 -27.04
CA VAL D 46 -57.82 -32.15 -27.87
C VAL D 46 -57.36 -30.90 -27.12
N ARG D 47 -56.07 -30.67 -27.11
CA ARG D 47 -55.47 -29.56 -26.38
C ARG D 47 -55.25 -28.39 -27.31
N LYS D 48 -55.72 -27.20 -26.89
CA LYS D 48 -55.59 -25.99 -27.66
C LYS D 48 -54.47 -25.09 -27.16
N TYR D 49 -53.49 -25.67 -26.45
CA TYR D 49 -52.38 -24.86 -25.94
C TYR D 49 -51.54 -24.28 -27.06
N TRP D 50 -51.53 -24.92 -28.23
CA TRP D 50 -50.75 -24.41 -29.35
C TRP D 50 -51.33 -23.09 -29.88
N CYS D 51 -52.64 -22.92 -29.78
CA CYS D 51 -53.26 -21.66 -30.22
C CYS D 51 -52.78 -20.49 -29.38
N PHE D 52 -52.67 -20.68 -28.05
CA PHE D 52 -52.17 -19.62 -27.19
C PHE D 52 -50.73 -19.28 -27.53
N LEU D 53 -49.89 -20.29 -27.75
CA LEU D 53 -48.49 -20.05 -28.08
C LEU D 53 -48.34 -19.41 -29.46
N LEU D 54 -49.14 -19.85 -30.42
CA LEU D 54 -49.03 -19.33 -31.78
C LEU D 54 -49.37 -17.85 -31.83
N SER D 55 -50.40 -17.43 -31.11
CA SER D 55 -50.80 -16.02 -31.11
C SER D 55 -49.71 -15.14 -30.50
N SER D 56 -49.11 -15.59 -29.40
CA SER D 56 -48.03 -14.82 -28.79
C SER D 56 -46.83 -14.71 -29.72
N ILE D 57 -46.48 -15.79 -30.40
CA ILE D 57 -45.40 -15.76 -31.37
C ILE D 57 -45.77 -14.85 -32.55
N PHE D 58 -47.02 -14.96 -33.04
CA PHE D 58 -47.46 -14.13 -34.15
C PHE D 58 -47.45 -12.66 -33.77
N THR D 59 -47.94 -12.33 -32.56
CA THR D 59 -47.97 -10.93 -32.14
C THR D 59 -46.57 -10.35 -32.04
N PHE D 60 -45.62 -11.12 -31.50
CA PHE D 60 -44.24 -10.66 -31.45
C PHE D 60 -43.66 -10.50 -32.84
N LEU D 61 -43.95 -11.44 -33.74
CA LEU D 61 -43.43 -11.35 -35.11
C LEU D 61 -44.11 -10.24 -35.89
N ALA D 62 -45.43 -10.09 -35.73
CA ALA D 62 -46.14 -9.02 -36.44
C ALA D 62 -45.65 -7.65 -36.01
N GLY D 63 -45.45 -7.45 -34.71
CA GLY D 63 -44.91 -6.18 -34.24
C GLY D 63 -43.48 -5.95 -34.70
N LEU D 64 -42.69 -7.02 -34.76
CA LEU D 64 -41.31 -6.88 -35.20
C LEU D 64 -41.21 -6.46 -36.65
N LEU D 65 -42.03 -7.05 -37.53
CA LEU D 65 -42.00 -6.69 -38.94
C LEU D 65 -42.67 -5.34 -39.21
N VAL D 66 -43.70 -5.01 -38.44
CA VAL D 66 -44.39 -3.73 -38.63
C VAL D 66 -43.44 -2.57 -38.37
N VAL D 67 -42.65 -2.66 -37.30
CA VAL D 67 -41.64 -1.64 -37.02
C VAL D 67 -40.62 -1.58 -38.14
N LEU D 68 -40.15 -2.75 -38.59
CA LEU D 68 -39.23 -2.78 -39.72
C LEU D 68 -39.87 -2.28 -41.00
N LEU D 69 -41.14 -2.67 -41.24
CA LEU D 69 -41.84 -2.19 -42.42
C LEU D 69 -42.07 -0.68 -42.36
N TRP D 70 -42.42 -0.16 -41.17
CA TRP D 70 -42.61 1.28 -41.03
C TRP D 70 -41.32 2.04 -41.27
N ARG D 71 -40.18 1.49 -40.84
CA ARG D 71 -38.90 2.10 -41.14
C ARG D 71 -38.65 2.14 -42.65
N ALA D 72 -38.96 1.04 -43.33
CA ALA D 72 -38.86 1.03 -44.79
C ALA D 72 -39.91 1.95 -45.42
N PHE D 73 -41.13 1.96 -44.86
CA PHE D 73 -42.16 2.85 -45.36
C PHE D 73 -41.77 4.31 -45.18
N ALA D 74 -41.21 4.65 -44.03
CA ALA D 74 -40.74 6.02 -43.81
C ALA D 74 -39.57 6.35 -44.73
N PHE D 75 -38.69 5.39 -44.97
CA PHE D 75 -37.56 5.63 -45.88
C PHE D 75 -38.02 5.93 -47.29
N VAL D 76 -39.03 5.20 -47.78
CA VAL D 76 -39.54 5.43 -49.12
C VAL D 76 -40.60 6.51 -49.17
N CYS D 77 -41.12 6.94 -48.02
CA CYS D 77 -42.12 8.00 -47.97
C CYS D 77 -41.80 9.01 -46.88
N THR D 106 -44.34 16.39 -36.61
CA THR D 106 -44.14 17.21 -35.42
C THR D 106 -44.94 16.67 -34.25
N PHE D 107 -46.08 16.04 -34.55
CA PHE D 107 -46.90 15.46 -33.49
C PHE D 107 -46.18 14.32 -32.79
N MET D 108 -45.47 13.48 -33.54
CA MET D 108 -44.73 12.38 -32.93
C MET D 108 -43.64 12.89 -32.00
N THR D 109 -42.91 13.93 -32.41
CA THR D 109 -41.86 14.48 -31.57
C THR D 109 -42.43 15.09 -30.30
N GLU D 110 -43.54 15.81 -30.41
CA GLU D 110 -44.19 16.36 -29.22
C GLU D 110 -44.71 15.27 -28.31
N ALA D 111 -45.32 14.22 -28.88
CA ALA D 111 -45.84 13.13 -28.07
C ALA D 111 -44.71 12.32 -27.44
N LYS D 112 -43.59 12.14 -28.13
CA LYS D 112 -42.49 11.35 -27.58
C LYS D 112 -41.93 12.00 -26.32
N ASP D 113 -41.77 13.33 -26.33
CA ASP D 113 -41.30 14.02 -25.13
C ASP D 113 -42.32 13.91 -24.00
N TRP D 114 -43.61 14.04 -24.34
CA TRP D 114 -44.65 13.94 -23.32
C TRP D 114 -44.72 12.52 -22.74
N ALA D 115 -44.60 11.51 -23.61
CA ALA D 115 -44.68 10.12 -23.15
C ALA D 115 -43.51 9.78 -22.23
N GLY D 116 -42.30 10.23 -22.58
CA GLY D 116 -41.15 9.94 -21.73
C GLY D 116 -41.25 10.59 -20.36
N GLU D 117 -41.83 11.79 -20.31
CA GLU D 117 -42.05 12.46 -19.04
C GLU D 117 -43.08 11.74 -18.19
N LEU D 118 -44.06 11.10 -18.83
CA LEU D 118 -45.12 10.42 -18.09
C LEU D 118 -44.62 9.15 -17.41
N ILE D 119 -43.85 8.34 -18.14
CA ILE D 119 -43.40 7.06 -17.59
C ILE D 119 -42.39 7.24 -16.46
N SER D 120 -41.68 8.37 -16.42
CA SER D 120 -40.72 8.64 -15.37
C SER D 120 -41.34 9.39 -14.19
N GLY D 121 -42.62 9.73 -14.26
CA GLY D 121 -43.30 10.38 -13.16
C GLY D 121 -42.82 11.77 -12.82
N GLN D 122 -42.47 12.58 -13.83
CA GLN D 122 -42.03 13.94 -13.57
C GLN D 122 -43.21 14.85 -13.20
N THR D 123 -44.33 14.71 -13.90
CA THR D 123 -45.49 15.55 -13.66
C THR D 123 -46.44 14.89 -12.66
N THR D 124 -47.48 15.64 -12.30
CA THR D 124 -48.46 15.14 -11.33
C THR D 124 -49.18 13.91 -11.86
N THR D 125 -49.61 13.95 -13.12
CA THR D 125 -50.24 12.78 -13.72
C THR D 125 -49.25 11.64 -13.93
N GLY D 126 -47.97 11.97 -14.13
CA GLY D 126 -46.95 10.94 -14.24
C GLY D 126 -46.74 10.19 -12.94
N ARG D 127 -46.77 10.91 -11.81
CA ARG D 127 -46.63 10.25 -10.52
C ARG D 127 -47.80 9.31 -10.24
N ILE D 128 -49.00 9.69 -10.65
CA ILE D 128 -50.17 8.83 -10.47
C ILE D 128 -50.02 7.54 -11.26
N LEU D 129 -49.58 7.67 -12.53
CA LEU D 129 -49.43 6.48 -13.37
C LEU D 129 -48.35 5.55 -12.84
N VAL D 130 -47.23 6.11 -12.37
CA VAL D 130 -46.16 5.29 -11.83
C VAL D 130 -46.62 4.54 -10.59
N VAL D 131 -47.31 5.24 -9.69
CA VAL D 131 -47.86 4.58 -8.51
C VAL D 131 -48.92 3.56 -8.91
N LEU D 132 -49.77 3.92 -9.88
CA LEU D 132 -50.80 3.00 -10.35
C LEU D 132 -50.19 1.75 -10.98
N VAL D 133 -49.03 1.90 -11.64
CA VAL D 133 -48.34 0.74 -12.19
C VAL D 133 -47.89 -0.19 -11.07
N PHE D 134 -47.42 0.37 -9.96
CA PHE D 134 -47.01 -0.43 -8.82
C PHE D 134 -48.19 -1.23 -8.27
N ILE D 135 -49.34 -0.59 -8.13
CA ILE D 135 -50.49 -1.24 -7.48
C ILE D 135 -50.94 -2.45 -8.28
N LEU D 136 -51.11 -2.30 -9.59
CA LEU D 136 -51.61 -3.40 -10.41
C LEU D 136 -50.53 -4.41 -10.76
N SER D 137 -49.25 -4.06 -10.59
CA SER D 137 -48.20 -5.06 -10.76
C SER D 137 -48.30 -6.14 -9.68
N ILE D 138 -48.55 -5.73 -8.44
CA ILE D 138 -48.77 -6.71 -7.37
C ILE D 138 -50.11 -7.40 -7.55
N ALA D 139 -51.14 -6.65 -7.94
CA ALA D 139 -52.47 -7.22 -8.08
C ALA D 139 -52.51 -8.27 -9.18
N SER D 140 -51.83 -8.01 -10.30
CA SER D 140 -51.81 -8.99 -11.39
C SER D 140 -51.13 -10.28 -10.95
N LEU D 141 -50.05 -10.17 -10.17
CA LEU D 141 -49.38 -11.36 -9.67
C LEU D 141 -50.25 -12.10 -8.65
N ILE D 142 -51.00 -11.36 -7.84
CA ILE D 142 -51.82 -12.00 -6.80
C ILE D 142 -52.91 -12.86 -7.43
N ILE D 143 -53.60 -12.32 -8.44
CA ILE D 143 -54.66 -13.09 -9.08
C ILE D 143 -54.10 -14.28 -9.85
N TYR D 144 -52.80 -14.26 -10.19
CA TYR D 144 -52.18 -15.44 -10.77
C TYR D 144 -52.03 -16.55 -9.74
N PHE D 145 -51.78 -16.19 -8.47
CA PHE D 145 -51.65 -17.20 -7.43
C PHE D 145 -52.95 -17.97 -7.25
N VAL D 146 -54.08 -17.27 -7.22
CA VAL D 146 -55.37 -17.94 -7.10
C VAL D 146 -55.75 -18.65 -8.39
N ASP D 147 -55.19 -18.23 -9.53
CA ASP D 147 -55.45 -18.90 -10.79
C ASP D 147 -54.68 -20.22 -10.90
N ALA D 148 -53.47 -20.28 -10.34
CA ALA D 148 -52.66 -21.49 -10.38
C ALA D 148 -53.09 -22.53 -9.36
N SER D 149 -54.00 -22.18 -8.44
CA SER D 149 -54.47 -23.13 -7.44
C SER D 149 -55.38 -24.20 -8.02
N SER D 150 -55.83 -24.03 -9.27
CA SER D 150 -56.69 -25.03 -9.88
C SER D 150 -55.93 -26.33 -10.12
N GLU D 151 -56.62 -27.45 -9.93
CA GLU D 151 -55.99 -28.75 -10.13
C GLU D 151 -55.58 -28.97 -11.59
N GLU D 152 -56.43 -28.57 -12.53
CA GLU D 152 -56.16 -28.75 -13.94
C GLU D 152 -55.49 -27.51 -14.52
N VAL D 153 -54.84 -27.70 -15.68
CA VAL D 153 -54.10 -26.62 -16.34
C VAL D 153 -54.92 -26.08 -17.50
N GLU D 154 -55.78 -26.93 -18.08
CA GLU D 154 -56.62 -26.55 -19.20
C GLU D 154 -58.07 -26.86 -18.86
N ARG D 155 -58.94 -25.88 -19.08
CA ARG D 155 -60.37 -26.08 -18.88
C ARG D 155 -61.13 -25.02 -19.67
N CYS D 156 -62.36 -25.37 -20.07
CA CYS D 156 -63.22 -24.49 -20.85
C CYS D 156 -64.34 -23.96 -19.97
N GLN D 157 -64.52 -22.65 -19.97
CA GLN D 157 -65.56 -22.02 -19.17
C GLN D 157 -65.94 -20.69 -19.81
N LYS D 158 -67.20 -20.32 -19.65
CA LYS D 158 -67.67 -19.04 -20.16
C LYS D 158 -67.00 -17.89 -19.41
N TRP D 159 -66.59 -16.86 -20.16
CA TRP D 159 -65.88 -15.74 -19.55
C TRP D 159 -66.78 -14.95 -18.61
N SER D 160 -68.09 -14.94 -18.87
CA SER D 160 -69.01 -14.20 -18.00
C SER D 160 -69.29 -14.94 -16.69
N ASN D 161 -69.02 -16.24 -16.63
CA ASN D 161 -69.31 -17.00 -15.41
C ASN D 161 -68.33 -16.68 -14.30
N ASN D 162 -67.04 -16.58 -14.62
CA ASN D 162 -66.00 -16.34 -13.63
C ASN D 162 -65.62 -14.87 -13.61
N ILE D 163 -65.58 -14.29 -12.41
CA ILE D 163 -65.18 -12.89 -12.28
C ILE D 163 -63.67 -12.71 -12.30
N THR D 164 -62.91 -13.78 -12.05
CA THR D 164 -61.45 -13.69 -12.09
C THR D 164 -60.97 -13.35 -13.50
N GLN D 165 -61.58 -13.95 -14.52
CA GLN D 165 -61.22 -13.64 -15.90
C GLN D 165 -61.55 -12.18 -16.23
N GLN D 166 -62.67 -11.68 -15.72
CA GLN D 166 -63.05 -10.29 -15.98
C GLN D 166 -62.03 -9.32 -15.38
N ILE D 167 -61.57 -9.59 -14.16
CA ILE D 167 -60.57 -8.74 -13.53
C ILE D 167 -59.24 -8.84 -14.28
N ASP D 168 -58.91 -10.04 -14.77
CA ASP D 168 -57.69 -10.22 -15.53
C ASP D 168 -57.72 -9.39 -16.81
N LEU D 169 -58.88 -9.34 -17.49
CA LEU D 169 -59.00 -8.52 -18.68
C LEU D 169 -58.87 -7.04 -18.35
N ALA D 170 -59.43 -6.60 -17.22
CA ALA D 170 -59.35 -5.20 -16.85
C ALA D 170 -57.91 -4.78 -16.59
N PHE D 171 -57.11 -5.65 -15.97
CA PHE D 171 -55.71 -5.34 -15.74
C PHE D 171 -54.89 -5.40 -17.03
N ASN D 172 -55.25 -6.32 -17.94
CA ASN D 172 -54.44 -6.52 -19.14
C ASN D 172 -54.62 -5.37 -20.14
N ILE D 173 -55.84 -4.83 -20.24
CA ILE D 173 -56.06 -3.72 -21.17
C ILE D 173 -55.29 -2.49 -20.73
N PHE D 174 -55.13 -2.29 -19.42
CA PHE D 174 -54.31 -1.19 -18.93
C PHE D 174 -52.85 -1.39 -19.33
N PHE D 175 -52.37 -2.63 -19.27
CA PHE D 175 -50.96 -2.88 -19.56
C PHE D 175 -50.61 -2.70 -21.03
N MET D 176 -51.58 -2.87 -21.93
CA MET D 176 -51.30 -2.65 -23.35
C MET D 176 -51.24 -1.17 -23.68
N VAL D 177 -52.10 -0.36 -23.05
CA VAL D 177 -52.00 1.09 -23.26
C VAL D 177 -50.78 1.64 -22.54
N TYR D 178 -50.37 1.02 -21.43
CA TYR D 178 -49.09 1.36 -20.82
C TYR D 178 -47.93 0.91 -21.70
N PHE D 179 -48.09 -0.23 -22.39
CA PHE D 179 -47.08 -0.66 -23.35
C PHE D 179 -46.98 0.32 -24.51
N PHE D 180 -48.13 0.82 -24.99
CA PHE D 180 -48.13 1.79 -26.08
C PHE D 180 -47.47 3.10 -25.66
N ILE D 181 -47.74 3.55 -24.42
CA ILE D 181 -47.10 4.76 -23.92
C ILE D 181 -45.59 4.58 -23.87
N ARG D 182 -45.14 3.42 -23.40
CA ARG D 182 -43.71 3.14 -23.37
C ARG D 182 -43.12 3.07 -24.78
N PHE D 183 -43.90 2.55 -25.73
CA PHE D 183 -43.43 2.48 -27.12
C PHE D 183 -43.19 3.86 -27.69
N ILE D 184 -44.11 4.80 -27.44
CA ILE D 184 -43.94 6.17 -27.92
C ILE D 184 -42.71 6.81 -27.29
N ALA D 185 -42.52 6.61 -25.99
CA ALA D 185 -41.39 7.20 -25.29
C ALA D 185 -40.06 6.56 -25.69
N ALA D 186 -40.09 5.41 -26.35
CA ALA D 186 -38.85 4.73 -26.72
C ALA D 186 -38.08 5.54 -27.75
N SER D 187 -36.76 5.63 -27.55
CA SER D 187 -35.93 6.37 -28.49
C SER D 187 -35.84 5.64 -29.83
N ASP D 188 -35.60 4.33 -29.79
CA ASP D 188 -35.55 3.51 -31.00
C ASP D 188 -36.53 2.36 -30.83
N LYS D 189 -37.38 2.15 -31.84
CA LYS D 189 -38.45 1.17 -31.74
C LYS D 189 -37.95 -0.26 -31.89
N LEU D 190 -36.88 -0.47 -32.66
CA LEU D 190 -36.40 -1.83 -32.91
C LEU D 190 -35.90 -2.48 -31.63
N TRP D 191 -35.12 -1.73 -30.84
CA TRP D 191 -34.59 -2.28 -29.59
C TRP D 191 -35.67 -2.37 -28.52
N PHE D 192 -36.69 -1.50 -28.59
CA PHE D 192 -37.78 -1.56 -27.63
C PHE D 192 -38.57 -2.86 -27.76
N MET D 193 -38.80 -3.31 -29.00
CA MET D 193 -39.57 -4.54 -29.21
C MET D 193 -38.85 -5.75 -28.66
N LEU D 194 -37.52 -5.69 -28.55
CA LEU D 194 -36.72 -6.79 -28.03
C LEU D 194 -36.43 -6.64 -26.55
N GLU D 195 -37.01 -5.64 -25.88
CA GLU D 195 -36.76 -5.43 -24.47
C GLU D 195 -37.38 -6.55 -23.63
N MET D 196 -36.79 -6.77 -22.46
CA MET D 196 -37.26 -7.83 -21.58
C MET D 196 -38.68 -7.55 -21.08
N TYR D 197 -38.96 -6.29 -20.74
CA TYR D 197 -40.31 -5.94 -20.26
C TYR D 197 -41.35 -6.15 -21.35
N SER D 198 -41.04 -5.77 -22.59
CA SER D 198 -42.00 -5.96 -23.68
C SER D 198 -42.21 -7.44 -23.96
N PHE D 199 -41.19 -8.27 -23.74
CA PHE D 199 -41.34 -9.70 -23.94
C PHE D 199 -42.34 -10.28 -22.96
N VAL D 200 -42.43 -9.69 -21.76
CA VAL D 200 -43.44 -10.10 -20.79
C VAL D 200 -44.83 -9.79 -21.31
N ASP D 201 -45.01 -8.61 -21.90
CA ASP D 201 -46.32 -8.19 -22.41
C ASP D 201 -46.73 -8.98 -23.65
N TYR D 202 -45.77 -9.52 -24.41
CA TYR D 202 -46.10 -10.27 -25.61
C TYR D 202 -46.81 -11.58 -25.28
N PHE D 203 -46.42 -12.23 -24.19
CA PHE D 203 -46.90 -13.55 -23.81
C PHE D 203 -47.97 -13.49 -22.72
N THR D 204 -48.44 -12.30 -22.37
CA THR D 204 -49.41 -12.13 -21.29
C THR D 204 -50.76 -11.62 -21.78
N ILE D 205 -50.78 -10.51 -22.51
CA ILE D 205 -52.04 -9.90 -22.95
C ILE D 205 -52.63 -10.62 -24.16
N PRO D 206 -51.86 -10.93 -25.22
CA PRO D 206 -52.46 -11.62 -26.37
C PRO D 206 -53.11 -12.95 -26.00
N PRO D 207 -52.52 -13.74 -25.09
CA PRO D 207 -53.25 -14.95 -24.67
C PRO D 207 -54.60 -14.67 -24.03
N SER D 208 -54.75 -13.53 -23.35
CA SER D 208 -56.03 -13.22 -22.72
C SER D 208 -57.13 -13.04 -23.76
N PHE D 209 -56.83 -12.34 -24.86
CA PHE D 209 -57.83 -12.17 -25.92
C PHE D 209 -58.15 -13.49 -26.60
N VAL D 210 -57.14 -14.33 -26.83
CA VAL D 210 -57.36 -15.63 -27.45
C VAL D 210 -58.25 -16.50 -26.56
N SER D 211 -57.99 -16.51 -25.26
CA SER D 211 -58.83 -17.25 -24.34
C SER D 211 -60.25 -16.69 -24.33
N ILE D 212 -60.41 -15.39 -24.61
CA ILE D 212 -61.75 -14.80 -24.65
C ILE D 212 -62.53 -15.33 -25.84
N TYR D 213 -61.88 -15.38 -27.01
CA TYR D 213 -62.56 -15.86 -28.21
C TYR D 213 -62.75 -17.36 -28.19
N LEU D 214 -61.79 -18.10 -27.66
CA LEU D 214 -61.85 -19.56 -27.62
C LEU D 214 -62.76 -20.08 -26.52
N ASP D 215 -63.20 -19.24 -25.59
CA ASP D 215 -64.08 -19.62 -24.48
C ASP D 215 -63.45 -20.70 -23.61
N ARG D 216 -62.12 -20.75 -23.56
CA ARG D 216 -61.40 -21.69 -22.72
C ARG D 216 -60.15 -21.01 -22.18
N THR D 217 -59.75 -21.40 -20.99
CA THR D 217 -58.61 -20.79 -20.31
C THR D 217 -57.50 -21.79 -20.13
N TRP D 218 -56.27 -21.29 -20.18
CA TRP D 218 -55.06 -22.09 -19.98
C TRP D 218 -54.12 -21.31 -19.09
N ILE D 219 -53.40 -22.01 -18.22
CA ILE D 219 -52.43 -21.34 -17.34
C ILE D 219 -51.34 -20.69 -18.18
N GLY D 220 -50.88 -21.38 -19.22
CA GLY D 220 -49.94 -20.78 -20.17
C GLY D 220 -48.66 -20.30 -19.50
N LEU D 221 -48.28 -19.08 -19.85
CA LEU D 221 -47.06 -18.46 -19.34
C LEU D 221 -47.39 -17.25 -18.46
N ARG D 222 -48.46 -17.38 -17.67
CA ARG D 222 -48.84 -16.32 -16.74
C ARG D 222 -47.83 -16.11 -15.62
N PHE D 223 -46.89 -17.05 -15.42
CA PHE D 223 -45.85 -16.86 -14.43
C PHE D 223 -44.91 -15.72 -14.76
N LEU D 224 -44.89 -15.28 -16.03
CA LEU D 224 -44.05 -14.17 -16.43
C LEU D 224 -44.44 -12.85 -15.77
N ARG D 225 -45.64 -12.78 -15.18
CA ARG D 225 -46.06 -11.57 -14.47
C ARG D 225 -45.16 -11.28 -13.27
N ALA D 226 -44.52 -12.31 -12.71
CA ALA D 226 -43.59 -12.10 -11.61
C ALA D 226 -42.35 -11.32 -12.04
N LEU D 227 -42.02 -11.34 -13.33
CA LEU D 227 -40.87 -10.59 -13.81
C LEU D 227 -41.07 -9.08 -13.71
N ARG D 228 -42.32 -8.63 -13.56
CA ARG D 228 -42.59 -7.21 -13.41
C ARG D 228 -42.12 -6.66 -12.07
N LEU D 229 -41.75 -7.53 -11.12
CA LEU D 229 -41.31 -7.06 -9.81
C LEU D 229 -39.92 -6.44 -9.85
N MET D 230 -39.13 -6.69 -10.90
CA MET D 230 -37.79 -6.13 -10.98
C MET D 230 -37.80 -4.64 -11.29
N THR D 231 -38.93 -4.08 -11.69
CA THR D 231 -39.04 -2.64 -11.91
C THR D 231 -39.48 -1.88 -10.68
N VAL D 232 -39.69 -2.57 -9.56
CA VAL D 232 -40.03 -1.88 -8.30
C VAL D 232 -38.93 -0.91 -7.88
N PRO D 233 -37.64 -1.28 -7.88
CA PRO D 233 -36.61 -0.28 -7.55
C PRO D 233 -36.62 0.92 -8.48
N ASP D 234 -36.92 0.71 -9.77
CA ASP D 234 -37.05 1.85 -10.68
C ASP D 234 -38.24 2.72 -10.31
N ILE D 235 -39.36 2.10 -9.93
CA ILE D 235 -40.54 2.87 -9.54
C ILE D 235 -40.25 3.69 -8.29
N LEU D 236 -39.59 3.09 -7.30
CA LEU D 236 -39.28 3.81 -6.08
C LEU D 236 -38.28 4.94 -6.33
N GLN D 237 -37.38 4.77 -7.31
CA GLN D 237 -36.45 5.83 -7.64
C GLN D 237 -37.13 6.96 -8.39
N TYR D 238 -38.17 6.66 -9.16
CA TYR D 238 -38.92 7.71 -9.84
C TYR D 238 -39.61 8.63 -8.85
N LEU D 239 -40.14 8.07 -7.77
CA LEU D 239 -40.83 8.82 -6.74
C LEU D 239 -39.87 9.36 -5.67
N ASN D 240 -38.56 9.16 -5.84
CA ASN D 240 -37.54 9.62 -4.91
C ASN D 240 -37.68 9.00 -3.53
N VAL D 241 -38.30 7.82 -3.44
CA VAL D 241 -38.38 7.13 -2.16
C VAL D 241 -37.02 6.61 -1.74
N LEU D 242 -36.27 6.04 -2.67
CA LEU D 242 -34.93 5.55 -2.40
C LEU D 242 -33.91 6.63 -2.75
N LYS D 243 -33.12 7.04 -1.77
CA LYS D 243 -32.14 8.11 -1.95
C LYS D 243 -30.71 7.63 -1.74
N THR D 244 -30.43 6.98 -0.62
CA THR D 244 -29.08 6.51 -0.36
C THR D 244 -28.73 5.32 -1.26
N SER D 245 -27.43 5.14 -1.48
CA SER D 245 -26.97 4.08 -2.37
C SER D 245 -27.22 2.70 -1.78
N SER D 246 -27.11 2.56 -0.45
CA SER D 246 -27.32 1.26 0.17
C SER D 246 -28.76 0.78 0.01
N SER D 247 -29.72 1.69 0.18
CA SER D 247 -31.12 1.32 0.04
C SER D 247 -31.45 0.91 -1.39
N ILE D 248 -30.86 1.60 -2.37
CA ILE D 248 -31.08 1.24 -3.77
C ILE D 248 -30.52 -0.15 -4.05
N ARG D 249 -29.32 -0.43 -3.56
CA ARG D 249 -28.73 -1.75 -3.77
C ARG D 249 -29.55 -2.85 -3.11
N LEU D 250 -30.05 -2.57 -1.89
CA LEU D 250 -30.86 -3.57 -1.19
C LEU D 250 -32.15 -3.84 -1.93
N ALA D 251 -32.79 -2.78 -2.45
CA ALA D 251 -34.05 -2.96 -3.18
C ALA D 251 -33.85 -3.77 -4.45
N GLN D 252 -32.75 -3.52 -5.17
CA GLN D 252 -32.49 -4.25 -6.41
C GLN D 252 -32.25 -5.73 -6.14
N LEU D 253 -31.48 -6.06 -5.10
CA LEU D 253 -31.18 -7.45 -4.79
C LEU D 253 -32.44 -8.21 -4.37
N VAL D 254 -33.27 -7.59 -3.52
CA VAL D 254 -34.48 -8.27 -3.06
C VAL D 254 -35.45 -8.47 -4.20
N SER D 255 -35.66 -7.44 -5.04
CA SER D 255 -36.59 -7.56 -6.14
C SER D 255 -36.13 -8.59 -7.17
N ILE D 256 -34.83 -8.64 -7.45
CA ILE D 256 -34.30 -9.61 -8.40
C ILE D 256 -34.47 -11.02 -7.87
N PHE D 257 -34.16 -11.24 -6.60
CA PHE D 257 -34.23 -12.58 -6.02
C PHE D 257 -35.66 -13.09 -5.99
N ILE D 258 -36.61 -12.25 -5.59
CA ILE D 258 -37.99 -12.69 -5.48
C ILE D 258 -38.59 -12.97 -6.86
N SER D 259 -38.33 -12.09 -7.82
CA SER D 259 -38.90 -12.27 -9.15
C SER D 259 -38.38 -13.54 -9.82
N VAL D 260 -37.07 -13.80 -9.70
CA VAL D 260 -36.51 -15.02 -10.27
C VAL D 260 -37.07 -16.25 -9.56
N TRP D 261 -37.17 -16.18 -8.24
CA TRP D 261 -37.69 -17.31 -7.47
C TRP D 261 -39.13 -17.64 -7.86
N LEU D 262 -39.97 -16.61 -7.98
CA LEU D 262 -41.37 -16.86 -8.32
C LEU D 262 -41.54 -17.28 -9.76
N THR D 263 -40.76 -16.68 -10.68
CA THR D 263 -40.86 -17.05 -12.09
C THR D 263 -40.41 -18.49 -12.31
N ALA D 264 -39.30 -18.89 -11.68
CA ALA D 264 -38.80 -20.25 -11.85
C ALA D 264 -39.79 -21.27 -11.30
N ALA D 265 -40.44 -20.95 -10.18
CA ALA D 265 -41.45 -21.85 -9.63
C ALA D 265 -42.63 -22.00 -10.58
N GLY D 266 -42.99 -20.93 -11.29
CA GLY D 266 -44.06 -21.02 -12.26
C GLY D 266 -43.71 -21.91 -13.44
N ILE D 267 -42.46 -21.85 -13.89
CA ILE D 267 -42.02 -22.70 -14.99
C ILE D 267 -42.07 -24.16 -14.58
N ILE D 268 -41.59 -24.48 -13.37
CA ILE D 268 -41.62 -25.85 -12.88
C ILE D 268 -43.07 -26.31 -12.72
N HIS D 269 -43.93 -25.43 -12.19
CA HIS D 269 -45.32 -25.80 -11.99
C HIS D 269 -46.02 -26.11 -13.30
N LEU D 270 -45.75 -25.32 -14.34
CA LEU D 270 -46.39 -25.55 -15.64
C LEU D 270 -45.87 -26.82 -16.30
N LEU D 271 -44.54 -27.00 -16.30
CA LEU D 271 -43.95 -28.14 -17.00
C LEU D 271 -44.32 -29.45 -16.33
N GLU D 272 -44.30 -29.49 -15.00
CA GLU D 272 -44.59 -30.75 -14.30
C GLU D 272 -46.06 -31.12 -14.40
N ASN D 273 -46.96 -30.14 -14.22
CA ASN D 273 -48.39 -30.44 -14.23
C ASN D 273 -48.88 -30.79 -15.63
N SER D 274 -48.36 -30.12 -16.65
CA SER D 274 -48.81 -30.38 -18.02
C SER D 274 -48.34 -31.75 -18.51
N GLY D 275 -47.10 -32.11 -18.21
CA GLY D 275 -46.52 -33.35 -18.71
C GLY D 275 -45.69 -33.12 -19.96
N ASP D 276 -45.16 -34.22 -20.47
CA ASP D 276 -44.34 -34.16 -21.67
C ASP D 276 -45.18 -33.75 -22.88
N PRO D 277 -44.61 -32.97 -23.79
CA PRO D 277 -45.38 -32.53 -24.96
C PRO D 277 -45.69 -33.66 -25.91
N LEU D 278 -46.85 -33.54 -26.57
CA LEU D 278 -47.34 -34.43 -27.62
C LEU D 278 -47.84 -35.77 -27.08
N ASP D 279 -47.62 -36.04 -25.79
CA ASP D 279 -48.26 -37.18 -25.14
C ASP D 279 -49.08 -36.77 -23.94
N PHE D 280 -48.51 -35.96 -23.04
CA PHE D 280 -49.22 -35.43 -21.87
C PHE D 280 -49.85 -36.54 -21.04
N ASP D 281 -49.11 -37.63 -20.85
CA ASP D 281 -49.57 -38.75 -20.04
C ASP D 281 -48.76 -38.97 -18.78
N ASN D 282 -47.58 -38.37 -18.67
CA ASN D 282 -46.72 -38.49 -17.50
C ASN D 282 -46.81 -37.27 -16.60
N ALA D 283 -48.01 -36.67 -16.52
CA ALA D 283 -48.18 -35.45 -15.72
C ALA D 283 -47.93 -35.73 -14.25
N HIS D 284 -47.21 -34.82 -13.60
CA HIS D 284 -46.92 -34.90 -12.18
C HIS D 284 -47.68 -33.81 -11.46
N ARG D 285 -48.59 -34.21 -10.58
CA ARG D 285 -49.45 -33.26 -9.86
C ARG D 285 -48.64 -32.58 -8.78
N LEU D 286 -48.36 -31.29 -8.97
CA LEU D 286 -47.63 -30.49 -7.99
C LEU D 286 -48.32 -29.15 -7.83
N SER D 287 -48.54 -28.74 -6.58
CA SER D 287 -49.07 -27.42 -6.31
C SER D 287 -48.01 -26.36 -6.58
N TYR D 288 -48.48 -25.13 -6.84
CA TYR D 288 -47.55 -24.04 -7.11
C TYR D 288 -46.66 -23.75 -5.90
N TRP D 289 -47.24 -23.78 -4.70
CA TRP D 289 -46.47 -23.49 -3.51
C TRP D 289 -45.50 -24.61 -3.18
N THR D 290 -45.81 -25.85 -3.57
CA THR D 290 -44.84 -26.92 -3.47
C THR D 290 -43.64 -26.66 -4.37
N CYS D 291 -43.90 -26.14 -5.58
CA CYS D 291 -42.81 -25.75 -6.47
C CYS D 291 -42.00 -24.60 -5.91
N VAL D 292 -42.65 -23.66 -5.22
CA VAL D 292 -41.93 -22.58 -4.54
C VAL D 292 -41.02 -23.17 -3.46
N TYR D 293 -41.56 -24.10 -2.67
CA TYR D 293 -40.74 -24.77 -1.66
C TYR D 293 -39.63 -25.61 -2.31
N PHE D 294 -39.94 -26.25 -3.43
CA PHE D 294 -38.94 -27.05 -4.12
C PHE D 294 -37.80 -26.18 -4.65
N LEU D 295 -38.13 -24.98 -5.13
CA LEU D 295 -37.12 -24.10 -5.71
C LEU D 295 -36.13 -23.61 -4.66
N ILE D 296 -36.61 -23.23 -3.48
CA ILE D 296 -35.72 -22.71 -2.45
C ILE D 296 -34.82 -23.82 -1.91
N VAL D 297 -35.31 -25.06 -1.90
CA VAL D 297 -34.46 -26.19 -1.52
C VAL D 297 -33.35 -26.39 -2.54
N THR D 298 -33.66 -26.17 -3.82
CA THR D 298 -32.68 -26.34 -4.87
C THR D 298 -31.61 -25.24 -4.81
N MET D 299 -32.03 -23.98 -4.70
CA MET D 299 -31.07 -22.88 -4.70
C MET D 299 -30.16 -22.92 -3.47
N SER D 300 -30.69 -23.37 -2.33
CA SER D 300 -29.86 -23.54 -1.14
C SER D 300 -28.92 -24.73 -1.25
N THR D 301 -29.04 -25.52 -2.31
CA THR D 301 -28.22 -26.72 -2.52
C THR D 301 -28.39 -27.73 -1.40
N VAL D 302 -29.58 -27.79 -0.81
CA VAL D 302 -29.89 -28.79 0.21
C VAL D 302 -30.38 -30.08 -0.44
N GLY D 303 -31.36 -29.99 -1.33
CA GLY D 303 -31.82 -31.12 -2.11
C GLY D 303 -32.33 -32.29 -1.30
N TYR D 304 -33.46 -32.12 -0.62
CA TYR D 304 -34.02 -33.21 0.18
C TYR D 304 -34.39 -34.40 -0.68
N GLY D 305 -35.00 -34.15 -1.83
CA GLY D 305 -35.43 -35.22 -2.72
C GLY D 305 -36.84 -35.70 -2.49
N ASP D 306 -37.54 -35.18 -1.48
CA ASP D 306 -38.95 -35.53 -1.30
C ASP D 306 -39.77 -35.04 -2.49
N VAL D 307 -39.46 -33.85 -2.99
CA VAL D 307 -40.08 -33.30 -4.19
C VAL D 307 -39.01 -33.17 -5.26
N TYR D 308 -39.28 -33.72 -6.44
CA TYR D 308 -38.32 -33.67 -7.53
C TYR D 308 -39.07 -33.70 -8.86
N CYS D 309 -38.39 -33.24 -9.91
CA CYS D 309 -38.98 -33.22 -11.24
C CYS D 309 -38.91 -34.61 -11.86
N GLU D 310 -39.99 -34.99 -12.55
CA GLU D 310 -40.08 -36.28 -13.21
C GLU D 310 -40.20 -36.20 -14.72
N THR D 311 -40.78 -35.12 -15.25
CA THR D 311 -40.95 -34.97 -16.69
C THR D 311 -39.62 -34.62 -17.35
N VAL D 312 -39.54 -34.90 -18.65
CA VAL D 312 -38.33 -34.59 -19.41
C VAL D 312 -38.12 -33.08 -19.48
N LEU D 313 -39.17 -32.32 -19.76
CA LEU D 313 -39.03 -30.88 -19.84
C LEU D 313 -38.69 -30.26 -18.49
N GLY D 314 -39.28 -30.79 -17.42
CA GLY D 314 -38.98 -30.28 -16.09
C GLY D 314 -37.51 -30.45 -15.72
N ARG D 315 -36.95 -31.62 -16.02
CA ARG D 315 -35.54 -31.84 -15.74
C ARG D 315 -34.65 -31.00 -16.65
N THR D 316 -35.06 -30.79 -17.90
CA THR D 316 -34.27 -29.99 -18.82
C THR D 316 -34.13 -28.55 -18.33
N PHE D 317 -35.24 -27.96 -17.85
CA PHE D 317 -35.16 -26.60 -17.31
C PHE D 317 -34.33 -26.58 -16.03
N LEU D 318 -34.44 -27.63 -15.22
CA LEU D 318 -33.67 -27.69 -13.97
C LEU D 318 -32.17 -27.67 -14.25
N VAL D 319 -31.75 -28.26 -15.38
CA VAL D 319 -30.32 -28.29 -15.72
C VAL D 319 -29.82 -26.87 -15.96
N PHE D 320 -30.56 -26.09 -16.75
CA PHE D 320 -30.16 -24.71 -17.00
C PHE D 320 -30.26 -23.86 -15.75
N PHE D 321 -31.28 -24.09 -14.92
CA PHE D 321 -31.43 -23.30 -13.70
C PHE D 321 -30.30 -23.58 -12.72
N LEU D 322 -29.84 -24.83 -12.63
CA LEU D 322 -28.75 -25.16 -11.72
C LEU D 322 -27.47 -24.43 -12.10
N LEU D 323 -27.31 -24.08 -13.37
CA LEU D 323 -26.12 -23.36 -13.80
C LEU D 323 -26.15 -21.89 -13.37
N VAL D 324 -27.32 -21.26 -13.46
CA VAL D 324 -27.42 -19.83 -13.21
C VAL D 324 -28.21 -19.51 -11.94
N GLY D 325 -29.22 -20.31 -11.59
CA GLY D 325 -30.01 -20.00 -10.40
C GLY D 325 -29.22 -20.13 -9.11
N LEU D 326 -28.29 -21.08 -9.05
CA LEU D 326 -27.48 -21.25 -7.84
C LEU D 326 -26.56 -20.06 -7.62
N ALA D 327 -26.04 -19.48 -8.70
CA ALA D 327 -25.18 -18.30 -8.57
C ALA D 327 -25.95 -17.11 -8.02
N ILE D 328 -27.22 -16.97 -8.38
CA ILE D 328 -28.03 -15.85 -7.88
C ILE D 328 -28.20 -15.96 -6.37
N PHE D 329 -28.52 -17.16 -5.88
CA PHE D 329 -28.70 -17.35 -4.45
C PHE D 329 -27.42 -17.10 -3.68
N ALA D 330 -26.28 -17.57 -4.20
CA ALA D 330 -25.01 -17.41 -3.51
C ALA D 330 -24.49 -15.99 -3.56
N SER D 331 -25.02 -15.15 -4.44
CA SER D 331 -24.56 -13.78 -4.58
C SER D 331 -25.51 -12.75 -3.98
N CYS D 332 -26.82 -13.05 -3.94
CA CYS D 332 -27.80 -12.10 -3.45
C CYS D 332 -28.01 -12.21 -1.93
N ILE D 333 -28.19 -13.43 -1.44
CA ILE D 333 -28.49 -13.61 -0.02
C ILE D 333 -27.36 -13.12 0.88
N PRO D 334 -26.09 -13.48 0.65
CA PRO D 334 -25.03 -12.91 1.51
C PRO D 334 -24.93 -11.40 1.44
N GLU D 335 -25.19 -10.81 0.28
CA GLU D 335 -25.14 -9.36 0.14
C GLU D 335 -26.36 -8.69 0.75
N ILE D 336 -27.49 -9.39 0.80
CA ILE D 336 -28.69 -8.84 1.44
C ILE D 336 -28.51 -8.79 2.95
N ILE D 337 -27.89 -9.83 3.53
CA ILE D 337 -27.79 -9.92 4.98
C ILE D 337 -26.91 -8.81 5.54
N ASP D 338 -25.73 -8.61 4.97
CA ASP D 338 -24.82 -7.60 5.51
C ASP D 338 -25.26 -6.18 5.15
N LEU D 339 -25.99 -6.01 4.04
CA LEU D 339 -26.55 -4.70 3.73
C LEU D 339 -27.56 -4.28 4.79
N ILE D 340 -28.41 -5.21 5.23
CA ILE D 340 -29.29 -4.94 6.37
C ILE D 340 -28.45 -4.71 7.62
N GLY D 341 -27.45 -5.56 7.84
CA GLY D 341 -26.55 -5.43 8.96
C GLY D 341 -27.26 -5.58 10.29
N THR D 342 -26.78 -4.85 11.28
CA THR D 342 -27.36 -4.83 12.61
C THR D 342 -27.68 -3.40 13.00
N ARG D 343 -28.67 -3.25 13.88
CA ARG D 343 -29.06 -1.92 14.34
C ARG D 343 -27.92 -1.29 15.13
N ALA D 344 -27.86 0.04 15.09
CA ALA D 344 -26.83 0.78 15.80
C ALA D 344 -26.93 0.54 17.29
N LYS D 345 -25.97 -0.19 17.85
CA LYS D 345 -26.01 -0.53 19.28
C LYS D 345 -25.89 0.72 20.13
N TYR D 346 -25.03 1.66 19.73
CA TYR D 346 -24.78 2.89 20.48
C TYR D 346 -25.31 4.07 19.67
N GLY D 347 -26.33 4.72 20.22
CA GLY D 347 -26.96 5.84 19.52
C GLY D 347 -28.09 6.37 20.37
N GLY D 348 -28.74 7.40 19.84
CA GLY D 348 -29.83 8.05 20.55
C GLY D 348 -29.34 9.04 21.58
N THR D 349 -30.30 9.66 22.24
CA THR D 349 -30.03 10.72 23.20
C THR D 349 -29.88 10.16 24.61
N LEU D 350 -29.03 10.82 25.40
CA LEU D 350 -28.90 10.47 26.82
C LEU D 350 -30.18 10.89 27.56
N LYS D 351 -30.72 9.96 28.33
CA LYS D 351 -31.97 10.23 29.04
C LYS D 351 -31.76 11.26 30.13
N ASN D 352 -32.70 12.20 30.23
CA ASN D 352 -32.61 13.27 31.22
C ASN D 352 -33.17 12.81 32.55
N GLU D 353 -32.48 13.19 33.63
CA GLU D 353 -32.90 12.88 34.99
C GLU D 353 -32.86 14.13 35.83
N LYS D 354 -33.76 14.19 36.81
CA LYS D 354 -33.84 15.34 37.69
C LYS D 354 -32.77 15.24 38.78
N GLY D 355 -32.03 16.33 38.97
CA GLY D 355 -30.97 16.35 39.97
C GLY D 355 -29.86 15.37 39.68
N ARG D 356 -29.45 15.26 38.42
CA ARG D 356 -28.41 14.34 37.99
C ARG D 356 -27.20 15.11 37.48
N ARG D 357 -26.02 14.67 37.88
CA ARG D 357 -24.77 15.28 37.45
C ARG D 357 -23.99 14.29 36.58
N HIS D 358 -23.46 14.79 35.47
CA HIS D 358 -22.70 13.96 34.55
C HIS D 358 -21.64 14.81 33.88
N ILE D 359 -20.61 14.13 33.36
CA ILE D 359 -19.53 14.77 32.62
C ILE D 359 -19.38 14.04 31.28
N VAL D 360 -18.85 14.76 30.30
CA VAL D 360 -18.63 14.23 28.97
C VAL D 360 -17.13 14.08 28.75
N VAL D 361 -16.71 12.88 28.34
CA VAL D 361 -15.30 12.58 28.10
C VAL D 361 -15.15 12.21 26.63
N CYS D 362 -14.26 12.91 25.94
CA CYS D 362 -14.02 12.71 24.52
C CYS D 362 -12.51 12.68 24.27
N GLY D 363 -12.14 12.54 23.00
CA GLY D 363 -10.74 12.51 22.62
C GLY D 363 -10.26 11.10 22.36
N HIS D 364 -9.16 10.72 23.01
CA HIS D 364 -8.56 9.40 22.83
C HIS D 364 -9.30 8.42 23.74
N ILE D 365 -10.26 7.69 23.17
CA ILE D 365 -11.09 6.76 23.91
C ILE D 365 -10.69 5.35 23.48
N THR D 366 -9.85 4.70 24.29
CA THR D 366 -9.44 3.33 24.06
C THR D 366 -9.67 2.54 25.34
N TYR D 367 -9.44 1.22 25.26
CA TYR D 367 -9.65 0.37 26.44
C TYR D 367 -8.67 0.74 27.54
N GLU D 368 -7.41 0.97 27.19
CA GLU D 368 -6.41 1.31 28.21
C GLU D 368 -6.68 2.66 28.84
N SER D 369 -7.08 3.64 28.03
CA SER D 369 -7.32 4.98 28.57
C SER D 369 -8.60 5.02 29.42
N VAL D 370 -9.64 4.31 28.98
CA VAL D 370 -10.91 4.33 29.73
C VAL D 370 -10.76 3.58 31.04
N SER D 371 -10.12 2.41 31.01
CA SER D 371 -9.96 1.63 32.23
C SER D 371 -9.12 2.36 33.26
N HIS D 372 -8.03 2.99 32.82
CA HIS D 372 -7.20 3.76 33.74
C HIS D 372 -7.95 4.96 34.29
N PHE D 373 -8.71 5.66 33.43
CA PHE D 373 -9.47 6.81 33.89
C PHE D 373 -10.55 6.41 34.88
N LEU D 374 -11.27 5.32 34.61
CA LEU D 374 -12.37 4.92 35.47
C LEU D 374 -11.88 4.44 36.83
N LYS D 375 -10.72 3.79 36.88
CA LYS D 375 -10.17 3.35 38.17
C LYS D 375 -9.86 4.53 39.07
N ASP D 376 -9.28 5.60 38.51
CA ASP D 376 -8.98 6.78 39.29
C ASP D 376 -10.24 7.59 39.60
N PHE D 377 -11.14 7.71 38.62
CA PHE D 377 -12.35 8.50 38.82
C PHE D 377 -13.26 7.87 39.88
N LEU D 378 -13.41 6.55 39.85
CA LEU D 378 -14.25 5.83 40.80
C LEU D 378 -13.32 5.07 41.75
N HIS D 379 -12.88 5.75 42.80
CA HIS D 379 -12.03 5.18 43.83
C HIS D 379 -12.67 5.43 45.19
N GLU D 380 -12.73 4.39 46.02
CA GLU D 380 -13.36 4.54 47.32
C GLU D 380 -12.45 5.18 48.35
N ASP D 381 -11.26 5.63 47.96
CA ASP D 381 -10.46 6.47 48.83
C ASP D 381 -10.90 7.94 48.82
N ARG D 382 -11.70 8.34 47.84
CA ARG D 382 -12.12 9.74 47.70
C ARG D 382 -13.59 9.89 48.07
N GLU D 383 -14.04 11.14 48.07
CA GLU D 383 -15.40 11.46 48.48
C GLU D 383 -16.42 10.81 47.56
N ASP D 384 -17.54 10.40 48.13
CA ASP D 384 -18.60 9.74 47.38
C ASP D 384 -19.48 10.80 46.71
N VAL D 385 -19.46 10.82 45.38
CA VAL D 385 -20.26 11.76 44.60
C VAL D 385 -20.98 10.99 43.50
N ASP D 386 -22.24 11.36 43.25
CA ASP D 386 -23.05 10.69 42.23
C ASP D 386 -22.89 11.44 40.91
N VAL D 387 -21.76 11.21 40.26
CA VAL D 387 -21.47 11.77 38.94
C VAL D 387 -21.20 10.60 38.00
N GLU D 388 -21.95 10.52 36.91
CA GLU D 388 -21.76 9.47 35.93
C GLU D 388 -21.00 10.01 34.72
N VAL D 389 -20.23 9.13 34.09
CA VAL D 389 -19.35 9.49 32.98
C VAL D 389 -20.03 9.11 31.68
N VAL D 390 -20.07 10.04 30.74
CA VAL D 390 -20.61 9.82 29.41
C VAL D 390 -19.46 9.91 28.42
N PHE D 391 -19.26 8.83 27.65
CA PHE D 391 -18.17 8.76 26.68
C PHE D 391 -18.72 8.96 25.28
N LEU D 392 -18.04 9.81 24.51
CA LEU D 392 -18.42 10.07 23.12
C LEU D 392 -17.20 9.80 22.24
N HIS D 393 -17.36 8.94 21.25
CA HIS D 393 -16.27 8.60 20.35
C HIS D 393 -16.83 8.24 18.99
N ARG D 394 -15.98 8.34 17.96
CA ARG D 394 -16.41 8.08 16.60
C ARG D 394 -16.43 6.59 16.29
N LYS D 395 -15.30 5.92 16.46
CA LYS D 395 -15.24 4.50 16.15
C LYS D 395 -16.02 3.70 17.18
N PRO D 396 -16.72 2.63 16.75
CA PRO D 396 -17.40 1.78 17.72
C PRO D 396 -16.40 1.07 18.61
N PRO D 397 -16.75 0.83 19.87
CA PRO D 397 -15.81 0.16 20.78
C PRO D 397 -15.64 -1.30 20.41
N ASP D 398 -14.47 -1.84 20.76
CA ASP D 398 -14.19 -3.25 20.54
C ASP D 398 -14.83 -4.08 21.66
N LEU D 399 -14.60 -5.39 21.60
CA LEU D 399 -15.22 -6.30 22.56
C LEU D 399 -14.72 -6.03 23.97
N GLU D 400 -13.43 -5.74 24.13
CA GLU D 400 -12.88 -5.47 25.45
C GLU D 400 -13.52 -4.23 26.06
N LEU D 401 -13.67 -3.15 25.27
CA LEU D 401 -14.26 -1.92 25.80
C LEU D 401 -15.74 -2.11 26.10
N GLU D 402 -16.44 -2.90 25.29
CA GLU D 402 -17.87 -3.13 25.54
C GLU D 402 -18.09 -3.85 26.86
N GLY D 403 -17.22 -4.83 27.18
CA GLY D 403 -17.33 -5.51 28.45
C GLY D 403 -17.08 -4.59 29.63
N LEU D 404 -16.13 -3.66 29.48
CA LEU D 404 -15.86 -2.70 30.54
C LEU D 404 -17.06 -1.81 30.81
N PHE D 405 -17.74 -1.37 29.75
CA PHE D 405 -18.94 -0.55 29.93
C PHE D 405 -20.06 -1.35 30.58
N LYS D 406 -20.13 -2.65 30.30
CA LYS D 406 -21.16 -3.49 30.93
C LYS D 406 -20.96 -3.58 32.44
N ARG D 407 -19.71 -3.68 32.88
CA ARG D 407 -19.43 -3.79 34.31
C ARG D 407 -19.71 -2.48 35.05
N HIS D 408 -19.78 -1.36 34.34
CA HIS D 408 -20.11 -0.07 34.92
C HIS D 408 -21.43 0.45 34.35
N PHE D 409 -22.42 -0.44 34.27
CA PHE D 409 -23.67 -0.11 33.59
C PHE D 409 -24.40 1.02 34.29
N THR D 410 -24.39 1.05 35.62
CA THR D 410 -25.17 2.02 36.37
C THR D 410 -24.49 3.38 36.48
N THR D 411 -23.23 3.51 36.07
CA THR D 411 -22.50 4.76 36.24
C THR D 411 -21.73 5.23 35.02
N VAL D 412 -21.68 4.44 33.94
CA VAL D 412 -20.93 4.81 32.74
C VAL D 412 -21.82 4.57 31.53
N GLU D 413 -21.89 5.56 30.64
CA GLU D 413 -22.67 5.48 29.42
C GLU D 413 -21.78 5.82 28.23
N PHE D 414 -22.00 5.13 27.12
CA PHE D 414 -21.23 5.36 25.89
C PHE D 414 -22.18 5.71 24.75
N PHE D 415 -21.77 6.67 23.94
CA PHE D 415 -22.52 7.07 22.75
C PHE D 415 -21.55 7.21 21.58
N GLN D 416 -22.03 6.87 20.38
CA GLN D 416 -21.21 6.96 19.18
C GLN D 416 -21.47 8.29 18.49
N GLY D 417 -20.40 9.03 18.23
CA GLY D 417 -20.52 10.32 17.58
C GLY D 417 -19.26 11.13 17.79
N THR D 418 -19.22 12.27 17.11
CA THR D 418 -18.07 13.17 17.15
C THR D 418 -18.43 14.45 17.87
N ILE D 419 -17.47 14.98 18.64
CA ILE D 419 -17.70 16.23 19.36
C ILE D 419 -17.79 17.41 18.40
N MET D 420 -17.33 17.25 17.17
CA MET D 420 -17.39 18.32 16.18
C MET D 420 -18.77 18.46 15.55
N ASN D 421 -19.69 17.52 15.81
CA ASN D 421 -21.03 17.57 15.26
C ASN D 421 -21.97 18.20 16.29
N PRO D 422 -22.60 19.34 16.00
CA PRO D 422 -23.54 19.92 16.96
C PRO D 422 -24.72 19.02 17.29
N ILE D 423 -25.10 18.11 16.38
CA ILE D 423 -26.16 17.16 16.69
C ILE D 423 -25.73 16.21 17.80
N ASP D 424 -24.48 15.72 17.74
CA ASP D 424 -23.99 14.80 18.75
C ASP D 424 -23.81 15.49 20.10
N LEU D 425 -23.50 16.78 20.10
CA LEU D 425 -23.40 17.52 21.37
C LEU D 425 -24.76 17.59 22.06
N GLN D 426 -25.83 17.72 21.28
CA GLN D 426 -27.16 17.70 21.85
C GLN D 426 -27.51 16.33 22.42
N ARG D 427 -27.07 15.26 21.76
CA ARG D 427 -27.39 13.92 22.22
C ARG D 427 -26.81 13.63 23.60
N VAL D 428 -25.57 14.06 23.84
CA VAL D 428 -24.94 13.83 25.14
C VAL D 428 -25.27 14.93 26.15
N LYS D 429 -26.04 15.95 25.74
CA LYS D 429 -26.45 17.04 26.62
C LYS D 429 -25.24 17.73 27.24
N VAL D 430 -24.42 18.32 26.35
CA VAL D 430 -23.23 19.03 26.80
C VAL D 430 -23.60 20.26 27.62
N HIS D 431 -24.67 20.96 27.23
CA HIS D 431 -25.08 22.16 27.93
C HIS D 431 -25.47 21.89 29.39
N GLU D 432 -25.89 20.67 29.70
CA GLU D 432 -26.25 20.30 31.07
C GLU D 432 -25.13 19.56 31.80
N ALA D 433 -24.00 19.33 31.15
CA ALA D 433 -22.90 18.60 31.76
C ALA D 433 -22.13 19.50 32.73
N ASP D 434 -21.64 18.88 33.81
CA ASP D 434 -20.83 19.63 34.77
C ASP D 434 -19.52 20.10 34.14
N ALA D 435 -18.88 19.25 33.35
CA ALA D 435 -17.63 19.60 32.70
C ALA D 435 -17.43 18.67 31.51
N CYS D 436 -16.54 19.10 30.60
CA CYS D 436 -16.17 18.32 29.43
C CYS D 436 -14.67 18.03 29.50
N LEU D 437 -14.31 16.75 29.39
CA LEU D 437 -12.93 16.31 29.49
C LEU D 437 -12.46 15.83 28.13
N VAL D 438 -11.30 16.31 27.70
CA VAL D 438 -10.74 15.98 26.39
C VAL D 438 -9.45 15.20 26.64
N LEU D 439 -9.53 13.88 26.47
CA LEU D 439 -8.35 13.04 26.59
C LEU D 439 -7.45 13.21 25.36
N ALA D 440 -6.16 12.98 25.56
CA ALA D 440 -5.17 13.15 24.50
C ALA D 440 -4.39 11.86 24.31
N ASN D 441 -3.93 11.63 23.08
CA ASN D 441 -3.09 10.50 22.75
C ASN D 441 -1.64 10.90 23.00
N LYS D 442 -1.09 10.50 24.15
CA LYS D 442 0.27 10.88 24.50
C LYS D 442 1.28 10.18 23.60
N TYR D 443 0.99 8.97 23.15
CA TYR D 443 1.88 8.23 22.25
C TYR D 443 1.43 8.41 20.81
N CYS D 444 1.63 9.63 20.31
CA CYS D 444 1.25 10.01 18.95
C CYS D 444 2.49 10.37 18.15
N GLN D 445 2.43 10.07 16.85
CA GLN D 445 3.57 10.33 15.98
C GLN D 445 3.84 11.83 15.86
N ASP D 446 2.79 12.63 15.72
CA ASP D 446 2.92 14.08 15.55
C ASP D 446 2.23 14.80 16.69
N PRO D 447 2.96 15.32 17.68
CA PRO D 447 2.31 16.08 18.76
C PRO D 447 1.57 17.32 18.28
N ASP D 448 2.07 17.98 17.24
CA ASP D 448 1.39 19.16 16.70
C ASP D 448 0.03 18.79 16.12
N ALA D 449 -0.04 17.68 15.37
CA ALA D 449 -1.31 17.26 14.80
C ALA D 449 -2.30 16.86 15.89
N GLU D 450 -1.83 16.18 16.93
CA GLU D 450 -2.71 15.79 18.02
C GLU D 450 -3.25 17.01 18.76
N ASP D 451 -2.39 18.01 19.00
CA ASP D 451 -2.83 19.21 19.71
C ASP D 451 -3.84 20.00 18.89
N ALA D 452 -3.63 20.07 17.56
CA ALA D 452 -4.56 20.81 16.71
C ALA D 452 -5.96 20.19 16.74
N ALA D 453 -6.03 18.86 16.70
CA ALA D 453 -7.32 18.19 16.74
C ALA D 453 -8.04 18.44 18.06
N ASN D 454 -7.30 18.39 19.17
CA ASN D 454 -7.91 18.61 20.47
C ASN D 454 -8.33 20.06 20.66
N ILE D 455 -7.58 21.01 20.12
CA ILE D 455 -7.95 22.41 20.21
C ILE D 455 -9.25 22.67 19.47
N MET D 456 -9.42 22.05 18.30
CA MET D 456 -10.66 22.20 17.55
C MET D 456 -11.84 21.61 18.31
N ARG D 457 -11.61 20.57 19.11
CA ARG D 457 -12.68 20.01 19.94
C ARG D 457 -13.15 21.02 20.97
N VAL D 458 -12.22 21.76 21.59
CA VAL D 458 -12.60 22.79 22.55
C VAL D 458 -13.37 23.90 21.86
N ILE D 459 -12.96 24.28 20.64
CA ILE D 459 -13.69 25.30 19.89
C ILE D 459 -15.11 24.83 19.61
N SER D 460 -15.27 23.56 19.21
CA SER D 460 -16.61 23.03 18.94
C SER D 460 -17.48 23.04 20.19
N ILE D 461 -16.91 22.65 21.33
CA ILE D 461 -17.67 22.66 22.58
C ILE D 461 -18.03 24.08 22.98
N LYS D 462 -17.07 25.00 22.88
CA LYS D 462 -17.34 26.39 23.24
C LYS D 462 -18.32 27.05 22.26
N ASN D 463 -18.29 26.62 20.99
CA ASN D 463 -19.25 27.13 20.02
C ASN D 463 -20.67 26.74 20.38
N TYR D 464 -20.86 25.49 20.83
CA TYR D 464 -22.19 25.04 21.23
C TYR D 464 -22.69 25.81 22.44
N SER D 465 -21.83 26.04 23.42
CA SER D 465 -22.19 26.82 24.60
C SER D 465 -20.91 27.38 25.21
N ASP D 466 -20.99 28.60 25.72
CA ASP D 466 -19.80 29.27 26.26
C ASP D 466 -19.57 28.98 27.75
N ASP D 467 -20.63 28.76 28.51
CA ASP D 467 -20.51 28.54 29.96
C ASP D 467 -20.43 27.05 30.30
N ILE D 468 -19.51 26.34 29.66
CA ILE D 468 -19.27 24.93 29.94
C ILE D 468 -17.81 24.76 30.33
N ARG D 469 -17.58 24.12 31.48
CA ARG D 469 -16.23 23.89 31.95
C ARG D 469 -15.54 22.86 31.07
N VAL D 470 -14.33 23.17 30.63
CA VAL D 470 -13.57 22.30 29.73
C VAL D 470 -12.20 22.05 30.33
N ILE D 471 -11.82 20.79 30.44
CA ILE D 471 -10.49 20.38 30.87
C ILE D 471 -9.88 19.56 29.74
N ILE D 472 -8.74 20.00 29.22
CA ILE D 472 -8.13 19.41 28.05
C ILE D 472 -6.68 19.08 28.34
N GLN D 473 -6.24 17.89 27.92
CA GLN D 473 -4.84 17.50 27.99
C GLN D 473 -4.11 18.02 26.76
N LEU D 474 -3.05 18.79 26.97
CA LEU D 474 -2.28 19.37 25.89
C LEU D 474 -0.89 18.76 25.84
N MET D 475 -0.37 18.59 24.62
CA MET D 475 0.92 17.94 24.41
C MET D 475 2.09 18.91 24.51
N GLN D 476 1.98 20.09 23.92
CA GLN D 476 3.07 21.05 23.87
C GLN D 476 2.60 22.40 24.40
N TYR D 477 3.55 23.13 24.99
CA TYR D 477 3.20 24.39 25.63
C TYR D 477 2.91 25.50 24.63
N HIS D 478 3.58 25.50 23.47
CA HIS D 478 3.37 26.57 22.51
C HIS D 478 1.98 26.53 21.90
N ASN D 479 1.26 25.42 22.03
CA ASN D 479 -0.13 25.34 21.60
C ASN D 479 -1.10 25.87 22.63
N LYS D 480 -0.63 26.15 23.85
CA LYS D 480 -1.49 26.69 24.89
C LYS D 480 -1.93 28.12 24.60
N ALA D 481 -1.17 28.85 23.80
CA ALA D 481 -1.53 30.23 23.48
C ALA D 481 -2.83 30.30 22.68
N TYR D 482 -3.05 29.31 21.80
CA TYR D 482 -4.26 29.31 20.99
C TYR D 482 -5.50 29.21 21.85
N LEU D 483 -5.48 28.34 22.86
CA LEU D 483 -6.64 28.19 23.74
C LEU D 483 -6.87 29.44 24.57
N LEU D 484 -5.79 30.07 25.04
CA LEU D 484 -5.93 31.28 25.85
C LEU D 484 -6.52 32.43 25.05
N ASN D 485 -6.29 32.46 23.74
CA ASN D 485 -6.79 33.53 22.89
C ASN D 485 -8.23 33.30 22.45
N ILE D 486 -8.83 32.18 22.80
CA ILE D 486 -10.25 31.95 22.49
C ILE D 486 -11.10 32.91 23.33
N PRO D 487 -12.07 33.61 22.73
CA PRO D 487 -12.87 34.56 23.52
C PRO D 487 -13.64 33.92 24.66
N SER D 488 -14.09 32.67 24.50
CA SER D 488 -14.91 32.02 25.52
C SER D 488 -14.08 31.32 26.59
N TRP D 489 -12.77 31.23 26.43
CA TRP D 489 -11.93 30.58 27.43
C TRP D 489 -11.81 31.47 28.67
N ASP D 490 -12.03 30.89 29.84
CA ASP D 490 -12.01 31.63 31.10
C ASP D 490 -11.49 30.70 32.19
N TRP D 491 -10.28 30.98 32.68
CA TRP D 491 -9.72 30.22 33.79
C TRP D 491 -10.49 30.47 35.09
N LYS D 492 -11.13 31.63 35.22
CA LYS D 492 -11.90 31.92 36.43
C LYS D 492 -13.07 30.95 36.57
N GLN D 493 -13.75 30.63 35.47
CA GLN D 493 -14.91 29.77 35.51
C GLN D 493 -14.58 28.30 35.64
N GLY D 494 -13.30 27.93 35.57
CA GLY D 494 -12.89 26.54 35.74
C GLY D 494 -12.22 25.91 34.54
N ASP D 495 -12.04 26.63 33.43
CA ASP D 495 -11.33 26.06 32.29
C ASP D 495 -9.86 25.85 32.63
N ASP D 496 -9.36 24.65 32.38
CA ASP D 496 -7.99 24.29 32.74
C ASP D 496 -7.32 23.58 31.58
N VAL D 497 -6.02 23.80 31.44
CA VAL D 497 -5.19 23.13 30.45
C VAL D 497 -4.14 22.33 31.21
N ILE D 498 -4.09 21.03 30.96
CA ILE D 498 -3.08 20.15 31.55
C ILE D 498 -2.04 19.90 30.46
N CYS D 499 -0.93 20.62 30.54
CA CYS D 499 0.14 20.50 29.54
C CYS D 499 1.13 19.44 30.01
N LEU D 500 1.21 18.34 29.26
CA LEU D 500 2.10 17.25 29.64
C LEU D 500 3.56 17.68 29.56
N ALA D 501 3.93 18.43 28.52
CA ALA D 501 5.31 18.89 28.39
C ALA D 501 5.71 19.80 29.53
N GLU D 502 4.82 20.74 29.90
CA GLU D 502 5.13 21.65 31.00
C GLU D 502 5.22 20.92 32.33
N LEU D 503 4.31 19.96 32.57
CA LEU D 503 4.31 19.25 33.85
C LEU D 503 5.44 18.25 33.93
N LYS D 504 5.73 17.52 32.84
CA LYS D 504 6.79 16.52 32.87
C LYS D 504 8.14 17.16 33.12
N LEU D 505 8.47 18.22 32.37
CA LEU D 505 9.75 18.89 32.55
C LEU D 505 9.79 19.70 33.84
N GLY D 506 8.64 20.10 34.38
CA GLY D 506 8.63 20.74 35.68
C GLY D 506 9.03 19.80 36.80
N PHE D 507 8.58 18.54 36.71
CA PHE D 507 8.98 17.55 37.70
C PHE D 507 10.47 17.24 37.62
N ILE D 508 11.02 17.19 36.39
CA ILE D 508 12.45 16.95 36.23
C ILE D 508 13.24 18.12 36.81
N ALA D 509 12.79 19.35 36.56
CA ALA D 509 13.50 20.52 37.06
C ALA D 509 13.52 20.54 38.59
N GLN D 510 12.41 20.19 39.23
CA GLN D 510 12.37 20.15 40.69
C GLN D 510 13.27 19.05 41.24
N SER D 511 13.46 17.97 40.48
CA SER D 511 14.34 16.90 40.92
C SER D 511 15.80 17.32 40.94
N CYS D 512 16.18 18.31 40.12
CA CYS D 512 17.55 18.82 40.16
C CYS D 512 17.85 19.47 41.51
N LEU D 513 16.89 20.22 42.06
CA LEU D 513 17.09 20.84 43.36
C LEU D 513 16.99 19.82 44.48
N ALA D 514 16.05 18.89 44.37
CA ALA D 514 15.87 17.84 45.38
C ALA D 514 15.64 16.51 44.65
N PRO D 515 16.66 15.66 44.57
CA PRO D 515 16.50 14.39 43.87
C PRO D 515 15.42 13.54 44.49
N GLY D 516 14.67 12.83 43.64
CA GLY D 516 13.57 12.01 44.07
C GLY D 516 12.25 12.75 44.24
N PHE D 517 12.22 14.06 44.00
CA PHE D 517 10.99 14.81 44.15
C PHE D 517 9.95 14.43 43.11
N SER D 518 10.38 14.03 41.91
CA SER D 518 9.45 13.64 40.87
C SER D 518 8.64 12.42 41.29
N THR D 519 9.29 11.45 41.94
CA THR D 519 8.58 10.27 42.41
C THR D 519 7.58 10.63 43.50
N MET D 520 7.98 11.49 44.45
CA MET D 520 7.10 11.88 45.54
C MET D 520 5.87 12.62 45.02
N MET D 521 6.07 13.54 44.08
CA MET D 521 4.95 14.34 43.58
C MET D 521 4.05 13.51 42.68
N ALA D 522 4.61 12.63 41.87
CA ALA D 522 3.80 11.81 40.97
C ALA D 522 2.89 10.87 41.74
N ASN D 523 3.40 10.28 42.82
CA ASN D 523 2.59 9.37 43.62
C ASN D 523 1.50 10.08 44.41
N LEU D 524 1.66 11.39 44.65
CA LEU D 524 0.68 12.12 45.46
C LEU D 524 -0.68 12.19 44.78
N PHE D 525 -0.70 12.35 43.46
CA PHE D 525 -1.95 12.54 42.73
C PHE D 525 -2.40 11.28 42.01
N ALA D 526 -1.75 10.15 42.27
CA ALA D 526 -2.23 8.85 41.82
C ALA D 526 -2.94 8.20 43.01
N MET D 527 -4.21 7.89 42.84
CA MET D 527 -5.04 7.41 43.95
C MET D 527 -4.81 5.92 44.15
N ARG D 528 -4.16 5.56 45.25
CA ARG D 528 -3.86 4.18 45.58
C ARG D 528 -4.34 3.88 46.99
N SER D 529 -4.89 2.68 47.18
CA SER D 529 -5.30 2.21 48.50
C SER D 529 -4.24 1.26 49.05
N PHE D 530 -3.74 1.59 50.24
CA PHE D 530 -2.64 0.85 50.86
C PHE D 530 -3.13 0.09 52.08
N LYS D 531 -2.83 -1.20 52.13
CA LYS D 531 -3.06 -2.02 53.31
C LYS D 531 -1.80 -2.85 53.57
N THR D 532 -1.49 -3.05 54.84
CA THR D 532 -0.23 -3.69 55.22
C THR D 532 -0.21 -5.14 54.75
N SER D 533 0.91 -5.52 54.13
CA SER D 533 1.12 -6.89 53.71
C SER D 533 1.65 -7.73 54.87
N PRO D 534 1.44 -9.06 54.82
CA PRO D 534 1.92 -9.91 55.92
C PRO D 534 3.43 -9.87 56.10
N ASP D 535 4.19 -10.13 55.04
CA ASP D 535 5.64 -10.16 55.13
C ASP D 535 6.26 -9.89 53.76
N MET D 536 7.12 -8.88 53.71
CA MET D 536 7.88 -8.55 52.50
C MET D 536 9.04 -7.67 52.94
N GLN D 537 9.81 -7.19 51.97
CA GLN D 537 10.98 -6.37 52.27
C GLN D 537 10.58 -5.11 53.04
N SER D 538 11.39 -4.77 54.04
CA SER D 538 11.08 -3.63 54.89
C SER D 538 11.06 -2.33 54.10
N TRP D 539 12.03 -2.14 53.21
CA TRP D 539 12.07 -0.91 52.42
C TRP D 539 10.88 -0.84 51.47
N THR D 540 10.43 -1.98 50.94
CA THR D 540 9.24 -1.98 50.09
C THR D 540 8.00 -1.59 50.88
N ASN D 541 7.88 -2.07 52.12
CA ASN D 541 6.73 -1.73 52.94
C ASN D 541 6.70 -0.24 53.25
N ASP D 542 7.85 0.35 53.58
CA ASP D 542 7.89 1.78 53.87
C ASP D 542 7.54 2.61 52.64
N TYR D 543 8.06 2.21 51.47
CA TYR D 543 7.73 2.93 50.24
C TYR D 543 6.26 2.76 49.88
N LEU D 544 5.70 1.57 50.08
CA LEU D 544 4.32 1.32 49.71
C LEU D 544 3.35 2.15 50.55
N ARG D 545 3.68 2.36 51.83
CA ARG D 545 2.84 3.19 52.68
C ARG D 545 2.78 4.62 52.18
N GLY D 546 3.91 5.15 51.72
CA GLY D 546 3.93 6.50 51.18
C GLY D 546 3.13 6.65 49.90
N THR D 547 3.09 5.60 49.08
CA THR D 547 2.34 5.67 47.83
C THR D 547 0.84 5.76 48.05
N GLY D 548 0.36 5.37 49.23
CA GLY D 548 -1.06 5.45 49.54
C GLY D 548 -1.54 6.81 49.95
N MET D 549 -0.65 7.79 50.08
CA MET D 549 -1.02 9.14 50.48
C MET D 549 -1.40 9.97 49.26
N GLU D 550 -2.48 10.73 49.39
CA GLU D 550 -2.94 11.63 48.35
C GLU D 550 -3.07 13.04 48.93
N MET D 551 -3.54 13.97 48.10
CA MET D 551 -3.79 15.34 48.52
C MET D 551 -5.29 15.59 48.55
N TYR D 552 -5.78 16.12 49.67
CA TYR D 552 -7.19 16.40 49.84
C TYR D 552 -7.39 17.80 50.39
N THR D 553 -8.52 18.41 50.03
CA THR D 553 -8.89 19.73 50.48
C THR D 553 -10.02 19.62 51.49
N GLU D 554 -9.88 20.32 52.62
CA GLU D 554 -10.90 20.29 53.65
C GLU D 554 -10.96 21.67 54.31
N THR D 555 -12.17 22.09 54.65
CA THR D 555 -12.35 23.35 55.35
C THR D 555 -11.83 23.24 56.78
N LEU D 556 -11.01 24.19 57.20
CA LEU D 556 -10.43 24.16 58.53
C LEU D 556 -11.50 24.41 59.58
N SER D 557 -11.31 23.80 60.75
CA SER D 557 -12.25 23.97 61.85
C SER D 557 -12.23 25.41 62.35
N PRO D 558 -13.36 25.90 62.88
CA PRO D 558 -13.37 27.26 63.45
C PRO D 558 -12.41 27.44 64.62
N THR D 559 -11.98 26.35 65.26
CA THR D 559 -11.00 26.45 66.34
C THR D 559 -9.67 27.00 65.83
N PHE D 560 -9.36 26.78 64.56
CA PHE D 560 -8.09 27.24 63.99
C PHE D 560 -8.06 28.74 63.71
N ILE D 561 -9.20 29.44 63.82
CA ILE D 561 -9.25 30.85 63.47
C ILE D 561 -8.44 31.65 64.49
N GLY D 562 -7.57 32.53 63.99
CA GLY D 562 -6.81 33.43 64.82
C GLY D 562 -5.41 32.97 65.18
N ILE D 563 -4.99 31.80 64.70
CA ILE D 563 -3.65 31.30 65.01
C ILE D 563 -2.81 31.32 63.73
N PRO D 564 -1.49 31.44 63.84
CA PRO D 564 -0.65 31.43 62.63
C PRO D 564 -0.62 30.05 61.99
N PHE D 565 -0.16 30.02 60.74
CA PHE D 565 -0.11 28.77 59.99
C PHE D 565 0.82 27.77 60.65
N ALA D 566 1.96 28.25 61.18
CA ALA D 566 2.94 27.34 61.77
C ALA D 566 2.35 26.57 62.93
N GLN D 567 1.56 27.23 63.79
CA GLN D 567 0.91 26.53 64.88
C GLN D 567 -0.21 25.62 64.39
N ALA D 568 -0.86 26.00 63.28
CA ALA D 568 -1.97 25.21 62.77
C ALA D 568 -1.48 23.88 62.21
N THR D 569 -0.42 23.90 61.40
CA THR D 569 0.08 22.66 60.82
C THR D 569 0.77 21.78 61.86
N GLU D 570 1.43 22.40 62.85
CA GLU D 570 2.03 21.62 63.93
C GLU D 570 0.96 20.92 64.76
N LEU D 571 -0.14 21.60 65.04
CA LEU D 571 -1.23 20.99 65.80
C LEU D 571 -1.87 19.84 65.01
N CYS D 572 -2.05 20.03 63.71
CA CYS D 572 -2.65 18.97 62.89
C CYS D 572 -1.76 17.74 62.85
N PHE D 573 -0.45 17.93 62.74
CA PHE D 573 0.47 16.80 62.70
C PHE D 573 0.50 16.05 64.02
N SER D 574 0.56 16.78 65.13
CA SER D 574 0.69 16.14 66.44
C SER D 574 -0.61 15.49 66.88
N LYS D 575 -1.74 16.19 66.69
CA LYS D 575 -3.02 15.71 67.22
C LYS D 575 -3.80 14.90 66.18
N LEU D 576 -4.07 15.50 65.02
CA LEU D 576 -4.91 14.87 64.02
C LEU D 576 -4.16 13.90 63.11
N LYS D 577 -2.83 13.83 63.23
CA LYS D 577 -1.99 12.98 62.38
C LYS D 577 -2.20 13.30 60.90
N LEU D 578 -2.30 14.59 60.59
CA LEU D 578 -2.47 15.05 59.23
C LEU D 578 -1.39 16.08 58.90
N LEU D 579 -0.94 16.07 57.65
CA LEU D 579 0.09 16.99 57.17
C LEU D 579 -0.59 18.10 56.39
N LEU D 580 -0.56 19.32 56.94
CA LEU D 580 -1.11 20.50 56.27
C LEU D 580 0.05 21.32 55.72
N LEU D 581 0.03 21.57 54.41
CA LEU D 581 1.13 22.26 53.74
C LEU D 581 0.75 23.56 53.08
N ALA D 582 -0.51 23.76 52.70
CA ALA D 582 -0.92 24.98 52.03
C ALA D 582 -2.33 25.35 52.43
N ILE D 583 -2.63 26.64 52.34
CA ILE D 583 -3.97 27.17 52.62
C ILE D 583 -4.33 28.15 51.51
N GLU D 584 -5.63 28.41 51.39
CA GLU D 584 -6.15 29.37 50.42
C GLU D 584 -6.47 30.67 51.14
N ILE D 585 -5.91 31.77 50.66
CA ILE D 585 -6.06 33.09 51.27
C ILE D 585 -6.77 34.00 50.28
N LYS D 586 -7.83 34.65 50.73
CA LYS D 586 -8.59 35.57 49.89
C LYS D 586 -7.88 36.91 49.77
N SER D 594 -8.12 35.60 45.42
CA SER D 594 -7.80 34.38 46.15
C SER D 594 -6.56 33.71 45.58
N LYS D 595 -5.60 33.40 46.46
CA LYS D 595 -4.35 32.77 46.04
C LYS D 595 -3.98 31.69 47.06
N ILE D 596 -3.19 30.73 46.60
CA ILE D 596 -2.76 29.60 47.41
C ILE D 596 -1.33 29.85 47.87
N SER D 597 -1.10 29.77 49.18
CA SER D 597 0.22 29.97 49.76
C SER D 597 0.71 28.63 50.32
N ILE D 598 1.89 28.21 49.88
CA ILE D 598 2.48 26.96 50.32
C ILE D 598 3.38 27.24 51.52
N ASN D 599 3.04 26.68 52.67
CA ASN D 599 3.76 26.90 53.92
C ASN D 599 3.98 28.40 54.19
N PRO D 600 2.90 29.18 54.32
CA PRO D 600 3.07 30.62 54.53
C PRO D 600 3.69 30.93 55.87
N ARG D 601 4.43 32.04 55.92
CA ARG D 601 5.08 32.49 57.14
C ARG D 601 4.29 33.66 57.72
N GLY D 602 3.87 33.53 58.97
CA GLY D 602 3.12 34.59 59.63
C GLY D 602 1.80 34.91 58.99
N ALA D 603 1.05 33.89 58.57
CA ALA D 603 -0.27 34.05 57.98
C ALA D 603 -1.31 33.47 58.91
N LYS D 604 -2.28 34.29 59.31
CA LYS D 604 -3.34 33.83 60.21
C LYS D 604 -4.39 33.05 59.44
N ILE D 605 -5.12 32.21 60.18
CA ILE D 605 -6.18 31.39 59.61
C ILE D 605 -7.49 32.17 59.71
N GLN D 606 -8.14 32.39 58.57
CA GLN D 606 -9.40 33.11 58.54
C GLN D 606 -10.57 32.13 58.66
N ALA D 607 -11.79 32.66 58.70
CA ALA D 607 -12.97 31.82 58.78
C ALA D 607 -13.18 31.07 57.47
N ASN D 608 -13.56 29.79 57.58
CA ASN D 608 -13.82 28.93 56.42
C ASN D 608 -12.61 28.87 55.49
N THR D 609 -11.42 28.80 56.07
CA THR D 609 -10.20 28.72 55.28
C THR D 609 -10.04 27.32 54.71
N GLN D 610 -9.76 27.24 53.41
CA GLN D 610 -9.56 25.97 52.73
C GLN D 610 -8.09 25.55 52.86
N GLY D 611 -7.86 24.36 53.38
CA GLY D 611 -6.52 23.85 53.59
C GLY D 611 -6.26 22.61 52.76
N PHE D 612 -5.00 22.42 52.39
CA PHE D 612 -4.55 21.27 51.61
C PHE D 612 -3.82 20.31 52.52
N PHE D 613 -4.26 19.05 52.52
CA PHE D 613 -3.74 18.05 53.43
C PHE D 613 -3.23 16.84 52.66
N ILE D 614 -2.24 16.16 53.23
CA ILE D 614 -1.74 14.90 52.72
C ILE D 614 -2.18 13.80 53.68
N ALA D 615 -3.00 12.88 53.20
CA ALA D 615 -3.57 11.84 54.04
C ALA D 615 -3.77 10.58 53.22
N GLN D 616 -4.03 9.48 53.93
CA GLN D 616 -4.22 8.20 53.26
C GLN D 616 -5.51 8.17 52.45
N SER D 617 -6.57 8.81 52.94
CA SER D 617 -7.85 8.80 52.25
C SER D 617 -8.63 10.05 52.66
N ALA D 618 -9.77 10.26 51.99
CA ALA D 618 -10.59 11.43 52.27
C ALA D 618 -11.27 11.36 53.63
N ASP D 619 -11.38 10.17 54.21
CA ASP D 619 -11.96 10.05 55.56
C ASP D 619 -11.06 10.62 56.63
N GLU D 620 -9.74 10.65 56.38
CA GLU D 620 -8.80 11.14 57.39
C GLU D 620 -8.86 12.66 57.51
N VAL D 621 -9.03 13.38 56.40
CA VAL D 621 -9.01 14.83 56.44
C VAL D 621 -10.28 15.39 57.08
N LYS D 622 -11.34 14.57 57.21
CA LYS D 622 -12.53 15.02 57.90
C LYS D 622 -12.28 15.28 59.38
N ARG D 623 -11.20 14.73 59.93
CA ARG D 623 -10.83 15.02 61.31
C ARG D 623 -10.53 16.49 61.52
N ALA D 624 -10.01 17.16 60.49
CA ALA D 624 -9.70 18.58 60.60
C ALA D 624 -10.96 19.40 60.82
N TRP D 625 -12.06 19.06 60.13
CA TRP D 625 -13.30 19.80 60.30
C TRP D 625 -13.95 19.51 61.64
N PHE D 626 -13.99 18.24 62.04
CA PHE D 626 -14.58 17.85 63.33
C PHE D 626 -13.50 17.89 64.41
N TYR D 627 -13.11 19.10 64.77
CA TYR D 627 -12.11 19.31 65.80
C TYR D 627 -12.56 20.40 66.76
N CYS D 628 -12.27 20.21 68.04
CA CYS D 628 -12.57 21.18 69.07
C CYS D 628 -11.57 21.04 70.21
N LYS D 629 -11.45 22.10 71.01
CA LYS D 629 -10.55 22.05 72.15
C LYS D 629 -10.99 21.00 73.16
N ALA D 630 -12.29 20.90 73.40
CA ALA D 630 -12.83 19.89 74.31
C ALA D 630 -12.70 18.49 73.73
N MET D 778 16.07 45.67 35.66
CA MET D 778 16.02 44.70 34.57
C MET D 778 16.50 43.33 35.04
N LYS D 779 16.60 43.17 36.36
CA LYS D 779 17.09 41.92 36.93
C LYS D 779 16.05 40.81 36.85
N TYR D 780 14.77 41.14 36.97
CA TYR D 780 13.71 40.15 36.98
C TYR D 780 12.70 40.45 35.88
N ASP D 781 11.73 39.55 35.72
CA ASP D 781 10.70 39.71 34.71
C ASP D 781 9.62 40.68 35.21
N SER D 782 8.56 40.82 34.41
CA SER D 782 7.49 41.74 34.76
C SER D 782 6.79 41.32 36.05
N THR D 783 6.51 40.02 36.20
CA THR D 783 5.87 39.52 37.40
C THR D 783 6.81 39.47 38.60
N GLY D 784 8.12 39.53 38.38
CA GLY D 784 9.05 39.47 39.47
C GLY D 784 9.25 38.10 40.07
N MET D 785 8.90 37.03 39.34
CA MET D 785 9.02 35.67 39.84
C MET D 785 10.22 34.93 39.28
N PHE D 786 10.87 35.46 38.24
CA PHE D 786 12.01 34.80 37.62
C PHE D 786 13.10 35.81 37.35
N HIS D 787 14.35 35.34 37.33
CA HIS D 787 15.47 36.17 36.94
C HIS D 787 15.42 36.47 35.45
N TRP D 788 16.02 37.59 35.07
CA TRP D 788 15.98 38.06 33.69
C TRP D 788 17.37 38.43 33.21
N SER D 789 17.58 38.29 31.91
CA SER D 789 18.84 38.63 31.25
C SER D 789 18.52 39.42 29.99
N PRO D 790 19.45 40.29 29.55
CA PRO D 790 19.18 41.15 28.38
C PRO D 790 19.39 40.44 27.05
N ALA D 791 18.71 39.30 26.88
CA ALA D 791 18.60 38.62 25.59
C ALA D 791 19.97 38.27 25.00
N LYS D 792 20.68 37.38 25.70
CA LYS D 792 21.94 36.87 25.19
C LYS D 792 21.72 36.02 23.94
N SER D 793 22.61 36.16 22.97
CA SER D 793 22.47 35.43 21.71
C SER D 793 22.96 33.98 21.86
N LEU D 794 22.51 33.14 20.94
CA LEU D 794 22.89 31.74 20.97
C LEU D 794 24.35 31.54 20.60
N GLU D 795 24.87 32.35 19.67
CA GLU D 795 26.25 32.19 19.23
C GLU D 795 27.23 32.42 20.38
N ASP D 796 26.95 33.39 21.24
CA ASP D 796 27.83 33.64 22.39
C ASP D 796 27.77 32.51 23.40
N CYS D 797 26.73 31.67 23.37
CA CYS D 797 26.60 30.57 24.32
C CYS D 797 27.15 29.26 23.78
N ILE D 798 27.64 29.23 22.54
CA ILE D 798 28.17 28.00 21.97
C ILE D 798 29.60 27.79 22.46
N LEU D 799 29.86 26.62 23.05
CA LEU D 799 31.19 26.26 23.53
C LEU D 799 31.61 24.96 22.89
N ASP D 800 32.91 24.83 22.60
CA ASP D 800 33.47 23.56 22.16
C ASP D 800 34.07 22.81 23.34
N ARG D 801 34.71 21.68 23.04
CA ARG D 801 35.22 20.82 24.10
C ARG D 801 36.31 21.53 24.90
N ASN D 802 37.20 22.26 24.23
CA ASN D 802 38.26 22.96 24.94
C ASN D 802 37.71 24.07 25.82
N GLN D 803 36.70 24.81 25.33
CA GLN D 803 36.13 25.88 26.13
C GLN D 803 35.44 25.33 27.37
N ALA D 804 34.70 24.23 27.23
CA ALA D 804 34.02 23.65 28.37
C ALA D 804 35.00 22.96 29.33
N ALA D 805 36.14 22.51 28.82
CA ALA D 805 37.10 21.81 29.67
C ALA D 805 37.83 22.76 30.61
N MET D 806 38.15 23.96 30.16
CA MET D 806 38.93 24.90 30.97
C MET D 806 38.07 25.85 31.78
N THR D 807 36.76 25.67 31.80
CA THR D 807 35.88 26.42 32.68
C THR D 807 35.38 25.53 33.81
N VAL D 808 35.32 26.07 35.02
CA VAL D 808 34.90 25.30 36.18
C VAL D 808 33.39 25.14 36.15
N LEU D 809 32.92 23.90 36.33
CA LEU D 809 31.50 23.58 36.36
C LEU D 809 31.27 22.63 37.53
N ASN D 810 30.84 23.18 38.67
CA ASN D 810 30.58 22.39 39.87
C ASN D 810 29.15 22.65 40.33
N GLY D 811 28.43 21.58 40.66
CA GLY D 811 27.05 21.72 41.09
C GLY D 811 26.11 22.20 40.02
N HIS D 812 26.47 22.03 38.76
CA HIS D 812 25.65 22.48 37.65
C HIS D 812 24.65 21.40 37.25
N VAL D 813 23.87 21.66 36.20
CA VAL D 813 22.89 20.73 35.67
C VAL D 813 23.21 20.47 34.21
N VAL D 814 23.33 19.21 33.85
CA VAL D 814 23.64 18.80 32.48
C VAL D 814 22.38 18.20 31.86
N VAL D 815 21.99 18.73 30.72
CA VAL D 815 20.79 18.27 30.01
C VAL D 815 21.25 17.52 28.77
N CYS D 816 21.15 16.20 28.82
CA CYS D 816 21.51 15.35 27.68
C CYS D 816 20.31 15.28 26.74
N LEU D 817 20.44 15.86 25.55
CA LEU D 817 19.34 16.01 24.62
C LEU D 817 19.59 15.14 23.38
N PHE D 818 18.64 14.27 23.07
CA PHE D 818 18.64 13.49 21.84
C PHE D 818 17.54 14.05 20.94
N ALA D 819 17.94 14.76 19.88
CA ALA D 819 16.96 15.39 19.02
C ALA D 819 17.56 15.61 17.64
N ASP D 820 16.83 15.19 16.61
CA ASP D 820 17.19 15.53 15.25
C ASP D 820 16.85 17.00 14.98
N PRO D 821 17.49 17.60 13.96
CA PRO D 821 17.15 19.00 13.63
C PRO D 821 15.68 19.20 13.28
N ASP D 822 15.03 18.17 12.76
CA ASP D 822 13.61 18.25 12.38
C ASP D 822 12.69 17.66 13.43
N SER D 823 13.21 17.31 14.61
CA SER D 823 12.39 16.72 15.65
C SER D 823 11.39 17.74 16.20
N PRO D 824 10.21 17.28 16.63
CA PRO D 824 9.24 18.21 17.23
C PRO D 824 9.81 18.86 18.47
N LEU D 825 9.45 20.14 18.65
CA LEU D 825 9.99 20.92 19.76
C LEU D 825 9.41 20.44 21.08
N ILE D 826 10.26 20.38 22.10
CA ILE D 826 9.84 20.12 23.46
C ILE D 826 9.92 21.43 24.23
N GLY D 827 9.29 21.45 25.40
CA GLY D 827 9.28 22.67 26.20
C GLY D 827 10.57 22.88 26.98
N LEU D 828 11.67 23.13 26.26
CA LEU D 828 12.95 23.33 26.93
C LEU D 828 12.92 24.51 27.88
N ARG D 829 12.08 25.51 27.59
CA ARG D 829 11.88 26.62 28.52
C ARG D 829 11.22 26.16 29.82
N ASN D 830 10.34 25.16 29.74
CA ASN D 830 9.67 24.65 30.93
C ASN D 830 10.61 23.92 31.87
N LEU D 831 11.82 23.60 31.44
CA LEU D 831 12.82 22.96 32.29
C LEU D 831 13.78 23.95 32.94
N VAL D 832 14.07 25.06 32.28
CA VAL D 832 15.06 26.02 32.79
C VAL D 832 14.43 27.06 33.69
N MET D 833 13.22 27.53 33.37
CA MET D 833 12.58 28.56 34.19
C MET D 833 12.38 28.15 35.64
N PRO D 834 11.92 26.93 35.96
CA PRO D 834 11.84 26.56 37.38
C PRO D 834 13.18 26.64 38.10
N LEU D 835 14.29 26.45 37.38
CA LEU D 835 15.61 26.62 37.96
C LEU D 835 16.04 28.07 38.04
N ARG D 836 15.28 29.00 37.46
CA ARG D 836 15.59 30.41 37.46
C ARG D 836 14.55 31.22 38.23
N ALA D 837 13.91 30.61 39.21
CA ALA D 837 12.90 31.29 39.99
C ALA D 837 13.54 32.35 40.89
N SER D 838 12.73 33.35 41.26
CA SER D 838 13.20 34.42 42.14
C SER D 838 13.46 33.94 43.56
N ASN D 839 13.05 32.73 43.90
CA ASN D 839 13.33 32.20 45.23
C ASN D 839 14.82 32.02 45.48
N PHE D 840 15.59 31.79 44.41
CA PHE D 840 17.01 31.54 44.52
C PHE D 840 17.79 32.83 44.28
N HIS D 841 18.81 33.05 45.10
CA HIS D 841 19.71 34.16 44.88
C HIS D 841 20.55 33.91 43.62
N TYR D 842 21.06 34.99 43.05
CA TYR D 842 21.82 34.87 41.81
C TYR D 842 23.08 34.04 42.00
N HIS D 843 23.69 34.09 43.19
CA HIS D 843 24.92 33.33 43.42
C HIS D 843 24.64 31.84 43.55
N GLU D 844 23.45 31.46 44.01
CA GLU D 844 23.11 30.06 44.20
C GLU D 844 22.39 29.45 43.00
N LEU D 845 22.21 30.20 41.93
CA LEU D 845 21.61 29.65 40.72
C LEU D 845 22.52 28.58 40.12
N LYS D 846 21.91 27.50 39.65
CA LYS D 846 22.66 26.38 39.08
C LYS D 846 22.89 26.61 37.60
N HIS D 847 24.14 26.50 37.17
CA HIS D 847 24.46 26.63 35.75
C HIS D 847 23.86 25.47 34.97
N VAL D 848 23.31 25.78 33.80
CA VAL D 848 22.66 24.79 32.95
C VAL D 848 23.45 24.70 31.64
N VAL D 849 23.91 23.49 31.32
CA VAL D 849 24.62 23.22 30.07
C VAL D 849 23.85 22.16 29.31
N ILE D 850 23.55 22.44 28.05
CA ILE D 850 22.76 21.55 27.19
C ILE D 850 23.70 20.91 26.19
N VAL D 851 23.70 19.58 26.14
CA VAL D 851 24.52 18.81 25.21
C VAL D 851 23.59 18.25 24.14
N GLY D 852 23.77 18.73 22.91
CA GLY D 852 22.91 18.29 21.82
C GLY D 852 23.24 19.04 20.56
N SER D 853 22.44 18.79 19.52
CA SER D 853 22.65 19.43 18.24
C SER D 853 22.22 20.90 18.31
N VAL D 854 23.11 21.79 17.87
CA VAL D 854 22.81 23.23 17.90
C VAL D 854 21.66 23.56 16.97
N ASP D 855 21.51 22.78 15.88
CA ASP D 855 20.42 23.05 14.93
C ASP D 855 19.06 22.91 15.60
N TYR D 856 18.87 21.90 16.46
CA TYR D 856 17.61 21.77 17.18
C TYR D 856 17.47 22.87 18.23
N ILE D 857 18.52 23.14 19.00
CA ILE D 857 18.45 24.16 20.03
C ILE D 857 18.26 25.55 19.44
N ARG D 858 18.64 25.76 18.18
CA ARG D 858 18.43 27.05 17.55
C ARG D 858 16.95 27.39 17.49
N ARG D 859 16.11 26.40 17.16
CA ARG D 859 14.67 26.64 17.14
C ARG D 859 14.12 26.85 18.55
N GLU D 860 14.81 26.36 19.57
CA GLU D 860 14.36 26.49 20.95
C GLU D 860 14.93 27.71 21.66
N TRP D 861 15.80 28.47 21.00
CA TRP D 861 16.48 29.58 21.68
C TRP D 861 15.60 30.82 21.84
N LYS D 862 14.43 30.86 21.20
CA LYS D 862 13.58 32.04 21.29
C LYS D 862 13.14 32.27 22.74
N MET D 863 12.82 31.21 23.46
CA MET D 863 12.35 31.31 24.83
C MET D 863 13.48 31.18 25.86
N LEU D 864 14.73 31.05 25.41
CA LEU D 864 15.87 30.90 26.32
C LEU D 864 16.82 32.09 26.25
N GLN D 865 16.49 33.13 25.50
CA GLN D 865 17.40 34.27 25.36
C GLN D 865 17.62 34.98 26.69
N ASN D 866 16.55 35.19 27.46
CA ASN D 866 16.60 36.02 28.65
C ASN D 866 16.87 35.23 29.93
N LEU D 867 17.14 33.93 29.82
CA LEU D 867 17.44 33.12 30.99
C LEU D 867 18.94 33.14 31.25
N PRO D 868 19.39 33.57 32.42
CA PRO D 868 20.84 33.67 32.67
C PRO D 868 21.47 32.30 32.87
N LYS D 869 22.79 32.27 32.64
CA LYS D 869 23.63 31.10 32.91
C LYS D 869 23.16 29.87 32.14
N ILE D 870 23.20 29.97 30.82
CA ILE D 870 22.87 28.87 29.93
C ILE D 870 24.01 28.67 28.96
N SER D 871 24.49 27.44 28.85
CA SER D 871 25.56 27.08 27.94
C SER D 871 25.11 25.94 27.04
N VAL D 872 25.55 25.98 25.78
CA VAL D 872 25.21 24.97 24.79
C VAL D 872 26.50 24.37 24.26
N LEU D 873 26.60 23.05 24.30
CA LEU D 873 27.74 22.32 23.79
C LEU D 873 27.29 21.41 22.65
N ASN D 874 27.84 21.62 21.46
CA ASN D 874 27.50 20.78 20.33
C ASN D 874 28.11 19.40 20.48
N GLY D 875 27.40 18.39 19.99
CA GLY D 875 27.84 17.02 20.04
C GLY D 875 26.74 16.11 20.52
N SER D 876 27.14 14.90 20.90
CA SER D 876 26.19 13.90 21.39
C SER D 876 26.53 13.52 22.82
N PRO D 877 25.51 13.37 23.68
CA PRO D 877 25.77 12.94 25.06
C PRO D 877 26.33 11.54 25.19
N LEU D 878 26.24 10.72 24.15
CA LEU D 878 26.78 9.36 24.23
C LEU D 878 28.29 9.35 24.27
N SER D 879 28.94 10.32 23.61
CA SER D 879 30.40 10.35 23.58
C SER D 879 30.96 10.67 24.96
N ARG D 880 31.98 9.92 25.37
CA ARG D 880 32.58 10.16 26.67
C ARG D 880 33.43 11.42 26.69
N ALA D 881 33.96 11.83 25.54
CA ALA D 881 34.76 13.05 25.49
C ALA D 881 33.93 14.28 25.82
N ASP D 882 32.71 14.36 25.29
CA ASP D 882 31.83 15.49 25.59
C ASP D 882 31.42 15.48 27.05
N LEU D 883 31.15 14.30 27.61
CA LEU D 883 30.70 14.20 29.00
C LEU D 883 31.81 14.62 29.95
N ARG D 884 33.06 14.27 29.64
CA ARG D 884 34.17 14.68 30.50
C ARG D 884 34.44 16.18 30.42
N ALA D 885 34.12 16.80 29.27
CA ALA D 885 34.31 18.23 29.14
C ALA D 885 33.41 19.02 30.09
N VAL D 886 32.15 18.58 30.24
CA VAL D 886 31.20 19.29 31.08
C VAL D 886 31.24 18.81 32.54
N ASN D 887 32.13 17.87 32.87
CA ASN D 887 32.31 17.40 34.24
C ASN D 887 31.00 16.85 34.82
N VAL D 888 30.51 15.78 34.20
CA VAL D 888 29.29 15.12 34.66
C VAL D 888 29.47 14.52 36.05
N ASN D 889 30.70 14.21 36.44
CA ASN D 889 30.95 13.67 37.76
C ASN D 889 30.70 14.70 38.86
N LEU D 890 30.76 15.98 38.54
CA LEU D 890 30.53 17.04 39.52
C LEU D 890 29.17 17.72 39.36
N CYS D 891 28.36 17.30 38.40
CA CYS D 891 27.07 17.91 38.18
C CYS D 891 26.10 17.56 39.31
N ASP D 892 25.17 18.47 39.57
CA ASP D 892 24.15 18.23 40.58
C ASP D 892 23.08 17.27 40.10
N MET D 893 22.81 17.23 38.80
CA MET D 893 21.83 16.33 38.23
C MET D 893 22.04 16.26 36.72
N CYS D 894 21.98 15.06 36.17
CA CYS D 894 22.07 14.83 34.74
C CYS D 894 20.71 14.35 34.23
N CYS D 895 20.13 15.09 33.29
CA CYS D 895 18.83 14.78 32.74
C CYS D 895 18.98 14.28 31.31
N ILE D 896 18.38 13.13 31.03
CA ILE D 896 18.42 12.51 29.70
C ILE D 896 17.03 12.61 29.11
N LEU D 897 16.89 13.41 28.05
CA LEU D 897 15.62 13.59 27.36
C LEU D 897 15.81 13.33 25.87
N SER D 898 14.79 12.76 25.25
CA SER D 898 14.80 12.47 23.82
C SER D 898 13.59 13.13 23.17
N ALA D 899 13.85 13.94 22.15
CA ALA D 899 12.80 14.59 21.39
C ALA D 899 12.51 13.90 20.05
N LYS D 900 13.23 12.82 19.75
CA LYS D 900 13.05 12.14 18.48
C LYS D 900 11.71 11.40 18.44
N VAL D 901 11.09 11.39 17.26
CA VAL D 901 9.84 10.67 17.06
C VAL D 901 10.11 9.17 17.15
N PRO D 902 9.16 8.38 17.67
CA PRO D 902 9.39 6.94 17.75
C PRO D 902 9.10 6.26 16.41
N SER D 903 10.01 5.38 15.99
CA SER D 903 9.84 4.67 14.73
C SER D 903 8.69 3.66 14.78
N ASN D 904 8.20 3.32 15.97
CA ASN D 904 7.10 2.39 16.16
C ASN D 904 7.41 0.98 15.64
N ASP D 905 8.69 0.70 15.39
CA ASP D 905 9.08 -0.63 14.95
C ASP D 905 8.96 -1.64 16.09
N ASP D 906 9.40 -1.27 17.28
CA ASP D 906 9.33 -2.16 18.44
C ASP D 906 9.30 -1.31 19.71
N PRO D 907 8.40 -1.59 20.65
CA PRO D 907 8.36 -0.82 21.90
C PRO D 907 9.64 -0.92 22.71
N THR D 908 10.33 -2.06 22.67
CA THR D 908 11.54 -2.23 23.45
C THR D 908 12.72 -1.44 22.88
N LEU D 909 12.64 -1.02 21.62
CA LEU D 909 13.70 -0.26 20.97
C LEU D 909 13.45 1.24 21.00
N ALA D 910 12.35 1.69 21.63
CA ALA D 910 12.02 3.11 21.62
C ALA D 910 13.01 3.93 22.44
N ASP D 911 13.44 3.38 23.59
CA ASP D 911 14.36 4.09 24.50
C ASP D 911 15.79 3.59 24.38
N LYS D 912 16.21 3.20 23.17
CA LYS D 912 17.56 2.66 22.99
C LYS D 912 18.62 3.69 23.33
N GLU D 913 18.44 4.93 22.86
CA GLU D 913 19.45 5.96 23.11
C GLU D 913 19.48 6.38 24.58
N ALA D 914 18.32 6.52 25.20
CA ALA D 914 18.27 6.93 26.60
C ALA D 914 18.88 5.87 27.51
N ILE D 915 18.60 4.59 27.24
CA ILE D 915 19.16 3.52 28.06
C ILE D 915 20.67 3.45 27.88
N LEU D 916 21.14 3.56 26.65
CA LEU D 916 22.58 3.50 26.39
C LEU D 916 23.32 4.65 27.08
N ALA D 917 22.75 5.85 27.03
CA ALA D 917 23.37 7.00 27.69
C ALA D 917 23.45 6.79 29.20
N SER D 918 22.39 6.26 29.79
CA SER D 918 22.41 6.01 31.24
C SER D 918 23.47 4.97 31.61
N LEU D 919 23.57 3.89 30.83
CA LEU D 919 24.55 2.85 31.13
C LEU D 919 25.97 3.34 30.89
N ASN D 920 26.18 4.21 29.91
CA ASN D 920 27.51 4.73 29.63
C ASN D 920 28.04 5.53 30.81
N ILE D 921 27.20 6.37 31.41
CA ILE D 921 27.63 7.18 32.55
C ILE D 921 27.89 6.30 33.77
N LYS D 922 27.08 5.24 33.95
CA LYS D 922 27.24 4.38 35.11
C LYS D 922 28.61 3.69 35.11
N ALA D 923 29.07 3.25 33.94
CA ALA D 923 30.37 2.60 33.83
C ALA D 923 31.52 3.58 33.69
N MET D 924 31.24 4.88 33.64
CA MET D 924 32.29 5.87 33.49
C MET D 924 33.16 5.94 34.74
N THR D 925 34.44 6.22 34.54
CA THR D 925 35.42 6.29 35.62
C THR D 925 36.12 7.64 35.56
N PHE D 926 36.20 8.32 36.71
CA PHE D 926 36.82 9.63 36.81
C PHE D 926 37.94 9.58 37.85
N ASP D 927 39.04 10.26 37.55
CA ASP D 927 40.18 10.30 38.46
C ASP D 927 39.91 11.22 39.63
N VAL D 959 36.54 8.48 41.74
CA VAL D 959 35.09 8.61 41.80
C VAL D 959 34.46 7.94 40.58
N TYR D 960 33.58 6.97 40.84
CA TYR D 960 32.91 6.25 39.77
C TYR D 960 31.77 7.07 39.19
N GLY D 961 31.34 6.68 37.99
CA GLY D 961 30.17 7.30 37.39
C GLY D 961 28.84 6.77 37.87
N ALA D 962 28.85 5.68 38.65
CA ALA D 962 27.61 5.13 39.18
C ALA D 962 27.02 6.01 40.28
N ASN D 963 27.82 6.89 40.87
CA ASN D 963 27.33 7.82 41.88
C ASN D 963 26.80 9.12 41.30
N VAL D 964 26.84 9.26 39.98
CA VAL D 964 26.30 10.48 39.35
C VAL D 964 24.79 10.46 39.42
N PRO D 965 24.15 11.49 39.98
CA PRO D 965 22.68 11.52 40.03
C PRO D 965 22.11 11.70 38.62
N MET D 966 21.23 10.80 38.24
CA MET D 966 20.67 10.79 36.88
C MET D 966 19.15 10.69 36.95
N ILE D 967 18.50 11.37 36.02
CA ILE D 967 17.07 11.23 35.78
C ILE D 967 16.85 10.98 34.30
N THR D 968 16.04 9.99 33.98
CA THR D 968 15.74 9.62 32.60
C THR D 968 14.24 9.57 32.38
N GLU D 969 13.78 10.13 31.28
CA GLU D 969 12.38 10.06 30.89
C GLU D 969 12.22 9.00 29.80
N LEU D 970 11.24 8.13 29.97
CA LEU D 970 11.00 7.01 29.05
C LEU D 970 9.73 7.26 28.26
N VAL D 971 9.81 7.09 26.94
CA VAL D 971 8.62 7.17 26.11
C VAL D 971 7.80 5.89 26.21
N ASN D 972 8.39 4.81 26.72
CA ASN D 972 7.69 3.56 26.94
C ASN D 972 8.03 3.07 28.35
N ASP D 973 7.03 3.00 29.22
CA ASP D 973 7.27 2.67 30.62
C ASP D 973 7.76 1.24 30.81
N GLY D 974 7.59 0.37 29.81
CA GLY D 974 8.07 -0.99 29.93
C GLY D 974 9.57 -1.14 29.81
N ASN D 975 10.28 -0.09 29.38
CA ASN D 975 11.72 -0.12 29.25
C ASN D 975 12.44 0.21 30.55
N VAL D 976 11.71 0.46 31.63
CA VAL D 976 12.32 0.73 32.93
C VAL D 976 13.07 -0.47 33.47
N GLN D 977 12.84 -1.66 32.92
CA GLN D 977 13.52 -2.86 33.40
C GLN D 977 15.01 -2.83 33.10
N PHE D 978 15.45 -2.09 32.07
CA PHE D 978 16.85 -2.04 31.70
C PHE D 978 17.62 -0.92 32.39
N LEU D 979 16.95 -0.06 33.15
CA LEU D 979 17.64 1.06 33.77
C LEU D 979 18.51 0.60 34.94
N ASP D 980 18.05 -0.41 35.68
CA ASP D 980 18.79 -0.95 36.82
C ASP D 980 19.14 -2.40 36.56
N GLN D 981 20.21 -2.86 37.20
CA GLN D 981 20.69 -4.22 37.03
C GLN D 981 20.46 -5.12 38.24
N ASP D 982 20.51 -4.57 39.46
CA ASP D 982 20.36 -5.37 40.67
C ASP D 982 18.90 -5.36 41.16
N ASP D 983 18.01 -5.80 40.28
CA ASP D 983 16.60 -5.90 40.63
C ASP D 983 15.94 -6.96 39.76
N ASP D 984 14.75 -7.38 40.18
CA ASP D 984 13.96 -8.36 39.44
C ASP D 984 12.91 -7.62 38.62
N ASP D 985 12.91 -7.87 37.31
CA ASP D 985 12.01 -7.20 36.38
C ASP D 985 10.90 -8.15 35.98
N ASP D 986 9.65 -7.66 36.03
CA ASP D 986 8.49 -8.46 35.69
C ASP D 986 7.59 -7.62 34.80
N PRO D 987 7.20 -8.12 33.62
CA PRO D 987 6.60 -7.24 32.60
C PRO D 987 5.33 -6.52 33.03
N ASP D 988 4.43 -7.16 33.77
CA ASP D 988 3.15 -6.54 34.10
C ASP D 988 3.17 -5.77 35.41
N THR D 989 4.32 -5.60 36.04
CA THR D 989 4.43 -4.74 37.21
C THR D 989 4.20 -3.29 36.81
N GLU D 990 3.47 -2.56 37.66
CA GLU D 990 3.21 -1.16 37.40
C GLU D 990 4.49 -0.34 37.55
N LEU D 991 4.53 0.80 36.86
CA LEU D 991 5.74 1.62 36.85
C LEU D 991 6.07 2.13 38.25
N TYR D 992 5.06 2.57 39.01
CA TYR D 992 5.31 3.12 40.33
C TYR D 992 5.82 2.08 41.31
N LEU D 993 5.67 0.79 41.01
CA LEU D 993 6.17 -0.28 41.86
C LEU D 993 7.60 -0.68 41.53
N THR D 994 8.17 -0.18 40.44
CA THR D 994 9.51 -0.57 40.03
C THR D 994 10.56 0.16 40.85
N GLN D 995 11.71 -0.48 41.01
CA GLN D 995 12.81 0.10 41.77
C GLN D 995 13.32 1.41 41.17
N PRO D 996 13.57 1.53 39.86
CA PRO D 996 14.05 2.82 39.33
C PRO D 996 13.11 3.98 39.59
N PHE D 997 11.80 3.74 39.54
CA PHE D 997 10.87 4.82 39.83
C PHE D 997 10.83 5.16 41.31
N ALA D 998 10.88 4.13 42.17
CA ALA D 998 10.88 4.37 43.61
C ALA D 998 12.10 5.14 44.07
N CYS D 999 13.20 5.06 43.33
CA CYS D 999 14.42 5.76 43.69
C CYS D 999 14.52 7.14 43.03
N GLY D 1000 13.51 7.57 42.29
CA GLY D 1000 13.56 8.86 41.64
C GLY D 1000 14.49 8.93 40.45
N THR D 1001 14.77 7.80 39.81
CA THR D 1001 15.67 7.75 38.67
C THR D 1001 14.95 7.80 37.33
N ALA D 1002 13.80 7.15 37.22
CA ALA D 1002 13.02 7.11 35.98
C ALA D 1002 11.77 7.96 36.10
N PHE D 1003 11.28 8.43 34.96
CA PHE D 1003 10.04 9.18 34.90
C PHE D 1003 9.36 8.92 33.57
N ALA D 1004 8.04 9.03 33.56
CA ALA D 1004 7.26 8.85 32.34
C ALA D 1004 5.98 9.65 32.45
N VAL D 1005 5.41 9.98 31.29
CA VAL D 1005 4.17 10.76 31.25
C VAL D 1005 2.94 9.94 31.60
N SER D 1006 3.07 8.61 31.67
CA SER D 1006 1.93 7.77 32.03
C SER D 1006 1.46 7.99 33.46
N VAL D 1007 2.34 8.48 34.34
CA VAL D 1007 1.95 8.75 35.73
C VAL D 1007 1.17 10.04 35.88
N LEU D 1008 1.06 10.84 34.83
CA LEU D 1008 0.32 12.10 34.88
C LEU D 1008 -1.11 11.97 34.37
N ASP D 1009 -1.54 10.75 34.02
CA ASP D 1009 -2.89 10.57 33.49
C ASP D 1009 -3.97 10.79 34.55
N SER D 1010 -3.63 10.65 35.83
CA SER D 1010 -4.61 10.84 36.89
C SER D 1010 -4.84 12.30 37.24
N LEU D 1011 -4.08 13.22 36.64
CA LEU D 1011 -4.23 14.63 36.96
C LEU D 1011 -5.57 15.18 36.50
N MET D 1012 -6.07 14.69 35.35
CA MET D 1012 -7.32 15.22 34.83
C MET D 1012 -8.50 14.88 35.73
N SER D 1013 -8.52 13.67 36.29
CA SER D 1013 -9.55 13.34 37.26
C SER D 1013 -9.42 14.19 38.52
N THR D 1014 -8.19 14.41 38.98
CA THR D 1014 -7.97 15.25 40.15
C THR D 1014 -8.40 16.70 39.87
N THR D 1015 -8.10 17.20 38.67
CA THR D 1015 -8.42 18.59 38.35
C THR D 1015 -9.92 18.84 38.36
N TYR D 1016 -10.71 17.88 37.85
CA TYR D 1016 -12.15 18.07 37.80
C TYR D 1016 -12.75 18.20 39.20
N PHE D 1017 -12.32 17.35 40.13
CA PHE D 1017 -12.89 17.37 41.47
C PHE D 1017 -12.49 18.62 42.23
N ASN D 1018 -11.29 19.14 42.01
CA ASN D 1018 -10.84 20.35 42.69
C ASN D 1018 -9.93 21.11 41.74
N GLN D 1019 -10.38 22.27 41.27
CA GLN D 1019 -9.56 23.09 40.39
C GLN D 1019 -8.32 23.60 41.11
N ASN D 1020 -8.46 23.96 42.39
CA ASN D 1020 -7.33 24.47 43.15
C ASN D 1020 -6.23 23.44 43.31
N ALA D 1021 -6.54 22.15 43.16
CA ALA D 1021 -5.50 21.13 43.25
C ALA D 1021 -4.46 21.30 42.15
N LEU D 1022 -4.91 21.55 40.91
CA LEU D 1022 -3.98 21.78 39.81
C LEU D 1022 -3.19 23.07 40.00
N THR D 1023 -3.81 24.10 40.59
CA THR D 1023 -3.09 25.34 40.85
C THR D 1023 -1.94 25.13 41.82
N LEU D 1024 -2.15 24.31 42.84
CA LEU D 1024 -1.09 24.04 43.80
C LEU D 1024 0.07 23.30 43.14
N ILE D 1025 -0.23 22.34 42.25
CA ILE D 1025 0.83 21.59 41.58
C ILE D 1025 1.67 22.52 40.70
N ARG D 1026 1.00 23.38 39.93
CA ARG D 1026 1.73 24.26 39.01
C ARG D 1026 2.61 25.23 39.77
N SER D 1027 2.10 25.81 40.87
CA SER D 1027 2.91 26.71 41.66
C SER D 1027 4.06 25.98 42.34
N LEU D 1028 3.89 24.69 42.61
CA LEU D 1028 4.93 23.92 43.29
C LEU D 1028 6.08 23.56 42.36
N ILE D 1029 5.80 23.27 41.09
CA ILE D 1029 6.79 22.73 40.20
C ILE D 1029 7.29 23.71 39.15
N THR D 1030 6.53 24.77 38.83
CA THR D 1030 6.96 25.73 37.85
C THR D 1030 7.70 26.93 38.46
N GLY D 1031 7.89 26.94 39.78
CA GLY D 1031 8.51 28.07 40.43
C GLY D 1031 7.63 29.28 40.57
N GLY D 1032 6.35 29.17 40.25
CA GLY D 1032 5.43 30.28 40.29
C GLY D 1032 5.16 30.84 38.92
N ALA D 1033 4.04 30.45 38.31
CA ALA D 1033 3.66 30.89 36.97
C ALA D 1033 2.25 31.46 37.05
N THR D 1034 2.18 32.75 37.34
CA THR D 1034 0.89 33.42 37.46
C THR D 1034 0.21 33.50 36.10
N PRO D 1035 -1.13 33.59 36.07
CA PRO D 1035 -1.82 33.71 34.79
C PRO D 1035 -1.40 34.93 33.99
N GLU D 1036 -1.01 36.02 34.65
CA GLU D 1036 -0.52 37.18 33.93
C GLU D 1036 0.78 36.88 33.19
N LEU D 1037 1.63 36.03 33.76
CA LEU D 1037 2.86 35.63 33.07
C LEU D 1037 2.54 34.85 31.80
N GLU D 1038 1.54 33.97 31.86
CA GLU D 1038 1.15 33.22 30.68
C GLU D 1038 0.54 34.13 29.61
N LEU D 1039 -0.17 35.18 30.03
CA LEU D 1039 -0.72 36.12 29.06
C LEU D 1039 0.39 36.84 28.29
N ILE D 1040 1.45 37.25 28.99
CA ILE D 1040 2.58 37.90 28.33
C ILE D 1040 3.26 36.94 27.36
N LEU D 1041 3.46 35.69 27.79
CA LEU D 1041 4.09 34.70 26.91
C LEU D 1041 3.24 34.39 25.69
N ALA D 1042 1.91 34.43 25.84
CA ALA D 1042 1.02 34.14 24.71
C ALA D 1042 1.06 35.21 23.64
N GLU D 1043 1.61 36.39 23.94
CA GLU D 1043 1.71 37.44 22.93
C GLU D 1043 2.65 37.04 21.81
N GLY D 1044 3.75 36.36 22.12
CA GLY D 1044 4.71 35.93 21.13
C GLY D 1044 6.02 36.67 21.13
N ALA D 1045 6.23 37.59 22.07
CA ALA D 1045 7.46 38.35 22.17
C ALA D 1045 8.48 37.73 23.13
N GLY D 1046 8.17 36.57 23.68
CA GLY D 1046 9.06 35.92 24.62
C GLY D 1046 8.97 36.52 26.01
N LEU D 1047 9.92 36.13 26.86
CA LEU D 1047 9.97 36.64 28.22
C LEU D 1047 10.27 38.13 28.21
N ARG D 1048 9.53 38.88 29.02
CA ARG D 1048 9.65 40.33 29.10
C ARG D 1048 10.13 40.73 30.48
N GLY D 1049 11.20 41.53 30.52
CA GLY D 1049 11.73 41.98 31.78
C GLY D 1049 10.95 43.16 32.34
N GLY D 1050 11.33 43.56 33.55
CA GLY D 1050 10.67 44.67 34.22
C GLY D 1050 11.57 45.27 35.29
N TYR D 1051 11.24 46.50 35.67
CA TYR D 1051 11.98 47.21 36.68
C TYR D 1051 11.45 46.85 38.07
N SER D 1052 12.36 46.54 38.98
CA SER D 1052 11.98 46.12 40.32
C SER D 1052 11.31 47.26 41.08
N THR D 1053 10.19 46.97 41.72
CA THR D 1053 9.43 47.93 42.51
C THR D 1053 9.33 47.44 43.95
N VAL D 1054 8.52 48.12 44.74
CA VAL D 1054 8.40 47.81 46.16
C VAL D 1054 7.81 46.42 46.35
N GLU D 1055 6.70 46.13 45.65
CA GLU D 1055 6.06 44.83 45.79
C GLU D 1055 6.81 43.75 45.01
N SER D 1056 7.48 44.14 43.92
CA SER D 1056 8.10 43.13 43.05
C SER D 1056 9.16 42.33 43.80
N LEU D 1057 9.86 42.95 44.75
CA LEU D 1057 10.79 42.22 45.58
C LEU D 1057 10.10 41.41 46.66
N SER D 1058 8.84 41.74 46.99
CA SER D 1058 8.10 40.95 47.96
C SER D 1058 7.57 39.66 47.37
N ASN D 1059 7.45 39.58 46.04
CA ASN D 1059 7.06 38.32 45.40
C ASN D 1059 8.15 37.26 45.52
N ARG D 1060 9.39 37.67 45.81
CA ARG D 1060 10.48 36.73 46.01
C ARG D 1060 10.36 35.95 47.31
N ASP D 1061 9.47 36.38 48.22
CA ASP D 1061 9.34 35.73 49.52
C ASP D 1061 8.24 34.67 49.43
N ARG D 1062 8.65 33.44 49.13
CA ARG D 1062 7.75 32.30 49.11
C ARG D 1062 8.58 31.03 49.34
N CYS D 1063 7.89 29.97 49.72
CA CYS D 1063 8.58 28.72 50.00
C CYS D 1063 9.06 28.06 48.72
N ARG D 1064 10.12 27.27 48.84
CA ARG D 1064 10.71 26.56 47.72
C ARG D 1064 11.01 25.13 48.13
N VAL D 1065 11.07 24.24 47.13
CA VAL D 1065 11.36 22.83 47.36
C VAL D 1065 12.86 22.66 47.56
N GLY D 1066 13.24 21.99 48.65
CA GLY D 1066 14.64 21.76 48.94
C GLY D 1066 14.83 20.45 49.67
N GLN D 1067 16.10 20.06 49.80
CA GLN D 1067 16.48 18.85 50.49
C GLN D 1067 17.58 19.15 51.49
N ILE D 1068 17.48 18.55 52.68
CA ILE D 1068 18.48 18.74 53.73
C ILE D 1068 18.97 17.38 54.19
N SER D 1069 20.15 17.39 54.80
CA SER D 1069 20.80 16.18 55.29
C SER D 1069 20.93 16.25 56.80
N LEU D 1070 20.71 15.12 57.46
CA LEU D 1070 20.79 15.00 58.91
C LEU D 1070 22.19 14.61 59.39
N TYR D 1071 23.16 14.53 58.47
CA TYR D 1071 24.50 14.08 58.84
C TYR D 1071 25.19 15.07 59.78
N ASP D 1072 24.98 16.36 59.57
CA ASP D 1072 25.64 17.38 60.40
C ASP D 1072 24.71 18.58 60.53
N GLY D 1073 25.00 19.40 61.53
CA GLY D 1073 24.23 20.60 61.78
C GLY D 1073 23.39 20.51 63.03
N PRO D 1074 22.64 21.57 63.33
CA PRO D 1074 21.78 21.55 64.53
C PRO D 1074 20.73 20.46 64.51
N LEU D 1075 20.24 20.08 63.33
CA LEU D 1075 19.23 19.04 63.21
C LEU D 1075 19.83 17.63 63.21
N ALA D 1076 21.15 17.50 63.26
CA ALA D 1076 21.79 16.18 63.23
C ALA D 1076 21.51 15.38 64.48
N GLN D 1077 21.08 16.03 65.58
CA GLN D 1077 20.80 15.29 66.81
C GLN D 1077 19.65 14.33 66.64
N PHE D 1078 18.63 14.70 65.87
CA PHE D 1078 17.51 13.80 65.64
C PHE D 1078 17.87 12.60 64.77
N GLY D 1079 18.91 12.72 63.94
CA GLY D 1079 19.32 11.59 63.12
C GLY D 1079 19.90 10.45 63.95
N GLU D 1080 20.65 10.78 65.01
CA GLU D 1080 21.27 9.75 65.83
C GLU D 1080 20.23 8.92 66.56
N CYS D 1081 19.29 9.58 67.26
CA CYS D 1081 18.26 8.85 67.98
C CYS D 1081 17.18 8.34 67.03
N GLY D 1082 16.51 9.24 66.33
CA GLY D 1082 15.54 8.85 65.34
C GLY D 1082 14.09 8.99 65.77
N LYS D 1083 13.45 10.08 65.35
CA LYS D 1083 12.02 10.26 65.57
C LYS D 1083 11.54 11.32 64.59
N TYR D 1084 10.67 10.92 63.65
CA TYR D 1084 10.21 11.85 62.63
C TYR D 1084 9.38 12.96 63.24
N GLY D 1085 8.53 12.64 64.22
CA GLY D 1085 7.70 13.67 64.84
C GLY D 1085 8.51 14.76 65.52
N ASP D 1086 9.59 14.38 66.21
CA ASP D 1086 10.42 15.37 66.87
C ASP D 1086 11.14 16.25 65.85
N LEU D 1087 11.62 15.66 64.76
CA LEU D 1087 12.30 16.44 63.72
C LEU D 1087 11.34 17.41 63.05
N PHE D 1088 10.10 16.97 62.78
CA PHE D 1088 9.14 17.83 62.12
C PHE D 1088 8.81 19.06 62.96
N VAL D 1089 8.61 18.87 64.26
CA VAL D 1089 8.27 20.00 65.13
C VAL D 1089 9.45 20.94 65.27
N ALA D 1090 10.65 20.41 65.50
CA ALA D 1090 11.82 21.26 65.72
C ALA D 1090 12.16 22.08 64.49
N ALA D 1091 12.09 21.49 63.30
CA ALA D 1091 12.39 22.22 62.08
C ALA D 1091 11.37 23.34 61.84
N LEU D 1092 10.10 23.08 62.15
CA LEU D 1092 9.07 24.08 61.92
C LEU D 1092 9.26 25.31 62.81
N LYS D 1093 9.60 25.10 64.09
CA LYS D 1093 9.76 26.22 64.99
C LYS D 1093 11.05 26.98 64.73
N SER D 1094 12.14 26.27 64.42
CA SER D 1094 13.44 26.92 64.32
C SER D 1094 13.54 27.75 63.04
N TYR D 1095 13.11 27.21 61.90
CA TYR D 1095 13.27 27.89 60.62
C TYR D 1095 12.01 27.97 59.78
N GLY D 1096 10.91 27.36 60.19
CA GLY D 1096 9.71 27.34 59.38
C GLY D 1096 9.69 26.30 58.29
N MET D 1097 10.73 25.47 58.18
CA MET D 1097 10.75 24.42 57.17
C MET D 1097 9.73 23.34 57.49
N LEU D 1098 9.03 22.88 56.46
CA LEU D 1098 8.02 21.84 56.60
C LEU D 1098 8.55 20.56 55.96
N CYS D 1099 8.63 19.49 56.76
CA CYS D 1099 9.15 18.23 56.27
C CYS D 1099 8.04 17.44 55.58
N ILE D 1100 8.30 17.02 54.35
CA ILE D 1100 7.32 16.30 53.55
C ILE D 1100 7.60 14.80 53.54
N GLY D 1101 8.86 14.40 53.43
CA GLY D 1101 9.18 13.00 53.37
C GLY D 1101 10.66 12.76 53.59
N LEU D 1102 11.08 11.53 53.32
CA LEU D 1102 12.45 11.10 53.55
C LEU D 1102 13.04 10.48 52.30
N TYR D 1103 14.36 10.62 52.16
CA TYR D 1103 15.15 9.99 51.10
C TYR D 1103 16.14 9.07 51.79
N ARG D 1104 15.78 7.79 51.90
CA ARG D 1104 16.48 6.84 52.73
C ARG D 1104 17.17 5.78 51.87
N PHE D 1105 18.38 5.40 52.27
CA PHE D 1105 19.15 4.37 51.56
C PHE D 1105 18.36 3.07 51.51
N ARG D 1106 18.41 2.41 50.34
CA ARG D 1106 17.68 1.16 50.17
C ARG D 1106 18.22 0.07 51.09
N ASP D 1107 19.54 -0.01 51.22
CA ASP D 1107 20.18 -1.01 52.07
C ASP D 1107 21.01 -0.30 53.13
N THR D 1108 20.78 -0.67 54.39
CA THR D 1108 21.48 -0.07 55.52
C THR D 1108 22.75 -0.81 55.91
N SER D 1109 23.06 -1.91 55.24
CA SER D 1109 24.26 -2.68 55.55
C SER D 1109 25.40 -2.31 54.60
N ALA D 1114 25.77 -2.87 49.74
CA ALA D 1114 26.22 -1.49 49.89
C ALA D 1114 26.09 -0.72 48.57
N SER D 1115 24.90 -0.18 48.34
CA SER D 1115 24.60 0.58 47.13
C SER D 1115 24.12 1.97 47.52
N SER D 1116 24.52 2.97 46.74
CA SER D 1116 24.14 4.35 46.98
C SER D 1116 22.81 4.70 46.30
N LYS D 1117 21.79 3.89 46.59
CA LYS D 1117 20.45 4.09 46.04
C LYS D 1117 19.50 4.43 47.17
N ARG D 1118 18.77 5.54 47.01
CA ARG D 1118 17.81 6.00 48.01
C ARG D 1118 16.42 6.00 47.40
N TYR D 1119 15.44 5.55 48.18
CA TYR D 1119 14.04 5.55 47.79
C TYR D 1119 13.28 6.61 48.56
N VAL D 1120 12.06 6.88 48.12
CA VAL D 1120 11.26 7.99 48.63
C VAL D 1120 10.20 7.44 49.59
N ILE D 1121 10.15 8.00 50.79
CA ILE D 1121 9.10 7.72 51.76
C ILE D 1121 8.32 9.01 51.97
N THR D 1122 7.02 8.98 51.66
CA THR D 1122 6.19 10.17 51.70
C THR D 1122 5.38 10.18 52.99
N ASN D 1123 5.54 11.25 53.77
CA ASN D 1123 4.80 11.49 55.01
C ASN D 1123 4.87 10.29 55.95
N PRO D 1124 6.03 9.98 56.50
CA PRO D 1124 6.12 8.87 57.46
C PRO D 1124 5.45 9.23 58.77
N PRO D 1125 5.02 8.24 59.55
CA PRO D 1125 4.38 8.54 60.84
C PRO D 1125 5.34 9.20 61.80
N ASP D 1126 4.77 9.87 62.80
CA ASP D 1126 5.58 10.58 63.79
C ASP D 1126 6.46 9.64 64.60
N ASP D 1127 6.11 8.36 64.69
CA ASP D 1127 6.91 7.38 65.41
C ASP D 1127 7.97 6.72 64.54
N PHE D 1128 8.12 7.16 63.29
CA PHE D 1128 9.13 6.61 62.41
C PHE D 1128 10.52 6.88 62.95
N SER D 1129 11.41 5.89 62.82
CA SER D 1129 12.77 6.00 63.31
C SER D 1129 13.68 6.51 62.20
N LEU D 1130 14.42 7.58 62.49
CA LEU D 1130 15.32 8.19 61.53
C LEU D 1130 16.69 7.50 61.57
N LEU D 1131 17.52 7.85 60.59
CA LEU D 1131 18.88 7.36 60.48
C LEU D 1131 19.82 8.52 60.21
N PRO D 1132 21.09 8.43 60.64
CA PRO D 1132 22.04 9.52 60.39
C PRO D 1132 22.28 9.79 58.91
N THR D 1133 22.05 8.80 58.03
CA THR D 1133 22.25 8.96 56.60
C THR D 1133 20.93 9.21 55.86
N ASP D 1134 19.98 9.87 56.50
CA ASP D 1134 18.68 10.13 55.91
C ASP D 1134 18.59 11.57 55.42
N GLN D 1135 17.95 11.75 54.27
CA GLN D 1135 17.71 13.07 53.71
C GLN D 1135 16.21 13.37 53.77
N VAL D 1136 15.89 14.63 54.04
CA VAL D 1136 14.50 15.05 54.28
C VAL D 1136 14.08 16.03 53.20
N PHE D 1137 12.93 15.79 52.59
CA PHE D 1137 12.32 16.75 51.69
C PHE D 1137 11.65 17.85 52.53
N VAL D 1138 12.02 19.09 52.27
CA VAL D 1138 11.53 20.22 53.06
C VAL D 1138 11.08 21.33 52.14
N LEU D 1139 10.22 22.19 52.69
CA LEU D 1139 9.77 23.42 52.03
C LEU D 1139 10.36 24.58 52.85
N MET D 1140 11.51 25.06 52.41
CA MET D 1140 12.25 26.08 53.15
C MET D 1140 11.83 27.47 52.73
N GLN D 1141 11.77 28.38 53.69
CA GLN D 1141 11.39 29.75 53.43
C GLN D 1141 12.52 30.51 52.74
N PHE D 1142 12.17 31.66 52.18
CA PHE D 1142 13.14 32.51 51.49
C PHE D 1142 13.84 33.41 52.51
N ASP D 1143 15.16 33.37 52.52
CA ASP D 1143 15.96 34.17 53.44
C ASP D 1143 16.67 35.28 52.67
N PRO D 1144 16.25 36.54 52.81
CA PRO D 1144 16.94 37.62 52.11
C PRO D 1144 18.38 37.78 52.58
N GLY D 1145 19.24 38.17 51.66
CA GLY D 1145 20.65 38.34 51.95
C GLY D 1145 21.55 37.48 51.08
#